data_4JU0
#
_entry.id   4JU0
#
_cell.length_a   66.871
_cell.length_b   116.809
_cell.length_c   116.503
_cell.angle_alpha   62.06
_cell.angle_beta   77.76
_cell.angle_gamma   81.54
#
_symmetry.space_group_name_H-M   'P 1'
#
loop_
_entity.id
_entity.type
_entity.pdbx_description
1 polymer Hemagglutinin
2 polymer Hemagglutinin
3 branched 'N-acetyl-alpha-neuraminic acid-(2-6)-beta-D-galactopyranose-(1-4)-2-acetamido-2-deoxy-beta-D-glucopyranose-(1-3)-beta-D-galactopyranose'
4 branched 2-acetamido-2-deoxy-beta-D-glucopyranose-(1-4)-2-acetamido-2-deoxy-beta-D-glucopyranose
5 non-polymer 2-acetamido-2-deoxy-beta-D-glucopyranose
6 non-polymer 'N-acetyl-alpha-neuraminic acid'
7 water water
#
loop_
_entity_poly.entity_id
_entity_poly.type
_entity_poly.pdbx_seq_one_letter_code
_entity_poly.pdbx_strand_id
1 'polypeptide(L)'
;DTLCIGYHANNSTDTVDTVLEKNVTVTHSVNLLEDKHNGKLCKLRGVAPLHLGKCNIAGWILGNPECESLSTASSWSYIV
ETPSSDNGTCYPGDFIDYEELREQLSSVSSFERFEIFPKTSSWPNHDSNKGVTAACPHAGAKSFYKNLIWLVKKGNSYPK
LSKSYINDKGKEVLVLWGIHHPSTSADQQSLYQNADTYVFVGSSRYSKKFKPEIAIRPKVREQEGRMNYYWTLVEPGDKI
TFEATGNLVVPRYAFAMERNAGSGIIISDTPVHDCNTTCQTPKGAINTSLPFQNIHPITIGKCPKYVKSTKLRLATGLRN
IP
;
A,C,E,G,I,K
2 'polypeptide(L)'
;GLFGAIAGFIEGGWTGMVDGWYGYHHQNEQGSGYAADLKSTQNAIDEITNKVNSVIEKMNTQFTAVGKEFNHLEKRIENL
NKKVDDGFLDIWTYNAELLVLLENERTLDYHDSNVKNLYEKVRSQLKNNAKEIGNGCFEFYHKCDNTCMESVKNGTYDYP
KYSE
;
B,D,F,H,J,L
#
loop_
_chem_comp.id
_chem_comp.type
_chem_comp.name
_chem_comp.formula
GAL D-saccharide, beta linking beta-D-galactopyranose 'C6 H12 O6'
NAG D-saccharide, beta linking 2-acetamido-2-deoxy-beta-D-glucopyranose 'C8 H15 N O6'
SIA D-saccharide, alpha linking 'N-acetyl-alpha-neuraminic acid' 'C11 H19 N O9'
#
# COMPACT_ATOMS: atom_id res chain seq x y z
N ASP A 1 -49.96 -38.96 45.39
CA ASP A 1 -49.96 -39.41 44.00
C ASP A 1 -49.97 -38.22 43.05
N THR A 2 -48.96 -38.13 42.19
CA THR A 2 -48.83 -37.00 41.28
C THR A 2 -48.44 -37.41 39.86
N LEU A 3 -48.72 -36.54 38.90
CA LEU A 3 -48.31 -36.73 37.51
C LEU A 3 -47.82 -35.41 36.92
N CYS A 4 -46.51 -35.27 36.78
CA CYS A 4 -45.93 -34.02 36.31
C CYS A 4 -45.65 -34.03 34.80
N ILE A 5 -45.41 -32.85 34.25
CA ILE A 5 -45.09 -32.71 32.82
C ILE A 5 -43.88 -31.80 32.61
N GLY A 6 -42.95 -32.23 31.77
CA GLY A 6 -41.71 -31.52 31.57
C GLY A 6 -41.03 -31.86 30.25
N TYR A 7 -39.76 -31.52 30.13
CA TYR A 7 -39.05 -31.69 28.86
C TYR A 7 -37.63 -32.24 29.04
N HIS A 8 -37.00 -32.61 27.93
CA HIS A 8 -35.68 -33.25 27.95
C HIS A 8 -34.55 -32.31 28.37
N ALA A 9 -33.43 -32.90 28.78
CA ALA A 9 -32.22 -32.18 29.10
C ALA A 9 -31.04 -33.14 29.07
N ASN A 10 -29.82 -32.61 29.01
CA ASN A 10 -28.64 -33.46 28.94
C ASN A 10 -27.31 -32.74 29.18
N ASN A 11 -26.21 -33.41 28.85
CA ASN A 11 -24.88 -32.87 29.06
C ASN A 11 -24.42 -31.97 27.92
N SER A 12 -25.33 -31.67 26.99
CA SER A 12 -24.99 -30.88 25.81
C SER A 12 -24.58 -29.45 26.16
N THR A 13 -23.56 -28.95 25.47
CA THR A 13 -23.10 -27.57 25.67
C THR A 13 -23.27 -26.77 24.39
N ASP A 14 -23.85 -27.39 23.38
CA ASP A 14 -24.08 -26.74 22.09
C ASP A 14 -24.86 -25.44 22.27
N THR A 15 -24.27 -24.32 21.84
CA THR A 15 -24.94 -23.03 21.93
C THR A 15 -25.36 -22.54 20.55
N VAL A 16 -26.51 -21.87 20.51
CA VAL A 16 -27.00 -21.26 19.28
C VAL A 16 -27.44 -19.83 19.55
N ASP A 17 -27.72 -19.08 18.48
CA ASP A 17 -28.16 -17.70 18.63
C ASP A 17 -29.60 -17.54 18.14
N THR A 18 -30.34 -16.65 18.78
CA THR A 18 -31.68 -16.29 18.32
C THR A 18 -31.77 -14.78 18.14
N VAL A 19 -32.84 -14.34 17.48
CA VAL A 19 -33.04 -12.91 17.27
C VAL A 19 -33.16 -12.20 18.61
N LEU A 20 -33.72 -12.88 19.60
CA LEU A 20 -33.98 -12.26 20.90
C LEU A 20 -32.87 -12.47 21.93
N GLU A 21 -32.17 -13.59 21.84
CA GLU A 21 -31.21 -13.96 22.87
C GLU A 21 -29.94 -14.61 22.29
N LYS A 22 -28.80 -14.30 22.88
CA LYS A 22 -27.52 -14.83 22.42
C LYS A 22 -27.05 -16.02 23.25
N ASN A 23 -26.09 -16.76 22.69
CA ASN A 23 -25.50 -17.93 23.35
C ASN A 23 -26.33 -18.96 24.08
N VAL A 24 -27.57 -19.14 23.65
CA VAL A 24 -28.48 -20.12 24.23
C VAL A 24 -28.16 -21.60 24.11
N THR A 25 -27.94 -22.25 25.24
CA THR A 25 -27.60 -23.68 25.26
C THR A 25 -28.80 -24.53 24.84
N VAL A 26 -28.58 -25.51 23.97
CA VAL A 26 -29.65 -26.39 23.51
C VAL A 26 -29.26 -27.86 23.59
N THR A 27 -30.29 -28.72 23.58
CA THR A 27 -30.08 -30.15 23.71
C THR A 27 -29.47 -30.76 22.45
N HIS A 28 -29.96 -30.31 21.29
CA HIS A 28 -29.47 -30.83 20.02
C HIS A 28 -29.39 -29.71 18.98
N SER A 29 -28.44 -29.83 18.06
CA SER A 29 -28.26 -28.82 17.02
C SER A 29 -27.39 -29.33 15.87
N VAL A 30 -27.69 -28.86 14.67
CA VAL A 30 -26.89 -29.20 13.50
C VAL A 30 -26.15 -27.97 12.98
N ASN A 31 -25.16 -28.19 12.11
CA ASN A 31 -24.40 -27.10 11.53
C ASN A 31 -24.73 -26.91 10.05
N LEU A 32 -25.19 -25.72 9.69
CA LEU A 32 -25.51 -25.42 8.30
C LEU A 32 -24.28 -24.99 7.51
N LEU A 33 -23.25 -24.54 8.22
CA LEU A 33 -22.04 -24.03 7.59
C LEU A 33 -20.97 -25.10 7.41
N GLU A 34 -20.50 -25.27 6.18
CA GLU A 34 -19.39 -26.17 5.91
C GLU A 34 -18.07 -25.41 6.00
N ASP A 35 -17.16 -25.89 6.83
CA ASP A 35 -15.87 -25.24 7.01
C ASP A 35 -14.73 -26.26 6.96
N LYS A 36 -14.93 -27.33 6.20
CA LYS A 36 -13.95 -28.41 6.13
C LYS A 36 -13.76 -28.92 4.72
N HIS A 37 -12.50 -28.96 4.27
CA HIS A 37 -12.17 -29.46 2.95
C HIS A 37 -11.11 -30.55 3.05
N ASN A 38 -10.97 -31.35 1.99
CA ASN A 38 -10.05 -32.49 2.01
C ASN A 38 -8.60 -32.12 1.68
N GLY A 39 -8.37 -30.85 1.36
CA GLY A 39 -7.03 -30.38 1.04
C GLY A 39 -6.43 -31.05 -0.17
N LYS A 40 -7.27 -31.36 -1.16
CA LYS A 40 -6.82 -31.99 -2.40
C LYS A 40 -7.52 -31.38 -3.60
N LEU A 41 -6.85 -31.40 -4.75
CA LEU A 41 -7.49 -31.05 -6.01
C LEU A 41 -7.97 -32.33 -6.67
N CYS A 42 -9.28 -32.52 -6.72
CA CYS A 42 -9.85 -33.79 -7.15
C CYS A 42 -10.43 -33.71 -8.56
N LYS A 43 -11.13 -34.76 -8.96
CA LYS A 43 -11.82 -34.79 -10.24
C LYS A 43 -13.12 -34.01 -10.12
N LEU A 44 -13.48 -33.25 -11.14
CA LEU A 44 -14.65 -32.36 -11.05
C LEU A 44 -15.94 -33.06 -11.49
N ARG A 45 -15.83 -33.98 -12.44
CA ARG A 45 -16.96 -34.83 -12.76
C ARG A 45 -16.62 -36.31 -12.65
N GLY A 46 -16.12 -36.84 -13.74
CA GLY A 46 -15.50 -38.15 -13.77
C GLY A 46 -14.08 -37.94 -14.25
N VAL A 47 -13.86 -36.75 -14.79
CA VAL A 47 -12.60 -36.38 -15.43
C VAL A 47 -11.67 -35.67 -14.47
N ALA A 48 -10.37 -35.96 -14.56
CA ALA A 48 -9.37 -35.31 -13.72
C ALA A 48 -8.91 -33.99 -14.35
N PRO A 49 -8.34 -33.09 -13.53
CA PRO A 49 -7.87 -31.80 -14.03
C PRO A 49 -6.55 -31.93 -14.78
N LEU A 50 -6.22 -30.93 -15.58
CA LEU A 50 -4.94 -30.90 -16.29
C LEU A 50 -3.94 -30.09 -15.47
N HIS A 51 -2.96 -30.78 -14.90
CA HIS A 51 -1.94 -30.11 -14.10
C HIS A 51 -0.73 -29.79 -14.95
N LEU A 52 -0.37 -28.51 -14.99
CA LEU A 52 0.70 -28.03 -15.85
C LEU A 52 2.08 -28.08 -15.17
N GLY A 53 2.08 -28.32 -13.86
CA GLY A 53 3.32 -28.40 -13.11
C GLY A 53 4.13 -27.11 -13.08
N LYS A 54 5.33 -27.17 -13.64
CA LYS A 54 6.24 -26.02 -13.61
C LYS A 54 5.95 -25.03 -14.74
N CYS A 55 4.98 -25.35 -15.58
CA CYS A 55 4.65 -24.49 -16.72
C CYS A 55 3.27 -23.85 -16.57
N ASN A 56 3.07 -22.75 -17.29
CA ASN A 56 1.74 -22.15 -17.39
C ASN A 56 1.14 -22.45 -18.76
N ILE A 57 -0.10 -22.01 -18.98
CA ILE A 57 -0.81 -22.33 -20.22
C ILE A 57 0.03 -22.01 -21.46
N ALA A 58 0.53 -20.78 -21.54
CA ALA A 58 1.29 -20.34 -22.71
C ALA A 58 2.41 -21.33 -23.05
N GLY A 59 3.29 -21.59 -22.10
CA GLY A 59 4.39 -22.50 -22.32
C GLY A 59 3.94 -23.89 -22.69
N TRP A 60 2.70 -24.24 -22.32
CA TRP A 60 2.17 -25.57 -22.58
C TRP A 60 1.74 -25.77 -24.03
N ILE A 61 0.94 -24.86 -24.57
CA ILE A 61 0.46 -25.00 -25.93
C ILE A 61 1.51 -24.62 -26.98
N LEU A 62 2.35 -23.66 -26.67
CA LEU A 62 3.40 -23.26 -27.60
C LEU A 62 4.45 -24.35 -27.74
N GLY A 63 4.66 -25.09 -26.65
CA GLY A 63 5.61 -26.20 -26.68
C GLY A 63 6.97 -25.85 -26.10
N ASN A 64 6.97 -25.01 -25.07
CA ASN A 64 8.21 -24.68 -24.39
C ASN A 64 8.98 -25.94 -24.06
N PRO A 65 10.30 -25.94 -24.31
CA PRO A 65 11.17 -27.11 -24.12
C PRO A 65 11.06 -27.71 -22.71
N GLU A 66 10.70 -26.90 -21.72
CA GLU A 66 10.61 -27.37 -20.34
C GLU A 66 9.27 -28.05 -20.06
N CYS A 67 8.30 -27.86 -20.95
CA CYS A 67 6.98 -28.44 -20.78
C CYS A 67 6.80 -29.70 -21.64
N GLU A 68 7.75 -30.62 -21.53
CA GLU A 68 7.73 -31.85 -22.31
C GLU A 68 7.03 -32.99 -21.59
N SER A 69 6.93 -32.88 -20.26
CA SER A 69 6.68 -34.04 -19.43
C SER A 69 5.26 -34.52 -19.08
N LEU A 70 4.19 -33.75 -19.28
CA LEU A 70 2.86 -34.40 -19.09
C LEU A 70 1.54 -34.07 -19.80
N SER A 71 1.55 -33.76 -21.09
CA SER A 71 0.29 -33.27 -21.70
C SER A 71 -0.91 -34.05 -22.25
N THR A 72 -0.63 -35.18 -22.90
CA THR A 72 -1.52 -35.79 -23.91
C THR A 72 -2.68 -36.39 -23.15
N ALA A 73 -3.46 -35.52 -22.50
CA ALA A 73 -4.70 -35.93 -21.86
C ALA A 73 -5.82 -35.66 -22.85
N SER A 74 -6.70 -36.64 -23.03
CA SER A 74 -7.76 -36.53 -24.01
C SER A 74 -8.80 -35.49 -23.58
N SER A 75 -8.81 -35.18 -22.29
CA SER A 75 -9.80 -34.25 -21.75
C SER A 75 -9.50 -33.87 -20.30
N TRP A 76 -10.10 -32.76 -19.86
CA TRP A 76 -9.96 -32.32 -18.48
C TRP A 76 -11.13 -31.45 -18.05
N SER A 77 -11.45 -31.49 -16.76
CA SER A 77 -12.57 -30.74 -16.21
C SER A 77 -12.16 -29.31 -15.89
N TYR A 78 -10.89 -29.13 -15.55
CA TYR A 78 -10.34 -27.80 -15.28
C TYR A 78 -8.82 -27.86 -15.30
N ILE A 79 -8.19 -26.70 -15.23
CA ILE A 79 -6.73 -26.64 -15.34
C ILE A 79 -6.09 -26.12 -14.08
N VAL A 80 -5.10 -26.85 -13.57
CA VAL A 80 -4.36 -26.44 -12.38
C VAL A 80 -2.99 -25.90 -12.76
N GLU A 81 -2.58 -24.83 -12.08
CA GLU A 81 -1.37 -24.12 -12.44
C GLU A 81 -0.71 -23.56 -11.18
N THR A 82 0.49 -24.04 -10.88
CA THR A 82 1.16 -23.65 -9.63
C THR A 82 1.60 -22.20 -9.67
N PRO A 83 1.53 -21.51 -8.53
CA PRO A 83 1.94 -20.10 -8.41
C PRO A 83 3.42 -19.94 -8.73
N SER A 84 4.14 -21.06 -8.77
CA SER A 84 5.58 -21.05 -8.97
C SER A 84 5.97 -21.44 -10.39
N SER A 85 5.01 -21.42 -11.30
CA SER A 85 5.25 -21.82 -12.69
C SER A 85 5.48 -20.62 -13.58
N ASP A 86 6.72 -20.46 -14.04
CA ASP A 86 7.09 -19.29 -14.83
C ASP A 86 7.40 -19.62 -16.29
N ASN A 87 7.56 -20.91 -16.59
CA ASN A 87 7.88 -21.35 -17.95
C ASN A 87 6.74 -21.20 -18.94
N GLY A 88 6.71 -20.04 -19.61
CA GLY A 88 5.71 -19.76 -20.62
C GLY A 88 6.37 -19.33 -21.91
N THR A 89 6.05 -18.11 -22.37
CA THR A 89 6.67 -17.56 -23.57
C THR A 89 8.12 -17.15 -23.28
N CYS A 90 9.04 -18.08 -23.53
CA CYS A 90 10.45 -17.85 -23.23
C CYS A 90 11.08 -16.77 -24.11
N TYR A 91 10.61 -16.66 -25.35
CA TYR A 91 11.04 -15.56 -26.21
C TYR A 91 10.12 -14.34 -26.03
N PRO A 92 10.66 -13.27 -25.44
CA PRO A 92 9.91 -12.07 -25.06
C PRO A 92 8.96 -11.62 -26.15
N GLY A 93 7.69 -11.43 -25.80
CA GLY A 93 6.69 -11.02 -26.75
C GLY A 93 5.32 -10.87 -26.13
N ASP A 94 4.32 -10.64 -26.97
CA ASP A 94 2.96 -10.43 -26.52
C ASP A 94 2.06 -11.57 -27.01
N PHE A 95 1.36 -12.21 -26.07
CA PHE A 95 0.41 -13.26 -26.41
C PHE A 95 -0.98 -12.65 -26.58
N ILE A 96 -1.39 -12.46 -27.83
CA ILE A 96 -2.65 -11.79 -28.13
C ILE A 96 -3.86 -12.60 -27.68
N ASP A 97 -4.78 -11.94 -26.96
CA ASP A 97 -5.97 -12.59 -26.42
C ASP A 97 -5.61 -13.80 -25.60
N TYR A 98 -4.54 -13.69 -24.82
CA TYR A 98 -4.05 -14.79 -24.01
C TYR A 98 -5.07 -15.25 -22.97
N GLU A 99 -5.58 -14.32 -22.19
CA GLU A 99 -6.58 -14.64 -21.17
C GLU A 99 -7.78 -15.34 -21.79
N GLU A 100 -8.19 -14.88 -22.97
CA GLU A 100 -9.31 -15.47 -23.68
C GLU A 100 -9.03 -16.91 -24.09
N LEU A 101 -7.80 -17.18 -24.50
CA LEU A 101 -7.40 -18.53 -24.90
C LEU A 101 -7.48 -19.46 -23.71
N ARG A 102 -6.98 -18.99 -22.57
CA ARG A 102 -7.01 -19.78 -21.34
C ARG A 102 -8.43 -20.19 -20.98
N GLU A 103 -9.35 -19.22 -21.03
CA GLU A 103 -10.75 -19.48 -20.70
C GLU A 103 -11.36 -20.55 -21.59
N GLN A 104 -10.96 -20.57 -22.85
CA GLN A 104 -11.52 -21.51 -23.81
C GLN A 104 -10.83 -22.88 -23.76
N LEU A 105 -9.68 -22.91 -23.09
CA LEU A 105 -8.95 -24.17 -22.90
C LEU A 105 -9.21 -24.75 -21.52
N SER A 106 -9.82 -23.94 -20.64
CA SER A 106 -10.03 -24.33 -19.25
C SER A 106 -10.65 -25.71 -19.13
N SER A 107 -11.57 -26.03 -20.03
CA SER A 107 -12.19 -27.36 -20.04
C SER A 107 -12.45 -27.85 -21.45
N VAL A 108 -12.05 -29.08 -21.71
CA VAL A 108 -12.10 -29.66 -23.04
C VAL A 108 -12.64 -31.08 -22.95
N SER A 109 -13.42 -31.48 -23.96
CA SER A 109 -14.02 -32.81 -23.98
C SER A 109 -13.14 -33.80 -24.76
N SER A 110 -12.50 -33.31 -25.81
CA SER A 110 -11.51 -34.09 -26.54
C SER A 110 -10.39 -33.18 -27.02
N PHE A 111 -9.16 -33.68 -26.99
CA PHE A 111 -8.00 -32.85 -27.25
C PHE A 111 -6.83 -33.67 -27.77
N GLU A 112 -6.70 -33.76 -29.09
CA GLU A 112 -5.57 -34.45 -29.68
C GLU A 112 -4.65 -33.48 -30.42
N ARG A 113 -3.35 -33.62 -30.18
CA ARG A 113 -2.34 -32.78 -30.83
C ARG A 113 -1.76 -33.49 -32.05
N PHE A 114 -1.95 -32.89 -33.22
CA PHE A 114 -1.44 -33.48 -34.46
C PHE A 114 -0.50 -32.53 -35.18
N GLU A 115 0.35 -33.08 -36.04
CA GLU A 115 1.30 -32.26 -36.79
C GLU A 115 0.60 -31.68 -38.01
N ILE A 116 0.28 -30.39 -37.94
CA ILE A 116 -0.46 -29.72 -39.00
C ILE A 116 0.41 -29.47 -40.24
N PHE A 117 1.63 -29.02 -40.02
CA PHE A 117 2.58 -28.81 -41.10
C PHE A 117 3.89 -29.54 -40.80
N PRO A 118 4.00 -30.80 -41.25
CA PRO A 118 5.21 -31.60 -41.04
C PRO A 118 6.47 -30.83 -41.43
N LYS A 119 7.49 -30.85 -40.58
CA LYS A 119 8.68 -30.01 -40.77
C LYS A 119 9.51 -30.38 -41.99
N THR A 120 9.47 -31.64 -42.38
CA THR A 120 10.32 -32.12 -43.45
C THR A 120 9.79 -31.84 -44.85
N SER A 121 8.48 -31.89 -45.00
CA SER A 121 7.87 -31.82 -46.32
C SER A 121 7.21 -30.48 -46.62
N SER A 122 6.98 -29.67 -45.59
CA SER A 122 6.21 -28.44 -45.74
C SER A 122 7.02 -27.23 -46.18
N TRP A 123 8.29 -27.17 -45.77
CA TRP A 123 9.11 -26.00 -46.04
C TRP A 123 10.40 -26.33 -46.79
N PRO A 124 10.29 -26.57 -48.10
CA PRO A 124 11.42 -26.95 -48.95
C PRO A 124 12.25 -25.74 -49.37
N ASN A 125 11.63 -24.56 -49.35
CA ASN A 125 12.29 -23.35 -49.83
C ASN A 125 12.83 -22.48 -48.69
N HIS A 126 12.71 -22.97 -47.46
CA HIS A 126 13.18 -22.21 -46.30
C HIS A 126 13.90 -23.14 -45.33
N ASP A 127 14.68 -22.55 -44.43
CA ASP A 127 15.42 -23.34 -43.46
C ASP A 127 14.62 -23.51 -42.17
N SER A 128 14.36 -24.75 -41.79
CA SER A 128 13.59 -25.05 -40.59
C SER A 128 14.44 -25.71 -39.52
N ASN A 129 15.73 -25.38 -39.48
CA ASN A 129 16.64 -25.99 -38.52
C ASN A 129 17.49 -24.98 -37.75
N LYS A 130 17.52 -23.73 -38.22
CA LYS A 130 18.32 -22.72 -37.56
C LYS A 130 17.50 -21.87 -36.59
N GLY A 131 16.19 -22.10 -36.58
CA GLY A 131 15.30 -21.31 -35.75
C GLY A 131 15.37 -21.67 -34.27
N VAL A 132 16.47 -21.32 -33.62
CA VAL A 132 16.62 -21.54 -32.19
C VAL A 132 17.13 -20.29 -31.49
N THR A 133 17.03 -20.26 -30.17
CA THR A 133 17.42 -19.08 -29.40
C THR A 133 17.92 -19.43 -28.01
N ALA A 134 18.73 -18.55 -27.45
CA ALA A 134 19.24 -18.74 -26.09
C ALA A 134 18.15 -18.48 -25.06
N ALA A 135 17.08 -17.80 -25.49
CA ALA A 135 15.97 -17.50 -24.62
C ALA A 135 15.17 -18.76 -24.28
N CYS A 136 15.29 -19.77 -25.13
CA CYS A 136 14.56 -21.02 -24.94
C CYS A 136 15.53 -22.20 -24.83
N PRO A 137 16.25 -22.29 -23.70
CA PRO A 137 17.28 -23.31 -23.50
C PRO A 137 16.72 -24.70 -23.23
N HIS A 138 17.25 -25.70 -23.91
CA HIS A 138 16.99 -27.09 -23.57
C HIS A 138 18.32 -27.79 -23.31
N ALA A 139 18.70 -27.88 -22.04
CA ALA A 139 19.98 -28.46 -21.65
C ALA A 139 21.15 -27.59 -22.06
N GLY A 140 21.11 -26.31 -21.68
CA GLY A 140 22.20 -25.39 -21.94
C GLY A 140 22.35 -25.02 -23.40
N ALA A 141 21.80 -25.86 -24.27
CA ALA A 141 21.87 -25.62 -25.70
C ALA A 141 20.68 -24.80 -26.18
N LYS A 142 20.87 -24.06 -27.27
CA LYS A 142 19.82 -23.22 -27.82
C LYS A 142 18.70 -24.04 -28.46
N SER A 143 17.47 -23.79 -28.03
CA SER A 143 16.32 -24.51 -28.56
C SER A 143 15.18 -23.57 -28.91
N PHE A 144 13.96 -24.10 -29.01
CA PHE A 144 12.80 -23.32 -29.39
C PHE A 144 11.53 -24.09 -29.07
N TYR A 145 10.38 -23.48 -29.32
CA TYR A 145 9.10 -24.12 -29.09
C TYR A 145 8.95 -25.38 -29.95
N LYS A 146 8.30 -26.40 -29.38
CA LYS A 146 8.13 -27.68 -30.08
C LYS A 146 6.99 -27.61 -31.09
N ASN A 147 5.99 -26.79 -30.80
CA ASN A 147 4.79 -26.72 -31.63
C ASN A 147 4.86 -25.62 -32.68
N LEU A 148 5.97 -24.89 -32.69
CA LEU A 148 6.20 -23.85 -33.69
C LEU A 148 7.56 -24.04 -34.36
N ILE A 149 7.70 -23.55 -35.58
CA ILE A 149 8.97 -23.60 -36.28
C ILE A 149 9.37 -22.20 -36.76
N TRP A 150 10.57 -21.78 -36.40
CA TRP A 150 11.07 -20.47 -36.76
C TRP A 150 11.79 -20.50 -38.10
N LEU A 151 11.05 -20.27 -39.17
CA LEU A 151 11.59 -20.31 -40.52
C LEU A 151 12.50 -19.12 -40.82
N VAL A 152 13.72 -19.40 -41.28
CA VAL A 152 14.63 -18.36 -41.71
C VAL A 152 15.00 -18.56 -43.18
N LYS A 153 15.71 -17.60 -43.76
CA LYS A 153 16.09 -17.68 -45.17
C LYS A 153 17.00 -18.87 -45.45
N LYS A 154 16.79 -19.50 -46.61
CA LYS A 154 17.61 -20.62 -47.03
C LYS A 154 18.76 -20.11 -47.89
N GLY A 155 19.86 -19.76 -47.25
CA GLY A 155 21.01 -19.22 -47.95
C GLY A 155 20.90 -18.00 -48.84
N ASN A 156 20.46 -16.88 -48.26
CA ASN A 156 20.39 -15.62 -48.98
C ASN A 156 19.13 -15.61 -49.83
N SER A 157 18.15 -16.41 -49.46
CA SER A 157 16.89 -16.46 -50.22
C SER A 157 15.68 -16.77 -49.35
N TYR A 158 14.70 -15.87 -49.39
CA TYR A 158 13.43 -16.09 -48.70
C TYR A 158 12.28 -15.82 -49.66
N PRO A 159 11.84 -16.86 -50.38
CA PRO A 159 10.74 -16.77 -51.35
C PRO A 159 9.40 -16.62 -50.64
N LYS A 160 8.44 -15.97 -51.27
CA LYS A 160 7.10 -15.89 -50.71
C LYS A 160 6.59 -17.30 -50.44
N LEU A 161 6.41 -17.64 -49.17
CA LEU A 161 5.84 -18.94 -48.81
C LEU A 161 4.33 -18.85 -48.76
N SER A 162 3.66 -19.95 -49.06
CA SER A 162 2.21 -19.97 -49.07
C SER A 162 1.65 -21.37 -48.83
N LYS A 163 1.56 -21.74 -47.56
CA LYS A 163 1.01 -23.03 -47.17
C LYS A 163 -0.40 -22.82 -46.63
N SER A 164 -1.19 -23.87 -46.63
CA SER A 164 -2.55 -23.81 -46.09
C SER A 164 -3.01 -25.18 -45.59
N TYR A 165 -3.81 -25.17 -44.53
CA TYR A 165 -4.35 -26.39 -43.96
C TYR A 165 -5.86 -26.37 -44.00
N ILE A 166 -6.46 -27.50 -44.33
CA ILE A 166 -7.91 -27.62 -44.34
C ILE A 166 -8.37 -28.59 -43.25
N ASN A 167 -9.28 -28.11 -42.40
CA ASN A 167 -9.73 -28.87 -41.24
C ASN A 167 -10.57 -30.09 -41.58
N ASP A 168 -9.93 -31.25 -41.66
CA ASP A 168 -10.64 -32.50 -41.96
C ASP A 168 -11.02 -33.23 -40.69
N LYS A 169 -10.64 -32.67 -39.54
CA LYS A 169 -11.05 -33.23 -38.25
C LYS A 169 -12.53 -32.98 -38.07
N GLY A 170 -13.13 -33.62 -37.06
CA GLY A 170 -14.54 -33.46 -36.79
C GLY A 170 -14.81 -32.51 -35.65
N LYS A 171 -14.00 -31.46 -35.57
CA LYS A 171 -14.03 -30.55 -34.43
C LYS A 171 -13.18 -29.34 -34.73
N GLU A 172 -13.28 -28.34 -33.87
CA GLU A 172 -12.47 -27.14 -34.01
C GLU A 172 -10.98 -27.47 -33.92
N VAL A 173 -10.17 -26.74 -34.67
CA VAL A 173 -8.72 -26.92 -34.62
C VAL A 173 -8.04 -25.65 -34.15
N LEU A 174 -7.38 -25.71 -33.00
CA LEU A 174 -6.62 -24.58 -32.48
C LEU A 174 -5.29 -24.48 -33.20
N VAL A 175 -5.09 -23.37 -33.92
CA VAL A 175 -3.83 -23.15 -34.62
C VAL A 175 -3.09 -21.96 -34.04
N LEU A 176 -1.85 -22.18 -33.63
CA LEU A 176 -1.03 -21.10 -33.07
C LEU A 176 0.14 -20.78 -33.99
N TRP A 177 0.49 -19.49 -34.06
CA TRP A 177 1.63 -19.07 -34.86
C TRP A 177 2.29 -17.85 -34.24
N GLY A 178 3.43 -17.44 -34.78
CA GLY A 178 4.16 -16.32 -34.23
C GLY A 178 4.67 -15.36 -35.29
N ILE A 179 4.80 -14.09 -34.92
CA ILE A 179 5.36 -13.09 -35.81
C ILE A 179 6.59 -12.52 -35.13
N HIS A 180 7.74 -12.62 -35.78
CA HIS A 180 8.99 -12.18 -35.19
C HIS A 180 9.36 -10.77 -35.60
N HIS A 181 9.73 -9.95 -34.62
CA HIS A 181 10.16 -8.58 -34.87
C HIS A 181 11.62 -8.44 -34.48
N PRO A 182 12.51 -8.39 -35.47
CA PRO A 182 13.96 -8.23 -35.23
C PRO A 182 14.28 -6.88 -34.59
N SER A 183 15.41 -6.80 -33.92
CA SER A 183 15.80 -5.59 -33.21
C SER A 183 16.38 -4.54 -34.16
N THR A 184 17.15 -5.01 -35.14
CA THR A 184 17.81 -4.13 -36.09
C THR A 184 17.56 -4.54 -37.54
N SER A 185 17.54 -3.56 -38.43
CA SER A 185 17.35 -3.83 -39.86
C SER A 185 18.46 -4.75 -40.38
N ALA A 186 19.56 -4.81 -39.65
CA ALA A 186 20.64 -5.72 -39.99
C ALA A 186 20.20 -7.17 -39.73
N ASP A 187 19.58 -7.40 -38.57
CA ASP A 187 19.08 -8.72 -38.22
C ASP A 187 17.95 -9.13 -39.15
N GLN A 188 17.16 -8.16 -39.59
CA GLN A 188 16.06 -8.42 -40.50
C GLN A 188 16.55 -9.12 -41.76
N GLN A 189 17.51 -8.51 -42.45
CA GLN A 189 18.02 -9.08 -43.69
C GLN A 189 18.86 -10.33 -43.44
N SER A 190 19.56 -10.35 -42.31
CA SER A 190 20.34 -11.51 -41.93
C SER A 190 19.44 -12.72 -41.73
N LEU A 191 18.18 -12.47 -41.39
CA LEU A 191 17.23 -13.53 -41.08
C LEU A 191 16.31 -13.88 -42.26
N TYR A 192 15.88 -12.87 -42.99
CA TYR A 192 14.93 -13.09 -44.08
C TYR A 192 15.50 -12.61 -45.41
N GLN A 193 16.35 -11.59 -45.36
CA GLN A 193 17.02 -11.09 -46.57
C GLN A 193 16.18 -10.14 -47.44
N ASN A 194 14.99 -9.79 -46.98
CA ASN A 194 14.13 -8.88 -47.72
C ASN A 194 13.95 -7.91 -46.56
N ALA A 195 14.05 -6.61 -46.84
CA ALA A 195 14.00 -5.59 -45.80
C ALA A 195 12.58 -5.23 -45.43
N ASP A 196 11.70 -5.22 -46.43
CA ASP A 196 10.30 -4.92 -46.18
C ASP A 196 9.44 -6.16 -46.41
N THR A 197 8.99 -6.77 -45.31
CA THR A 197 8.25 -8.02 -45.40
C THR A 197 6.86 -7.90 -44.80
N TYR A 198 6.03 -8.90 -45.05
CA TYR A 198 4.69 -8.95 -44.49
C TYR A 198 4.27 -10.40 -44.26
N VAL A 199 3.33 -10.60 -43.34
CA VAL A 199 2.78 -11.93 -43.07
C VAL A 199 1.27 -11.85 -43.05
N PHE A 200 0.61 -12.77 -43.74
CA PHE A 200 -0.85 -12.78 -43.76
C PHE A 200 -1.40 -14.15 -43.35
N VAL A 201 -2.30 -14.15 -42.38
CA VAL A 201 -3.00 -15.36 -41.97
C VAL A 201 -4.48 -15.18 -42.23
N GLY A 202 -5.12 -16.19 -42.81
CA GLY A 202 -6.52 -16.07 -43.15
C GLY A 202 -7.30 -17.37 -43.18
N SER A 203 -8.53 -17.33 -42.67
CA SER A 203 -9.46 -18.43 -42.78
C SER A 203 -10.78 -17.89 -43.33
N SER A 204 -11.88 -18.57 -43.04
CA SER A 204 -13.19 -18.09 -43.45
C SER A 204 -13.66 -16.97 -42.53
N ARG A 205 -13.03 -16.85 -41.37
CA ARG A 205 -13.42 -15.86 -40.38
C ARG A 205 -12.27 -14.93 -39.99
N TYR A 206 -11.07 -15.49 -39.88
CA TYR A 206 -9.89 -14.72 -39.48
C TYR A 206 -9.19 -14.12 -40.70
N SER A 207 -8.59 -12.94 -40.51
CA SER A 207 -7.87 -12.27 -41.58
C SER A 207 -7.09 -11.18 -40.87
N LYS A 208 -5.80 -11.06 -41.18
CA LYS A 208 -4.98 -9.99 -40.64
C LYS A 208 -3.63 -10.01 -41.34
N LYS A 209 -3.12 -8.81 -41.66
CA LYS A 209 -1.83 -8.67 -42.31
C LYS A 209 -0.84 -8.03 -41.35
N PHE A 210 0.18 -8.79 -40.97
CA PHE A 210 1.16 -8.33 -39.99
C PHE A 210 2.35 -7.66 -40.65
N LYS A 211 2.79 -6.55 -40.07
CA LYS A 211 3.98 -5.84 -40.53
C LYS A 211 5.02 -5.80 -39.42
N PRO A 212 6.18 -6.43 -39.65
CA PRO A 212 7.26 -6.47 -38.66
C PRO A 212 7.66 -5.07 -38.20
N GLU A 213 7.71 -4.87 -36.89
CA GLU A 213 8.09 -3.58 -36.32
C GLU A 213 9.52 -3.65 -35.79
N ILE A 214 10.46 -3.19 -36.61
CA ILE A 214 11.88 -3.30 -36.31
C ILE A 214 12.40 -2.16 -35.44
N ALA A 215 12.84 -2.48 -34.23
CA ALA A 215 13.36 -1.49 -33.30
C ALA A 215 14.04 -2.17 -32.12
N ILE A 216 14.82 -1.41 -31.36
CA ILE A 216 15.52 -1.96 -30.20
C ILE A 216 14.65 -1.88 -28.94
N ARG A 217 14.23 -3.04 -28.45
CA ARG A 217 13.52 -3.12 -27.18
C ARG A 217 14.52 -3.37 -26.07
N PRO A 218 14.17 -2.96 -24.83
CA PRO A 218 14.99 -3.31 -23.67
C PRO A 218 15.20 -4.81 -23.61
N LYS A 219 16.36 -5.24 -23.11
CA LYS A 219 16.68 -6.66 -23.11
C LYS A 219 15.83 -7.48 -22.14
N VAL A 220 15.20 -8.53 -22.67
CA VAL A 220 14.53 -9.52 -21.85
C VAL A 220 15.04 -10.88 -22.27
N ARG A 221 15.68 -11.61 -21.36
CA ARG A 221 16.25 -12.91 -21.68
C ARG A 221 17.21 -12.81 -22.86
N GLU A 222 18.08 -11.81 -22.82
CA GLU A 222 19.10 -11.58 -23.84
C GLU A 222 18.54 -11.09 -25.18
N GLN A 223 17.23 -10.89 -25.26
CA GLN A 223 16.59 -10.51 -26.52
C GLN A 223 16.21 -9.04 -26.60
N GLU A 224 16.71 -8.37 -27.63
CA GLU A 224 16.32 -6.99 -27.90
C GLU A 224 15.20 -7.01 -28.93
N GLY A 225 14.93 -8.20 -29.48
CA GLY A 225 13.83 -8.39 -30.40
C GLY A 225 12.60 -8.90 -29.67
N ARG A 226 11.48 -8.95 -30.38
CA ARG A 226 10.24 -9.43 -29.78
C ARG A 226 9.56 -10.42 -30.71
N MET A 227 8.74 -11.29 -30.13
CA MET A 227 8.01 -12.27 -30.92
C MET A 227 6.58 -12.40 -30.42
N ASN A 228 5.63 -11.88 -31.18
CA ASN A 228 4.23 -11.92 -30.79
C ASN A 228 3.55 -13.23 -31.18
N TYR A 229 2.62 -13.69 -30.33
CA TYR A 229 1.96 -14.96 -30.55
C TYR A 229 0.47 -14.80 -30.83
N TYR A 230 -0.01 -15.48 -31.86
CA TYR A 230 -1.40 -15.36 -32.28
C TYR A 230 -2.05 -16.74 -32.38
N TRP A 231 -3.36 -16.80 -32.19
CA TRP A 231 -4.09 -18.06 -32.28
C TRP A 231 -5.49 -17.85 -32.85
N THR A 232 -6.07 -18.93 -33.39
CA THR A 232 -7.42 -18.89 -33.93
C THR A 232 -8.02 -20.28 -33.96
N LEU A 233 -9.35 -20.36 -33.92
CA LEU A 233 -10.03 -21.64 -34.00
C LEU A 233 -10.60 -21.85 -35.39
N VAL A 234 -10.13 -22.90 -36.07
CA VAL A 234 -10.65 -23.16 -37.41
C VAL A 234 -11.78 -24.17 -37.45
N GLU A 235 -12.91 -23.72 -37.98
CA GLU A 235 -14.13 -24.52 -38.05
C GLU A 235 -13.92 -25.77 -38.90
N PRO A 236 -14.66 -26.82 -38.61
CA PRO A 236 -14.58 -28.07 -39.38
C PRO A 236 -14.96 -27.84 -40.84
N GLY A 237 -14.09 -28.23 -41.76
CA GLY A 237 -14.35 -28.05 -43.18
C GLY A 237 -13.70 -26.79 -43.73
N ASP A 238 -13.49 -25.82 -42.84
CA ASP A 238 -12.83 -24.56 -43.21
C ASP A 238 -11.33 -24.78 -43.36
N LYS A 239 -10.67 -23.86 -44.05
CA LYS A 239 -9.21 -23.94 -44.21
C LYS A 239 -8.54 -22.62 -43.79
N ILE A 240 -7.34 -22.74 -43.25
CA ILE A 240 -6.56 -21.56 -42.86
C ILE A 240 -5.32 -21.43 -43.75
N THR A 241 -5.07 -20.22 -44.23
CA THR A 241 -3.98 -19.99 -45.18
C THR A 241 -2.88 -19.10 -44.61
N PHE A 242 -1.64 -19.55 -44.73
CA PHE A 242 -0.48 -18.76 -44.32
C PHE A 242 0.28 -18.28 -45.53
N GLU A 243 0.69 -17.01 -45.49
CA GLU A 243 1.44 -16.40 -46.57
C GLU A 243 2.40 -15.38 -45.98
N ALA A 244 3.67 -15.47 -46.36
CA ALA A 244 4.67 -14.59 -45.77
C ALA A 244 5.91 -14.43 -46.64
N THR A 245 6.56 -13.27 -46.51
CA THR A 245 7.83 -13.03 -47.14
C THR A 245 8.91 -12.89 -46.07
N GLY A 246 8.62 -13.43 -44.88
CA GLY A 246 9.56 -13.41 -43.77
C GLY A 246 8.87 -13.17 -42.44
N ASN A 247 9.64 -13.33 -41.36
CA ASN A 247 9.16 -12.99 -40.02
C ASN A 247 8.04 -13.87 -39.48
N LEU A 248 7.71 -14.94 -40.20
CA LEU A 248 6.63 -15.83 -39.79
C LEU A 248 7.13 -17.06 -39.04
N VAL A 249 6.70 -17.21 -37.79
CA VAL A 249 6.96 -18.42 -37.03
C VAL A 249 5.79 -19.37 -37.27
N VAL A 250 5.96 -20.29 -38.22
CA VAL A 250 4.88 -21.17 -38.66
C VAL A 250 4.49 -22.22 -37.63
N PRO A 251 3.23 -22.70 -37.72
CA PRO A 251 2.73 -23.80 -36.90
C PRO A 251 3.31 -25.14 -37.32
N ARG A 252 3.74 -25.95 -36.35
CA ARG A 252 4.21 -27.30 -36.64
C ARG A 252 3.17 -28.29 -36.13
N TYR A 253 2.68 -28.04 -34.92
CA TYR A 253 1.62 -28.84 -34.33
C TYR A 253 0.38 -28.00 -34.07
N ALA A 254 -0.79 -28.59 -34.27
CA ALA A 254 -2.06 -27.95 -33.94
C ALA A 254 -2.79 -28.81 -32.92
N PHE A 255 -4.08 -28.53 -32.72
CA PHE A 255 -4.85 -29.28 -31.74
C PHE A 255 -6.31 -29.45 -32.17
N ALA A 256 -6.70 -30.70 -32.43
CA ALA A 256 -8.11 -31.02 -32.64
C ALA A 256 -8.78 -30.97 -31.27
N MET A 257 -9.88 -30.24 -31.18
CA MET A 257 -10.41 -29.87 -29.88
C MET A 257 -11.93 -29.73 -29.86
N GLU A 258 -12.54 -30.24 -28.80
CA GLU A 258 -13.96 -30.04 -28.54
C GLU A 258 -14.15 -29.48 -27.13
N ARG A 259 -14.56 -28.22 -27.05
CA ARG A 259 -14.65 -27.54 -25.76
C ARG A 259 -16.07 -27.56 -25.19
N ASN A 260 -16.17 -27.76 -23.87
CA ASN A 260 -17.43 -27.61 -23.15
C ASN A 260 -17.37 -26.46 -22.16
N ALA A 261 -17.98 -25.34 -22.52
CA ALA A 261 -17.90 -24.12 -21.74
C ALA A 261 -18.34 -24.31 -20.29
N GLY A 262 -17.89 -23.40 -19.43
CA GLY A 262 -18.36 -23.37 -18.06
C GLY A 262 -17.39 -23.88 -17.02
N SER A 263 -16.10 -23.63 -17.23
CA SER A 263 -15.10 -24.01 -16.24
C SER A 263 -14.08 -22.90 -16.00
N GLY A 264 -13.06 -23.19 -15.20
CA GLY A 264 -12.07 -22.19 -14.84
C GLY A 264 -10.67 -22.75 -14.68
N ILE A 265 -9.80 -21.95 -14.06
CA ILE A 265 -8.39 -22.32 -13.90
C ILE A 265 -7.93 -22.05 -12.49
N ILE A 266 -7.43 -23.08 -11.82
CA ILE A 266 -6.99 -22.94 -10.43
C ILE A 266 -5.48 -22.77 -10.31
N ILE A 267 -5.06 -21.74 -9.59
CA ILE A 267 -3.65 -21.53 -9.30
C ILE A 267 -3.36 -21.89 -7.84
N SER A 268 -2.76 -23.05 -7.62
CA SER A 268 -2.56 -23.55 -6.26
C SER A 268 -1.44 -24.57 -6.15
N ASP A 269 -0.84 -24.64 -4.96
CA ASP A 269 0.19 -25.63 -4.67
C ASP A 269 -0.44 -26.94 -4.18
N THR A 270 -1.76 -26.92 -3.99
CA THR A 270 -2.46 -28.09 -3.48
C THR A 270 -2.28 -29.30 -4.39
N PRO A 271 -1.90 -30.44 -3.79
CA PRO A 271 -1.65 -31.69 -4.51
C PRO A 271 -2.88 -32.19 -5.28
N VAL A 272 -2.65 -32.78 -6.44
CA VAL A 272 -3.73 -33.38 -7.22
C VAL A 272 -3.88 -34.85 -6.82
N HIS A 273 -5.13 -35.32 -6.70
CA HIS A 273 -5.40 -36.66 -6.22
C HIS A 273 -6.45 -37.40 -7.05
N ASP A 274 -6.56 -38.70 -6.81
CA ASP A 274 -7.53 -39.54 -7.49
C ASP A 274 -8.78 -39.66 -6.65
N CYS A 275 -9.51 -38.56 -6.52
CA CYS A 275 -10.73 -38.55 -5.72
C CYS A 275 -11.88 -37.84 -6.45
N ASN A 276 -13.10 -38.13 -6.04
CA ASN A 276 -14.27 -37.54 -6.65
C ASN A 276 -14.79 -36.35 -5.83
N THR A 277 -15.22 -35.31 -6.52
CA THR A 277 -15.82 -34.16 -5.85
C THR A 277 -16.79 -33.44 -6.77
N THR A 278 -17.76 -32.74 -6.18
CA THR A 278 -18.76 -32.01 -6.94
C THR A 278 -18.45 -30.52 -6.87
N CYS A 279 -17.53 -30.15 -6.00
CA CYS A 279 -17.17 -28.76 -5.78
C CYS A 279 -15.68 -28.65 -5.44
N GLN A 280 -14.99 -27.76 -6.13
CA GLN A 280 -13.54 -27.62 -5.97
C GLN A 280 -13.11 -26.18 -5.67
N THR A 281 -12.20 -26.05 -4.70
CA THR A 281 -11.62 -24.76 -4.37
C THR A 281 -10.11 -24.89 -4.40
N PRO A 282 -9.39 -23.76 -4.54
CA PRO A 282 -7.93 -23.77 -4.60
C PRO A 282 -7.29 -24.45 -3.38
N LYS A 283 -7.96 -24.40 -2.24
CA LYS A 283 -7.41 -24.96 -1.01
C LYS A 283 -7.74 -26.45 -0.86
N GLY A 284 -8.77 -26.90 -1.56
CA GLY A 284 -9.18 -28.30 -1.49
C GLY A 284 -10.63 -28.49 -1.89
N ALA A 285 -11.04 -29.75 -2.03
CA ALA A 285 -12.40 -30.07 -2.45
C ALA A 285 -13.39 -29.99 -1.29
N ILE A 286 -14.67 -29.90 -1.62
CA ILE A 286 -15.73 -29.83 -0.62
C ILE A 286 -16.81 -30.88 -0.85
N ASN A 287 -16.82 -31.90 0.01
CA ASN A 287 -17.83 -32.95 -0.06
C ASN A 287 -18.91 -32.71 0.98
N THR A 288 -19.88 -31.86 0.64
CA THR A 288 -20.92 -31.49 1.58
C THR A 288 -22.29 -31.26 0.93
N SER A 289 -23.34 -31.43 1.74
CA SER A 289 -24.71 -31.18 1.28
C SER A 289 -25.24 -29.89 1.88
N LEU A 290 -24.46 -29.30 2.79
CA LEU A 290 -24.83 -28.06 3.44
C LEU A 290 -24.94 -26.92 2.42
N PRO A 291 -25.80 -25.93 2.72
CA PRO A 291 -26.10 -24.81 1.81
C PRO A 291 -25.02 -23.75 1.76
N PHE A 292 -24.16 -23.70 2.78
CA PHE A 292 -23.17 -22.63 2.87
C PHE A 292 -21.77 -23.14 3.19
N GLN A 293 -20.76 -22.36 2.80
CA GLN A 293 -19.38 -22.68 3.08
C GLN A 293 -18.56 -21.41 3.25
N ASN A 294 -17.56 -21.46 4.12
CA ASN A 294 -16.66 -20.32 4.33
C ASN A 294 -15.20 -20.68 4.04
N ILE A 295 -15.00 -21.67 3.18
CA ILE A 295 -13.67 -22.15 2.85
C ILE A 295 -12.96 -21.27 1.83
N HIS A 296 -13.65 -20.91 0.76
CA HIS A 296 -13.06 -20.10 -0.29
C HIS A 296 -14.12 -19.50 -1.21
N PRO A 297 -13.97 -18.21 -1.55
CA PRO A 297 -14.88 -17.50 -2.45
C PRO A 297 -14.80 -18.06 -3.86
N ILE A 298 -13.59 -18.31 -4.34
CA ILE A 298 -13.39 -18.88 -5.67
C ILE A 298 -13.64 -20.38 -5.67
N THR A 299 -14.62 -20.81 -6.46
CA THR A 299 -15.04 -22.20 -6.45
C THR A 299 -15.36 -22.65 -7.87
N ILE A 300 -15.27 -23.96 -8.11
CA ILE A 300 -15.64 -24.52 -9.41
C ILE A 300 -16.53 -25.74 -9.24
N GLY A 301 -17.69 -25.72 -9.89
CA GLY A 301 -18.64 -26.82 -9.82
C GLY A 301 -19.94 -26.41 -9.16
N LYS A 302 -20.76 -27.39 -8.80
CA LYS A 302 -22.00 -27.12 -8.07
C LYS A 302 -21.71 -27.02 -6.58
N CYS A 303 -21.45 -25.79 -6.13
CA CYS A 303 -20.94 -25.57 -4.77
C CYS A 303 -21.92 -24.82 -3.89
N PRO A 304 -21.71 -24.90 -2.57
CA PRO A 304 -22.48 -24.11 -1.59
C PRO A 304 -22.11 -22.64 -1.72
N LYS A 305 -23.04 -21.76 -1.35
CA LYS A 305 -22.79 -20.32 -1.42
C LYS A 305 -21.73 -19.90 -0.41
N TYR A 306 -20.78 -19.08 -0.86
CA TYR A 306 -19.72 -18.61 0.02
C TYR A 306 -20.26 -17.56 0.98
N VAL A 307 -20.05 -17.80 2.27
CA VAL A 307 -20.54 -16.92 3.31
C VAL A 307 -19.38 -16.46 4.19
N LYS A 308 -19.49 -15.27 4.76
CA LYS A 308 -18.44 -14.72 5.59
C LYS A 308 -18.51 -15.25 7.02
N SER A 309 -19.63 -15.91 7.35
CA SER A 309 -19.88 -16.39 8.72
C SER A 309 -18.82 -17.34 9.26
N THR A 310 -18.65 -17.33 10.57
CA THR A 310 -17.73 -18.24 11.25
C THR A 310 -18.46 -19.48 11.76
N LYS A 311 -19.75 -19.33 12.03
CA LYS A 311 -20.59 -20.44 12.48
C LYS A 311 -22.07 -20.20 12.18
N LEU A 312 -22.72 -21.21 11.61
CA LEU A 312 -24.17 -21.16 11.36
C LEU A 312 -24.83 -22.37 11.99
N ARG A 313 -24.94 -22.36 13.31
CA ARG A 313 -25.47 -23.50 14.06
C ARG A 313 -26.97 -23.39 14.23
N LEU A 314 -27.70 -24.35 13.64
CA LEU A 314 -29.15 -24.34 13.66
C LEU A 314 -29.70 -25.26 14.74
N ALA A 315 -30.41 -24.68 15.71
CA ALA A 315 -30.97 -25.45 16.81
C ALA A 315 -32.03 -26.44 16.33
N THR A 316 -32.02 -27.65 16.89
CA THR A 316 -33.00 -28.68 16.53
C THR A 316 -33.75 -29.17 17.77
N GLY A 317 -33.06 -29.21 18.90
CA GLY A 317 -33.68 -29.60 20.16
C GLY A 317 -34.27 -28.40 20.87
N LEU A 318 -34.28 -28.44 22.20
CA LEU A 318 -34.80 -27.33 23.00
C LEU A 318 -33.78 -26.86 24.03
N ARG A 319 -34.15 -25.84 24.79
CA ARG A 319 -33.27 -25.32 25.83
C ARG A 319 -32.76 -26.43 26.72
N ASN A 320 -31.53 -26.28 27.22
CA ASN A 320 -30.95 -27.27 28.11
C ASN A 320 -30.84 -26.72 29.53
N ILE A 321 -31.22 -27.55 30.50
CA ILE A 321 -31.24 -27.12 31.90
C ILE A 321 -30.91 -28.31 32.81
N PRO A 322 -30.74 -28.05 34.11
CA PRO A 322 -30.91 -29.16 35.05
C PRO A 322 -32.25 -29.84 34.82
N GLY B 1 -41.53 -18.59 27.65
CA GLY B 1 -41.11 -18.36 26.28
C GLY B 1 -42.11 -17.52 25.52
N LEU B 2 -42.66 -18.09 24.45
CA LEU B 2 -43.71 -17.43 23.67
C LEU B 2 -45.08 -18.03 24.01
N PHE B 3 -45.08 -19.27 24.47
CA PHE B 3 -46.33 -19.92 24.83
C PHE B 3 -46.42 -20.13 26.35
N GLY B 4 -45.37 -19.72 27.06
CA GLY B 4 -45.38 -19.73 28.51
C GLY B 4 -45.01 -21.05 29.16
N ALA B 5 -45.00 -22.13 28.39
CA ALA B 5 -44.70 -23.46 28.92
C ALA B 5 -43.25 -23.81 29.27
N ILE B 6 -42.36 -23.71 28.29
CA ILE B 6 -40.96 -24.06 28.50
C ILE B 6 -40.29 -22.83 29.10
N ALA B 7 -39.54 -23.03 30.17
CA ALA B 7 -38.87 -21.94 30.88
C ALA B 7 -39.89 -20.93 31.41
N GLY B 8 -41.15 -21.35 31.49
CA GLY B 8 -42.21 -20.50 31.98
C GLY B 8 -42.77 -21.02 33.29
N PHE B 9 -43.97 -21.59 33.23
CA PHE B 9 -44.59 -22.16 34.42
C PHE B 9 -44.04 -23.57 34.69
N ILE B 10 -43.42 -24.17 33.69
CA ILE B 10 -42.65 -25.39 33.88
C ILE B 10 -41.17 -25.03 33.82
N GLU B 11 -40.59 -24.74 34.99
CA GLU B 11 -39.27 -24.10 35.08
C GLU B 11 -38.13 -24.82 34.37
N GLY B 12 -38.04 -26.14 34.54
CA GLY B 12 -36.92 -26.87 34.00
C GLY B 12 -37.28 -28.14 33.24
N GLY B 13 -36.25 -28.83 32.76
CA GLY B 13 -36.45 -30.08 32.04
C GLY B 13 -35.99 -31.27 32.86
N TRP B 14 -36.28 -32.46 32.37
CA TRP B 14 -35.96 -33.69 33.09
C TRP B 14 -34.85 -34.48 32.41
N THR B 15 -33.67 -34.50 33.01
CA THR B 15 -32.58 -35.30 32.51
C THR B 15 -32.95 -36.79 32.60
N GLY B 16 -33.97 -37.08 33.38
CA GLY B 16 -34.42 -38.45 33.58
C GLY B 16 -35.14 -39.02 32.38
N MET B 17 -35.90 -38.18 31.70
CA MET B 17 -36.63 -38.61 30.52
C MET B 17 -35.73 -38.59 29.30
N VAL B 18 -35.51 -39.76 28.71
CA VAL B 18 -34.60 -39.88 27.56
C VAL B 18 -35.25 -40.60 26.39
N ASP B 19 -36.56 -40.77 26.45
CA ASP B 19 -37.28 -41.49 25.41
C ASP B 19 -37.69 -40.56 24.27
N GLY B 20 -37.91 -39.29 24.60
CA GLY B 20 -38.36 -38.31 23.62
C GLY B 20 -38.23 -36.89 24.12
N TRP B 21 -38.80 -35.94 23.38
CA TRP B 21 -38.70 -34.53 23.73
C TRP B 21 -39.70 -34.12 24.80
N TYR B 22 -40.93 -34.62 24.68
CA TYR B 22 -41.99 -34.30 25.64
C TYR B 22 -42.54 -35.59 26.26
N GLY B 23 -42.84 -35.55 27.55
CA GLY B 23 -43.36 -36.72 28.22
C GLY B 23 -44.00 -36.45 29.58
N TYR B 24 -44.11 -37.50 30.38
CA TYR B 24 -44.77 -37.42 31.68
C TYR B 24 -43.89 -37.98 32.81
N HIS B 25 -44.26 -37.67 34.04
CA HIS B 25 -43.63 -38.27 35.21
C HIS B 25 -44.69 -38.64 36.24
N HIS B 26 -45.15 -39.88 36.19
CA HIS B 26 -46.21 -40.35 37.08
C HIS B 26 -45.68 -40.63 38.48
N GLN B 27 -46.59 -40.61 39.46
CA GLN B 27 -46.23 -40.87 40.84
C GLN B 27 -47.43 -41.46 41.59
N ASN B 28 -47.66 -42.75 41.38
CA ASN B 28 -48.76 -43.44 42.04
C ASN B 28 -48.28 -44.48 43.04
N GLU B 29 -49.17 -45.39 43.42
CA GLU B 29 -48.86 -46.42 44.40
C GLU B 29 -47.93 -47.49 43.84
N GLN B 30 -48.01 -47.72 42.53
CA GLN B 30 -47.21 -48.76 41.88
C GLN B 30 -45.77 -48.31 41.60
N GLY B 31 -45.48 -47.04 41.86
CA GLY B 31 -44.14 -46.53 41.69
C GLY B 31 -44.06 -45.19 40.97
N SER B 32 -42.87 -44.87 40.47
CA SER B 32 -42.64 -43.62 39.75
C SER B 32 -41.99 -43.89 38.39
N GLY B 33 -41.30 -42.88 37.88
CA GLY B 33 -40.59 -43.02 36.62
C GLY B 33 -41.01 -42.01 35.56
N TYR B 34 -40.16 -41.84 34.55
CA TYR B 34 -40.45 -40.95 33.44
C TYR B 34 -40.86 -41.73 32.21
N ALA B 35 -41.74 -41.15 31.40
CA ALA B 35 -42.19 -41.79 30.17
C ALA B 35 -42.53 -40.74 29.12
N ALA B 36 -41.76 -40.70 28.04
CA ALA B 36 -41.98 -39.72 26.99
C ALA B 36 -43.22 -40.05 26.17
N ASP B 37 -43.86 -39.02 25.62
CA ASP B 37 -45.05 -39.19 24.80
C ASP B 37 -44.69 -39.77 23.43
N LEU B 38 -45.37 -40.83 23.04
CA LEU B 38 -45.11 -41.49 21.77
C LEU B 38 -45.44 -40.60 20.59
N LYS B 39 -46.72 -40.28 20.45
CA LYS B 39 -47.20 -39.54 19.28
C LYS B 39 -46.61 -38.13 19.18
N SER B 40 -46.61 -37.40 20.29
CA SER B 40 -46.16 -36.01 20.30
C SER B 40 -44.71 -35.85 19.84
N THR B 41 -43.82 -36.66 20.40
CA THR B 41 -42.40 -36.58 20.07
C THR B 41 -42.15 -36.96 18.61
N GLN B 42 -42.91 -37.92 18.11
CA GLN B 42 -42.73 -38.38 16.73
C GLN B 42 -43.01 -37.26 15.73
N ASN B 43 -44.14 -36.58 15.90
CA ASN B 43 -44.50 -35.48 15.03
C ASN B 43 -43.44 -34.39 15.01
N ALA B 44 -42.94 -34.03 16.19
CA ALA B 44 -41.91 -33.01 16.31
C ALA B 44 -40.67 -33.41 15.50
N ILE B 45 -40.20 -34.63 15.73
CA ILE B 45 -39.04 -35.14 15.00
C ILE B 45 -39.30 -35.13 13.49
N ASP B 46 -40.47 -35.60 13.07
CA ASP B 46 -40.81 -35.64 11.66
C ASP B 46 -40.88 -34.23 11.05
N GLU B 47 -41.41 -33.28 11.81
CA GLU B 47 -41.59 -31.92 11.31
C GLU B 47 -40.31 -31.08 11.39
N ILE B 48 -39.54 -31.27 12.46
CA ILE B 48 -38.26 -30.58 12.58
C ILE B 48 -37.28 -31.09 11.54
N THR B 49 -37.33 -32.39 11.26
CA THR B 49 -36.49 -32.98 10.24
C THR B 49 -36.81 -32.42 8.86
N ASN B 50 -38.10 -32.32 8.56
CA ASN B 50 -38.53 -31.74 7.29
C ASN B 50 -38.12 -30.28 7.18
N LYS B 51 -38.00 -29.62 8.32
CA LYS B 51 -37.58 -28.22 8.37
C LYS B 51 -36.13 -28.08 7.95
N VAL B 52 -35.27 -28.86 8.61
CA VAL B 52 -33.85 -28.86 8.27
C VAL B 52 -33.64 -29.24 6.81
N ASN B 53 -34.41 -30.22 6.34
CA ASN B 53 -34.30 -30.67 4.95
C ASN B 53 -34.78 -29.63 3.96
N SER B 54 -35.70 -28.78 4.39
CA SER B 54 -36.20 -27.71 3.52
C SER B 54 -35.17 -26.60 3.34
N VAL B 55 -34.52 -26.21 4.43
CA VAL B 55 -33.49 -25.18 4.39
C VAL B 55 -32.30 -25.64 3.55
N ILE B 56 -32.10 -26.94 3.47
CA ILE B 56 -31.00 -27.52 2.72
C ILE B 56 -31.37 -27.83 1.27
N GLU B 57 -32.42 -28.65 1.11
CA GLU B 57 -32.81 -29.15 -0.21
C GLU B 57 -33.16 -28.05 -1.20
N LYS B 58 -33.70 -26.94 -0.69
CA LYS B 58 -34.13 -25.85 -1.56
C LYS B 58 -32.96 -25.08 -2.18
N MET B 59 -31.75 -25.41 -1.74
CA MET B 59 -30.53 -24.80 -2.27
C MET B 59 -29.82 -25.71 -3.26
N ASN B 60 -30.29 -25.68 -4.50
CA ASN B 60 -29.63 -26.39 -5.59
C ASN B 60 -29.02 -25.34 -6.53
N THR B 61 -27.70 -25.35 -6.64
CA THR B 61 -26.99 -24.28 -7.34
C THR B 61 -26.63 -24.67 -8.77
N GLN B 62 -26.18 -23.68 -9.53
CA GLN B 62 -25.76 -23.87 -10.91
C GLN B 62 -24.28 -24.24 -10.95
N PHE B 63 -23.89 -25.06 -11.93
CA PHE B 63 -22.47 -25.36 -12.14
C PHE B 63 -21.79 -24.15 -12.75
N THR B 64 -21.09 -23.38 -11.93
CA THR B 64 -20.38 -22.21 -12.40
C THR B 64 -18.97 -22.16 -11.85
N ALA B 65 -18.08 -21.53 -12.61
CA ALA B 65 -16.70 -21.35 -12.17
C ALA B 65 -16.46 -19.88 -11.81
N VAL B 66 -16.70 -19.54 -10.56
CA VAL B 66 -16.33 -18.23 -10.03
C VAL B 66 -14.86 -18.06 -10.34
N GLY B 67 -14.41 -16.81 -10.44
CA GLY B 67 -13.00 -16.57 -10.64
C GLY B 67 -12.71 -16.35 -12.11
N LYS B 68 -12.12 -15.21 -12.40
CA LYS B 68 -11.80 -14.84 -13.77
C LYS B 68 -10.40 -14.25 -13.80
N GLU B 69 -9.81 -14.19 -14.98
CA GLU B 69 -8.48 -13.62 -15.13
C GLU B 69 -8.53 -12.37 -16.00
N PHE B 70 -7.82 -11.33 -15.56
CA PHE B 70 -7.74 -10.08 -16.31
C PHE B 70 -6.33 -9.51 -16.28
N ASN B 71 -5.89 -8.95 -17.39
CA ASN B 71 -4.56 -8.34 -17.46
C ASN B 71 -4.53 -6.91 -16.91
N HIS B 72 -3.35 -6.32 -16.85
CA HIS B 72 -3.15 -5.02 -16.22
C HIS B 72 -3.96 -3.90 -16.87
N LEU B 73 -4.47 -4.14 -18.07
CA LEU B 73 -5.29 -3.14 -18.76
C LEU B 73 -6.77 -3.48 -18.71
N GLU B 74 -7.15 -4.33 -17.76
CA GLU B 74 -8.54 -4.69 -17.57
C GLU B 74 -8.93 -4.58 -16.11
N LYS B 75 -8.35 -3.60 -15.42
CA LYS B 75 -8.59 -3.42 -13.99
C LYS B 75 -10.05 -3.09 -13.70
N ARG B 76 -10.71 -2.42 -14.65
CA ARG B 76 -12.10 -2.06 -14.47
C ARG B 76 -13.01 -3.29 -14.39
N ILE B 77 -13.03 -4.09 -15.45
CA ILE B 77 -13.87 -5.28 -15.45
C ILE B 77 -13.45 -6.27 -14.37
N GLU B 78 -12.19 -6.20 -13.94
CA GLU B 78 -11.74 -6.99 -12.80
C GLU B 78 -12.44 -6.51 -11.53
N ASN B 79 -12.56 -5.19 -11.39
CA ASN B 79 -13.25 -4.61 -10.24
C ASN B 79 -14.76 -4.78 -10.34
N LEU B 80 -15.26 -4.89 -11.57
CA LEU B 80 -16.66 -5.20 -11.79
C LEU B 80 -16.89 -6.61 -11.28
N ASN B 81 -16.05 -7.52 -11.75
CA ASN B 81 -16.10 -8.91 -11.30
C ASN B 81 -16.00 -9.01 -9.78
N LYS B 82 -15.10 -8.23 -9.19
CA LYS B 82 -14.96 -8.20 -7.75
C LYS B 82 -16.26 -7.74 -7.08
N LYS B 83 -16.92 -6.77 -7.70
CA LYS B 83 -18.16 -6.24 -7.16
C LYS B 83 -19.26 -7.27 -7.19
N VAL B 84 -19.33 -8.06 -8.26
CA VAL B 84 -20.36 -9.08 -8.39
C VAL B 84 -20.12 -10.21 -7.39
N ASP B 85 -18.86 -10.43 -7.03
CA ASP B 85 -18.51 -11.44 -6.04
C ASP B 85 -18.83 -10.95 -4.63
N ASP B 86 -18.40 -9.75 -4.31
CA ASP B 86 -18.64 -9.16 -2.99
C ASP B 86 -20.13 -8.95 -2.77
N GLY B 87 -20.85 -8.63 -3.84
CA GLY B 87 -22.29 -8.44 -3.76
C GLY B 87 -23.00 -9.71 -3.32
N PHE B 88 -22.69 -10.81 -4.01
CA PHE B 88 -23.26 -12.10 -3.65
C PHE B 88 -22.80 -12.51 -2.26
N LEU B 89 -21.59 -12.10 -1.89
CA LEU B 89 -21.04 -12.43 -0.58
C LEU B 89 -21.85 -11.79 0.54
N ASP B 90 -22.28 -10.55 0.33
CA ASP B 90 -23.05 -9.83 1.33
C ASP B 90 -24.50 -10.28 1.40
N ILE B 91 -25.09 -10.58 0.25
CA ILE B 91 -26.48 -11.03 0.20
C ILE B 91 -26.66 -12.37 0.90
N TRP B 92 -25.74 -13.29 0.66
CA TRP B 92 -25.85 -14.63 1.25
C TRP B 92 -25.47 -14.65 2.72
N THR B 93 -24.42 -13.92 3.08
CA THR B 93 -24.00 -13.85 4.47
C THR B 93 -25.12 -13.31 5.36
N TYR B 94 -25.78 -12.24 4.90
CA TYR B 94 -26.82 -11.59 5.67
C TYR B 94 -28.08 -12.46 5.74
N ASN B 95 -28.49 -13.00 4.60
CA ASN B 95 -29.67 -13.85 4.56
C ASN B 95 -29.51 -15.13 5.39
N ALA B 96 -28.36 -15.77 5.28
CA ALA B 96 -28.10 -16.99 6.04
C ALA B 96 -28.09 -16.69 7.54
N GLU B 97 -27.38 -15.63 7.93
CA GLU B 97 -27.30 -15.24 9.33
C GLU B 97 -28.68 -14.98 9.93
N LEU B 98 -29.52 -14.27 9.18
CA LEU B 98 -30.87 -13.96 9.65
C LEU B 98 -31.81 -15.14 9.57
N LEU B 99 -31.62 -16.00 8.57
CA LEU B 99 -32.45 -17.18 8.43
C LEU B 99 -32.32 -18.06 9.67
N VAL B 100 -31.09 -18.17 10.16
CA VAL B 100 -30.82 -19.00 11.33
C VAL B 100 -31.37 -18.37 12.61
N LEU B 101 -31.25 -17.05 12.72
CA LEU B 101 -31.79 -16.34 13.87
C LEU B 101 -33.31 -16.48 13.91
N LEU B 102 -33.97 -16.27 12.77
CA LEU B 102 -35.43 -16.34 12.70
C LEU B 102 -35.93 -17.76 12.96
N GLU B 103 -35.34 -18.74 12.31
CA GLU B 103 -35.81 -20.12 12.43
C GLU B 103 -35.48 -20.75 13.78
N ASN B 104 -34.43 -20.25 14.43
CA ASN B 104 -34.10 -20.72 15.77
C ASN B 104 -35.12 -20.21 16.79
N GLU B 105 -35.60 -18.99 16.57
CA GLU B 105 -36.65 -18.43 17.42
C GLU B 105 -37.95 -19.21 17.24
N ARG B 106 -38.26 -19.55 16.00
CA ARG B 106 -39.48 -20.29 15.69
C ARG B 106 -39.41 -21.74 16.18
N THR B 107 -38.24 -22.36 16.07
CA THR B 107 -38.09 -23.74 16.50
C THR B 107 -38.26 -23.87 18.02
N LEU B 108 -37.71 -22.93 18.77
CA LEU B 108 -37.85 -22.94 20.23
C LEU B 108 -39.30 -22.68 20.63
N ASP B 109 -39.98 -21.82 19.90
CA ASP B 109 -41.39 -21.55 20.15
C ASP B 109 -42.24 -22.75 19.74
N TYR B 110 -41.75 -23.52 18.78
CA TYR B 110 -42.45 -24.70 18.31
C TYR B 110 -42.47 -25.80 19.37
N HIS B 111 -41.35 -25.94 20.08
CA HIS B 111 -41.26 -26.90 21.18
C HIS B 111 -42.05 -26.41 22.39
N ASP B 112 -42.01 -25.09 22.62
CA ASP B 112 -42.77 -24.49 23.70
C ASP B 112 -44.25 -24.74 23.48
N SER B 113 -44.68 -24.57 22.24
CA SER B 113 -46.07 -24.82 21.86
C SER B 113 -46.48 -26.26 22.12
N ASN B 114 -45.66 -27.20 21.66
CA ASN B 114 -45.97 -28.62 21.82
C ASN B 114 -46.17 -29.02 23.27
N VAL B 115 -45.40 -28.41 24.17
CA VAL B 115 -45.53 -28.68 25.60
C VAL B 115 -46.82 -28.08 26.14
N LYS B 116 -47.04 -26.80 25.85
CA LYS B 116 -48.28 -26.14 26.22
C LYS B 116 -49.49 -26.96 25.79
N ASN B 117 -49.52 -27.34 24.52
CA ASN B 117 -50.62 -28.14 23.98
C ASN B 117 -50.77 -29.49 24.68
N LEU B 118 -49.66 -30.10 25.05
CA LEU B 118 -49.68 -31.37 25.76
C LEU B 118 -50.29 -31.17 27.15
N TYR B 119 -49.92 -30.08 27.79
CA TYR B 119 -50.46 -29.73 29.10
C TYR B 119 -51.96 -29.46 29.02
N GLU B 120 -52.38 -28.79 27.95
CA GLU B 120 -53.78 -28.44 27.77
C GLU B 120 -54.67 -29.64 27.46
N LYS B 121 -54.10 -30.64 26.77
CA LYS B 121 -54.88 -31.82 26.37
C LYS B 121 -55.21 -32.68 27.59
N VAL B 122 -54.38 -32.57 28.62
CA VAL B 122 -54.57 -33.31 29.86
C VAL B 122 -55.44 -32.53 30.84
N ARG B 123 -55.32 -31.21 30.80
CA ARG B 123 -56.04 -30.34 31.72
C ARG B 123 -57.53 -30.32 31.41
N SER B 124 -57.86 -30.21 30.12
CA SER B 124 -59.25 -30.19 29.69
C SER B 124 -59.84 -31.59 29.72
N GLN B 125 -59.11 -32.51 30.37
CA GLN B 125 -59.56 -33.89 30.48
C GLN B 125 -59.79 -34.29 31.93
N LEU B 126 -59.21 -33.53 32.85
CA LEU B 126 -59.34 -33.81 34.28
C LEU B 126 -59.85 -32.57 35.03
N LYS B 127 -60.98 -32.02 34.60
CA LYS B 127 -61.49 -30.79 35.19
C LYS B 127 -61.59 -30.88 36.72
N ASN B 128 -62.52 -31.70 37.19
CA ASN B 128 -62.77 -31.85 38.62
C ASN B 128 -61.95 -32.97 39.26
N ASN B 129 -61.63 -33.99 38.47
CA ASN B 129 -60.94 -35.17 38.97
C ASN B 129 -59.49 -34.91 39.41
N ALA B 130 -59.07 -33.65 39.33
CA ALA B 130 -57.71 -33.26 39.71
C ALA B 130 -57.58 -31.74 39.80
N LYS B 131 -56.49 -31.27 40.39
CA LYS B 131 -56.28 -29.83 40.56
C LYS B 131 -54.96 -29.35 39.98
N GLU B 132 -54.93 -28.08 39.55
CA GLU B 132 -53.71 -27.47 39.03
C GLU B 132 -52.79 -27.05 40.16
N ILE B 133 -51.55 -27.56 40.13
CA ILE B 133 -50.54 -27.11 41.07
C ILE B 133 -50.01 -25.75 40.62
N GLY B 134 -49.64 -25.65 39.36
CA GLY B 134 -49.09 -24.43 38.81
C GLY B 134 -47.70 -24.66 38.25
N ASN B 135 -47.14 -25.82 38.60
CA ASN B 135 -45.81 -26.20 38.14
C ASN B 135 -45.90 -27.15 36.94
N GLY B 136 -47.02 -27.07 36.23
CA GLY B 136 -47.28 -27.96 35.11
C GLY B 136 -47.60 -29.36 35.60
N CYS B 137 -47.89 -29.47 36.89
CA CYS B 137 -48.18 -30.75 37.52
C CYS B 137 -49.62 -30.80 38.01
N PHE B 138 -50.29 -31.93 37.82
CA PHE B 138 -51.67 -32.11 38.27
C PHE B 138 -51.76 -33.07 39.46
N GLU B 139 -52.57 -32.72 40.45
CA GLU B 139 -52.78 -33.59 41.62
C GLU B 139 -54.17 -34.20 41.60
N PHE B 140 -54.23 -35.53 41.43
CA PHE B 140 -55.52 -36.23 41.39
C PHE B 140 -56.27 -36.15 42.71
N TYR B 141 -57.60 -36.25 42.63
CA TYR B 141 -58.42 -36.40 43.83
C TYR B 141 -58.89 -37.85 44.04
N HIS B 142 -59.32 -38.54 42.98
CA HIS B 142 -59.45 -39.99 43.08
C HIS B 142 -58.09 -40.65 42.87
N LYS B 143 -57.95 -41.85 43.42
CA LYS B 143 -56.74 -42.66 43.26
C LYS B 143 -56.52 -43.06 41.82
N CYS B 144 -55.30 -42.89 41.33
CA CYS B 144 -54.99 -43.22 39.94
C CYS B 144 -53.85 -44.24 39.82
N ASP B 145 -54.18 -45.42 39.31
CA ASP B 145 -53.20 -46.49 39.15
C ASP B 145 -52.56 -46.49 37.76
N ASN B 146 -51.78 -47.52 37.45
CA ASN B 146 -51.08 -47.60 36.18
C ASN B 146 -52.02 -47.63 34.98
N THR B 147 -53.07 -48.43 35.05
CA THR B 147 -54.05 -48.50 33.97
C THR B 147 -54.83 -47.20 33.87
N CYS B 148 -54.80 -46.41 34.95
CA CYS B 148 -55.46 -45.12 34.98
C CYS B 148 -54.65 -44.08 34.20
N MET B 149 -53.35 -44.03 34.47
CA MET B 149 -52.46 -43.12 33.77
C MET B 149 -52.53 -43.33 32.27
N GLU B 150 -52.74 -44.59 31.87
CA GLU B 150 -52.85 -44.95 30.47
C GLU B 150 -53.93 -44.15 29.76
N SER B 151 -55.10 -44.08 30.38
CA SER B 151 -56.24 -43.41 29.77
C SER B 151 -55.99 -41.91 29.56
N VAL B 152 -54.96 -41.38 30.22
CA VAL B 152 -54.60 -39.99 30.05
C VAL B 152 -53.61 -39.82 28.90
N LYS B 153 -52.56 -40.65 28.92
CA LYS B 153 -51.57 -40.66 27.84
C LYS B 153 -52.22 -40.99 26.49
N ASN B 154 -53.13 -41.96 26.51
CA ASN B 154 -53.80 -42.40 25.29
C ASN B 154 -54.96 -41.49 24.89
N GLY B 155 -55.32 -40.57 25.77
CA GLY B 155 -56.39 -39.62 25.49
C GLY B 155 -57.76 -40.24 25.64
N THR B 156 -57.79 -41.52 25.98
CA THR B 156 -59.04 -42.25 26.18
C THR B 156 -59.40 -42.30 27.66
N TYR B 157 -59.73 -41.14 28.21
CA TYR B 157 -59.98 -41.00 29.64
C TYR B 157 -61.46 -40.87 30.01
N ASP B 158 -62.03 -41.97 30.49
CA ASP B 158 -63.39 -41.99 31.04
C ASP B 158 -63.57 -41.08 32.26
N TYR B 159 -64.83 -40.78 32.58
CA TYR B 159 -65.14 -39.90 33.71
C TYR B 159 -66.34 -40.36 34.55
N PRO B 160 -66.24 -41.54 35.18
CA PRO B 160 -67.40 -42.11 35.86
C PRO B 160 -67.32 -42.11 37.38
N LYS B 161 -66.65 -41.13 37.99
CA LYS B 161 -66.56 -41.10 39.45
C LYS B 161 -65.85 -39.85 40.00
N TYR B 162 -65.60 -39.86 41.31
CA TYR B 162 -65.12 -38.68 42.02
C TYR B 162 -63.78 -38.84 42.75
N ASP C 1 -62.20 -4.92 45.76
CA ASP C 1 -60.75 -5.10 45.61
C ASP C 1 -60.42 -5.86 44.34
N THR C 2 -59.63 -5.24 43.47
CA THR C 2 -59.30 -5.84 42.18
C THR C 2 -57.83 -5.69 41.80
N LEU C 3 -57.38 -6.55 40.89
CA LEU C 3 -56.02 -6.48 40.36
C LEU C 3 -56.06 -6.76 38.86
N CYS C 4 -55.91 -5.72 38.05
CA CYS C 4 -56.00 -5.85 36.60
C CYS C 4 -54.64 -6.00 35.94
N ILE C 5 -54.64 -6.43 34.68
CA ILE C 5 -53.41 -6.58 33.91
C ILE C 5 -53.55 -5.97 32.51
N GLY C 6 -52.56 -5.16 32.12
CA GLY C 6 -52.61 -4.46 30.86
C GLY C 6 -51.24 -4.09 30.33
N TYR C 7 -51.21 -3.16 29.38
CA TYR C 7 -49.97 -2.79 28.70
C TYR C 7 -49.81 -1.28 28.49
N HIS C 8 -48.61 -0.88 28.09
CA HIS C 8 -48.27 0.54 27.97
C HIS C 8 -48.97 1.24 26.82
N ALA C 9 -49.01 2.56 26.90
CA ALA C 9 -49.55 3.40 25.84
C ALA C 9 -49.03 4.83 26.02
N ASN C 10 -49.14 5.65 24.98
CA ASN C 10 -48.63 7.01 25.05
C ASN C 10 -49.09 7.92 23.91
N ASN C 11 -48.43 9.07 23.78
CA ASN C 11 -48.78 10.07 22.78
C ASN C 11 -48.12 9.79 21.42
N SER C 12 -47.48 8.64 21.30
CA SER C 12 -46.75 8.29 20.09
C SER C 12 -47.67 8.14 18.88
N THR C 13 -47.21 8.63 17.73
CA THR C 13 -47.95 8.52 16.48
C THR C 13 -47.16 7.71 15.45
N ASP C 14 -46.02 7.20 15.87
CA ASP C 14 -45.17 6.37 15.01
C ASP C 14 -45.96 5.21 14.42
N THR C 15 -46.03 5.14 13.11
CA THR C 15 -46.71 4.04 12.43
C THR C 15 -45.72 3.10 11.75
N VAL C 16 -46.05 1.82 11.75
CA VAL C 16 -45.25 0.81 11.08
C VAL C 16 -46.14 -0.09 10.25
N ASP C 17 -45.53 -0.94 9.42
CA ASP C 17 -46.30 -1.87 8.61
C ASP C 17 -46.02 -3.31 8.99
N THR C 18 -47.03 -4.16 8.88
CA THR C 18 -46.86 -5.59 9.10
C THR C 18 -47.35 -6.35 7.87
N VAL C 19 -47.01 -7.62 7.78
CA VAL C 19 -47.48 -8.46 6.68
C VAL C 19 -49.00 -8.52 6.64
N LEU C 20 -49.61 -8.44 7.82
CA LEU C 20 -51.05 -8.61 7.96
C LEU C 20 -51.83 -7.29 7.94
N GLU C 21 -51.22 -6.22 8.46
CA GLU C 21 -51.93 -4.96 8.63
C GLU C 21 -51.05 -3.76 8.32
N LYS C 22 -51.65 -2.73 7.73
CA LYS C 22 -50.93 -1.52 7.35
C LYS C 22 -51.20 -0.28 8.21
N ASN C 23 -50.16 0.50 8.38
CA ASN C 23 -50.16 1.71 9.17
C ASN C 23 -50.60 1.59 10.60
N VAL C 24 -50.04 0.62 11.27
CA VAL C 24 -50.28 0.34 12.69
C VAL C 24 -49.49 1.21 13.66
N THR C 25 -50.21 1.97 14.49
CA THR C 25 -49.56 2.86 15.45
C THR C 25 -48.90 2.07 16.56
N VAL C 26 -47.67 2.45 16.91
CA VAL C 26 -46.94 1.76 17.97
C VAL C 26 -46.35 2.72 18.99
N THR C 27 -46.03 2.20 20.17
CA THR C 27 -45.48 3.01 21.25
C THR C 27 -44.05 3.46 20.98
N HIS C 28 -43.24 2.55 20.46
CA HIS C 28 -41.85 2.85 20.17
C HIS C 28 -41.40 2.18 18.88
N SER C 29 -40.47 2.82 18.16
CA SER C 29 -39.96 2.27 16.91
C SER C 29 -38.66 2.94 16.48
N VAL C 30 -37.81 2.18 15.81
CA VAL C 30 -36.56 2.72 15.28
C VAL C 30 -36.59 2.71 13.75
N ASN C 31 -35.66 3.42 13.13
CA ASN C 31 -35.58 3.47 11.68
C ASN C 31 -34.36 2.72 11.17
N LEU C 32 -34.58 1.73 10.31
CA LEU C 32 -33.49 0.96 9.73
C LEU C 32 -32.89 1.65 8.50
N LEU C 33 -33.66 2.54 7.90
CA LEU C 33 -33.26 3.22 6.67
C LEU C 33 -32.57 4.54 6.94
N GLU C 34 -31.36 4.70 6.40
CA GLU C 34 -30.66 5.97 6.48
C GLU C 34 -31.00 6.81 5.25
N ASP C 35 -31.49 8.03 5.50
CA ASP C 35 -31.85 8.92 4.40
C ASP C 35 -31.28 10.33 4.62
N LYS C 36 -30.14 10.40 5.30
CA LYS C 36 -29.56 11.69 5.65
C LYS C 36 -28.06 11.70 5.46
N HIS C 37 -27.56 12.70 4.73
CA HIS C 37 -26.14 12.85 4.48
C HIS C 37 -25.68 14.25 4.88
N ASN C 38 -24.39 14.43 5.08
CA ASN C 38 -23.85 15.71 5.52
C ASN C 38 -23.60 16.71 4.40
N GLY C 39 -23.87 16.31 3.16
CA GLY C 39 -23.72 17.19 2.01
C GLY C 39 -22.30 17.68 1.83
N LYS C 40 -21.34 16.82 2.13
CA LYS C 40 -19.92 17.15 1.96
C LYS C 40 -19.15 15.97 1.39
N LEU C 41 -18.08 16.27 0.66
CA LEU C 41 -17.14 15.23 0.24
C LEU C 41 -16.01 15.17 1.26
N CYS C 42 -15.97 14.10 2.04
CA CYS C 42 -15.05 14.02 3.16
C CYS C 42 -13.85 13.12 2.88
N LYS C 43 -13.07 12.84 3.92
CA LYS C 43 -11.96 11.93 3.80
C LYS C 43 -12.48 10.49 3.88
N LEU C 44 -11.93 9.60 3.06
CA LEU C 44 -12.46 8.24 2.99
C LEU C 44 -11.86 7.32 4.04
N ARG C 45 -10.59 7.52 4.36
CA ARG C 45 -9.99 6.81 5.49
C ARG C 45 -9.42 7.74 6.53
N GLY C 46 -8.16 8.11 6.33
CA GLY C 46 -7.54 9.18 7.05
C GLY C 46 -7.10 10.20 6.01
N VAL C 47 -7.13 9.76 4.76
CA VAL C 47 -6.66 10.59 3.65
C VAL C 47 -7.78 11.30 2.89
N ALA C 48 -7.50 12.53 2.47
CA ALA C 48 -8.47 13.35 1.76
C ALA C 48 -8.46 13.04 0.28
N PRO C 49 -9.56 13.36 -0.41
CA PRO C 49 -9.65 13.10 -1.85
C PRO C 49 -8.84 14.12 -2.65
N LEU C 50 -8.54 13.77 -3.90
CA LEU C 50 -7.85 14.68 -4.80
C LEU C 50 -8.88 15.44 -5.64
N HIS C 51 -9.02 16.74 -5.38
CA HIS C 51 -9.98 17.55 -6.12
C HIS C 51 -9.30 18.24 -7.30
N LEU C 52 -9.80 18.00 -8.50
CA LEU C 52 -9.16 18.53 -9.70
C LEU C 52 -9.69 19.91 -10.10
N GLY C 53 -10.75 20.35 -9.44
CA GLY C 53 -11.33 21.66 -9.70
C GLY C 53 -11.85 21.82 -11.12
N LYS C 54 -11.27 22.74 -11.86
CA LYS C 54 -11.73 23.08 -13.20
C LYS C 54 -11.19 22.11 -14.26
N CYS C 55 -10.35 21.18 -13.83
CA CYS C 55 -9.73 20.24 -14.74
C CYS C 55 -10.22 18.81 -14.53
N ASN C 56 -10.07 17.98 -15.56
CA ASN C 56 -10.32 16.55 -15.42
C ASN C 56 -9.00 15.79 -15.38
N ILE C 57 -9.07 14.47 -15.21
CA ILE C 57 -7.87 13.66 -15.05
C ILE C 57 -6.84 13.92 -16.16
N ALA C 58 -7.28 13.83 -17.42
CA ALA C 58 -6.39 14.01 -18.56
C ALA C 58 -5.57 15.29 -18.46
N GLY C 59 -6.26 16.43 -18.32
CA GLY C 59 -5.60 17.72 -18.21
C GLY C 59 -4.67 17.81 -17.01
N TRP C 60 -4.94 16.98 -16.02
CA TRP C 60 -4.15 16.99 -14.78
C TRP C 60 -2.78 16.34 -14.94
N ILE C 61 -2.74 15.12 -15.47
CA ILE C 61 -1.48 14.39 -15.61
C ILE C 61 -0.64 14.86 -16.79
N LEU C 62 -1.30 15.28 -17.86
CA LEU C 62 -0.58 15.78 -19.03
C LEU C 62 0.08 17.12 -18.71
N GLY C 63 -0.54 17.90 -17.84
CA GLY C 63 0.00 19.18 -17.42
C GLY C 63 -0.59 20.36 -18.16
N ASN C 64 -1.87 20.29 -18.46
CA ASN C 64 -2.58 21.41 -19.09
C ASN C 64 -2.27 22.70 -18.34
N PRO C 65 -1.96 23.78 -19.10
CA PRO C 65 -1.57 25.06 -18.52
C PRO C 65 -2.56 25.59 -17.48
N GLU C 66 -3.83 25.20 -17.60
CA GLU C 66 -4.86 25.67 -16.68
C GLU C 66 -4.91 24.86 -15.39
N CYS C 67 -4.26 23.73 -15.47
CA CYS C 67 -4.40 22.73 -14.49
C CYS C 67 -3.19 22.81 -13.64
N GLU C 68 -3.26 23.77 -12.75
CA GLU C 68 -2.26 24.04 -11.79
C GLU C 68 -3.13 23.95 -10.57
N SER C 69 -3.46 22.73 -10.17
CA SER C 69 -4.31 22.52 -9.00
C SER C 69 -4.03 21.43 -7.97
N LEU C 70 -3.75 21.84 -6.74
CA LEU C 70 -3.42 20.91 -5.67
C LEU C 70 -2.06 20.40 -6.07
N SER C 71 -1.15 21.32 -6.35
CA SER C 71 0.22 20.98 -6.72
C SER C 71 0.59 19.94 -5.66
N THR C 72 1.01 18.76 -6.12
CA THR C 72 1.43 17.71 -5.22
C THR C 72 1.07 16.96 -3.95
N ALA C 73 -0.22 16.62 -3.84
CA ALA C 73 -0.63 15.55 -2.93
C ALA C 73 0.15 14.24 -2.97
N SER C 74 0.58 13.79 -1.81
CA SER C 74 1.38 12.57 -1.71
C SER C 74 0.49 11.35 -1.87
N SER C 75 -0.82 11.53 -1.65
CA SER C 75 -1.76 10.43 -1.71
C SER C 75 -3.21 10.90 -1.65
N TRP C 76 -4.12 10.04 -2.08
CA TRP C 76 -5.55 10.34 -2.00
C TRP C 76 -6.39 9.07 -1.98
N SER C 77 -7.54 9.16 -1.32
CA SER C 77 -8.43 8.01 -1.17
C SER C 77 -9.33 7.85 -2.38
N TYR C 78 -9.63 8.97 -3.03
CA TYR C 78 -10.42 8.96 -4.26
C TYR C 78 -10.29 10.30 -4.98
N ILE C 79 -10.83 10.40 -6.18
CA ILE C 79 -10.67 11.60 -6.97
C ILE C 79 -12.01 12.27 -7.24
N VAL C 80 -12.07 13.57 -6.96
CA VAL C 80 -13.28 14.35 -7.23
C VAL C 80 -13.09 15.22 -8.47
N GLU C 81 -14.15 15.31 -9.27
CA GLU C 81 -14.07 15.97 -10.57
C GLU C 81 -15.40 16.64 -10.87
N THR C 82 -15.40 17.96 -10.96
CA THR C 82 -16.65 18.71 -11.16
C THR C 82 -17.22 18.47 -12.56
N PRO C 83 -18.55 18.40 -12.65
CA PRO C 83 -19.24 18.22 -13.93
C PRO C 83 -18.94 19.36 -14.90
N SER C 84 -18.38 20.45 -14.38
CA SER C 84 -18.13 21.65 -15.18
C SER C 84 -16.66 21.79 -15.56
N SER C 85 -15.91 20.69 -15.42
CA SER C 85 -14.48 20.71 -15.72
C SER C 85 -14.18 20.17 -17.11
N ASP C 86 -13.77 21.06 -18.01
CA ASP C 86 -13.56 20.67 -19.40
C ASP C 86 -12.09 20.71 -19.82
N ASN C 87 -11.25 21.29 -18.97
CA ASN C 87 -9.83 21.41 -19.27
C ASN C 87 -9.07 20.08 -19.18
N GLY C 88 -8.99 19.39 -20.32
CA GLY C 88 -8.25 18.15 -20.42
C GLY C 88 -7.25 18.21 -21.56
N THR C 89 -7.41 17.32 -22.54
CA THR C 89 -6.53 17.30 -23.69
C THR C 89 -6.87 18.47 -24.63
N CYS C 90 -6.18 19.59 -24.44
CA CYS C 90 -6.47 20.80 -25.21
C CYS C 90 -6.13 20.65 -26.69
N TYR C 91 -5.10 19.87 -27.00
CA TYR C 91 -4.78 19.57 -28.39
C TYR C 91 -5.53 18.31 -28.83
N PRO C 92 -6.50 18.50 -29.74
CA PRO C 92 -7.41 17.44 -30.18
C PRO C 92 -6.69 16.13 -30.47
N GLY C 93 -7.18 15.04 -29.88
CA GLY C 93 -6.56 13.75 -30.06
C GLY C 93 -7.27 12.66 -29.27
N ASP C 94 -6.67 11.47 -29.27
CA ASP C 94 -7.25 10.32 -28.60
C ASP C 94 -6.37 9.88 -27.44
N PHE C 95 -6.96 9.79 -26.26
CA PHE C 95 -6.24 9.31 -25.08
C PHE C 95 -6.43 7.81 -24.93
N ILE C 96 -5.42 7.05 -25.34
CA ILE C 96 -5.51 5.59 -25.36
C ILE C 96 -5.63 5.00 -23.96
N ASP C 97 -6.62 4.11 -23.78
CA ASP C 97 -6.87 3.49 -22.49
C ASP C 97 -7.07 4.53 -21.40
N TYR C 98 -7.76 5.61 -21.73
CA TYR C 98 -7.97 6.72 -20.81
C TYR C 98 -8.75 6.28 -19.58
N GLU C 99 -9.89 5.63 -19.79
CA GLU C 99 -10.73 5.18 -18.68
C GLU C 99 -9.94 4.26 -17.75
N GLU C 100 -9.12 3.40 -18.34
CA GLU C 100 -8.29 2.49 -17.57
C GLU C 100 -7.26 3.23 -16.71
N LEU C 101 -6.70 4.30 -17.25
CA LEU C 101 -5.72 5.10 -16.53
C LEU C 101 -6.37 5.76 -15.32
N ARG C 102 -7.58 6.29 -15.53
CA ARG C 102 -8.34 6.91 -14.46
C ARG C 102 -8.55 5.93 -13.31
N GLU C 103 -8.98 4.72 -13.64
CA GLU C 103 -9.26 3.71 -12.62
C GLU C 103 -8.03 3.39 -11.78
N GLN C 104 -6.86 3.43 -12.42
CA GLN C 104 -5.62 3.07 -11.75
C GLN C 104 -5.03 4.26 -10.98
N LEU C 105 -5.54 5.45 -11.27
CA LEU C 105 -5.12 6.66 -10.57
C LEU C 105 -6.11 7.02 -9.47
N SER C 106 -7.28 6.39 -9.50
CA SER C 106 -8.38 6.74 -8.60
C SER C 106 -7.93 6.80 -7.14
N SER C 107 -7.02 5.91 -6.77
CA SER C 107 -6.47 5.92 -5.41
C SER C 107 -5.00 5.52 -5.40
N VAL C 108 -4.20 6.31 -4.71
CA VAL C 108 -2.76 6.18 -4.71
C VAL C 108 -2.24 6.32 -3.28
N SER C 109 -1.21 5.55 -2.94
CA SER C 109 -0.64 5.57 -1.60
C SER C 109 0.54 6.54 -1.52
N SER C 110 1.30 6.64 -2.60
CA SER C 110 2.38 7.62 -2.72
C SER C 110 2.47 8.08 -4.17
N PHE C 111 2.74 9.38 -4.36
CA PHE C 111 2.67 9.97 -5.69
C PHE C 111 3.56 11.20 -5.81
N GLU C 112 4.78 11.00 -6.27
CA GLU C 112 5.69 12.12 -6.48
C GLU C 112 5.99 12.32 -7.96
N ARG C 113 5.92 13.57 -8.40
CA ARG C 113 6.18 13.92 -9.78
C ARG C 113 7.61 14.41 -9.95
N PHE C 114 8.39 13.69 -10.76
CA PHE C 114 9.78 14.06 -10.98
C PHE C 114 10.06 14.30 -12.46
N GLU C 115 11.13 15.04 -12.75
CA GLU C 115 11.50 15.32 -14.13
C GLU C 115 12.29 14.15 -14.70
N ILE C 116 11.65 13.36 -15.55
CA ILE C 116 12.26 12.15 -16.09
C ILE C 116 13.30 12.47 -17.16
N PHE C 117 12.97 13.39 -18.05
CA PHE C 117 13.91 13.87 -19.06
C PHE C 117 14.04 15.38 -19.00
N PRO C 118 15.00 15.88 -18.22
CA PRO C 118 15.22 17.33 -18.09
C PRO C 118 15.32 18.01 -19.46
N LYS C 119 14.63 19.12 -19.63
CA LYS C 119 14.50 19.76 -20.94
C LYS C 119 15.81 20.32 -21.49
N THR C 120 16.71 20.71 -20.61
CA THR C 120 17.95 21.38 -21.03
C THR C 120 19.02 20.42 -21.51
N SER C 121 19.09 19.26 -20.87
CA SER C 121 20.21 18.34 -21.10
C SER C 121 19.85 17.13 -21.96
N SER C 122 18.55 16.88 -22.13
CA SER C 122 18.10 15.65 -22.78
C SER C 122 18.01 15.75 -24.30
N TRP C 123 17.71 16.94 -24.82
CA TRP C 123 17.47 17.09 -26.25
C TRP C 123 18.36 18.15 -26.88
N PRO C 124 19.64 17.82 -27.10
CA PRO C 124 20.63 18.74 -27.66
C PRO C 124 20.52 18.84 -29.18
N ASN C 125 19.94 17.82 -29.81
CA ASN C 125 19.88 17.76 -31.27
C ASN C 125 18.52 18.16 -31.82
N HIS C 126 17.61 18.57 -30.93
CA HIS C 126 16.28 18.97 -31.34
C HIS C 126 15.85 20.23 -30.61
N ASP C 127 14.82 20.90 -31.13
CA ASP C 127 14.34 22.12 -30.53
C ASP C 127 13.21 21.85 -29.55
N SER C 128 13.41 22.24 -28.28
CA SER C 128 12.42 22.00 -27.25
C SER C 128 11.80 23.30 -26.75
N ASN C 129 11.70 24.29 -27.64
CA ASN C 129 11.17 25.59 -27.25
C ASN C 129 10.08 26.11 -28.19
N LYS C 130 9.96 25.51 -29.37
CA LYS C 130 8.97 25.95 -30.34
C LYS C 130 7.67 25.14 -30.26
N GLY C 131 7.68 24.10 -29.43
CA GLY C 131 6.54 23.20 -29.32
C GLY C 131 5.38 23.77 -28.54
N VAL C 132 4.70 24.75 -29.12
CA VAL C 132 3.52 25.36 -28.50
C VAL C 132 2.38 25.45 -29.50
N THR C 133 1.18 25.71 -29.00
CA THR C 133 0.00 25.75 -29.85
C THR C 133 -1.07 26.70 -29.31
N ALA C 134 -1.92 27.18 -30.21
CA ALA C 134 -3.02 28.07 -29.83
C ALA C 134 -4.12 27.28 -29.13
N ALA C 135 -4.09 25.97 -29.30
CA ALA C 135 -5.08 25.10 -28.68
C ALA C 135 -4.87 25.01 -27.17
N CYS C 136 -3.66 25.32 -26.73
CA CYS C 136 -3.33 25.27 -25.31
C CYS C 136 -2.85 26.62 -24.79
N PRO C 137 -3.77 27.58 -24.68
CA PRO C 137 -3.45 28.96 -24.30
C PRO C 137 -3.12 29.12 -22.82
N HIS C 138 -2.03 29.84 -22.54
CA HIS C 138 -1.74 30.27 -21.19
C HIS C 138 -1.57 31.79 -21.19
N ALA C 139 -2.65 32.49 -20.85
CA ALA C 139 -2.68 33.95 -20.87
C ALA C 139 -2.62 34.50 -22.29
N GLY C 140 -3.53 34.02 -23.14
CA GLY C 140 -3.64 34.51 -24.51
C GLY C 140 -2.48 34.11 -25.40
N ALA C 141 -1.37 33.74 -24.77
CA ALA C 141 -0.17 33.33 -25.51
C ALA C 141 -0.18 31.83 -25.76
N LYS C 142 0.47 31.40 -26.82
CA LYS C 142 0.53 29.99 -27.18
C LYS C 142 1.41 29.20 -26.21
N SER C 143 0.84 28.14 -25.64
CA SER C 143 1.57 27.30 -24.69
C SER C 143 1.38 25.82 -25.01
N PHE C 144 1.66 24.97 -24.03
CA PHE C 144 1.57 23.53 -24.21
C PHE C 144 1.54 22.82 -22.86
N TYR C 145 1.44 21.50 -22.88
CA TYR C 145 1.45 20.72 -21.65
C TYR C 145 2.76 20.91 -20.89
N LYS C 146 2.67 20.90 -19.56
CA LYS C 146 3.85 21.10 -18.71
C LYS C 146 4.66 19.82 -18.56
N ASN C 147 3.97 18.68 -18.62
CA ASN C 147 4.62 17.40 -18.40
C ASN C 147 5.08 16.72 -19.68
N LEU C 148 4.83 17.39 -20.81
CA LEU C 148 5.29 16.89 -22.10
C LEU C 148 6.05 17.98 -22.85
N ILE C 149 6.93 17.57 -23.75
CA ILE C 149 7.65 18.52 -24.59
C ILE C 149 7.49 18.15 -26.06
N TRP C 150 7.06 19.12 -26.85
CA TRP C 150 6.83 18.90 -28.28
C TRP C 150 8.10 19.20 -29.08
N LEU C 151 8.92 18.18 -29.26
CA LEU C 151 10.18 18.30 -29.99
C LEU C 151 9.96 18.52 -31.50
N VAL C 152 10.56 19.57 -32.03
CA VAL C 152 10.55 19.83 -33.47
C VAL C 152 11.97 19.86 -34.01
N LYS C 153 12.11 19.93 -35.34
CA LYS C 153 13.42 19.92 -35.96
C LYS C 153 14.26 21.14 -35.57
N LYS C 154 15.55 20.91 -35.39
CA LYS C 154 16.49 21.97 -35.05
C LYS C 154 17.10 22.54 -36.31
N GLY C 155 16.43 23.51 -36.91
CA GLY C 155 16.88 24.11 -38.15
C GLY C 155 17.15 23.23 -39.36
N ASN C 156 16.10 22.58 -39.87
CA ASN C 156 16.19 21.78 -41.08
C ASN C 156 16.87 20.45 -40.77
N SER C 157 16.84 20.03 -39.52
CA SER C 157 17.47 18.78 -39.13
C SER C 157 16.75 18.07 -37.98
N TYR C 158 16.34 16.83 -38.23
CA TYR C 158 15.75 15.99 -37.19
C TYR C 158 16.42 14.63 -37.19
N PRO C 159 17.50 14.50 -36.41
CA PRO C 159 18.26 13.25 -36.29
C PRO C 159 17.49 12.21 -35.48
N LYS C 160 17.71 10.92 -35.77
CA LYS C 160 17.09 9.89 -34.97
C LYS C 160 17.44 10.11 -33.51
N LEU C 161 16.44 10.42 -32.69
CA LEU C 161 16.67 10.57 -31.25
C LEU C 161 16.48 9.22 -30.57
N SER C 162 17.20 9.02 -29.47
CA SER C 162 17.13 7.76 -28.76
C SER C 162 17.50 7.94 -27.29
N LYS C 163 16.52 8.34 -26.49
CA LYS C 163 16.70 8.49 -25.05
C LYS C 163 16.05 7.31 -24.33
N SER C 164 16.46 7.08 -23.10
CA SER C 164 15.86 6.02 -22.30
C SER C 164 15.98 6.31 -20.81
N TYR C 165 14.98 5.89 -20.05
CA TYR C 165 15.00 6.07 -18.61
C TYR C 165 14.94 4.73 -17.90
N ILE C 166 15.71 4.60 -16.82
CA ILE C 166 15.67 3.40 -16.02
C ILE C 166 15.09 3.69 -14.64
N ASN C 167 14.07 2.93 -14.26
CA ASN C 167 13.33 3.16 -13.02
C ASN C 167 14.15 2.83 -11.77
N ASP C 168 14.76 3.86 -11.18
CA ASP C 168 15.53 3.68 -9.96
C ASP C 168 14.69 3.99 -8.72
N LYS C 169 13.44 4.39 -8.93
CA LYS C 169 12.51 4.60 -7.83
C LYS C 169 12.15 3.24 -7.23
N GLY C 170 11.50 3.26 -6.07
CA GLY C 170 11.11 2.02 -5.42
C GLY C 170 9.65 1.70 -5.63
N LYS C 171 9.17 2.00 -6.84
CA LYS C 171 7.75 1.89 -7.14
C LYS C 171 7.52 2.05 -8.63
N GLU C 172 6.30 1.77 -9.08
CA GLU C 172 5.95 1.93 -10.48
C GLU C 172 6.12 3.38 -10.90
N VAL C 173 6.49 3.60 -12.15
CA VAL C 173 6.61 4.93 -12.70
C VAL C 173 5.67 5.12 -13.89
N LEU C 174 4.69 6.01 -13.72
CA LEU C 174 3.78 6.34 -14.81
C LEU C 174 4.45 7.28 -15.82
N VAL C 175 4.61 6.81 -17.05
CA VAL C 175 5.22 7.61 -18.09
C VAL C 175 4.23 7.90 -19.19
N LEU C 176 4.00 9.18 -19.48
CA LEU C 176 3.09 9.57 -20.54
C LEU C 176 3.85 10.22 -21.68
N TRP C 177 3.37 9.99 -22.90
CA TRP C 177 3.95 10.61 -24.08
C TRP C 177 2.90 10.83 -25.15
N GLY C 178 3.29 11.52 -26.23
CA GLY C 178 2.35 11.83 -27.29
C GLY C 178 2.91 11.58 -28.68
N ILE C 179 2.02 11.25 -29.61
CA ILE C 179 2.39 11.09 -31.01
C ILE C 179 1.61 12.09 -31.83
N HIS C 180 2.31 12.98 -32.53
CA HIS C 180 1.65 14.04 -33.29
C HIS C 180 1.42 13.66 -34.73
N HIS C 181 0.21 13.89 -35.22
CA HIS C 181 -0.14 13.63 -36.61
C HIS C 181 -0.48 14.94 -37.31
N PRO C 182 0.45 15.44 -38.12
CA PRO C 182 0.24 16.69 -38.87
C PRO C 182 -0.91 16.57 -39.85
N SER C 183 -1.49 17.70 -40.24
CA SER C 183 -2.62 17.72 -41.15
C SER C 183 -2.20 17.54 -42.60
N THR C 184 -1.06 18.15 -42.95
CA THR C 184 -0.57 18.10 -44.32
C THR C 184 0.90 17.69 -44.40
N SER C 185 1.28 17.03 -45.50
CA SER C 185 2.66 16.60 -45.70
C SER C 185 3.59 17.80 -45.69
N ALA C 186 3.03 18.98 -45.92
CA ALA C 186 3.79 20.21 -45.84
C ALA C 186 4.17 20.51 -44.39
N ASP C 187 3.20 20.37 -43.48
CA ASP C 187 3.44 20.57 -42.06
C ASP C 187 4.38 19.51 -41.51
N GLN C 188 4.29 18.31 -42.06
CA GLN C 188 5.17 17.21 -41.64
C GLN C 188 6.64 17.60 -41.77
N GLN C 189 7.05 18.01 -42.97
CA GLN C 189 8.43 18.37 -43.22
C GLN C 189 8.81 19.68 -42.56
N SER C 190 7.85 20.60 -42.49
CA SER C 190 8.08 21.87 -41.80
C SER C 190 8.36 21.65 -40.31
N LEU C 191 7.87 20.54 -39.77
CA LEU C 191 8.01 20.24 -38.35
C LEU C 191 9.17 19.29 -38.05
N TYR C 192 9.37 18.29 -38.91
CA TYR C 192 10.39 17.28 -38.66
C TYR C 192 11.41 17.25 -39.80
N GLN C 193 10.95 17.55 -41.01
CA GLN C 193 11.83 17.58 -42.17
C GLN C 193 12.07 16.25 -42.87
N ASN C 194 11.53 15.17 -42.31
CA ASN C 194 11.72 13.85 -42.90
C ASN C 194 10.24 13.62 -43.19
N ALA C 195 9.94 13.08 -44.37
CA ALA C 195 8.56 12.88 -44.79
C ALA C 195 7.98 11.57 -44.24
N ASP C 196 8.82 10.54 -44.18
CA ASP C 196 8.39 9.26 -43.64
C ASP C 196 9.10 8.97 -42.31
N THR C 197 8.36 9.13 -41.22
CA THR C 197 8.94 8.98 -39.89
C THR C 197 8.27 7.87 -39.10
N TYR C 198 8.88 7.52 -37.97
CA TYR C 198 8.32 6.51 -37.08
C TYR C 198 8.73 6.83 -35.65
N VAL C 199 7.95 6.32 -34.69
CA VAL C 199 8.27 6.47 -33.28
C VAL C 199 8.13 5.12 -32.60
N PHE C 200 9.12 4.75 -31.80
CA PHE C 200 9.05 3.49 -31.06
C PHE C 200 9.26 3.69 -29.56
N VAL C 201 8.32 3.16 -28.77
CA VAL C 201 8.44 3.17 -27.32
C VAL C 201 8.52 1.73 -26.84
N GLY C 202 9.43 1.45 -25.91
CA GLY C 202 9.59 0.09 -25.44
C GLY C 202 10.15 -0.06 -24.04
N SER C 203 9.60 -1.01 -23.29
CA SER C 203 10.14 -1.39 -22.00
C SER C 203 10.31 -2.91 -21.98
N SER C 204 10.29 -3.50 -20.80
CA SER C 204 10.37 -4.96 -20.70
C SER C 204 9.02 -5.59 -21.03
N ARG C 205 7.97 -4.78 -21.01
CA ARG C 205 6.63 -5.29 -21.25
C ARG C 205 5.94 -4.56 -22.42
N TYR C 206 6.16 -3.26 -22.52
CA TYR C 206 5.53 -2.45 -23.55
C TYR C 206 6.39 -2.41 -24.81
N SER C 207 5.74 -2.34 -25.97
CA SER C 207 6.44 -2.27 -27.25
C SER C 207 5.37 -1.86 -28.25
N LYS C 208 5.67 -0.86 -29.07
CA LYS C 208 4.76 -0.45 -30.13
C LYS C 208 5.48 0.53 -31.04
N LYS C 209 5.27 0.40 -32.35
CA LYS C 209 5.87 1.30 -33.32
C LYS C 209 4.78 2.14 -33.98
N PHE C 210 4.82 3.45 -33.73
CA PHE C 210 3.81 4.36 -34.23
C PHE C 210 4.18 4.94 -35.58
N LYS C 211 3.19 5.02 -36.47
CA LYS C 211 3.37 5.63 -37.78
C LYS C 211 2.40 6.80 -37.92
N PRO C 212 2.95 8.02 -38.07
CA PRO C 212 2.16 9.24 -38.23
C PRO C 212 1.15 9.13 -39.38
N GLU C 213 -0.12 9.42 -39.09
CA GLU C 213 -1.17 9.37 -40.08
C GLU C 213 -1.52 10.76 -40.54
N ILE C 214 -0.94 11.18 -41.66
CA ILE C 214 -1.08 12.54 -42.16
C ILE C 214 -2.33 12.73 -43.00
N ALA C 215 -3.26 13.56 -42.52
CA ALA C 215 -4.49 13.86 -43.25
C ALA C 215 -5.21 15.05 -42.62
N ILE C 216 -6.17 15.60 -43.34
CA ILE C 216 -6.94 16.74 -42.83
C ILE C 216 -8.14 16.28 -42.01
N ARG C 217 -8.09 16.54 -40.71
CA ARG C 217 -9.25 16.28 -39.84
C ARG C 217 -10.07 17.54 -39.73
N PRO C 218 -11.37 17.39 -39.44
CA PRO C 218 -12.21 18.56 -39.16
C PRO C 218 -11.60 19.39 -38.04
N LYS C 219 -11.80 20.70 -38.07
CA LYS C 219 -11.17 21.59 -37.10
C LYS C 219 -11.72 21.41 -35.69
N VAL C 220 -10.82 21.17 -34.74
CA VAL C 220 -11.15 21.22 -33.33
C VAL C 220 -10.13 22.12 -32.64
N ARG C 221 -10.61 23.22 -32.06
CA ARG C 221 -9.71 24.17 -31.41
C ARG C 221 -8.63 24.66 -32.39
N GLU C 222 -9.07 25.02 -33.59
CA GLU C 222 -8.18 25.54 -34.64
C GLU C 222 -7.23 24.50 -35.24
N GLN C 223 -7.33 23.26 -34.79
CA GLN C 223 -6.40 22.22 -35.22
C GLN C 223 -7.00 21.25 -36.23
N GLU C 224 -6.35 21.14 -37.38
CA GLU C 224 -6.73 20.14 -38.37
C GLU C 224 -5.87 18.91 -38.19
N GLY C 225 -4.87 19.03 -37.32
CA GLY C 225 -4.03 17.90 -36.97
C GLY C 225 -4.53 17.23 -35.70
N ARG C 226 -3.94 16.09 -35.36
CA ARG C 226 -4.32 15.37 -34.16
C ARG C 226 -3.10 14.95 -33.36
N MET C 227 -3.28 14.75 -32.06
CA MET C 227 -2.18 14.34 -31.19
C MET C 227 -2.67 13.28 -30.21
N ASN C 228 -2.27 12.02 -30.44
CA ASN C 228 -2.68 10.93 -29.57
C ASN C 228 -1.80 10.78 -28.35
N TYR C 229 -2.39 10.38 -27.24
CA TYR C 229 -1.68 10.29 -25.97
C TYR C 229 -1.59 8.85 -25.48
N TYR C 230 -0.40 8.45 -25.06
CA TYR C 230 -0.16 7.09 -24.62
C TYR C 230 0.52 7.08 -23.25
N TRP C 231 0.29 6.00 -22.49
CA TRP C 231 0.88 5.87 -21.17
C TRP C 231 1.23 4.43 -20.85
N THR C 232 2.15 4.24 -19.90
CA THR C 232 2.53 2.90 -19.45
C THR C 232 3.15 2.95 -18.06
N LEU C 233 3.07 1.83 -17.35
CA LEU C 233 3.66 1.73 -16.03
C LEU C 233 4.96 0.96 -16.10
N VAL C 234 6.05 1.61 -15.73
CA VAL C 234 7.38 1.01 -15.76
C VAL C 234 7.74 0.38 -14.43
N GLU C 235 7.96 -0.93 -14.42
CA GLU C 235 8.32 -1.66 -13.21
C GLU C 235 9.64 -1.18 -12.61
N PRO C 236 9.79 -1.28 -11.28
CA PRO C 236 11.04 -0.91 -10.62
C PRO C 236 12.22 -1.73 -11.14
N GLY C 237 13.26 -1.04 -11.60
CA GLY C 237 14.44 -1.70 -12.12
C GLY C 237 14.41 -1.82 -13.63
N ASP C 238 13.20 -1.80 -14.18
CA ASP C 238 13.03 -1.87 -15.63
C ASP C 238 13.35 -0.51 -16.26
N LYS C 239 13.59 -0.49 -17.56
CA LYS C 239 13.85 0.76 -18.25
C LYS C 239 12.95 0.91 -19.48
N ILE C 240 12.56 2.14 -19.79
CA ILE C 240 11.76 2.43 -20.96
C ILE C 240 12.57 3.21 -21.99
N THR C 241 12.49 2.81 -23.25
CA THR C 241 13.29 3.40 -24.31
C THR C 241 12.45 4.13 -25.35
N PHE C 242 12.83 5.37 -25.63
CA PHE C 242 12.19 6.17 -26.68
C PHE C 242 13.10 6.31 -27.88
N GLU C 243 12.53 6.15 -29.08
CA GLU C 243 13.28 6.26 -30.32
C GLU C 243 12.36 6.83 -31.38
N ALA C 244 12.79 7.88 -32.07
CA ALA C 244 11.94 8.54 -33.05
C ALA C 244 12.72 9.32 -34.08
N THR C 245 12.13 9.43 -35.27
CA THR C 245 12.67 10.27 -36.34
C THR C 245 11.72 11.44 -36.58
N GLY C 246 10.88 11.72 -35.58
CA GLY C 246 9.93 12.81 -35.66
C GLY C 246 8.59 12.46 -35.04
N ASN C 247 7.73 13.47 -34.90
CA ASN C 247 6.35 13.26 -34.46
C ASN C 247 6.19 12.79 -33.01
N LEU C 248 7.29 12.74 -32.26
CA LEU C 248 7.25 12.30 -30.87
C LEU C 248 7.14 13.46 -29.88
N VAL C 249 6.06 13.46 -29.11
CA VAL C 249 5.93 14.38 -27.99
C VAL C 249 6.48 13.72 -26.74
N VAL C 250 7.75 14.00 -26.44
CA VAL C 250 8.48 13.30 -25.37
C VAL C 250 8.01 13.68 -23.96
N PRO C 251 8.24 12.77 -23.01
CA PRO C 251 7.95 13.01 -21.60
C PRO C 251 8.95 13.97 -20.98
N ARG C 252 8.46 14.93 -20.20
CA ARG C 252 9.34 15.82 -19.45
C ARG C 252 9.24 15.47 -17.98
N TYR C 253 8.02 15.25 -17.51
CA TYR C 253 7.79 14.81 -16.14
C TYR C 253 7.11 13.45 -16.10
N ALA C 254 7.50 12.63 -15.13
CA ALA C 254 6.84 11.35 -14.89
C ALA C 254 6.27 11.33 -13.48
N PHE C 255 5.89 10.16 -13.00
CA PHE C 255 5.29 10.04 -11.68
C PHE C 255 5.66 8.74 -10.98
N ALA C 256 6.42 8.84 -9.89
CA ALA C 256 6.67 7.71 -9.02
C ALA C 256 5.39 7.45 -8.23
N MET C 257 4.92 6.22 -8.25
CA MET C 257 3.55 5.94 -7.82
C MET C 257 3.38 4.57 -7.17
N GLU C 258 2.63 4.53 -6.09
CA GLU C 258 2.22 3.28 -5.47
C GLU C 258 0.71 3.23 -5.31
N ARG C 259 0.06 2.38 -6.08
CA ARG C 259 -1.40 2.35 -6.11
C ARG C 259 -2.00 1.27 -5.21
N ASN C 260 -3.09 1.62 -4.53
CA ASN C 260 -3.86 0.65 -3.77
C ASN C 260 -5.26 0.48 -4.35
N ALA C 261 -5.46 -0.61 -5.07
CA ALA C 261 -6.70 -0.84 -5.81
C ALA C 261 -7.94 -0.76 -4.92
N GLY C 262 -9.08 -0.53 -5.55
CA GLY C 262 -10.36 -0.59 -4.86
C GLY C 262 -11.01 0.75 -4.56
N SER C 263 -10.85 1.70 -5.46
CA SER C 263 -11.51 3.00 -5.29
C SER C 263 -12.15 3.48 -6.59
N GLY C 264 -12.69 4.70 -6.56
CA GLY C 264 -13.40 5.24 -7.69
C GLY C 264 -13.21 6.73 -7.90
N ILE C 265 -14.07 7.31 -8.74
CA ILE C 265 -13.96 8.72 -9.09
C ILE C 265 -15.33 9.38 -9.02
N ILE C 266 -15.45 10.41 -8.20
CA ILE C 266 -16.72 11.11 -8.03
C ILE C 266 -16.82 12.39 -8.86
N ILE C 267 -17.90 12.51 -9.64
CA ILE C 267 -18.17 13.72 -10.38
C ILE C 267 -19.28 14.50 -9.71
N SER C 268 -18.94 15.56 -8.99
CA SER C 268 -19.93 16.31 -8.21
C SER C 268 -19.51 17.75 -7.89
N ASP C 269 -20.50 18.61 -7.73
CA ASP C 269 -20.27 20.00 -7.33
C ASP C 269 -20.17 20.12 -5.82
N THR C 270 -20.42 19.02 -5.12
CA THR C 270 -20.41 19.03 -3.67
C THR C 270 -19.05 19.46 -3.11
N PRO C 271 -19.07 20.43 -2.19
CA PRO C 271 -17.85 20.97 -1.58
C PRO C 271 -17.03 19.90 -0.86
N VAL C 272 -15.72 20.04 -0.91
CA VAL C 272 -14.82 19.15 -0.18
C VAL C 272 -14.53 19.74 1.20
N HIS C 273 -14.51 18.89 2.23
CA HIS C 273 -14.34 19.35 3.60
C HIS C 273 -13.34 18.53 4.39
N ASP C 274 -12.99 19.05 5.57
CA ASP C 274 -12.07 18.37 6.48
C ASP C 274 -12.85 17.54 7.48
N CYS C 275 -13.49 16.48 7.02
CA CYS C 275 -14.29 15.62 7.89
C CYS C 275 -14.00 14.14 7.63
N ASN C 276 -14.31 13.31 8.61
CA ASN C 276 -14.10 11.88 8.49
C ASN C 276 -15.39 11.14 8.11
N THR C 277 -15.25 10.14 7.25
CA THR C 277 -16.39 9.33 6.85
C THR C 277 -15.94 7.92 6.43
N THR C 278 -16.84 6.97 6.57
CA THR C 278 -16.54 5.59 6.20
C THR C 278 -17.24 5.24 4.89
N CYS C 279 -18.12 6.13 4.46
CA CYS C 279 -18.92 5.92 3.24
C CYS C 279 -19.17 7.25 2.55
N GLN C 280 -18.91 7.30 1.25
CA GLN C 280 -19.03 8.54 0.50
C GLN C 280 -19.91 8.41 -0.75
N THR C 281 -20.79 9.39 -0.95
CA THR C 281 -21.62 9.44 -2.15
C THR C 281 -21.45 10.81 -2.79
N PRO C 282 -21.78 10.91 -4.09
CA PRO C 282 -21.63 12.18 -4.82
C PRO C 282 -22.38 13.34 -4.16
N LYS C 283 -23.47 13.03 -3.46
CA LYS C 283 -24.30 14.06 -2.84
C LYS C 283 -23.79 14.44 -1.45
N GLY C 284 -23.00 13.56 -0.84
CA GLY C 284 -22.47 13.80 0.49
C GLY C 284 -22.14 12.51 1.22
N ALA C 285 -21.48 12.64 2.36
CA ALA C 285 -21.04 11.48 3.14
C ALA C 285 -22.17 10.89 3.98
N ILE C 286 -21.99 9.65 4.42
CA ILE C 286 -22.98 8.97 5.24
C ILE C 286 -22.37 8.41 6.53
N ASN C 287 -22.69 9.06 7.64
CA ASN C 287 -22.23 8.60 8.95
C ASN C 287 -23.34 7.82 9.66
N THR C 288 -23.45 6.53 9.35
CA THR C 288 -24.53 5.72 9.90
C THR C 288 -24.13 4.27 10.16
N SER C 289 -24.82 3.63 11.09
CA SER C 289 -24.61 2.22 11.40
C SER C 289 -25.75 1.38 10.85
N LEU C 290 -26.78 2.05 10.32
CA LEU C 290 -27.93 1.37 9.75
C LEU C 290 -27.53 0.54 8.54
N PRO C 291 -28.28 -0.54 8.28
CA PRO C 291 -27.98 -1.51 7.23
C PRO C 291 -28.34 -1.02 5.83
N PHE C 292 -29.23 -0.04 5.73
CA PHE C 292 -29.73 0.40 4.43
C PHE C 292 -29.70 1.92 4.26
N GLN C 293 -29.63 2.36 3.00
CA GLN C 293 -29.66 3.78 2.68
C GLN C 293 -30.31 4.02 1.32
N ASN C 294 -31.00 5.14 1.19
CA ASN C 294 -31.65 5.49 -0.08
C ASN C 294 -31.15 6.83 -0.61
N ILE C 295 -29.93 7.18 -0.23
CA ILE C 295 -29.34 8.46 -0.62
C ILE C 295 -28.78 8.44 -2.03
N HIS C 296 -28.02 7.41 -2.36
CA HIS C 296 -27.41 7.31 -3.68
C HIS C 296 -26.90 5.90 -3.96
N PRO C 297 -27.17 5.39 -5.18
CA PRO C 297 -26.72 4.07 -5.62
C PRO C 297 -25.21 4.00 -5.73
N ILE C 298 -24.60 5.04 -6.29
CA ILE C 298 -23.14 5.09 -6.42
C ILE C 298 -22.51 5.50 -5.10
N THR C 299 -21.66 4.63 -4.57
CA THR C 299 -21.07 4.84 -3.26
C THR C 299 -19.62 4.38 -3.24
N ILE C 300 -18.83 4.93 -2.33
CA ILE C 300 -17.44 4.52 -2.17
C ILE C 300 -17.10 4.30 -0.70
N GLY C 301 -16.58 3.11 -0.39
CA GLY C 301 -16.23 2.76 0.98
C GLY C 301 -17.08 1.64 1.54
N LYS C 302 -17.02 1.42 2.84
CA LYS C 302 -17.86 0.42 3.49
C LYS C 302 -19.22 1.03 3.80
N CYS C 303 -20.16 0.87 2.86
CA CYS C 303 -21.44 1.56 2.92
C CYS C 303 -22.62 0.63 3.14
N PRO C 304 -23.76 1.20 3.58
CA PRO C 304 -25.02 0.46 3.67
C PRO C 304 -25.54 0.11 2.27
N LYS C 305 -26.31 -0.96 2.16
CA LYS C 305 -26.87 -1.35 0.88
C LYS C 305 -27.89 -0.33 0.37
N TYR C 306 -27.79 0.04 -0.90
CA TYR C 306 -28.73 0.98 -1.49
C TYR C 306 -30.09 0.32 -1.71
N VAL C 307 -31.11 0.94 -1.15
CA VAL C 307 -32.48 0.42 -1.25
C VAL C 307 -33.39 1.48 -1.86
N LYS C 308 -34.43 1.03 -2.55
CA LYS C 308 -35.36 1.93 -3.21
C LYS C 308 -36.41 2.46 -2.24
N SER C 309 -36.48 1.86 -1.05
CA SER C 309 -37.50 2.19 -0.05
C SER C 309 -37.50 3.66 0.37
N THR C 310 -38.68 4.13 0.76
CA THR C 310 -38.82 5.50 1.27
C THR C 310 -38.79 5.52 2.80
N LYS C 311 -39.17 4.39 3.40
CA LYS C 311 -39.14 4.25 4.86
C LYS C 311 -39.07 2.78 5.29
N LEU C 312 -38.15 2.49 6.20
CA LEU C 312 -38.02 1.15 6.78
C LEU C 312 -38.09 1.25 8.29
N ARG C 313 -39.29 1.50 8.81
CA ARG C 313 -39.49 1.70 10.25
C ARG C 313 -39.78 0.39 10.96
N LEU C 314 -38.89 0.01 11.88
CA LEU C 314 -38.98 -1.26 12.59
C LEU C 314 -39.58 -1.05 13.98
N ALA C 315 -40.75 -1.66 14.20
CA ALA C 315 -41.43 -1.54 15.49
C ALA C 315 -40.62 -2.18 16.61
N THR C 316 -40.58 -1.51 17.77
CA THR C 316 -39.88 -2.03 18.93
C THR C 316 -40.80 -2.16 20.13
N GLY C 317 -41.77 -1.24 20.22
CA GLY C 317 -42.76 -1.27 21.28
C GLY C 317 -43.95 -2.11 20.87
N LEU C 318 -45.12 -1.75 21.39
CA LEU C 318 -46.36 -2.47 21.06
C LEU C 318 -47.43 -1.51 20.57
N ARG C 319 -48.59 -2.05 20.18
CA ARG C 319 -49.69 -1.23 19.71
C ARG C 319 -49.96 -0.08 20.68
N ASN C 320 -50.42 1.05 20.13
CA ASN C 320 -50.74 2.20 20.96
C ASN C 320 -52.25 2.44 20.99
N ILE C 321 -52.78 2.69 22.17
CA ILE C 321 -54.21 2.87 22.36
C ILE C 321 -54.51 3.87 23.49
N GLY D 1 -54.44 -10.19 19.50
CA GLY D 1 -54.31 -10.39 18.06
C GLY D 1 -54.12 -11.85 17.70
N LEU D 2 -52.88 -12.28 17.69
CA LEU D 2 -52.55 -13.69 17.42
C LEU D 2 -52.72 -14.52 18.69
N PHE D 3 -52.60 -13.87 19.84
CA PHE D 3 -52.75 -14.55 21.11
C PHE D 3 -54.04 -14.14 21.82
N GLY D 4 -54.76 -13.21 21.21
CA GLY D 4 -56.07 -12.81 21.71
C GLY D 4 -56.06 -11.74 22.79
N ALA D 5 -54.90 -11.49 23.38
CA ALA D 5 -54.80 -10.53 24.48
C ALA D 5 -54.87 -9.04 24.15
N ILE D 6 -53.92 -8.58 23.33
CA ILE D 6 -53.85 -7.17 22.96
C ILE D 6 -54.87 -6.96 21.84
N ALA D 7 -55.68 -5.91 21.99
CA ALA D 7 -56.73 -5.60 21.02
C ALA D 7 -57.72 -6.76 20.90
N GLY D 8 -57.72 -7.64 21.89
CA GLY D 8 -58.61 -8.79 21.90
C GLY D 8 -59.62 -8.70 23.03
N PHE D 9 -59.41 -9.51 24.07
CA PHE D 9 -60.29 -9.46 25.23
C PHE D 9 -59.90 -8.32 26.17
N ILE D 10 -58.68 -7.82 26.01
CA ILE D 10 -58.26 -6.58 26.67
C ILE D 10 -58.24 -5.47 25.61
N GLU D 11 -59.38 -4.78 25.48
CA GLU D 11 -59.63 -3.88 24.36
C GLU D 11 -58.58 -2.78 24.12
N GLY D 12 -58.17 -2.09 25.19
CA GLY D 12 -57.27 -0.97 25.03
C GLY D 12 -56.07 -0.97 25.97
N GLY D 13 -55.26 0.08 25.86
CA GLY D 13 -54.10 0.24 26.72
C GLY D 13 -54.29 1.36 27.72
N TRP D 14 -53.36 1.47 28.66
CA TRP D 14 -53.47 2.47 29.72
C TRP D 14 -52.43 3.57 29.57
N THR D 15 -52.87 4.76 29.21
CA THR D 15 -51.98 5.91 29.14
C THR D 15 -51.47 6.24 30.53
N GLY D 16 -52.13 5.69 31.55
CA GLY D 16 -51.77 5.95 32.93
C GLY D 16 -50.51 5.23 33.35
N MET D 17 -50.30 4.03 32.82
CA MET D 17 -49.11 3.25 33.14
C MET D 17 -47.94 3.68 32.26
N VAL D 18 -46.90 4.20 32.88
CA VAL D 18 -45.75 4.72 32.15
C VAL D 18 -44.44 4.15 32.66
N ASP D 19 -44.52 3.10 33.47
CA ASP D 19 -43.33 2.48 34.05
C ASP D 19 -42.74 1.42 33.14
N GLY D 20 -43.60 0.78 32.35
CA GLY D 20 -43.17 -0.29 31.46
C GLY D 20 -44.21 -0.63 30.42
N TRP D 21 -44.00 -1.73 29.70
CA TRP D 21 -44.90 -2.14 28.63
C TRP D 21 -46.11 -2.90 29.15
N TYR D 22 -45.90 -3.77 30.14
CA TYR D 22 -46.99 -4.54 30.73
C TYR D 22 -47.05 -4.32 32.23
N GLY D 23 -48.24 -4.22 32.78
CA GLY D 23 -48.40 -3.99 34.21
C GLY D 23 -49.78 -4.27 34.76
N TYR D 24 -50.07 -3.70 35.93
CA TYR D 24 -51.32 -3.94 36.62
C TYR D 24 -52.02 -2.65 37.01
N HIS D 25 -53.30 -2.77 37.36
CA HIS D 25 -54.05 -1.64 37.92
C HIS D 25 -54.91 -2.12 39.08
N HIS D 26 -54.37 -2.00 40.30
CA HIS D 26 -55.06 -2.48 41.48
C HIS D 26 -56.16 -1.51 41.92
N GLN D 27 -57.13 -2.03 42.67
CA GLN D 27 -58.24 -1.23 43.17
C GLN D 27 -58.74 -1.79 44.49
N ASN D 28 -58.03 -1.51 45.57
CA ASN D 28 -58.42 -2.00 46.88
C ASN D 28 -58.84 -0.86 47.82
N GLU D 29 -58.85 -1.15 49.12
CA GLU D 29 -59.27 -0.17 50.12
C GLU D 29 -58.24 0.93 50.32
N GLN D 30 -56.97 0.60 50.12
CA GLN D 30 -55.89 1.55 50.32
C GLN D 30 -55.70 2.52 49.15
N GLY D 31 -56.45 2.31 48.08
CA GLY D 31 -56.41 3.21 46.94
C GLY D 31 -56.32 2.51 45.59
N SER D 32 -55.91 3.26 44.58
CA SER D 32 -55.77 2.72 43.23
C SER D 32 -54.39 3.03 42.66
N GLY D 33 -54.29 3.06 41.33
CA GLY D 33 -53.05 3.39 40.67
C GLY D 33 -52.56 2.30 39.72
N TYR D 34 -51.65 2.68 38.82
CA TYR D 34 -51.07 1.75 37.88
C TYR D 34 -49.65 1.38 38.31
N ALA D 35 -49.24 0.15 38.01
CA ALA D 35 -47.90 -0.30 38.33
C ALA D 35 -47.43 -1.33 37.31
N ALA D 36 -46.41 -0.98 36.54
CA ALA D 36 -45.89 -1.88 35.51
C ALA D 36 -45.11 -3.04 36.12
N ASP D 37 -45.12 -4.18 35.43
CA ASP D 37 -44.40 -5.36 35.88
C ASP D 37 -42.89 -5.17 35.70
N LEU D 38 -42.13 -5.43 36.76
CA LEU D 38 -40.68 -5.26 36.74
C LEU D 38 -40.04 -6.26 35.78
N LYS D 39 -40.14 -7.55 36.12
CA LYS D 39 -39.45 -8.60 35.37
C LYS D 39 -39.91 -8.71 33.93
N SER D 40 -41.22 -8.70 33.71
CA SER D 40 -41.79 -8.90 32.39
C SER D 40 -41.34 -7.85 31.38
N THR D 41 -41.42 -6.57 31.77
CA THR D 41 -41.03 -5.48 30.89
C THR D 41 -39.53 -5.49 30.58
N GLN D 42 -38.73 -5.89 31.56
CA GLN D 42 -37.28 -5.94 31.38
C GLN D 42 -36.89 -6.93 30.29
N ASN D 43 -37.42 -8.14 30.37
CA ASN D 43 -37.13 -9.15 29.36
C ASN D 43 -37.50 -8.70 27.96
N ALA D 44 -38.67 -8.10 27.82
CA ALA D 44 -39.13 -7.60 26.53
C ALA D 44 -38.13 -6.59 25.97
N ILE D 45 -37.77 -5.60 26.78
CA ILE D 45 -36.80 -4.60 26.37
C ILE D 45 -35.47 -5.24 25.97
N ASP D 46 -34.98 -6.16 26.80
CA ASP D 46 -33.73 -6.84 26.52
C ASP D 46 -33.80 -7.65 25.24
N GLU D 47 -34.93 -8.30 24.99
CA GLU D 47 -35.08 -9.17 23.84
C GLU D 47 -35.39 -8.40 22.56
N ILE D 48 -36.21 -7.36 22.68
CA ILE D 48 -36.52 -6.52 21.52
C ILE D 48 -35.27 -5.75 21.10
N THR D 49 -34.46 -5.33 22.07
CA THR D 49 -33.23 -4.61 21.78
C THR D 49 -32.26 -5.51 21.04
N ASN D 50 -32.14 -6.76 21.49
CA ASN D 50 -31.27 -7.72 20.82
C ASN D 50 -31.76 -8.01 19.40
N LYS D 51 -33.07 -7.88 19.20
CA LYS D 51 -33.67 -8.09 17.89
C LYS D 51 -33.25 -7.00 16.92
N VAL D 52 -33.43 -5.75 17.32
CA VAL D 52 -33.01 -4.63 16.50
C VAL D 52 -31.51 -4.68 16.23
N ASN D 53 -30.74 -5.07 17.24
CA ASN D 53 -29.29 -5.16 17.07
C ASN D 53 -28.87 -6.30 16.14
N SER D 54 -29.70 -7.33 16.06
CA SER D 54 -29.40 -8.45 15.17
C SER D 54 -29.63 -8.07 13.70
N VAL D 55 -30.72 -7.38 13.44
CA VAL D 55 -31.05 -6.93 12.09
C VAL D 55 -30.00 -5.96 11.58
N ILE D 56 -29.35 -5.25 12.51
CA ILE D 56 -28.34 -4.26 12.16
C ILE D 56 -26.94 -4.84 12.11
N GLU D 57 -26.53 -5.45 13.22
CA GLU D 57 -25.16 -5.94 13.38
C GLU D 57 -24.77 -7.00 12.36
N LYS D 58 -25.75 -7.79 11.90
CA LYS D 58 -25.46 -8.86 10.95
C LYS D 58 -25.14 -8.34 9.55
N MET D 59 -25.31 -7.03 9.35
CA MET D 59 -25.00 -6.40 8.08
C MET D 59 -23.65 -5.69 8.13
N ASN D 60 -22.57 -6.45 7.95
CA ASN D 60 -21.24 -5.87 7.78
C ASN D 60 -20.78 -6.04 6.34
N THR D 61 -20.59 -4.93 5.65
CA THR D 61 -20.33 -4.97 4.22
C THR D 61 -18.85 -4.87 3.86
N GLN D 62 -18.56 -5.12 2.59
CA GLN D 62 -17.20 -5.06 2.07
C GLN D 62 -16.88 -3.64 1.62
N PHE D 63 -15.62 -3.24 1.75
CA PHE D 63 -15.18 -1.95 1.21
C PHE D 63 -15.09 -2.03 -0.31
N THR D 64 -16.10 -1.51 -0.99
CA THR D 64 -16.13 -1.54 -2.44
C THR D 64 -16.53 -0.18 -3.00
N ALA D 65 -16.04 0.11 -4.19
CA ALA D 65 -16.40 1.34 -4.87
C ALA D 65 -17.34 1.05 -6.03
N VAL D 66 -18.62 1.04 -5.77
CA VAL D 66 -19.59 0.92 -6.85
C VAL D 66 -19.34 2.07 -7.80
N GLY D 67 -19.73 1.91 -9.06
CA GLY D 67 -19.53 2.96 -10.04
C GLY D 67 -18.27 2.73 -10.84
N LYS D 68 -18.45 2.65 -12.15
CA LYS D 68 -17.36 2.40 -13.06
C LYS D 68 -17.47 3.36 -14.24
N GLU D 69 -16.38 3.52 -14.98
CA GLU D 69 -16.39 4.38 -16.15
C GLU D 69 -16.14 3.57 -17.41
N PHE D 70 -16.92 3.86 -18.45
CA PHE D 70 -16.77 3.19 -19.74
C PHE D 70 -16.93 4.17 -20.89
N ASN D 71 -16.13 4.01 -21.93
CA ASN D 71 -16.23 4.89 -23.10
C ASN D 71 -17.33 4.47 -24.07
N HIS D 72 -17.53 5.27 -25.10
CA HIS D 72 -18.64 5.06 -26.05
C HIS D 72 -18.61 3.70 -26.75
N LEU D 73 -17.46 3.02 -26.71
CA LEU D 73 -17.33 1.71 -27.33
C LEU D 73 -17.36 0.58 -26.31
N GLU D 74 -17.89 0.87 -25.13
CA GLU D 74 -17.99 -0.13 -24.08
C GLU D 74 -19.40 -0.11 -23.48
N LYS D 75 -20.39 0.17 -24.33
CA LYS D 75 -21.77 0.29 -23.88
C LYS D 75 -22.28 -1.02 -23.31
N ARG D 76 -21.80 -2.14 -23.84
CA ARG D 76 -22.22 -3.46 -23.36
C ARG D 76 -21.83 -3.70 -21.91
N ILE D 77 -20.53 -3.67 -21.61
CA ILE D 77 -20.08 -3.89 -20.24
C ILE D 77 -20.61 -2.80 -19.30
N GLU D 78 -20.93 -1.64 -19.85
CA GLU D 78 -21.58 -0.59 -19.05
C GLU D 78 -22.98 -1.03 -18.67
N ASN D 79 -23.68 -1.66 -19.61
CA ASN D 79 -25.03 -2.19 -19.34
C ASN D 79 -24.99 -3.46 -18.49
N LEU D 80 -23.87 -4.18 -18.57
CA LEU D 80 -23.65 -5.32 -17.70
C LEU D 80 -23.53 -4.77 -16.28
N ASN D 81 -22.65 -3.79 -16.13
CA ASN D 81 -22.46 -3.13 -14.85
C ASN D 81 -23.77 -2.58 -14.30
N LYS D 82 -24.56 -1.97 -15.18
CA LYS D 82 -25.86 -1.45 -14.78
C LYS D 82 -26.77 -2.59 -14.29
N LYS D 83 -26.67 -3.75 -14.95
CA LYS D 83 -27.49 -4.89 -14.57
C LYS D 83 -27.12 -5.41 -13.19
N VAL D 84 -25.83 -5.43 -12.90
CA VAL D 84 -25.36 -5.93 -11.61
C VAL D 84 -25.75 -4.97 -10.49
N ASP D 85 -25.88 -3.68 -10.82
CA ASP D 85 -26.30 -2.69 -9.85
C ASP D 85 -27.81 -2.77 -9.60
N ASP D 86 -28.58 -2.79 -10.68
CA ASP D 86 -30.03 -2.90 -10.59
C ASP D 86 -30.44 -4.21 -9.94
N GLY D 87 -29.67 -5.27 -10.19
CA GLY D 87 -29.94 -6.58 -9.62
C GLY D 87 -29.85 -6.54 -8.11
N PHE D 88 -28.74 -5.99 -7.60
CA PHE D 88 -28.56 -5.83 -6.17
C PHE D 88 -29.60 -4.88 -5.59
N LEU D 89 -30.01 -3.90 -6.39
CA LEU D 89 -31.00 -2.93 -5.98
C LEU D 89 -32.35 -3.60 -5.71
N ASP D 90 -32.72 -4.56 -6.55
CA ASP D 90 -34.00 -5.24 -6.42
C ASP D 90 -33.99 -6.28 -5.31
N ILE D 91 -32.88 -6.98 -5.16
CA ILE D 91 -32.74 -8.01 -4.13
C ILE D 91 -32.82 -7.41 -2.74
N TRP D 92 -32.12 -6.29 -2.53
CA TRP D 92 -32.10 -5.66 -1.21
C TRP D 92 -33.38 -4.91 -0.88
N THR D 93 -33.94 -4.21 -1.88
CA THR D 93 -35.19 -3.49 -1.68
C THR D 93 -36.31 -4.45 -1.27
N TYR D 94 -36.40 -5.58 -1.95
CA TYR D 94 -37.46 -6.55 -1.68
C TYR D 94 -37.26 -7.25 -0.34
N ASN D 95 -36.03 -7.68 -0.08
CA ASN D 95 -35.72 -8.35 1.17
C ASN D 95 -35.92 -7.46 2.39
N ALA D 96 -35.45 -6.21 2.30
CA ALA D 96 -35.61 -5.26 3.39
C ALA D 96 -37.08 -4.96 3.66
N GLU D 97 -37.83 -4.69 2.59
CA GLU D 97 -39.25 -4.40 2.71
C GLU D 97 -40.00 -5.54 3.39
N LEU D 98 -39.72 -6.78 3.00
CA LEU D 98 -40.40 -7.93 3.56
C LEU D 98 -39.88 -8.27 4.95
N LEU D 99 -38.60 -8.01 5.19
CA LEU D 99 -38.02 -8.28 6.51
C LEU D 99 -38.75 -7.46 7.56
N VAL D 100 -39.04 -6.21 7.23
CA VAL D 100 -39.72 -5.30 8.15
C VAL D 100 -41.18 -5.69 8.34
N LEU D 101 -41.84 -6.10 7.25
CA LEU D 101 -43.22 -6.56 7.34
C LEU D 101 -43.32 -7.80 8.22
N LEU D 102 -42.44 -8.76 7.98
CA LEU D 102 -42.44 -10.02 8.73
C LEU D 102 -42.14 -9.80 10.20
N GLU D 103 -41.09 -9.05 10.50
CA GLU D 103 -40.66 -8.85 11.88
C GLU D 103 -41.58 -7.92 12.67
N ASN D 104 -42.28 -7.04 11.98
CA ASN D 104 -43.26 -6.20 12.64
C ASN D 104 -44.46 -7.02 13.08
N GLU D 105 -44.83 -8.01 12.27
CA GLU D 105 -45.92 -8.90 12.62
C GLU D 105 -45.54 -9.74 13.82
N ARG D 106 -44.28 -10.20 13.84
CA ARG D 106 -43.80 -11.02 14.94
C ARG D 106 -43.63 -10.22 16.23
N THR D 107 -43.15 -8.99 16.11
CA THR D 107 -42.95 -8.15 17.28
C THR D 107 -44.27 -7.82 17.98
N LEU D 108 -45.30 -7.53 17.20
CA LEU D 108 -46.62 -7.25 17.75
C LEU D 108 -47.21 -8.50 18.42
N ASP D 109 -46.97 -9.66 17.82
CA ASP D 109 -47.44 -10.92 18.39
C ASP D 109 -46.63 -11.26 19.63
N TYR D 110 -45.40 -10.76 19.68
CA TYR D 110 -44.52 -11.01 20.82
C TYR D 110 -45.03 -10.27 22.06
N HIS D 111 -45.50 -9.04 21.86
CA HIS D 111 -46.07 -8.26 22.94
C HIS D 111 -47.43 -8.82 23.35
N ASP D 112 -48.21 -9.26 22.36
CA ASP D 112 -49.50 -9.88 22.62
C ASP D 112 -49.31 -11.12 23.49
N SER D 113 -48.30 -11.91 23.14
CA SER D 113 -47.97 -13.10 23.90
C SER D 113 -47.62 -12.78 25.34
N ASN D 114 -46.73 -11.81 25.53
CA ASN D 114 -46.30 -11.42 26.89
C ASN D 114 -47.46 -11.02 27.80
N VAL D 115 -48.47 -10.37 27.22
CA VAL D 115 -49.65 -9.97 27.98
C VAL D 115 -50.50 -11.19 28.32
N LYS D 116 -50.81 -12.00 27.30
CA LYS D 116 -51.52 -13.25 27.52
C LYS D 116 -50.87 -14.07 28.64
N ASN D 117 -49.57 -14.28 28.53
CA ASN D 117 -48.82 -15.04 29.53
C ASN D 117 -48.90 -14.42 30.92
N LEU D 118 -48.89 -13.09 30.97
CA LEU D 118 -48.98 -12.37 32.24
C LEU D 118 -50.36 -12.60 32.86
N TYR D 119 -51.38 -12.58 32.01
CA TYR D 119 -52.74 -12.82 32.44
C TYR D 119 -52.90 -14.26 32.94
N GLU D 120 -52.27 -15.19 32.25
CA GLU D 120 -52.38 -16.61 32.61
C GLU D 120 -51.65 -16.95 33.90
N LYS D 121 -50.56 -16.24 34.19
CA LYS D 121 -49.77 -16.51 35.39
C LYS D 121 -50.52 -16.10 36.65
N VAL D 122 -51.43 -15.16 36.49
CA VAL D 122 -52.25 -14.65 37.60
C VAL D 122 -53.53 -15.46 37.73
N ARG D 123 -54.06 -15.91 36.59
CA ARG D 123 -55.30 -16.65 36.58
C ARG D 123 -55.15 -18.04 37.19
N SER D 124 -54.08 -18.73 36.83
CA SER D 124 -53.80 -20.06 37.36
C SER D 124 -53.29 -19.96 38.80
N GLN D 125 -53.42 -18.78 39.39
CA GLN D 125 -52.95 -18.54 40.75
C GLN D 125 -54.11 -18.17 41.67
N LEU D 126 -55.22 -17.73 41.08
CA LEU D 126 -56.40 -17.33 41.84
C LEU D 126 -57.64 -18.09 41.36
N LYS D 127 -57.57 -19.41 41.34
CA LYS D 127 -58.68 -20.22 40.81
C LYS D 127 -60.02 -19.84 41.44
N ASN D 128 -60.17 -20.16 42.72
CA ASN D 128 -61.43 -19.92 43.43
C ASN D 128 -61.45 -18.57 44.14
N ASN D 129 -60.28 -18.08 44.53
CA ASN D 129 -60.18 -16.84 45.30
C ASN D 129 -60.56 -15.59 44.52
N ALA D 130 -60.99 -15.77 43.28
CA ALA D 130 -61.40 -14.65 42.42
C ALA D 130 -62.11 -15.16 41.17
N LYS D 131 -62.76 -14.25 40.44
CA LYS D 131 -63.50 -14.64 39.24
C LYS D 131 -63.08 -13.85 38.00
N GLU D 132 -63.24 -14.48 36.84
CA GLU D 132 -62.93 -13.84 35.56
C GLU D 132 -64.05 -12.89 35.14
N ILE D 133 -63.71 -11.63 34.92
CA ILE D 133 -64.66 -10.68 34.37
C ILE D 133 -64.81 -10.92 32.87
N GLY D 134 -63.66 -10.99 32.19
CA GLY D 134 -63.64 -11.18 30.75
C GLY D 134 -62.92 -10.03 30.07
N ASN D 135 -62.70 -8.96 30.82
CA ASN D 135 -62.01 -7.78 30.31
C ASN D 135 -60.55 -7.80 30.71
N GLY D 136 -60.03 -9.00 30.97
CA GLY D 136 -58.66 -9.15 31.44
C GLY D 136 -58.53 -8.70 32.88
N CYS D 137 -59.67 -8.55 33.55
CA CYS D 137 -59.71 -8.09 34.92
C CYS D 137 -60.25 -9.18 35.85
N PHE D 138 -59.66 -9.33 37.03
CA PHE D 138 -60.10 -10.32 38.00
C PHE D 138 -60.76 -9.65 39.20
N GLU D 139 -61.87 -10.23 39.67
CA GLU D 139 -62.56 -9.72 40.86
C GLU D 139 -62.39 -10.68 42.04
N PHE D 140 -61.69 -10.23 43.07
CA PHE D 140 -61.45 -11.05 44.26
C PHE D 140 -62.74 -11.35 45.02
N TYR D 141 -62.74 -12.48 45.73
CA TYR D 141 -63.82 -12.80 46.67
C TYR D 141 -63.42 -12.53 48.13
N HIS D 142 -62.21 -12.91 48.54
CA HIS D 142 -61.70 -12.38 49.81
C HIS D 142 -61.11 -10.99 49.58
N LYS D 143 -61.09 -10.21 50.65
CA LYS D 143 -60.50 -8.87 50.64
C LYS D 143 -59.01 -8.92 50.38
N CYS D 144 -58.54 -8.08 49.46
CA CYS D 144 -57.12 -8.05 49.11
C CYS D 144 -56.48 -6.68 49.32
N ASP D 145 -55.55 -6.59 50.27
CA ASP D 145 -54.86 -5.35 50.57
C ASP D 145 -53.56 -5.19 49.78
N ASN D 146 -52.79 -4.16 50.11
CA ASN D 146 -51.54 -3.87 49.41
C ASN D 146 -50.53 -5.01 49.50
N THR D 147 -50.33 -5.55 50.69
CA THR D 147 -49.42 -6.67 50.88
C THR D 147 -49.95 -7.92 50.18
N CYS D 148 -51.24 -7.92 49.90
CA CYS D 148 -51.88 -9.03 49.20
C CYS D 148 -51.57 -8.99 47.71
N MET D 149 -51.71 -7.81 47.11
CA MET D 149 -51.41 -7.62 45.70
C MET D 149 -49.97 -8.00 45.41
N GLU D 150 -49.10 -7.77 46.39
CA GLU D 150 -47.68 -8.09 46.27
C GLU D 150 -47.47 -9.55 45.92
N SER D 151 -48.15 -10.43 46.65
CA SER D 151 -47.99 -11.87 46.48
C SER D 151 -48.42 -12.34 45.09
N VAL D 152 -49.16 -11.50 44.38
CA VAL D 152 -49.58 -11.81 43.02
C VAL D 152 -48.52 -11.34 42.02
N LYS D 153 -48.09 -10.09 42.17
CA LYS D 153 -47.05 -9.55 41.30
C LYS D 153 -45.75 -10.32 41.45
N ASN D 154 -45.42 -10.71 42.68
CA ASN D 154 -44.19 -11.43 42.96
C ASN D 154 -44.31 -12.92 42.67
N GLY D 155 -45.53 -13.38 42.42
CA GLY D 155 -45.77 -14.78 42.10
C GLY D 155 -45.74 -15.66 43.33
N THR D 156 -45.51 -15.05 44.48
CA THR D 156 -45.47 -15.76 45.75
C THR D 156 -46.82 -15.65 46.45
N TYR D 157 -47.84 -16.27 45.89
CA TYR D 157 -49.20 -16.15 46.37
C TYR D 157 -49.76 -17.38 47.12
N ASP D 158 -49.89 -17.24 48.43
CA ASP D 158 -50.61 -18.25 49.22
C ASP D 158 -52.07 -18.39 48.79
N TYR D 159 -52.54 -19.63 48.67
CA TYR D 159 -53.92 -19.92 48.24
C TYR D 159 -54.83 -20.55 49.29
N PRO D 160 -54.29 -20.83 50.50
CA PRO D 160 -55.11 -21.34 51.60
C PRO D 160 -55.84 -20.16 52.24
N LYS D 161 -56.60 -19.41 51.44
CA LYS D 161 -57.40 -18.30 51.94
C LYS D 161 -58.74 -18.29 51.22
N TYR D 162 -59.37 -19.46 51.10
CA TYR D 162 -60.67 -19.54 50.44
C TYR D 162 -61.82 -19.14 51.36
N SER D 163 -62.43 -17.99 51.07
CA SER D 163 -63.51 -17.45 51.88
C SER D 163 -64.99 -17.77 51.67
N GLU D 164 -65.58 -17.19 50.63
CA GLU D 164 -67.00 -17.38 50.35
C GLU D 164 -66.95 -18.00 48.95
N ASP E 1 -78.59 -28.83 25.19
CA ASP E 1 -78.28 -27.54 24.58
C ASP E 1 -76.77 -27.32 24.54
N THR E 2 -76.22 -27.12 23.34
CA THR E 2 -74.78 -26.96 23.19
C THR E 2 -74.39 -25.85 22.20
N LEU E 3 -73.16 -25.36 22.33
CA LEU E 3 -72.61 -24.35 21.44
C LEU E 3 -71.16 -24.71 21.13
N CYS E 4 -70.91 -25.23 19.93
CA CYS E 4 -69.57 -25.67 19.56
C CYS E 4 -68.81 -24.60 18.76
N ILE E 5 -67.50 -24.78 18.64
CA ILE E 5 -66.65 -23.87 17.88
C ILE E 5 -65.71 -24.64 16.97
N GLY E 6 -65.64 -24.22 15.71
CA GLY E 6 -64.85 -24.91 14.71
C GLY E 6 -64.43 -24.02 13.56
N TYR E 7 -64.02 -24.62 12.46
CA TYR E 7 -63.48 -23.89 11.32
C TYR E 7 -63.99 -24.41 9.98
N HIS E 8 -63.71 -23.66 8.92
CA HIS E 8 -64.22 -23.96 7.58
C HIS E 8 -63.56 -25.19 6.95
N ALA E 9 -64.23 -25.74 5.94
CA ALA E 9 -63.72 -26.85 5.16
C ALA E 9 -64.49 -26.93 3.84
N ASN E 10 -63.95 -27.65 2.87
CA ASN E 10 -64.59 -27.74 1.57
C ASN E 10 -64.03 -28.83 0.65
N ASN E 11 -64.39 -28.75 -0.63
CA ASN E 11 -63.97 -29.75 -1.61
C ASN E 11 -62.59 -29.46 -2.20
N SER E 12 -61.91 -28.46 -1.65
CA SER E 12 -60.62 -28.02 -2.17
C SER E 12 -59.55 -29.11 -2.06
N THR E 13 -58.73 -29.23 -3.09
CA THR E 13 -57.62 -30.18 -3.08
C THR E 13 -56.29 -29.47 -3.19
N ASP E 14 -56.33 -28.14 -3.18
CA ASP E 14 -55.13 -27.33 -3.28
C ASP E 14 -54.14 -27.70 -2.17
N THR E 15 -52.93 -28.10 -2.57
CA THR E 15 -51.90 -28.44 -1.60
C THR E 15 -50.79 -27.40 -1.59
N VAL E 16 -50.24 -27.16 -0.40
CA VAL E 16 -49.11 -26.24 -0.25
C VAL E 16 -48.04 -26.89 0.60
N ASP E 17 -46.87 -26.26 0.67
CA ASP E 17 -45.79 -26.79 1.49
C ASP E 17 -45.45 -25.84 2.63
N THR E 18 -45.05 -26.40 3.76
CA THR E 18 -44.56 -25.61 4.88
C THR E 18 -43.18 -26.09 5.30
N VAL E 19 -42.50 -25.29 6.11
CA VAL E 19 -41.18 -25.66 6.60
C VAL E 19 -41.25 -26.98 7.37
N LEU E 20 -42.36 -27.22 8.05
CA LEU E 20 -42.51 -28.38 8.92
C LEU E 20 -43.15 -29.58 8.24
N GLU E 21 -44.04 -29.33 7.29
CA GLU E 21 -44.84 -30.40 6.69
C GLU E 21 -45.03 -30.21 5.20
N LYS E 22 -45.02 -31.32 4.46
CA LYS E 22 -45.19 -31.29 3.01
C LYS E 22 -46.50 -31.81 2.43
N ASN E 23 -46.99 -31.11 1.43
CA ASN E 23 -48.23 -31.42 0.76
C ASN E 23 -49.48 -31.37 1.57
N VAL E 24 -49.56 -30.29 2.33
CA VAL E 24 -50.71 -29.97 3.16
C VAL E 24 -51.92 -29.37 2.45
N THR E 25 -53.04 -30.07 2.49
CA THR E 25 -54.26 -29.60 1.82
C THR E 25 -54.85 -28.41 2.54
N VAL E 26 -55.36 -27.46 1.77
CA VAL E 26 -55.75 -26.17 2.30
C VAL E 26 -57.04 -25.70 1.63
N THR E 27 -57.84 -24.89 2.33
CA THR E 27 -59.13 -24.46 1.83
C THR E 27 -59.01 -23.48 0.67
N HIS E 28 -58.06 -22.55 0.80
CA HIS E 28 -57.83 -21.54 -0.23
C HIS E 28 -56.35 -21.24 -0.39
N SER E 29 -55.94 -20.88 -1.61
CA SER E 29 -54.54 -20.60 -1.87
C SER E 29 -54.37 -19.87 -3.20
N VAL E 30 -53.36 -19.00 -3.26
CA VAL E 30 -53.03 -18.28 -4.49
C VAL E 30 -51.68 -18.74 -5.02
N ASN E 31 -51.39 -18.39 -6.26
CA ASN E 31 -50.10 -18.76 -6.87
C ASN E 31 -49.21 -17.53 -7.05
N LEU E 32 -48.02 -17.57 -6.48
CA LEU E 32 -47.07 -16.47 -6.60
C LEU E 32 -46.26 -16.58 -7.88
N LEU E 33 -46.18 -17.79 -8.44
CA LEU E 33 -45.36 -18.04 -9.61
C LEU E 33 -46.16 -17.91 -10.91
N GLU E 34 -45.66 -17.08 -11.82
CA GLU E 34 -46.24 -16.96 -13.14
C GLU E 34 -45.58 -17.95 -14.10
N ASP E 35 -46.38 -18.78 -14.74
CA ASP E 35 -45.84 -19.77 -15.67
C ASP E 35 -46.63 -19.80 -16.97
N LYS E 36 -47.18 -18.65 -17.34
CA LYS E 36 -48.04 -18.55 -18.52
C LYS E 36 -47.75 -17.29 -19.33
N HIS E 37 -47.51 -17.48 -20.63
CA HIS E 37 -47.26 -16.37 -21.53
C HIS E 37 -48.20 -16.44 -22.73
N ASN E 38 -48.33 -15.33 -23.44
CA ASN E 38 -49.30 -15.26 -24.54
C ASN E 38 -48.74 -15.78 -25.88
N GLY E 39 -47.49 -16.19 -25.86
CA GLY E 39 -46.85 -16.73 -27.05
C GLY E 39 -46.79 -15.75 -28.21
N LYS E 40 -46.59 -14.48 -27.88
CA LYS E 40 -46.50 -13.44 -28.90
C LYS E 40 -45.40 -12.45 -28.54
N LEU E 41 -44.82 -11.84 -29.57
CA LEU E 41 -43.89 -10.74 -29.38
C LEU E 41 -44.67 -9.44 -29.50
N CYS E 42 -44.86 -8.74 -28.39
CA CYS E 42 -45.77 -7.60 -28.36
C CYS E 42 -45.01 -6.27 -28.33
N LYS E 43 -45.76 -5.19 -28.11
CA LYS E 43 -45.15 -3.87 -27.97
C LYS E 43 -44.60 -3.74 -26.56
N LEU E 44 -43.44 -3.11 -26.42
CA LEU E 44 -42.79 -3.06 -25.12
C LEU E 44 -43.26 -1.86 -24.27
N ARG E 45 -43.51 -0.74 -24.93
CA ARG E 45 -44.16 0.38 -24.26
C ARG E 45 -45.46 0.79 -24.92
N GLY E 46 -45.35 1.68 -25.89
CA GLY E 46 -46.44 1.98 -26.79
C GLY E 46 -45.95 1.65 -28.18
N VAL E 47 -44.63 1.45 -28.27
CA VAL E 47 -43.92 1.24 -29.52
C VAL E 47 -43.75 -0.25 -29.83
N ALA E 48 -43.90 -0.61 -31.10
CA ALA E 48 -43.72 -2.00 -31.53
C ALA E 48 -42.25 -2.28 -31.83
N PRO E 49 -41.86 -3.57 -31.82
CA PRO E 49 -40.48 -3.95 -32.09
C PRO E 49 -40.16 -3.88 -33.57
N LEU E 50 -38.88 -3.84 -33.91
CA LEU E 50 -38.43 -3.87 -35.30
C LEU E 50 -38.11 -5.29 -35.70
N HIS E 51 -38.95 -5.87 -36.56
CA HIS E 51 -38.73 -7.25 -37.00
C HIS E 51 -37.96 -7.27 -38.32
N LEU E 52 -36.81 -7.94 -38.33
CA LEU E 52 -35.94 -7.95 -39.50
C LEU E 52 -36.26 -9.07 -40.47
N GLY E 53 -37.13 -9.99 -40.06
CA GLY E 53 -37.52 -11.09 -40.92
C GLY E 53 -36.39 -12.02 -41.30
N LYS E 54 -36.11 -12.11 -42.60
CA LYS E 54 -35.11 -13.03 -43.11
C LYS E 54 -33.69 -12.45 -43.00
N CYS E 55 -33.58 -11.23 -42.51
CA CYS E 55 -32.28 -10.56 -42.40
C CYS E 55 -31.87 -10.36 -40.95
N ASN E 56 -30.57 -10.17 -40.74
CA ASN E 56 -30.05 -9.77 -39.44
C ASN E 56 -29.64 -8.31 -39.46
N ILE E 57 -29.20 -7.79 -38.32
CA ILE E 57 -28.87 -6.36 -38.22
C ILE E 57 -27.93 -5.89 -39.33
N ALA E 58 -26.82 -6.59 -39.50
CA ALA E 58 -25.82 -6.22 -40.50
C ALA E 58 -26.43 -6.00 -41.88
N GLY E 59 -27.12 -7.01 -42.39
CA GLY E 59 -27.75 -6.93 -43.69
C GLY E 59 -28.78 -5.84 -43.78
N TRP E 60 -29.32 -5.45 -42.63
CA TRP E 60 -30.36 -4.41 -42.57
C TRP E 60 -29.82 -3.00 -42.78
N ILE E 61 -28.77 -2.63 -42.03
CA ILE E 61 -28.22 -1.28 -42.10
C ILE E 61 -27.34 -1.06 -43.32
N LEU E 62 -26.63 -2.11 -43.73
CA LEU E 62 -25.77 -2.03 -44.91
C LEU E 62 -26.59 -1.90 -46.18
N GLY E 63 -27.77 -2.52 -46.17
CA GLY E 63 -28.68 -2.44 -47.29
C GLY E 63 -28.61 -3.63 -48.22
N ASN E 64 -28.41 -4.81 -47.63
CA ASN E 64 -28.42 -6.04 -48.41
C ASN E 64 -29.64 -6.10 -49.32
N PRO E 65 -29.43 -6.49 -50.58
CA PRO E 65 -30.51 -6.50 -51.59
C PRO E 65 -31.74 -7.29 -51.15
N GLU E 66 -31.56 -8.26 -50.26
CA GLU E 66 -32.67 -9.08 -49.79
C GLU E 66 -33.46 -8.42 -48.67
N CYS E 67 -32.89 -7.38 -48.08
CA CYS E 67 -33.52 -6.66 -46.98
C CYS E 67 -34.18 -5.37 -47.45
N GLU E 68 -34.99 -5.47 -48.51
CA GLU E 68 -35.66 -4.32 -49.08
C GLU E 68 -37.05 -4.08 -48.50
N SER E 69 -37.65 -5.13 -47.96
CA SER E 69 -39.10 -5.16 -47.72
C SER E 69 -39.43 -4.85 -46.26
N LEU E 70 -38.55 -4.04 -45.65
CA LEU E 70 -38.30 -4.07 -44.20
C LEU E 70 -38.48 -2.75 -43.42
N SER E 71 -37.51 -1.84 -43.54
CA SER E 71 -37.39 -0.76 -42.56
C SER E 71 -37.46 0.70 -43.02
N THR E 72 -38.58 1.33 -42.72
CA THR E 72 -38.63 2.75 -42.41
C THR E 72 -39.58 2.94 -41.22
N ALA E 73 -39.20 2.38 -40.07
CA ALA E 73 -39.93 2.60 -38.83
C ALA E 73 -39.25 3.75 -38.10
N SER E 74 -40.04 4.71 -37.64
CA SER E 74 -39.50 5.89 -37.00
C SER E 74 -38.87 5.55 -35.65
N SER E 75 -39.25 4.41 -35.09
CA SER E 75 -38.77 4.03 -33.77
C SER E 75 -39.16 2.59 -33.41
N TRP E 76 -38.46 2.02 -32.44
CA TRP E 76 -38.77 0.68 -31.96
C TRP E 76 -38.28 0.48 -30.52
N SER E 77 -38.99 -0.37 -29.79
CA SER E 77 -38.66 -0.64 -28.39
C SER E 77 -37.59 -1.70 -28.26
N TYR E 78 -37.54 -2.60 -29.24
CA TYR E 78 -36.51 -3.63 -29.30
C TYR E 78 -36.49 -4.25 -30.69
N ILE E 79 -35.49 -5.10 -30.94
CA ILE E 79 -35.32 -5.69 -32.27
C ILE E 79 -35.48 -7.21 -32.26
N VAL E 80 -36.33 -7.71 -33.15
CA VAL E 80 -36.55 -9.14 -33.27
C VAL E 80 -35.83 -9.68 -34.50
N GLU E 81 -35.24 -10.86 -34.35
CA GLU E 81 -34.39 -11.43 -35.38
C GLU E 81 -34.53 -12.94 -35.36
N THR E 82 -35.07 -13.51 -36.44
CA THR E 82 -35.31 -14.95 -36.51
C THR E 82 -34.01 -15.74 -36.54
N PRO E 83 -33.99 -16.90 -35.88
CA PRO E 83 -32.83 -17.79 -35.86
C PRO E 83 -32.47 -18.27 -37.27
N SER E 84 -33.38 -18.07 -38.21
CA SER E 84 -33.21 -18.56 -39.58
C SER E 84 -32.81 -17.45 -40.55
N SER E 85 -32.38 -16.31 -39.99
CA SER E 85 -32.01 -15.16 -40.82
C SER E 85 -30.51 -15.09 -41.03
N ASP E 86 -30.08 -15.34 -42.27
CA ASP E 86 -28.65 -15.40 -42.58
C ASP E 86 -28.19 -14.24 -43.47
N ASN E 87 -29.15 -13.51 -44.04
CA ASN E 87 -28.82 -12.41 -44.94
C ASN E 87 -28.23 -11.20 -44.23
N GLY E 88 -26.90 -11.17 -44.14
CA GLY E 88 -26.20 -10.05 -43.55
C GLY E 88 -25.13 -9.52 -44.49
N THR E 89 -23.88 -9.56 -44.06
CA THR E 89 -22.77 -9.13 -44.91
C THR E 89 -22.50 -10.17 -45.99
N CYS E 90 -23.14 -9.98 -47.15
CA CYS E 90 -23.02 -10.93 -48.25
C CYS E 90 -21.61 -10.97 -48.85
N TYR E 91 -20.91 -9.85 -48.84
CA TYR E 91 -19.52 -9.85 -49.25
C TYR E 91 -18.60 -10.13 -48.06
N PRO E 92 -17.94 -11.29 -48.06
CA PRO E 92 -17.13 -11.79 -46.94
C PRO E 92 -16.24 -10.71 -46.36
N GLY E 93 -16.30 -10.52 -45.04
CA GLY E 93 -15.50 -9.52 -44.39
C GLY E 93 -15.76 -9.46 -42.90
N ASP E 94 -15.17 -8.48 -42.24
CA ASP E 94 -15.30 -8.32 -40.80
C ASP E 94 -16.07 -7.04 -40.47
N PHE E 95 -17.11 -7.18 -39.66
CA PHE E 95 -17.89 -6.03 -39.21
C PHE E 95 -17.35 -5.54 -37.88
N ILE E 96 -16.59 -4.46 -37.91
CA ILE E 96 -15.90 -3.97 -36.72
C ILE E 96 -16.88 -3.45 -35.67
N ASP E 97 -16.70 -3.90 -34.43
CA ASP E 97 -17.58 -3.50 -33.33
C ASP E 97 -19.04 -3.78 -33.67
N TYR E 98 -19.28 -4.92 -34.31
CA TYR E 98 -20.62 -5.28 -34.75
C TYR E 98 -21.57 -5.44 -33.57
N GLU E 99 -21.17 -6.22 -32.58
CA GLU E 99 -22.02 -6.44 -31.41
C GLU E 99 -22.36 -5.12 -30.74
N GLU E 100 -21.38 -4.23 -30.67
CA GLU E 100 -21.59 -2.92 -30.07
C GLU E 100 -22.61 -2.09 -30.85
N LEU E 101 -22.58 -2.18 -32.17
CA LEU E 101 -23.51 -1.45 -33.00
C LEU E 101 -24.93 -1.95 -32.77
N ARG E 102 -25.08 -3.26 -32.68
CA ARG E 102 -26.37 -3.87 -32.41
C ARG E 102 -26.97 -3.35 -31.12
N GLU E 103 -26.15 -3.32 -30.07
CA GLU E 103 -26.61 -2.86 -28.76
C GLU E 103 -27.11 -1.43 -28.78
N GLN E 104 -26.48 -0.60 -29.61
CA GLN E 104 -26.82 0.82 -29.70
C GLN E 104 -28.00 1.06 -30.65
N LEU E 105 -28.34 0.04 -31.44
CA LEU E 105 -29.47 0.13 -32.36
C LEU E 105 -30.68 -0.59 -31.78
N SER E 106 -30.46 -1.35 -30.72
CA SER E 106 -31.50 -2.18 -30.13
C SER E 106 -32.78 -1.39 -29.87
N SER E 107 -32.64 -0.14 -29.45
CA SER E 107 -33.80 0.70 -29.24
C SER E 107 -33.52 2.14 -29.65
N VAL E 108 -34.38 2.68 -30.52
CA VAL E 108 -34.26 4.06 -30.93
C VAL E 108 -35.57 4.83 -30.83
N SER E 109 -35.44 6.13 -30.61
CA SER E 109 -36.60 6.99 -30.42
C SER E 109 -37.01 7.66 -31.73
N SER E 110 -36.02 7.97 -32.57
CA SER E 110 -36.28 8.47 -33.92
C SER E 110 -35.21 7.94 -34.86
N PHE E 111 -35.60 7.60 -36.08
CA PHE E 111 -34.70 6.93 -37.01
C PHE E 111 -35.09 7.18 -38.46
N GLU E 112 -34.50 8.19 -39.07
CA GLU E 112 -34.74 8.47 -40.48
C GLU E 112 -33.49 8.22 -41.32
N ARG E 113 -33.68 7.54 -42.44
CA ARG E 113 -32.59 7.23 -43.35
C ARG E 113 -32.55 8.22 -44.50
N PHE E 114 -31.46 8.97 -44.61
CA PHE E 114 -31.31 9.96 -45.66
C PHE E 114 -30.09 9.70 -46.53
N GLU E 115 -30.09 10.22 -47.74
CA GLU E 115 -28.95 10.06 -48.64
C GLU E 115 -27.86 11.06 -48.31
N ILE E 116 -26.79 10.58 -47.68
CA ILE E 116 -25.71 11.44 -47.21
C ILE E 116 -24.84 11.92 -48.36
N PHE E 117 -24.51 11.01 -49.27
CA PHE E 117 -23.74 11.34 -50.47
C PHE E 117 -24.47 10.85 -51.70
N PRO E 118 -25.32 11.71 -52.30
CA PRO E 118 -26.07 11.36 -53.51
C PRO E 118 -25.16 10.78 -54.58
N LYS E 119 -25.57 9.68 -55.20
CA LYS E 119 -24.71 8.93 -56.12
C LYS E 119 -24.36 9.70 -57.39
N THR E 120 -25.26 10.57 -57.83
CA THR E 120 -25.10 11.24 -59.11
C THR E 120 -24.15 12.44 -59.05
N SER E 121 -24.19 13.15 -57.94
CA SER E 121 -23.48 14.42 -57.84
C SER E 121 -22.20 14.36 -57.01
N SER E 122 -22.03 13.30 -56.23
CA SER E 122 -20.93 13.22 -55.29
C SER E 122 -19.62 12.67 -55.88
N TRP E 123 -19.74 11.76 -56.84
CA TRP E 123 -18.55 11.10 -57.37
C TRP E 123 -18.40 11.26 -58.88
N PRO E 124 -17.96 12.45 -59.31
CA PRO E 124 -17.79 12.79 -60.73
C PRO E 124 -16.51 12.21 -61.32
N ASN E 125 -15.52 11.95 -60.46
CA ASN E 125 -14.21 11.50 -60.91
C ASN E 125 -14.01 10.00 -60.77
N HIS E 126 -15.06 9.31 -60.32
CA HIS E 126 -14.98 7.87 -60.13
C HIS E 126 -16.24 7.19 -60.66
N ASP E 127 -16.15 5.87 -60.88
CA ASP E 127 -17.28 5.13 -61.41
C ASP E 127 -18.12 4.54 -60.27
N SER E 128 -19.39 4.92 -60.22
CA SER E 128 -20.29 4.44 -59.18
C SER E 128 -21.36 3.52 -59.72
N ASN E 129 -21.03 2.78 -60.79
CA ASN E 129 -22.00 1.89 -61.41
C ASN E 129 -21.50 0.47 -61.62
N LYS E 130 -20.19 0.28 -61.50
CA LYS E 130 -19.60 -1.04 -61.74
C LYS E 130 -19.41 -1.82 -60.43
N GLY E 131 -19.67 -1.15 -59.30
CA GLY E 131 -19.45 -1.74 -58.00
C GLY E 131 -20.50 -2.77 -57.61
N VAL E 132 -20.49 -3.92 -58.28
CA VAL E 132 -21.39 -5.01 -57.95
C VAL E 132 -20.64 -6.33 -57.85
N THR E 133 -21.29 -7.34 -57.28
CA THR E 133 -20.64 -8.62 -57.04
C THR E 133 -21.63 -9.78 -57.09
N ALA E 134 -21.12 -10.97 -57.37
CA ALA E 134 -21.95 -12.17 -57.39
C ALA E 134 -22.29 -12.61 -55.98
N ALA E 135 -21.53 -12.10 -55.01
CA ALA E 135 -21.77 -12.42 -53.61
C ALA E 135 -23.06 -11.79 -53.09
N CYS E 136 -23.51 -10.73 -53.76
CA CYS E 136 -24.71 -10.01 -53.37
C CYS E 136 -25.74 -10.01 -54.49
N PRO E 137 -26.35 -11.16 -54.76
CA PRO E 137 -27.28 -11.33 -55.88
C PRO E 137 -28.64 -10.70 -55.63
N HIS E 138 -29.14 -9.97 -56.62
CA HIS E 138 -30.53 -9.51 -56.62
C HIS E 138 -31.19 -9.98 -57.89
N ALA E 139 -31.90 -11.10 -57.81
CA ALA E 139 -32.54 -11.72 -58.96
C ALA E 139 -31.53 -12.29 -59.94
N GLY E 140 -30.63 -13.14 -59.43
CA GLY E 140 -29.64 -13.82 -60.26
C GLY E 140 -28.59 -12.89 -60.82
N ALA E 141 -28.88 -11.60 -60.86
CA ALA E 141 -27.96 -10.61 -61.38
C ALA E 141 -27.06 -10.08 -60.27
N LYS E 142 -25.87 -9.63 -60.64
CA LYS E 142 -24.90 -9.11 -59.68
C LYS E 142 -25.34 -7.76 -59.12
N SER E 143 -25.40 -7.66 -57.81
CA SER E 143 -25.80 -6.41 -57.16
C SER E 143 -24.86 -6.06 -56.00
N PHE E 144 -25.32 -5.19 -55.11
CA PHE E 144 -24.51 -4.75 -53.98
C PHE E 144 -25.40 -4.10 -52.93
N TYR E 145 -24.79 -3.66 -51.83
CA TYR E 145 -25.53 -2.99 -50.77
C TYR E 145 -26.18 -1.72 -51.27
N LYS E 146 -27.36 -1.41 -50.75
CA LYS E 146 -28.12 -0.23 -51.17
C LYS E 146 -27.61 1.03 -50.48
N ASN E 147 -27.09 0.89 -49.27
CA ASN E 147 -26.65 2.03 -48.48
C ASN E 147 -25.16 2.33 -48.64
N LEU E 148 -24.48 1.53 -49.44
CA LEU E 148 -23.07 1.75 -49.76
C LEU E 148 -22.85 1.78 -51.27
N ILE E 149 -21.80 2.47 -51.70
CA ILE E 149 -21.41 2.47 -53.11
C ILE E 149 -19.96 2.05 -53.27
N TRP E 150 -19.73 1.05 -54.11
CA TRP E 150 -18.39 0.54 -54.35
C TRP E 150 -17.71 1.31 -55.49
N LEU E 151 -17.01 2.39 -55.16
CA LEU E 151 -16.33 3.19 -56.17
C LEU E 151 -15.12 2.49 -56.76
N VAL E 152 -15.08 2.44 -58.09
CA VAL E 152 -13.91 1.92 -58.81
C VAL E 152 -13.34 3.00 -59.72
N LYS E 153 -12.19 2.72 -60.32
CA LYS E 153 -11.52 3.69 -61.18
C LYS E 153 -12.36 4.04 -62.41
N LYS E 154 -12.32 5.31 -62.79
CA LYS E 154 -13.03 5.77 -63.97
C LYS E 154 -12.12 5.73 -65.18
N GLY E 155 -12.08 4.57 -65.84
CA GLY E 155 -11.22 4.38 -66.99
C GLY E 155 -9.71 4.57 -66.92
N ASN E 156 -9.08 3.87 -65.99
CA ASN E 156 -7.62 3.88 -65.87
C ASN E 156 -7.23 5.10 -65.04
N SER E 157 -8.17 5.61 -64.23
CA SER E 157 -7.88 6.77 -63.40
C SER E 157 -8.63 6.75 -62.07
N TYR E 158 -7.89 6.83 -60.98
CA TYR E 158 -8.48 6.95 -59.66
C TYR E 158 -7.80 8.09 -58.90
N PRO E 159 -8.37 9.30 -59.02
CA PRO E 159 -7.85 10.50 -58.36
C PRO E 159 -8.14 10.48 -56.87
N LYS E 160 -7.28 11.11 -56.07
CA LYS E 160 -7.55 11.23 -54.65
C LYS E 160 -8.92 11.87 -54.46
N LEU E 161 -9.85 11.10 -53.90
CA LEU E 161 -11.19 11.61 -53.63
C LEU E 161 -11.22 12.19 -52.22
N SER E 162 -12.03 13.22 -52.02
CA SER E 162 -12.11 13.88 -50.72
C SER E 162 -13.46 14.55 -50.50
N LYS E 163 -14.43 13.75 -50.05
CA LYS E 163 -15.76 14.25 -49.74
C LYS E 163 -15.91 14.37 -48.23
N SER E 164 -16.87 15.18 -47.80
CA SER E 164 -17.13 15.31 -46.37
C SER E 164 -18.59 15.73 -46.12
N TYR E 165 -19.15 15.25 -45.01
CA TYR E 165 -20.52 15.57 -44.65
C TYR E 165 -20.55 16.27 -43.29
N ILE E 166 -21.38 17.29 -43.17
CA ILE E 166 -21.53 17.98 -41.91
C ILE E 166 -22.95 17.75 -41.35
N ASN E 167 -23.01 17.28 -40.11
CA ASN E 167 -24.27 16.89 -39.49
C ASN E 167 -25.18 18.08 -39.17
N ASP E 168 -26.12 18.36 -40.07
CA ASP E 168 -27.06 19.45 -39.86
C ASP E 168 -28.35 18.95 -39.25
N LYS E 169 -28.44 17.64 -39.03
CA LYS E 169 -29.58 17.05 -38.34
C LYS E 169 -29.52 17.46 -36.87
N GLY E 170 -30.59 17.17 -36.13
CA GLY E 170 -30.64 17.55 -34.72
C GLY E 170 -30.44 16.36 -33.84
N LYS E 171 -29.55 15.47 -34.27
CA LYS E 171 -29.35 14.20 -33.61
C LYS E 171 -28.12 13.52 -34.16
N GLU E 172 -27.68 12.45 -33.51
CA GLU E 172 -26.54 11.69 -33.98
C GLU E 172 -26.81 11.12 -35.38
N VAL E 173 -25.76 11.02 -36.18
CA VAL E 173 -25.89 10.42 -37.50
C VAL E 173 -25.00 9.19 -37.61
N LEU E 174 -25.61 8.03 -37.79
CA LEU E 174 -24.86 6.79 -38.00
C LEU E 174 -24.35 6.71 -39.43
N VAL E 175 -23.02 6.69 -39.58
CA VAL E 175 -22.42 6.61 -40.90
C VAL E 175 -21.67 5.29 -41.04
N LEU E 176 -22.02 4.52 -42.06
CA LEU E 176 -21.33 3.26 -42.32
C LEU E 176 -20.54 3.33 -43.62
N TRP E 177 -19.39 2.67 -43.65
CA TRP E 177 -18.57 2.60 -44.85
C TRP E 177 -17.80 1.28 -44.90
N GLY E 178 -17.13 1.03 -46.02
CA GLY E 178 -16.40 -0.21 -46.21
C GLY E 178 -15.02 -0.01 -46.79
N ILE E 179 -14.12 -0.91 -46.43
CA ILE E 179 -12.77 -0.92 -46.99
C ILE E 179 -12.56 -2.25 -47.71
N HIS E 180 -12.28 -2.18 -49.01
CA HIS E 180 -12.15 -3.41 -49.80
C HIS E 180 -10.69 -3.87 -49.92
N HIS E 181 -10.47 -5.15 -49.68
CA HIS E 181 -9.15 -5.74 -49.80
C HIS E 181 -9.15 -6.76 -50.93
N PRO E 182 -8.58 -6.39 -52.09
CA PRO E 182 -8.51 -7.30 -53.24
C PRO E 182 -7.67 -8.52 -52.94
N SER E 183 -7.90 -9.59 -53.70
CA SER E 183 -7.18 -10.85 -53.49
C SER E 183 -5.77 -10.81 -54.09
N THR E 184 -5.65 -10.18 -55.25
CA THR E 184 -4.37 -10.11 -55.95
C THR E 184 -4.00 -8.69 -56.36
N SER E 185 -2.70 -8.41 -56.41
CA SER E 185 -2.21 -7.09 -56.82
C SER E 185 -2.69 -6.76 -58.23
N ALA E 186 -3.07 -7.79 -58.98
CA ALA E 186 -3.65 -7.61 -60.31
C ALA E 186 -5.04 -6.99 -60.20
N ASP E 187 -5.85 -7.52 -59.29
CA ASP E 187 -7.19 -6.99 -59.05
C ASP E 187 -7.12 -5.57 -58.48
N GLN E 188 -6.09 -5.31 -57.68
CA GLN E 188 -5.90 -4.01 -57.08
C GLN E 188 -5.85 -2.92 -58.14
N GLN E 189 -4.94 -3.07 -59.09
CA GLN E 189 -4.77 -2.08 -60.15
C GLN E 189 -5.94 -2.11 -61.14
N SER E 190 -6.50 -3.29 -61.35
CA SER E 190 -7.66 -3.42 -62.23
C SER E 190 -8.86 -2.66 -61.66
N LEU E 191 -8.86 -2.47 -60.34
CA LEU E 191 -9.97 -1.83 -59.66
C LEU E 191 -9.72 -0.36 -59.34
N TYR E 192 -8.48 -0.02 -58.97
CA TYR E 192 -8.17 1.33 -58.54
C TYR E 192 -7.08 1.96 -59.40
N GLN E 193 -6.18 1.15 -59.94
CA GLN E 193 -5.13 1.62 -60.85
C GLN E 193 -3.86 2.16 -60.17
N ASN E 194 -3.86 2.21 -58.84
CA ASN E 194 -2.73 2.71 -58.06
C ASN E 194 -2.49 1.43 -57.25
N ALA E 195 -1.23 1.05 -57.12
CA ALA E 195 -0.88 -0.19 -56.42
C ALA E 195 -0.81 -0.01 -54.91
N ASP E 196 -0.34 1.15 -54.49
CA ASP E 196 -0.26 1.45 -53.06
C ASP E 196 -1.25 2.55 -52.70
N THR E 197 -2.35 2.16 -52.06
CA THR E 197 -3.42 3.10 -51.74
C THR E 197 -3.66 3.19 -50.24
N TYR E 198 -4.45 4.18 -49.85
CA TYR E 198 -4.83 4.35 -48.45
C TYR E 198 -6.21 4.98 -48.38
N VAL E 199 -6.91 4.74 -47.28
CA VAL E 199 -8.15 5.46 -47.02
C VAL E 199 -8.21 6.01 -45.61
N PHE E 200 -8.67 7.26 -45.51
CA PHE E 200 -8.75 7.92 -44.22
C PHE E 200 -10.15 8.44 -43.93
N VAL E 201 -10.68 8.07 -42.77
CA VAL E 201 -11.96 8.58 -42.31
C VAL E 201 -11.74 9.36 -41.02
N GLY E 202 -12.35 10.54 -40.91
CA GLY E 202 -12.14 11.37 -39.74
C GLY E 202 -13.27 12.31 -39.39
N SER E 203 -13.56 12.42 -38.10
CA SER E 203 -14.48 13.42 -37.59
C SER E 203 -13.79 14.19 -36.47
N SER E 204 -14.58 14.75 -35.56
CA SER E 204 -14.01 15.43 -34.41
C SER E 204 -13.52 14.42 -33.36
N ARG E 205 -13.99 13.18 -33.48
CA ARG E 205 -13.65 12.14 -32.51
C ARG E 205 -13.01 10.93 -33.18
N TYR E 206 -13.49 10.57 -34.36
CA TYR E 206 -12.98 9.40 -35.07
C TYR E 206 -11.81 9.78 -35.98
N SER E 207 -10.87 8.85 -36.15
CA SER E 207 -9.72 9.07 -37.00
C SER E 207 -9.09 7.69 -37.17
N LYS E 208 -8.79 7.32 -38.40
CA LYS E 208 -8.10 6.06 -38.66
C LYS E 208 -7.70 6.02 -40.14
N LYS E 209 -6.50 5.53 -40.40
CA LYS E 209 -5.99 5.41 -41.76
C LYS E 209 -5.87 3.94 -42.14
N PHE E 210 -6.68 3.51 -43.12
CA PHE E 210 -6.74 2.13 -43.52
C PHE E 210 -5.76 1.82 -44.66
N LYS E 211 -5.08 0.68 -44.55
CA LYS E 211 -4.19 0.22 -45.60
C LYS E 211 -4.67 -1.13 -46.12
N PRO E 212 -5.04 -1.19 -47.40
CA PRO E 212 -5.52 -2.42 -48.03
C PRO E 212 -4.55 -3.58 -47.86
N GLU E 213 -5.05 -4.70 -47.37
CA GLU E 213 -4.22 -5.88 -47.18
C GLU E 213 -4.48 -6.89 -48.30
N ILE E 214 -3.62 -6.87 -49.31
CA ILE E 214 -3.80 -7.70 -50.50
C ILE E 214 -3.22 -9.10 -50.36
N ALA E 215 -4.10 -10.10 -50.40
CA ALA E 215 -3.69 -11.50 -50.29
C ALA E 215 -4.84 -12.42 -50.65
N ILE E 216 -4.54 -13.69 -50.88
CA ILE E 216 -5.56 -14.67 -51.22
C ILE E 216 -6.18 -15.30 -49.97
N ARG E 217 -7.45 -15.00 -49.71
CA ARG E 217 -8.19 -15.65 -48.64
C ARG E 217 -8.93 -16.85 -49.19
N PRO E 218 -9.23 -17.84 -48.32
CA PRO E 218 -10.06 -18.96 -48.75
C PRO E 218 -11.38 -18.45 -49.30
N LYS E 219 -11.96 -19.16 -50.26
CA LYS E 219 -13.17 -18.69 -50.91
C LYS E 219 -14.40 -18.70 -50.00
N VAL E 220 -15.06 -17.55 -49.90
CA VAL E 220 -16.36 -17.46 -49.26
C VAL E 220 -17.30 -16.75 -50.23
N ARG E 221 -18.35 -17.44 -50.66
CA ARG E 221 -19.29 -16.87 -51.61
C ARG E 221 -18.57 -16.40 -52.88
N GLU E 222 -17.70 -17.26 -53.40
CA GLU E 222 -16.94 -17.00 -54.62
C GLU E 222 -15.85 -15.93 -54.47
N GLN E 223 -15.70 -15.40 -53.26
CA GLN E 223 -14.78 -14.29 -53.05
C GLN E 223 -13.48 -14.69 -52.36
N GLU E 224 -12.36 -14.41 -53.01
CA GLU E 224 -11.06 -14.61 -52.40
C GLU E 224 -10.59 -13.31 -51.78
N GLY E 225 -11.35 -12.25 -52.03
CA GLY E 225 -11.08 -10.95 -51.43
C GLY E 225 -11.95 -10.75 -50.21
N ARG E 226 -11.68 -9.69 -49.46
CA ARG E 226 -12.44 -9.39 -48.26
C ARG E 226 -12.86 -7.94 -48.24
N MET E 227 -13.93 -7.63 -47.52
CA MET E 227 -14.43 -6.27 -47.40
C MET E 227 -14.86 -5.99 -45.96
N ASN E 228 -14.05 -5.20 -45.26
CA ASN E 228 -14.36 -4.87 -43.87
C ASN E 228 -15.31 -3.70 -43.74
N TYR E 229 -16.16 -3.74 -42.72
CA TYR E 229 -17.18 -2.72 -42.54
C TYR E 229 -16.97 -1.92 -41.25
N TYR E 230 -17.05 -0.60 -41.37
CA TYR E 230 -16.80 0.29 -40.24
C TYR E 230 -17.97 1.25 -40.06
N TRP E 231 -18.16 1.72 -38.83
CA TRP E 231 -19.24 2.67 -38.54
C TRP E 231 -18.84 3.64 -37.44
N THR E 232 -19.52 4.78 -37.40
CA THR E 232 -19.27 5.78 -36.36
C THR E 232 -20.48 6.69 -36.19
N LEU E 233 -20.62 7.26 -35.00
CA LEU E 233 -21.70 8.20 -34.72
C LEU E 233 -21.18 9.64 -34.77
N VAL E 234 -21.73 10.43 -35.69
CA VAL E 234 -21.33 11.81 -35.87
C VAL E 234 -22.20 12.76 -35.05
N GLU E 235 -21.59 13.49 -34.12
CA GLU E 235 -22.31 14.43 -33.27
C GLU E 235 -22.95 15.55 -34.09
N PRO E 236 -24.06 16.11 -33.59
CA PRO E 236 -24.73 17.23 -34.25
C PRO E 236 -23.81 18.44 -34.38
N GLY E 237 -23.64 18.95 -35.60
CA GLY E 237 -22.77 20.09 -35.84
C GLY E 237 -21.38 19.68 -36.29
N ASP E 238 -21.00 18.46 -35.92
CA ASP E 238 -19.69 17.93 -36.31
C ASP E 238 -19.73 17.48 -37.76
N LYS E 239 -18.57 17.31 -38.36
CA LYS E 239 -18.50 16.82 -39.75
C LYS E 239 -17.55 15.63 -39.85
N ILE E 240 -17.86 14.72 -40.76
CA ILE E 240 -17.02 13.57 -41.03
C ILE E 240 -16.40 13.68 -42.43
N THR E 241 -15.10 13.41 -42.52
CA THR E 241 -14.37 13.57 -43.78
C THR E 241 -13.85 12.24 -44.32
N PHE E 242 -14.14 11.99 -45.60
CA PHE E 242 -13.61 10.81 -46.29
C PHE E 242 -12.53 11.21 -47.29
N GLU E 243 -11.44 10.44 -47.31
CA GLU E 243 -10.33 10.69 -48.21
C GLU E 243 -9.72 9.36 -48.60
N ALA E 244 -9.55 9.12 -49.91
CA ALA E 244 -9.04 7.83 -50.36
C ALA E 244 -8.43 7.90 -51.75
N THR E 245 -7.48 7.00 -51.98
CA THR E 245 -6.88 6.84 -53.30
C THR E 245 -7.26 5.47 -53.84
N GLY E 246 -8.33 4.91 -53.29
CA GLY E 246 -8.84 3.62 -53.71
C GLY E 246 -9.34 2.77 -52.56
N ASN E 247 -9.98 1.66 -52.89
CA ASN E 247 -10.39 0.66 -51.91
C ASN E 247 -11.46 1.13 -50.93
N LEU E 248 -12.03 2.30 -51.17
CA LEU E 248 -13.06 2.84 -50.28
C LEU E 248 -14.48 2.57 -50.79
N VAL E 249 -15.25 1.86 -49.98
CA VAL E 249 -16.67 1.67 -50.24
C VAL E 249 -17.43 2.79 -49.52
N VAL E 250 -17.72 3.85 -50.26
CA VAL E 250 -18.31 5.06 -49.67
C VAL E 250 -19.75 4.90 -49.22
N PRO E 251 -20.17 5.73 -48.25
CA PRO E 251 -21.56 5.79 -47.79
C PRO E 251 -22.47 6.45 -48.81
N ARG E 252 -23.63 5.87 -49.06
CA ARG E 252 -24.64 6.48 -49.92
C ARG E 252 -25.79 6.95 -49.06
N TYR E 253 -26.20 6.12 -48.11
CA TYR E 253 -27.24 6.48 -47.16
C TYR E 253 -26.71 6.44 -45.72
N ALA E 254 -27.17 7.38 -44.91
CA ALA E 254 -26.82 7.40 -43.50
C ALA E 254 -28.12 7.31 -42.69
N PHE E 255 -28.04 7.59 -41.39
CA PHE E 255 -29.21 7.49 -40.53
C PHE E 255 -29.20 8.54 -39.42
N ALA E 256 -30.17 9.46 -39.48
CA ALA E 256 -30.40 10.38 -38.39
C ALA E 256 -31.09 9.60 -37.27
N MET E 257 -30.55 9.70 -36.06
CA MET E 257 -30.91 8.74 -35.02
C MET E 257 -30.87 9.33 -33.62
N GLU E 258 -31.87 8.98 -32.82
CA GLU E 258 -31.88 9.32 -31.40
C GLU E 258 -32.13 8.07 -30.57
N ARG E 259 -31.11 7.63 -29.85
CA ARG E 259 -31.18 6.37 -29.13
C ARG E 259 -31.53 6.53 -27.66
N ASN E 260 -32.37 5.64 -27.16
CA ASN E 260 -32.67 5.58 -25.74
C ASN E 260 -32.19 4.26 -25.13
N ALA E 261 -31.06 4.33 -24.43
CA ALA E 261 -30.40 3.14 -23.91
C ALA E 261 -31.30 2.28 -23.04
N GLY E 262 -30.94 1.01 -22.89
CA GLY E 262 -31.63 0.12 -21.98
C GLY E 262 -32.55 -0.90 -22.61
N SER E 263 -32.18 -1.41 -23.77
CA SER E 263 -32.97 -2.46 -24.42
C SER E 263 -32.10 -3.57 -24.96
N GLY E 264 -32.72 -4.53 -25.64
CA GLY E 264 -32.00 -5.69 -26.15
C GLY E 264 -32.48 -6.18 -27.50
N ILE E 265 -32.06 -7.40 -27.85
CA ILE E 265 -32.39 -7.98 -29.14
C ILE E 265 -32.86 -9.41 -28.97
N ILE E 266 -34.07 -9.70 -29.44
CA ILE E 266 -34.63 -11.04 -29.31
C ILE E 266 -34.48 -11.87 -30.58
N ILE E 267 -33.94 -13.08 -30.42
CA ILE E 267 -33.85 -14.02 -31.53
C ILE E 267 -34.87 -15.13 -31.36
N SER E 268 -35.98 -15.07 -32.11
CA SER E 268 -37.08 -15.99 -31.93
C SER E 268 -37.98 -16.13 -33.16
N ASP E 269 -38.60 -17.29 -33.31
CA ASP E 269 -39.57 -17.54 -34.37
C ASP E 269 -40.97 -17.06 -33.97
N THR E 270 -41.10 -16.62 -32.72
CA THR E 270 -42.39 -16.22 -32.20
C THR E 270 -42.98 -15.06 -32.99
N PRO E 271 -44.25 -15.20 -33.43
CA PRO E 271 -44.94 -14.19 -34.23
C PRO E 271 -45.02 -12.83 -33.52
N VAL E 272 -44.94 -11.76 -34.29
CA VAL E 272 -45.12 -10.42 -33.75
C VAL E 272 -46.59 -10.02 -33.85
N HIS E 273 -47.10 -9.37 -32.81
CA HIS E 273 -48.52 -9.02 -32.76
C HIS E 273 -48.78 -7.60 -32.30
N ASP E 274 -50.03 -7.16 -32.48
CA ASP E 274 -50.45 -5.83 -32.05
C ASP E 274 -51.03 -5.90 -30.64
N CYS E 275 -50.18 -6.16 -29.66
CA CYS E 275 -50.62 -6.24 -28.27
C CYS E 275 -49.69 -5.49 -27.34
N ASN E 276 -50.20 -5.12 -26.17
CA ASN E 276 -49.43 -4.39 -25.17
C ASN E 276 -48.86 -5.32 -24.12
N THR E 277 -47.63 -5.06 -23.69
CA THR E 277 -47.00 -5.82 -22.63
C THR E 277 -45.96 -4.98 -21.90
N THR E 278 -45.71 -5.33 -20.65
CA THR E 278 -44.74 -4.61 -19.84
C THR E 278 -43.47 -5.45 -19.69
N CYS E 279 -43.56 -6.70 -20.13
CA CYS E 279 -42.46 -7.65 -20.01
C CYS E 279 -42.45 -8.61 -21.19
N GLN E 280 -41.30 -8.78 -21.82
CA GLN E 280 -41.21 -9.60 -23.03
C GLN E 280 -40.12 -10.66 -22.95
N THR E 281 -40.45 -11.88 -23.38
CA THR E 281 -39.47 -12.96 -23.46
C THR E 281 -39.51 -13.54 -24.86
N PRO E 282 -38.44 -14.25 -25.25
CA PRO E 282 -38.36 -14.84 -26.58
C PRO E 282 -39.51 -15.77 -26.90
N LYS E 283 -40.08 -16.39 -25.86
CA LYS E 283 -41.17 -17.35 -26.05
C LYS E 283 -42.54 -16.67 -26.10
N GLY E 284 -42.61 -15.46 -25.55
CA GLY E 284 -43.86 -14.72 -25.52
C GLY E 284 -43.89 -13.70 -24.39
N ALA E 285 -44.93 -12.85 -24.40
CA ALA E 285 -45.06 -11.78 -23.42
C ALA E 285 -45.62 -12.29 -22.10
N ILE E 286 -45.43 -11.51 -21.04
CA ILE E 286 -45.91 -11.86 -19.72
C ILE E 286 -46.76 -10.74 -19.11
N ASN E 287 -48.07 -10.96 -19.06
CA ASN E 287 -48.98 -10.00 -18.45
C ASN E 287 -49.34 -10.44 -17.04
N THR E 288 -48.49 -10.12 -16.07
CA THR E 288 -48.70 -10.57 -14.70
C THR E 288 -48.24 -9.56 -13.65
N SER E 289 -48.83 -9.65 -12.45
CA SER E 289 -48.45 -8.80 -11.34
C SER E 289 -47.65 -9.61 -10.31
N LEU E 290 -47.57 -10.91 -10.54
CA LEU E 290 -46.85 -11.80 -9.64
C LEU E 290 -45.36 -11.46 -9.61
N PRO E 291 -44.70 -11.75 -8.48
CA PRO E 291 -43.31 -11.39 -8.25
C PRO E 291 -42.31 -12.30 -8.97
N PHE E 292 -42.74 -13.49 -9.36
CA PHE E 292 -41.82 -14.47 -9.93
C PHE E 292 -42.35 -15.11 -11.20
N GLN E 293 -41.44 -15.59 -12.04
CA GLN E 293 -41.80 -16.29 -13.27
C GLN E 293 -40.75 -17.33 -13.63
N ASN E 294 -41.19 -18.42 -14.23
CA ASN E 294 -40.29 -19.48 -14.66
C ASN E 294 -40.39 -19.74 -16.15
N ILE E 295 -40.77 -18.72 -16.91
CA ILE E 295 -40.98 -18.84 -18.34
C ILE E 295 -39.67 -18.75 -19.12
N HIS E 296 -38.85 -17.77 -18.78
CA HIS E 296 -37.60 -17.57 -19.48
C HIS E 296 -36.66 -16.63 -18.72
N PRO E 297 -35.38 -17.01 -18.62
CA PRO E 297 -34.34 -16.20 -17.96
C PRO E 297 -34.09 -14.89 -18.69
N ILE E 298 -34.02 -14.94 -20.01
CA ILE E 298 -33.82 -13.73 -20.81
C ILE E 298 -35.13 -12.97 -20.97
N THR E 299 -35.15 -11.73 -20.49
CA THR E 299 -36.36 -10.94 -20.46
C THR E 299 -36.06 -9.48 -20.82
N ILE E 300 -37.06 -8.76 -21.31
CA ILE E 300 -36.90 -7.34 -21.60
C ILE E 300 -38.07 -6.54 -21.05
N GLY E 301 -37.77 -5.52 -20.24
CA GLY E 301 -38.79 -4.68 -19.65
C GLY E 301 -38.84 -4.79 -18.14
N LYS E 302 -39.90 -4.28 -17.53
CA LYS E 302 -40.09 -4.44 -16.08
C LYS E 302 -40.74 -5.78 -15.79
N CYS E 303 -39.91 -6.80 -15.53
CA CYS E 303 -40.37 -8.17 -15.45
C CYS E 303 -40.23 -8.76 -14.05
N PRO E 304 -40.97 -9.85 -13.78
CA PRO E 304 -40.81 -10.62 -12.54
C PRO E 304 -39.45 -11.33 -12.54
N LYS E 305 -38.92 -11.60 -11.34
CA LYS E 305 -37.65 -12.30 -11.22
C LYS E 305 -37.74 -13.73 -11.71
N TYR E 306 -36.76 -14.15 -12.52
CA TYR E 306 -36.75 -15.51 -13.03
C TYR E 306 -36.36 -16.50 -11.94
N VAL E 307 -37.23 -17.48 -11.70
CA VAL E 307 -37.01 -18.48 -10.66
C VAL E 307 -37.01 -19.88 -11.28
N LYS E 308 -36.29 -20.80 -10.66
CA LYS E 308 -36.18 -22.16 -11.16
C LYS E 308 -37.36 -23.01 -10.71
N SER E 309 -38.15 -22.49 -9.78
CA SER E 309 -39.25 -23.23 -9.18
C SER E 309 -40.30 -23.71 -10.18
N THR E 310 -40.96 -24.81 -9.86
CA THR E 310 -42.04 -25.35 -10.67
C THR E 310 -43.40 -24.88 -10.14
N LYS E 311 -43.46 -24.59 -8.85
CA LYS E 311 -44.69 -24.09 -8.23
C LYS E 311 -44.38 -23.31 -6.96
N LEU E 312 -45.00 -22.13 -6.84
CA LEU E 312 -44.89 -21.32 -5.62
C LEU E 312 -46.28 -21.00 -5.10
N ARG E 313 -46.95 -22.00 -4.53
CA ARG E 313 -48.33 -21.84 -4.07
C ARG E 313 -48.39 -21.35 -2.63
N LEU E 314 -48.95 -20.17 -2.44
CA LEU E 314 -49.02 -19.53 -1.13
C LEU E 314 -50.39 -19.74 -0.48
N ALA E 315 -50.41 -20.44 0.64
CA ALA E 315 -51.67 -20.73 1.34
C ALA E 315 -52.31 -19.45 1.86
N THR E 316 -53.63 -19.37 1.74
CA THR E 316 -54.38 -18.21 2.22
C THR E 316 -55.46 -18.62 3.22
N GLY E 317 -56.04 -19.79 3.01
CA GLY E 317 -57.03 -20.34 3.92
C GLY E 317 -56.39 -21.16 5.01
N LEU E 318 -57.10 -22.18 5.48
CA LEU E 318 -56.57 -23.07 6.52
C LEU E 318 -56.65 -24.53 6.10
N ARG E 319 -56.16 -25.41 6.96
CA ARG E 319 -56.20 -26.84 6.69
C ARG E 319 -57.60 -27.27 6.25
N ASN E 320 -57.65 -28.27 5.38
CA ASN E 320 -58.94 -28.79 4.92
C ASN E 320 -59.19 -30.18 5.49
N ILE E 321 -60.41 -30.41 5.97
CA ILE E 321 -60.76 -31.67 6.61
C ILE E 321 -62.23 -32.02 6.36
N LEU F 2 -50.37 -25.18 16.00
CA LEU F 2 -49.51 -24.37 16.87
C LEU F 2 -50.30 -23.82 18.04
N PHE F 3 -51.60 -23.62 17.84
CA PHE F 3 -52.47 -23.11 18.89
C PHE F 3 -53.41 -24.18 19.44
N GLY F 4 -53.33 -25.37 18.85
CA GLY F 4 -54.08 -26.51 19.35
C GLY F 4 -55.50 -26.62 18.85
N ALA F 5 -56.04 -25.54 18.28
CA ALA F 5 -57.42 -25.53 17.82
C ALA F 5 -57.80 -26.29 16.55
N ILE F 6 -57.15 -25.93 15.44
CA ILE F 6 -57.44 -26.56 14.15
C ILE F 6 -56.63 -27.86 14.10
N ALA F 7 -57.29 -28.95 13.72
CA ALA F 7 -56.67 -30.26 13.68
C ALA F 7 -56.15 -30.68 15.04
N GLY F 8 -56.64 -30.00 16.08
CA GLY F 8 -56.24 -30.31 17.45
C GLY F 8 -57.39 -30.88 18.25
N PHE F 9 -57.95 -30.07 19.14
CA PHE F 9 -59.09 -30.50 19.93
C PHE F 9 -60.39 -30.36 19.15
N ILE F 10 -60.35 -29.57 18.08
CA ILE F 10 -61.43 -29.53 17.12
C ILE F 10 -60.98 -30.28 15.88
N GLU F 11 -61.27 -31.58 15.83
CA GLU F 11 -60.68 -32.49 14.86
C GLU F 11 -60.85 -32.11 13.38
N GLY F 12 -62.05 -31.73 12.99
CA GLY F 12 -62.33 -31.47 11.59
C GLY F 12 -63.05 -30.17 11.30
N GLY F 13 -63.33 -29.92 10.03
CA GLY F 13 -64.05 -28.73 9.61
C GLY F 13 -65.45 -29.07 9.14
N TRP F 14 -66.25 -28.03 8.90
CA TRP F 14 -67.64 -28.23 8.51
C TRP F 14 -67.89 -27.83 7.07
N THR F 15 -68.12 -28.82 6.21
CA THR F 15 -68.49 -28.55 4.83
C THR F 15 -69.84 -27.83 4.77
N GLY F 16 -70.57 -27.88 5.88
CA GLY F 16 -71.88 -27.26 5.96
C GLY F 16 -71.81 -25.75 6.05
N MET F 17 -70.80 -25.24 6.74
CA MET F 17 -70.64 -23.80 6.88
C MET F 17 -69.93 -23.21 5.66
N VAL F 18 -70.62 -22.35 4.93
CA VAL F 18 -70.08 -21.79 3.70
C VAL F 18 -70.15 -20.26 3.68
N ASP F 19 -70.43 -19.67 4.83
CA ASP F 19 -70.57 -18.22 4.94
C ASP F 19 -69.23 -17.55 5.18
N GLY F 20 -68.32 -18.25 5.85
CA GLY F 20 -67.03 -17.69 6.19
C GLY F 20 -66.04 -18.76 6.63
N TRP F 21 -64.91 -18.33 7.17
CA TRP F 21 -63.86 -19.26 7.58
C TRP F 21 -64.11 -19.84 8.96
N TYR F 22 -64.58 -19.01 9.89
CA TYR F 22 -64.88 -19.45 11.24
C TYR F 22 -66.34 -19.15 11.60
N GLY F 23 -66.98 -20.07 12.30
CA GLY F 23 -68.38 -19.87 12.68
C GLY F 23 -68.88 -20.79 13.78
N TYR F 24 -70.20 -20.94 13.85
CA TYR F 24 -70.83 -21.71 14.91
C TYR F 24 -71.80 -22.74 14.34
N HIS F 25 -72.19 -23.70 15.18
CA HIS F 25 -73.25 -24.64 14.85
C HIS F 25 -74.17 -24.85 16.05
N HIS F 26 -75.26 -24.07 16.10
CA HIS F 26 -76.18 -24.13 17.22
C HIS F 26 -77.10 -25.34 17.14
N GLN F 27 -77.63 -25.75 18.29
CA GLN F 27 -78.53 -26.89 18.36
C GLN F 27 -79.52 -26.71 19.51
N ASN F 28 -80.53 -25.89 19.30
CA ASN F 28 -81.55 -25.65 20.32
C ASN F 28 -82.92 -26.19 19.93
N GLU F 29 -83.95 -25.72 20.60
CA GLU F 29 -85.31 -26.19 20.37
C GLU F 29 -85.88 -25.70 19.04
N GLN F 30 -85.43 -24.52 18.61
CA GLN F 30 -85.93 -23.91 17.38
C GLN F 30 -85.28 -24.50 16.12
N GLY F 31 -84.29 -25.37 16.30
CA GLY F 31 -83.67 -26.04 15.18
C GLY F 31 -82.15 -26.06 15.24
N SER F 32 -81.53 -26.31 14.09
CA SER F 32 -80.07 -26.38 14.00
C SER F 32 -79.56 -25.48 12.88
N GLY F 33 -78.39 -25.80 12.35
CA GLY F 33 -77.81 -25.05 11.26
C GLY F 33 -76.45 -24.46 11.56
N TYR F 34 -75.73 -24.09 10.51
CA TYR F 34 -74.42 -23.47 10.64
C TYR F 34 -74.50 -21.97 10.37
N ALA F 35 -73.66 -21.21 11.06
CA ALA F 35 -73.61 -19.76 10.86
C ALA F 35 -72.21 -19.23 11.12
N ALA F 36 -71.57 -18.73 10.07
CA ALA F 36 -70.21 -18.20 10.18
C ALA F 36 -70.18 -16.88 10.93
N ASP F 37 -69.07 -16.62 11.61
CA ASP F 37 -68.90 -15.38 12.35
C ASP F 37 -68.66 -14.21 11.39
N LEU F 38 -69.44 -13.15 11.57
CA LEU F 38 -69.34 -11.97 10.71
C LEU F 38 -68.01 -11.25 10.88
N LYS F 39 -67.76 -10.72 12.07
CA LYS F 39 -66.57 -9.91 12.32
C LYS F 39 -65.27 -10.68 12.15
N SER F 40 -65.20 -11.89 12.73
CA SER F 40 -63.98 -12.69 12.72
C SER F 40 -63.50 -13.02 11.30
N THR F 41 -64.41 -13.50 10.47
CA THR F 41 -64.06 -13.88 9.09
C THR F 41 -63.62 -12.67 8.27
N GLN F 42 -64.25 -11.52 8.51
CA GLN F 42 -63.94 -10.32 7.76
C GLN F 42 -62.49 -9.88 7.99
N ASN F 43 -62.07 -9.83 9.26
CA ASN F 43 -60.71 -9.44 9.59
C ASN F 43 -59.69 -10.35 8.94
N ALA F 44 -59.95 -11.65 8.99
CA ALA F 44 -59.06 -12.63 8.39
C ALA F 44 -58.89 -12.36 6.90
N ILE F 45 -60.01 -12.22 6.20
CA ILE F 45 -59.99 -11.91 4.78
C ILE F 45 -59.23 -10.61 4.49
N ASP F 46 -59.53 -9.58 5.27
CA ASP F 46 -58.86 -8.29 5.10
C ASP F 46 -57.36 -8.38 5.35
N GLU F 47 -56.97 -9.16 6.34
CA GLU F 47 -55.55 -9.27 6.72
C GLU F 47 -54.78 -10.24 5.84
N ILE F 48 -55.41 -11.34 5.44
CA ILE F 48 -54.79 -12.30 4.53
C ILE F 48 -54.62 -11.67 3.15
N THR F 49 -55.59 -10.87 2.74
CA THR F 49 -55.53 -10.17 1.46
C THR F 49 -54.38 -9.17 1.45
N ASN F 50 -54.23 -8.42 2.53
CA ASN F 50 -53.14 -7.46 2.65
C ASN F 50 -51.80 -8.19 2.65
N LYS F 51 -51.80 -9.43 3.13
CA LYS F 51 -50.59 -10.24 3.16
C LYS F 51 -50.15 -10.61 1.75
N VAL F 52 -51.07 -11.17 0.98
CA VAL F 52 -50.79 -11.52 -0.41
C VAL F 52 -50.37 -10.28 -1.20
N ASN F 53 -51.03 -9.16 -0.94
CA ASN F 53 -50.71 -7.91 -1.63
C ASN F 53 -49.34 -7.35 -1.24
N SER F 54 -48.89 -7.66 -0.04
CA SER F 54 -47.58 -7.21 0.42
C SER F 54 -46.45 -7.98 -0.26
N VAL F 55 -46.62 -9.30 -0.36
CA VAL F 55 -45.63 -10.15 -1.01
C VAL F 55 -45.51 -9.80 -2.49
N ILE F 56 -46.59 -9.26 -3.06
CA ILE F 56 -46.61 -8.91 -4.47
C ILE F 56 -46.19 -7.46 -4.72
N GLU F 57 -46.86 -6.53 -4.06
CA GLU F 57 -46.68 -5.10 -4.30
C GLU F 57 -45.26 -4.63 -4.00
N LYS F 58 -44.59 -5.26 -3.03
CA LYS F 58 -43.25 -4.86 -2.63
C LYS F 58 -42.19 -5.23 -3.68
N MET F 59 -42.60 -5.97 -4.70
CA MET F 59 -41.71 -6.34 -5.79
C MET F 59 -41.93 -5.45 -7.03
N ASN F 60 -41.32 -4.26 -7.01
CA ASN F 60 -41.32 -3.40 -8.19
C ASN F 60 -39.90 -3.36 -8.76
N THR F 61 -39.76 -3.85 -9.99
CA THR F 61 -38.44 -4.03 -10.57
C THR F 61 -38.01 -2.89 -11.49
N GLN F 62 -36.73 -2.90 -11.86
CA GLN F 62 -36.17 -1.90 -12.77
C GLN F 62 -36.35 -2.35 -14.21
N PHE F 63 -36.53 -1.39 -15.12
CA PHE F 63 -36.57 -1.70 -16.54
C PHE F 63 -35.17 -2.04 -17.03
N THR F 64 -34.88 -3.32 -17.16
CA THR F 64 -33.57 -3.76 -17.63
C THR F 64 -33.70 -4.82 -18.70
N ALA F 65 -32.71 -4.88 -19.58
CA ALA F 65 -32.68 -5.90 -20.62
C ALA F 65 -31.58 -6.90 -20.31
N VAL F 66 -31.94 -7.94 -19.57
CA VAL F 66 -31.02 -9.04 -19.36
C VAL F 66 -30.65 -9.59 -20.73
N GLY F 67 -29.48 -10.21 -20.83
CA GLY F 67 -29.06 -10.76 -22.10
C GLY F 67 -28.11 -9.82 -22.82
N LYS F 68 -26.92 -10.32 -23.10
CA LYS F 68 -25.88 -9.54 -23.74
C LYS F 68 -25.26 -10.37 -24.85
N GLU F 69 -24.57 -9.71 -25.77
CA GLU F 69 -23.90 -10.42 -26.86
C GLU F 69 -22.38 -10.25 -26.76
N PHE F 70 -21.66 -11.34 -26.95
CA PHE F 70 -20.20 -11.32 -26.92
C PHE F 70 -19.62 -12.20 -28.02
N ASN F 71 -18.54 -11.75 -28.65
CA ASN F 71 -17.89 -12.52 -29.69
C ASN F 71 -16.94 -13.58 -29.13
N HIS F 72 -16.36 -14.39 -30.03
CA HIS F 72 -15.55 -15.53 -29.62
C HIS F 72 -14.32 -15.15 -28.79
N LEU F 73 -13.96 -13.86 -28.80
CA LEU F 73 -12.82 -13.40 -28.02
C LEU F 73 -13.25 -12.65 -26.77
N GLU F 74 -14.48 -12.89 -26.34
CA GLU F 74 -15.02 -12.27 -25.13
C GLU F 74 -15.69 -13.32 -24.25
N LYS F 75 -15.15 -14.53 -24.27
CA LYS F 75 -15.73 -15.64 -23.52
C LYS F 75 -15.70 -15.37 -22.02
N ARG F 76 -14.70 -14.64 -21.55
CA ARG F 76 -14.59 -14.33 -20.13
C ARG F 76 -15.75 -13.47 -19.65
N ILE F 77 -15.91 -12.29 -20.21
CA ILE F 77 -16.99 -11.40 -19.79
C ILE F 77 -18.35 -12.04 -20.06
N GLU F 78 -18.39 -12.96 -21.03
CA GLU F 78 -19.63 -13.70 -21.28
C GLU F 78 -19.93 -14.62 -20.09
N ASN F 79 -18.88 -15.24 -19.57
CA ASN F 79 -19.00 -16.10 -18.39
C ASN F 79 -19.21 -15.29 -17.12
N LEU F 80 -18.71 -14.05 -17.11
CA LEU F 80 -18.98 -13.13 -16.02
C LEU F 80 -20.47 -12.84 -16.03
N ASN F 81 -20.95 -12.44 -17.21
CA ASN F 81 -22.37 -12.19 -17.40
C ASN F 81 -23.22 -13.39 -16.99
N LYS F 82 -22.77 -14.58 -17.37
CA LYS F 82 -23.48 -15.80 -17.02
C LYS F 82 -23.51 -15.97 -15.51
N LYS F 83 -22.41 -15.59 -14.85
CA LYS F 83 -22.31 -15.71 -13.40
C LYS F 83 -23.29 -14.78 -12.69
N VAL F 84 -23.44 -13.56 -13.22
CA VAL F 84 -24.32 -12.59 -12.61
C VAL F 84 -25.78 -13.00 -12.81
N ASP F 85 -26.05 -13.73 -13.89
CA ASP F 85 -27.41 -14.23 -14.15
C ASP F 85 -27.73 -15.42 -13.25
N ASP F 86 -26.83 -16.39 -13.22
CA ASP F 86 -26.99 -17.56 -12.38
C ASP F 86 -27.05 -17.19 -10.90
N GLY F 87 -26.28 -16.17 -10.53
CA GLY F 87 -26.26 -15.69 -9.16
C GLY F 87 -27.63 -15.19 -8.72
N PHE F 88 -28.20 -14.31 -9.52
CA PHE F 88 -29.54 -13.81 -9.27
C PHE F 88 -30.56 -14.93 -9.32
N LEU F 89 -30.31 -15.92 -10.17
CA LEU F 89 -31.21 -17.06 -10.31
C LEU F 89 -31.28 -17.86 -9.02
N ASP F 90 -30.15 -18.02 -8.36
CA ASP F 90 -30.08 -18.81 -7.13
C ASP F 90 -30.61 -18.04 -5.93
N ILE F 91 -30.34 -16.76 -5.89
CA ILE F 91 -30.81 -15.92 -4.78
C ILE F 91 -32.33 -15.82 -4.75
N TRP F 92 -32.94 -15.61 -5.91
CA TRP F 92 -34.40 -15.47 -5.99
C TRP F 92 -35.12 -16.81 -5.84
N THR F 93 -34.60 -17.86 -6.45
CA THR F 93 -35.21 -19.17 -6.35
C THR F 93 -35.26 -19.64 -4.89
N TYR F 94 -34.17 -19.44 -4.17
CA TYR F 94 -34.09 -19.88 -2.78
C TYR F 94 -34.97 -19.02 -1.87
N ASN F 95 -34.89 -17.71 -2.04
CA ASN F 95 -35.70 -16.80 -1.22
C ASN F 95 -37.20 -16.97 -1.44
N ALA F 96 -37.62 -17.10 -2.70
CA ALA F 96 -39.02 -17.31 -3.02
C ALA F 96 -39.52 -18.63 -2.43
N GLU F 97 -38.75 -19.71 -2.64
CA GLU F 97 -39.13 -21.02 -2.13
C GLU F 97 -39.31 -21.01 -0.61
N LEU F 98 -38.38 -20.37 0.10
CA LEU F 98 -38.45 -20.31 1.56
C LEU F 98 -39.50 -19.30 2.05
N LEU F 99 -39.71 -18.24 1.29
CA LEU F 99 -40.73 -17.25 1.66
C LEU F 99 -42.09 -17.92 1.71
N VAL F 100 -42.35 -18.78 0.74
CA VAL F 100 -43.64 -19.46 0.66
C VAL F 100 -43.78 -20.51 1.77
N LEU F 101 -42.70 -21.21 2.06
CA LEU F 101 -42.71 -22.21 3.14
C LEU F 101 -42.96 -21.53 4.48
N LEU F 102 -42.23 -20.44 4.73
CA LEU F 102 -42.37 -19.71 5.98
C LEU F 102 -43.77 -19.11 6.15
N GLU F 103 -44.24 -18.42 5.11
CA GLU F 103 -45.53 -17.72 5.21
C GLU F 103 -46.73 -18.66 5.19
N ASN F 104 -46.55 -19.85 4.61
CA ASN F 104 -47.61 -20.84 4.64
C ASN F 104 -47.77 -21.42 6.03
N GLU F 105 -46.65 -21.56 6.73
CA GLU F 105 -46.67 -22.03 8.12
C GLU F 105 -47.34 -20.99 9.00
N ARG F 106 -47.05 -19.72 8.75
CA ARG F 106 -47.62 -18.64 9.54
C ARG F 106 -49.12 -18.46 9.26
N THR F 107 -49.50 -18.59 8.00
CA THR F 107 -50.89 -18.41 7.60
C THR F 107 -51.78 -19.49 8.24
N LEU F 108 -51.30 -20.73 8.26
CA LEU F 108 -52.06 -21.81 8.87
C LEU F 108 -52.17 -21.62 10.38
N ASP F 109 -51.10 -21.11 10.99
CA ASP F 109 -51.10 -20.82 12.42
C ASP F 109 -51.99 -19.62 12.72
N TYR F 110 -52.14 -18.74 11.73
CA TYR F 110 -52.97 -17.55 11.87
C TYR F 110 -54.44 -17.93 11.94
N HIS F 111 -54.83 -18.91 11.13
CA HIS F 111 -56.21 -19.41 11.15
C HIS F 111 -56.45 -20.23 12.41
N ASP F 112 -55.45 -21.00 12.82
CA ASP F 112 -55.53 -21.79 14.04
C ASP F 112 -55.76 -20.86 15.22
N SER F 113 -55.00 -19.77 15.25
CA SER F 113 -55.14 -18.76 16.30
C SER F 113 -56.55 -18.17 16.35
N ASN F 114 -57.05 -17.75 15.19
CA ASN F 114 -58.38 -17.14 15.12
C ASN F 114 -59.48 -18.04 15.68
N VAL F 115 -59.34 -19.35 15.47
CA VAL F 115 -60.31 -20.31 16.00
C VAL F 115 -60.17 -20.44 17.51
N LYS F 116 -58.95 -20.68 17.97
CA LYS F 116 -58.66 -20.71 19.39
C LYS F 116 -59.24 -19.48 20.10
N ASN F 117 -58.93 -18.30 19.58
CA ASN F 117 -59.42 -17.06 20.15
C ASN F 117 -60.93 -16.97 20.16
N LEU F 118 -61.56 -17.49 19.11
CA LEU F 118 -63.02 -17.50 19.02
C LEU F 118 -63.60 -18.41 20.09
N TYR F 119 -62.95 -19.55 20.28
CA TYR F 119 -63.35 -20.51 21.31
C TYR F 119 -63.19 -19.91 22.70
N GLU F 120 -62.11 -19.16 22.91
CA GLU F 120 -61.82 -18.56 24.21
C GLU F 120 -62.77 -17.43 24.55
N LYS F 121 -63.23 -16.69 23.54
CA LYS F 121 -64.10 -15.56 23.76
C LYS F 121 -65.49 -16.01 24.22
N VAL F 122 -65.88 -17.23 23.84
CA VAL F 122 -67.16 -17.74 24.32
C VAL F 122 -67.03 -18.54 25.61
N ARG F 123 -65.86 -19.14 25.83
CA ARG F 123 -65.64 -19.93 27.04
C ARG F 123 -65.57 -19.04 28.28
N SER F 124 -64.85 -17.92 28.17
CA SER F 124 -64.72 -16.98 29.27
C SER F 124 -66.00 -16.15 29.42
N GLN F 125 -67.06 -16.59 28.74
CA GLN F 125 -68.33 -15.89 28.78
C GLN F 125 -69.43 -16.78 29.37
N LEU F 126 -69.20 -18.09 29.38
CA LEU F 126 -70.17 -19.04 29.90
C LEU F 126 -69.53 -19.95 30.96
N LYS F 127 -68.93 -19.35 31.98
CA LYS F 127 -68.21 -20.12 32.99
C LYS F 127 -69.07 -21.25 33.56
N ASN F 128 -70.09 -20.88 34.33
CA ASN F 128 -70.94 -21.85 35.00
C ASN F 128 -72.17 -22.22 34.17
N ASN F 129 -72.62 -21.30 33.32
CA ASN F 129 -73.84 -21.49 32.54
C ASN F 129 -73.72 -22.58 31.46
N ALA F 130 -72.57 -23.24 31.40
CA ALA F 130 -72.33 -24.29 30.43
C ALA F 130 -71.05 -25.07 30.76
N LYS F 131 -70.86 -26.21 30.11
CA LYS F 131 -69.68 -27.04 30.39
C LYS F 131 -68.87 -27.36 29.13
N GLU F 132 -67.57 -27.57 29.31
CA GLU F 132 -66.68 -27.96 28.22
C GLU F 132 -66.83 -29.44 27.89
N ILE F 133 -67.15 -29.73 26.63
CA ILE F 133 -67.16 -31.11 26.15
C ILE F 133 -65.73 -31.56 25.92
N GLY F 134 -64.97 -30.75 25.18
CA GLY F 134 -63.60 -31.07 24.83
C GLY F 134 -63.41 -31.12 23.32
N ASN F 135 -64.54 -31.15 22.61
CA ASN F 135 -64.53 -31.20 21.16
C ASN F 135 -64.75 -29.81 20.58
N GLY F 136 -64.40 -28.80 21.37
CA GLY F 136 -64.63 -27.42 20.97
C GLY F 136 -66.10 -27.07 21.05
N CYS F 137 -66.86 -27.92 21.72
CA CYS F 137 -68.30 -27.73 21.83
C CYS F 137 -68.71 -27.49 23.28
N PHE F 138 -69.64 -26.56 23.50
CA PHE F 138 -70.12 -26.25 24.84
C PHE F 138 -71.54 -26.74 25.05
N GLU F 139 -71.82 -27.33 26.22
CA GLU F 139 -73.18 -27.78 26.54
C GLU F 139 -73.80 -26.89 27.62
N PHE F 140 -74.86 -26.17 27.25
CA PHE F 140 -75.55 -25.29 28.19
C PHE F 140 -76.22 -26.06 29.32
N TYR F 141 -76.36 -25.39 30.46
CA TYR F 141 -77.16 -25.92 31.57
C TYR F 141 -78.55 -25.25 31.65
N HIS F 142 -78.63 -23.93 31.50
CA HIS F 142 -79.95 -23.33 31.25
C HIS F 142 -80.30 -23.48 29.76
N LYS F 143 -81.60 -23.46 29.48
CA LYS F 143 -82.12 -23.51 28.12
C LYS F 143 -81.72 -22.27 27.32
N CYS F 144 -81.23 -22.48 26.11
CA CYS F 144 -80.78 -21.38 25.27
C CYS F 144 -81.51 -21.34 23.92
N ASP F 145 -82.29 -20.28 23.70
CA ASP F 145 -83.05 -20.12 22.47
C ASP F 145 -82.29 -19.30 21.44
N ASN F 146 -82.96 -18.95 20.34
CA ASN F 146 -82.33 -18.20 19.25
C ASN F 146 -81.82 -16.82 19.68
N THR F 147 -82.63 -16.08 20.43
CA THR F 147 -82.23 -14.78 20.93
C THR F 147 -81.11 -14.93 21.96
N CYS F 148 -80.98 -16.13 22.51
CA CYS F 148 -79.93 -16.42 23.48
C CYS F 148 -78.58 -16.60 22.79
N MET F 149 -78.58 -17.39 21.72
CA MET F 149 -77.37 -17.62 20.92
C MET F 149 -76.80 -16.30 20.43
N GLU F 150 -77.70 -15.36 20.14
CA GLU F 150 -77.32 -14.05 19.65
C GLU F 150 -76.35 -13.36 20.61
N SER F 151 -76.69 -13.38 21.89
CA SER F 151 -75.89 -12.69 22.91
C SER F 151 -74.48 -13.28 23.03
N VAL F 152 -74.28 -14.47 22.48
CA VAL F 152 -72.98 -15.09 22.48
C VAL F 152 -72.18 -14.67 21.24
N LYS F 153 -72.81 -14.78 20.08
CA LYS F 153 -72.19 -14.35 18.83
C LYS F 153 -71.84 -12.86 18.87
N ASN F 154 -72.75 -12.06 19.42
CA ASN F 154 -72.57 -10.62 19.48
C ASN F 154 -71.67 -10.19 20.64
N GLY F 155 -71.36 -11.13 21.53
CA GLY F 155 -70.49 -10.85 22.66
C GLY F 155 -71.21 -10.09 23.76
N THR F 156 -72.48 -9.81 23.54
CA THR F 156 -73.30 -9.12 24.52
C THR F 156 -74.13 -10.12 25.33
N TYR F 157 -73.44 -10.97 26.09
CA TYR F 157 -74.06 -11.99 26.92
C TYR F 157 -73.92 -11.43 28.32
N ASP F 158 -74.16 -10.12 28.42
CA ASP F 158 -73.66 -9.34 29.56
C ASP F 158 -74.66 -9.24 30.71
N TYR F 159 -75.92 -9.51 30.40
CA TYR F 159 -76.96 -9.57 31.42
C TYR F 159 -77.40 -11.03 31.53
N PRO F 160 -76.54 -11.88 32.13
CA PRO F 160 -76.73 -13.32 32.17
C PRO F 160 -77.97 -13.73 32.97
N LYS F 161 -78.91 -14.38 32.30
CA LYS F 161 -80.07 -14.94 32.97
C LYS F 161 -80.13 -16.44 32.71
N TYR F 162 -79.84 -17.21 33.76
CA TYR F 162 -79.81 -18.66 33.64
C TYR F 162 -81.07 -19.31 34.21
N ASP G 1 -11.25 -30.06 47.89
CA ASP G 1 -11.51 -29.57 46.53
C ASP G 1 -10.87 -28.20 46.31
N THR G 2 -9.99 -28.12 45.32
CA THR G 2 -9.26 -26.88 45.06
C THR G 2 -9.17 -26.53 43.57
N LEU G 3 -8.93 -25.26 43.29
CA LEU G 3 -8.71 -24.78 41.94
C LEU G 3 -7.57 -23.77 41.92
N CYS G 4 -6.41 -24.17 41.43
CA CYS G 4 -5.22 -23.32 41.45
C CYS G 4 -5.01 -22.58 40.12
N ILE G 5 -4.16 -21.58 40.14
CA ILE G 5 -3.83 -20.81 38.94
C ILE G 5 -2.32 -20.61 38.81
N GLY G 6 -1.80 -20.89 37.60
CA GLY G 6 -0.38 -20.82 37.37
C GLY G 6 -0.02 -20.59 35.91
N TYR G 7 1.23 -20.86 35.55
CA TYR G 7 1.71 -20.56 34.21
C TYR G 7 2.59 -21.68 33.63
N HIS G 8 2.90 -21.58 32.34
CA HIS G 8 3.64 -22.62 31.63
C HIS G 8 5.10 -22.73 32.03
N ALA G 9 5.69 -23.89 31.73
CA ALA G 9 7.11 -24.12 31.95
C ALA G 9 7.55 -25.30 31.08
N ASN G 10 8.86 -25.45 30.89
CA ASN G 10 9.37 -26.53 30.04
C ASN G 10 10.87 -26.76 30.14
N ASN G 11 11.40 -27.53 29.20
CA ASN G 11 12.82 -27.89 29.19
C ASN G 11 13.70 -26.83 28.54
N SER G 12 13.10 -25.69 28.21
CA SER G 12 13.81 -24.62 27.51
C SER G 12 14.96 -24.03 28.33
N THR G 13 16.07 -23.76 27.67
CA THR G 13 17.22 -23.14 28.33
C THR G 13 17.53 -21.78 27.71
N ASP G 14 16.68 -21.36 26.78
CA ASP G 14 16.85 -20.07 26.12
C ASP G 14 16.93 -18.94 27.13
N THR G 15 18.02 -18.20 27.11
CA THR G 15 18.19 -17.06 28.00
C THR G 15 18.10 -15.73 27.26
N VAL G 16 17.54 -14.73 27.90
CA VAL G 16 17.45 -13.40 27.34
C VAL G 16 17.88 -12.37 28.39
N ASP G 17 18.05 -11.12 27.96
CA ASP G 17 18.44 -10.07 28.89
C ASP G 17 17.34 -9.04 29.02
N THR G 18 17.24 -8.45 30.21
CA THR G 18 16.32 -7.34 30.42
C THR G 18 17.08 -6.16 31.02
N VAL G 19 16.44 -4.99 31.03
CA VAL G 19 17.06 -3.81 31.61
C VAL G 19 17.37 -4.02 33.09
N LEU G 20 16.53 -4.81 33.76
CA LEU G 20 16.66 -5.02 35.20
C LEU G 20 17.48 -6.26 35.58
N GLU G 21 17.43 -7.29 34.75
CA GLU G 21 18.05 -8.56 35.11
C GLU G 21 18.73 -9.25 33.92
N LYS G 22 19.86 -9.90 34.18
CA LYS G 22 20.63 -10.55 33.13
C LYS G 22 20.61 -12.09 33.13
N ASN G 23 20.58 -12.68 31.94
CA ASN G 23 20.59 -14.12 31.77
C ASN G 23 19.32 -14.83 32.27
N VAL G 24 18.17 -14.22 32.02
CA VAL G 24 16.89 -14.79 32.43
C VAL G 24 16.33 -15.88 31.52
N THR G 25 16.15 -17.07 32.07
CA THR G 25 15.66 -18.20 31.29
C THR G 25 14.18 -17.99 30.94
N VAL G 26 13.82 -18.27 29.69
CA VAL G 26 12.43 -18.12 29.25
C VAL G 26 11.93 -19.34 28.50
N THR G 27 10.61 -19.47 28.42
CA THR G 27 9.97 -20.61 27.79
C THR G 27 10.12 -20.58 26.27
N HIS G 28 9.95 -19.40 25.69
CA HIS G 28 10.06 -19.24 24.25
C HIS G 28 10.74 -17.91 23.89
N SER G 29 11.45 -17.90 22.76
CA SER G 29 12.15 -16.70 22.34
C SER G 29 12.57 -16.78 20.88
N VAL G 30 12.60 -15.64 20.20
CA VAL G 30 13.06 -15.57 18.83
C VAL G 30 14.35 -14.77 18.73
N ASN G 31 15.04 -14.86 17.60
CA ASN G 31 16.27 -14.11 17.40
C ASN G 31 16.08 -13.00 16.38
N LEU G 32 16.37 -11.77 16.79
CA LEU G 32 16.26 -10.62 15.91
C LEU G 32 17.52 -10.43 15.05
N LEU G 33 18.62 -11.00 15.51
CA LEU G 33 19.91 -10.82 14.84
C LEU G 33 20.18 -11.94 13.84
N GLU G 34 20.47 -11.56 12.60
CA GLU G 34 20.89 -12.53 11.60
C GLU G 34 22.40 -12.66 11.60
N ASP G 35 22.90 -13.89 11.75
CA ASP G 35 24.34 -14.13 11.79
C ASP G 35 24.72 -15.29 10.89
N LYS G 36 23.95 -15.50 9.83
CA LYS G 36 24.17 -16.64 8.95
C LYS G 36 24.03 -16.26 7.49
N HIS G 37 25.04 -16.61 6.70
CA HIS G 37 25.03 -16.35 5.27
C HIS G 37 25.31 -17.63 4.47
N ASN G 38 24.97 -17.62 3.19
CA ASN G 38 25.09 -18.84 2.39
C ASN G 38 26.48 -19.05 1.81
N GLY G 39 27.40 -18.13 2.09
CA GLY G 39 28.76 -18.21 1.60
C GLY G 39 28.87 -18.24 0.09
N LYS G 40 28.00 -17.49 -0.60
CA LYS G 40 28.01 -17.43 -2.05
C LYS G 40 27.75 -16.01 -2.52
N LEU G 41 28.29 -15.67 -3.69
CA LEU G 41 27.94 -14.41 -4.34
C LEU G 41 26.83 -14.70 -5.34
N CYS G 42 25.63 -14.20 -5.03
CA CYS G 42 24.45 -14.57 -5.80
C CYS G 42 24.00 -13.45 -6.73
N LYS G 43 22.81 -13.62 -7.33
CA LYS G 43 22.23 -12.59 -8.17
C LYS G 43 21.60 -11.54 -7.27
N LEU G 44 21.72 -10.26 -7.63
CA LEU G 44 21.22 -9.19 -6.76
C LEU G 44 19.80 -8.73 -7.08
N ARG G 45 19.29 -9.09 -8.26
CA ARG G 45 17.89 -8.86 -8.57
C ARG G 45 17.20 -9.95 -9.35
N GLY G 46 17.58 -10.06 -10.62
CA GLY G 46 17.24 -11.20 -11.45
C GLY G 46 18.53 -11.42 -12.20
N VAL G 47 19.39 -10.40 -12.16
CA VAL G 47 20.63 -10.33 -12.91
C VAL G 47 21.82 -10.82 -12.08
N ALA G 48 22.73 -11.57 -12.72
CA ALA G 48 23.92 -12.05 -12.05
C ALA G 48 25.03 -10.99 -12.09
N PRO G 49 26.02 -11.11 -11.18
CA PRO G 49 27.13 -10.15 -11.15
C PRO G 49 28.14 -10.42 -12.24
N LEU G 50 28.97 -9.42 -12.55
CA LEU G 50 30.03 -9.58 -13.52
C LEU G 50 31.32 -9.94 -12.80
N HIS G 51 31.76 -11.19 -12.98
CA HIS G 51 32.99 -11.65 -12.35
C HIS G 51 34.17 -11.48 -13.29
N LEU G 52 35.18 -10.75 -12.83
CA LEU G 52 36.33 -10.42 -13.65
C LEU G 52 37.46 -11.45 -13.56
N GLY G 53 37.34 -12.37 -12.62
CA GLY G 53 38.32 -13.43 -12.45
C GLY G 53 39.71 -12.93 -12.08
N LYS G 54 40.67 -13.20 -12.94
CA LYS G 54 42.06 -12.85 -12.69
C LYS G 54 42.37 -11.38 -13.04
N CYS G 55 41.37 -10.67 -13.56
CA CYS G 55 41.57 -9.29 -13.98
C CYS G 55 40.79 -8.32 -13.11
N ASN G 56 41.22 -7.06 -13.12
CA ASN G 56 40.45 -5.99 -12.49
C ASN G 56 39.77 -5.13 -13.56
N ILE G 57 38.98 -4.15 -13.13
CA ILE G 57 38.21 -3.33 -14.06
C ILE G 57 39.07 -2.79 -15.19
N ALA G 58 40.18 -2.14 -14.85
CA ALA G 58 41.05 -1.51 -15.84
C ALA G 58 41.42 -2.47 -16.96
N GLY G 59 42.01 -3.61 -16.59
CA GLY G 59 42.42 -4.60 -17.57
C GLY G 59 41.25 -5.14 -18.38
N TRP G 60 40.06 -5.03 -17.82
CA TRP G 60 38.86 -5.54 -18.49
C TRP G 60 38.40 -4.66 -19.64
N ILE G 61 38.24 -3.36 -19.39
CA ILE G 61 37.73 -2.46 -20.41
C ILE G 61 38.79 -2.07 -21.44
N LEU G 62 40.04 -1.99 -21.00
CA LEU G 62 41.12 -1.64 -21.91
C LEU G 62 41.38 -2.79 -22.89
N GLY G 63 41.15 -4.01 -22.42
CA GLY G 63 41.31 -5.18 -23.28
C GLY G 63 42.64 -5.90 -23.08
N ASN G 64 43.12 -5.91 -21.85
CA ASN G 64 44.35 -6.64 -21.53
C ASN G 64 44.29 -8.04 -22.10
N PRO G 65 45.38 -8.49 -22.74
CA PRO G 65 45.44 -9.79 -23.41
C PRO G 65 45.04 -10.95 -22.51
N GLU G 66 45.21 -10.80 -21.21
CA GLU G 66 44.88 -11.87 -20.26
C GLU G 66 43.38 -11.89 -19.91
N CYS G 67 42.69 -10.82 -20.23
CA CYS G 67 41.26 -10.71 -19.94
C CYS G 67 40.41 -11.01 -21.17
N GLU G 68 40.69 -12.12 -21.83
CA GLU G 68 39.98 -12.51 -23.04
C GLU G 68 38.77 -13.40 -22.76
N SER G 69 38.78 -14.06 -21.61
CA SER G 69 37.90 -15.21 -21.40
C SER G 69 36.53 -14.92 -20.79
N LEU G 70 36.12 -13.64 -20.71
CA LEU G 70 35.02 -13.27 -19.81
C LEU G 70 33.87 -12.33 -20.23
N SER G 71 34.13 -11.34 -21.08
CA SER G 71 33.24 -10.19 -21.16
C SER G 71 32.39 -9.98 -22.42
N THR G 72 31.22 -10.61 -22.45
CA THR G 72 30.10 -10.10 -23.22
C THR G 72 28.78 -10.42 -22.49
N ALA G 73 28.65 -9.86 -21.29
CA ALA G 73 27.40 -9.93 -20.55
C ALA G 73 26.60 -8.67 -20.85
N SER G 74 25.32 -8.85 -21.18
CA SER G 74 24.47 -7.73 -21.58
C SER G 74 24.20 -6.80 -20.40
N SER G 75 24.38 -7.31 -19.19
CA SER G 75 24.08 -6.54 -17.99
C SER G 75 24.56 -7.23 -16.73
N TRP G 76 24.69 -6.46 -15.66
CA TRP G 76 25.06 -7.01 -14.36
C TRP G 76 24.58 -6.13 -13.22
N SER G 77 24.30 -6.76 -12.08
CA SER G 77 23.80 -6.06 -10.90
C SER G 77 24.93 -5.46 -10.08
N TYR G 78 26.09 -6.11 -10.12
CA TYR G 78 27.29 -5.60 -9.47
C TYR G 78 28.52 -6.32 -10.01
N ILE G 79 29.71 -5.85 -9.62
CA ILE G 79 30.95 -6.40 -10.16
C ILE G 79 31.79 -7.06 -9.08
N VAL G 80 32.20 -8.30 -9.34
CA VAL G 80 33.05 -9.03 -8.42
C VAL G 80 34.48 -9.08 -8.92
N GLU G 81 35.43 -8.92 -8.00
CA GLU G 81 36.83 -8.76 -8.34
C GLU G 81 37.68 -9.41 -7.26
N THR G 82 38.41 -10.46 -7.62
CA THR G 82 39.20 -11.21 -6.64
C THR G 82 40.38 -10.38 -6.15
N PRO G 83 40.72 -10.54 -4.86
CA PRO G 83 41.84 -9.82 -4.24
C PRO G 83 43.16 -10.21 -4.90
N SER G 84 43.14 -11.27 -5.69
CA SER G 84 44.35 -11.79 -6.31
C SER G 84 44.44 -11.44 -7.79
N SER G 85 43.63 -10.47 -8.22
CA SER G 85 43.59 -10.06 -9.62
C SER G 85 44.45 -8.82 -9.86
N ASP G 86 45.57 -9.00 -10.57
CA ASP G 86 46.51 -7.91 -10.78
C ASP G 86 46.57 -7.45 -12.24
N ASN G 87 45.98 -8.24 -13.14
CA ASN G 87 45.99 -7.90 -14.57
C ASN G 87 45.12 -6.70 -14.93
N GLY G 88 45.73 -5.52 -14.93
CA GLY G 88 45.04 -4.29 -15.31
C GLY G 88 45.83 -3.56 -16.38
N THR G 89 46.24 -2.33 -16.07
CA THR G 89 47.04 -1.55 -16.99
C THR G 89 48.48 -2.08 -17.04
N CYS G 90 48.73 -2.99 -17.98
CA CYS G 90 50.03 -3.64 -18.09
C CYS G 90 51.14 -2.67 -18.50
N TYR G 91 50.80 -1.67 -19.30
CA TYR G 91 51.76 -0.63 -19.65
C TYR G 91 51.69 0.51 -18.63
N PRO G 92 52.74 0.67 -17.83
CA PRO G 92 52.79 1.61 -16.69
C PRO G 92 52.24 2.97 -17.06
N GLY G 93 51.31 3.47 -16.26
CA GLY G 93 50.70 4.76 -16.52
C GLY G 93 49.63 5.12 -15.50
N ASP G 94 48.93 6.21 -15.75
CA ASP G 94 47.92 6.69 -14.83
C ASP G 94 46.53 6.60 -15.47
N PHE G 95 45.60 5.95 -14.78
CA PHE G 95 44.23 5.85 -15.26
C PHE G 95 43.40 6.99 -14.65
N ILE G 96 43.16 8.03 -15.45
CA ILE G 96 42.49 9.23 -14.97
C ILE G 96 41.04 8.96 -14.59
N ASP G 97 40.66 9.42 -13.39
CA ASP G 97 39.31 9.20 -12.87
C ASP G 97 38.94 7.73 -12.88
N TYR G 98 39.89 6.88 -12.51
CA TYR G 98 39.70 5.44 -12.55
C TYR G 98 38.60 5.01 -11.59
N GLU G 99 38.69 5.44 -10.34
CA GLU G 99 37.70 5.07 -9.33
C GLU G 99 36.32 5.50 -9.78
N GLU G 100 36.23 6.67 -10.40
CA GLU G 100 34.95 7.17 -10.89
C GLU G 100 34.38 6.30 -11.99
N LEU G 101 35.25 5.79 -12.85
CA LEU G 101 34.83 4.92 -13.95
C LEU G 101 34.24 3.64 -13.39
N ARG G 102 34.94 3.07 -12.41
CA ARG G 102 34.48 1.85 -11.75
C ARG G 102 33.07 2.02 -11.19
N GLU G 103 32.85 3.11 -10.47
CA GLU G 103 31.56 3.38 -9.86
C GLU G 103 30.44 3.43 -10.91
N GLN G 104 30.76 3.96 -12.08
CA GLN G 104 29.75 4.13 -13.13
C GLN G 104 29.57 2.86 -13.94
N LEU G 105 30.50 1.92 -13.78
CA LEU G 105 30.42 0.63 -14.46
C LEU G 105 29.88 -0.44 -13.52
N SER G 106 29.83 -0.12 -12.23
CA SER G 106 29.45 -1.09 -11.20
C SER G 106 28.15 -1.81 -11.53
N SER G 107 27.21 -1.10 -12.14
CA SER G 107 25.96 -1.72 -12.56
C SER G 107 25.45 -1.13 -13.86
N VAL G 108 25.10 -2.01 -14.79
CA VAL G 108 24.73 -1.62 -16.14
C VAL G 108 23.49 -2.39 -16.57
N SER G 109 22.60 -1.73 -17.32
CA SER G 109 21.36 -2.36 -17.76
C SER G 109 21.53 -2.99 -19.15
N SER G 110 22.33 -2.34 -19.99
CA SER G 110 22.71 -2.89 -21.29
C SER G 110 24.14 -2.51 -21.61
N PHE G 111 24.88 -3.43 -22.23
CA PHE G 111 26.31 -3.24 -22.43
C PHE G 111 26.83 -4.03 -23.62
N GLU G 112 26.87 -3.40 -24.79
CA GLU G 112 27.42 -4.05 -25.97
C GLU G 112 28.71 -3.38 -26.43
N ARG G 113 29.71 -4.19 -26.72
CA ARG G 113 31.00 -3.72 -27.18
C ARG G 113 31.08 -3.75 -28.71
N PHE G 114 31.24 -2.59 -29.33
CA PHE G 114 31.33 -2.51 -30.78
C PHE G 114 32.63 -1.88 -31.23
N GLU G 115 33.03 -2.15 -32.47
CA GLU G 115 34.26 -1.57 -33.02
C GLU G 115 34.00 -0.16 -33.50
N ILE G 116 34.46 0.82 -32.74
CA ILE G 116 34.20 2.23 -33.05
C ILE G 116 35.05 2.72 -34.24
N PHE G 117 36.33 2.34 -34.24
CA PHE G 117 37.22 2.67 -35.35
C PHE G 117 37.90 1.42 -35.87
N PRO G 118 37.28 0.76 -36.86
CA PRO G 118 37.83 -0.46 -37.45
C PRO G 118 39.30 -0.28 -37.82
N LYS G 119 40.14 -1.26 -37.47
CA LYS G 119 41.59 -1.12 -37.61
C LYS G 119 42.07 -1.04 -39.06
N THR G 120 41.33 -1.66 -39.97
CA THR G 120 41.76 -1.76 -41.36
C THR G 120 41.45 -0.53 -42.19
N SER G 121 40.34 0.12 -41.90
CA SER G 121 39.86 1.21 -42.74
C SER G 121 40.05 2.60 -42.14
N SER G 122 40.34 2.66 -40.84
CA SER G 122 40.38 3.94 -40.14
C SER G 122 41.73 4.64 -40.20
N TRP G 123 42.81 3.87 -40.25
CA TRP G 123 44.15 4.46 -40.18
C TRP G 123 45.03 4.07 -41.37
N PRO G 124 44.79 4.71 -42.53
CA PRO G 124 45.51 4.43 -43.77
C PRO G 124 46.86 5.12 -43.80
N ASN G 125 47.01 6.19 -43.03
CA ASN G 125 48.23 6.99 -43.06
C ASN G 125 49.18 6.70 -41.91
N HIS G 126 48.81 5.72 -41.09
CA HIS G 126 49.62 5.36 -39.94
C HIS G 126 49.72 3.84 -39.82
N ASP G 127 50.71 3.38 -39.05
CA ASP G 127 50.90 1.95 -38.86
C ASP G 127 50.15 1.45 -37.63
N SER G 128 49.24 0.51 -37.82
CA SER G 128 48.46 -0.04 -36.72
C SER G 128 48.81 -1.49 -36.44
N ASN G 129 50.06 -1.86 -36.68
CA ASN G 129 50.48 -3.24 -36.47
C ASN G 129 51.74 -3.38 -35.64
N LYS G 130 52.47 -2.27 -35.44
CA LYS G 130 53.71 -2.32 -34.70
C LYS G 130 53.51 -1.93 -33.23
N GLY G 131 52.30 -1.51 -32.89
CA GLY G 131 52.00 -1.03 -31.55
C GLY G 131 51.88 -2.15 -30.54
N VAL G 132 53.00 -2.79 -30.20
CA VAL G 132 53.00 -3.83 -29.18
C VAL G 132 54.14 -3.60 -28.19
N THR G 133 54.09 -4.30 -27.05
CA THR G 133 55.07 -4.10 -25.99
C THR G 133 55.29 -5.36 -25.18
N ALA G 134 56.47 -5.45 -24.56
CA ALA G 134 56.81 -6.58 -23.71
C ALA G 134 56.05 -6.50 -22.39
N ALA G 135 55.54 -5.32 -22.08
CA ALA G 135 54.79 -5.11 -20.85
C ALA G 135 53.44 -5.81 -20.91
N CYS G 136 52.95 -6.05 -22.12
CA CYS G 136 51.65 -6.69 -22.32
C CYS G 136 51.80 -8.00 -23.10
N PRO G 137 52.36 -9.03 -22.45
CA PRO G 137 52.65 -10.31 -23.10
C PRO G 137 51.41 -11.16 -23.35
N HIS G 138 51.30 -11.70 -24.56
CA HIS G 138 50.30 -12.72 -24.85
C HIS G 138 51.02 -13.95 -25.40
N ALA G 139 51.29 -14.91 -24.53
CA ALA G 139 52.05 -16.11 -24.89
C ALA G 139 53.50 -15.79 -25.21
N GLY G 140 54.17 -15.13 -24.28
CA GLY G 140 55.59 -14.85 -24.40
C GLY G 140 55.91 -13.83 -25.47
N ALA G 141 54.99 -13.65 -26.41
CA ALA G 141 55.15 -12.70 -27.50
C ALA G 141 54.62 -11.33 -27.12
N LYS G 142 55.17 -10.29 -27.72
CA LYS G 142 54.77 -8.92 -27.42
C LYS G 142 53.38 -8.60 -27.98
N SER G 143 52.49 -8.12 -27.10
CA SER G 143 51.14 -7.80 -27.51
C SER G 143 50.71 -6.43 -26.97
N PHE G 144 49.40 -6.19 -26.93
CA PHE G 144 48.87 -4.92 -26.47
C PHE G 144 47.38 -5.06 -26.15
N TYR G 145 46.77 -3.97 -25.70
CA TYR G 145 45.35 -3.97 -25.40
C TYR G 145 44.52 -4.28 -26.64
N LYS G 146 43.42 -5.00 -26.47
CA LYS G 146 42.56 -5.39 -27.58
C LYS G 146 41.64 -4.25 -28.01
N ASN G 147 41.26 -3.41 -27.06
CA ASN G 147 40.29 -2.34 -27.31
C ASN G 147 40.96 -1.01 -27.67
N LEU G 148 42.29 -1.01 -27.71
CA LEU G 148 43.06 0.17 -28.10
C LEU G 148 44.06 -0.20 -29.19
N ILE G 149 44.43 0.77 -30.01
CA ILE G 149 45.46 0.58 -31.02
C ILE G 149 46.56 1.63 -30.87
N TRP G 150 47.81 1.17 -30.76
CA TRP G 150 48.95 2.05 -30.61
C TRP G 150 49.51 2.45 -31.97
N LEU G 151 49.00 3.55 -32.50
CA LEU G 151 49.44 4.06 -33.80
C LEU G 151 50.86 4.64 -33.77
N VAL G 152 51.70 4.16 -34.67
CA VAL G 152 53.04 4.71 -34.83
C VAL G 152 53.22 5.22 -36.25
N LYS G 153 54.34 5.91 -36.50
CA LYS G 153 54.59 6.48 -37.82
C LYS G 153 54.68 5.42 -38.91
N LYS G 154 54.16 5.76 -40.08
CA LYS G 154 54.20 4.86 -41.23
C LYS G 154 55.43 5.17 -42.08
N GLY G 155 56.56 4.54 -41.75
CA GLY G 155 57.80 4.79 -42.43
C GLY G 155 58.37 6.20 -42.55
N ASN G 156 58.66 6.81 -41.40
CA ASN G 156 59.29 8.14 -41.37
C ASN G 156 58.23 9.21 -41.65
N SER G 157 56.96 8.88 -41.41
CA SER G 157 55.89 9.85 -41.64
C SER G 157 54.72 9.69 -40.67
N TYR G 158 54.40 10.77 -39.96
CA TYR G 158 53.24 10.80 -39.10
C TYR G 158 52.42 12.06 -39.38
N PRO G 159 51.46 11.96 -40.32
CA PRO G 159 50.59 13.06 -40.72
C PRO G 159 49.57 13.37 -39.64
N LYS G 160 49.14 14.62 -39.53
CA LYS G 160 48.07 14.95 -38.59
C LYS G 160 46.87 14.07 -38.87
N LEU G 161 46.54 13.19 -37.92
CA LEU G 161 45.36 12.35 -38.06
C LEU G 161 44.14 13.06 -37.48
N SER G 162 42.98 12.79 -38.04
CA SER G 162 41.76 13.45 -37.58
C SER G 162 40.52 12.60 -37.86
N LYS G 163 40.24 11.67 -36.96
CA LYS G 163 39.07 10.81 -37.06
C LYS G 163 38.03 11.28 -36.07
N SER G 164 36.78 10.91 -36.31
CA SER G 164 35.70 11.27 -35.39
C SER G 164 34.55 10.26 -35.47
N TYR G 165 33.91 10.02 -34.33
CA TYR G 165 32.79 9.10 -34.27
C TYR G 165 31.54 9.83 -33.80
N ILE G 166 30.41 9.51 -34.42
CA ILE G 166 29.14 10.09 -34.00
C ILE G 166 28.22 9.01 -33.41
N ASN G 167 27.74 9.26 -32.20
CA ASN G 167 26.96 8.27 -31.46
C ASN G 167 25.57 8.02 -32.05
N ASP G 168 25.45 6.97 -32.86
CA ASP G 168 24.17 6.63 -33.47
C ASP G 168 23.46 5.57 -32.65
N LYS G 169 24.09 5.13 -31.56
CA LYS G 169 23.46 4.18 -30.64
C LYS G 169 22.36 4.91 -29.89
N GLY G 170 21.53 4.17 -29.16
CA GLY G 170 20.45 4.78 -28.42
C GLY G 170 20.77 4.90 -26.94
N LYS G 171 22.03 5.19 -26.65
CA LYS G 171 22.51 5.17 -25.28
C LYS G 171 23.90 5.78 -25.22
N GLU G 172 24.39 6.01 -24.00
CA GLU G 172 25.73 6.55 -23.83
C GLU G 172 26.77 5.60 -24.40
N VAL G 173 27.85 6.16 -24.93
CA VAL G 173 28.95 5.36 -25.44
C VAL G 173 30.24 5.66 -24.67
N LEU G 174 30.75 4.65 -23.97
CA LEU G 174 32.01 4.78 -23.27
C LEU G 174 33.18 4.66 -24.24
N VAL G 175 33.96 5.74 -24.36
CA VAL G 175 35.11 5.73 -25.26
C VAL G 175 36.39 5.86 -24.45
N LEU G 176 37.31 4.92 -24.62
CA LEU G 176 38.58 4.98 -23.92
C LEU G 176 39.73 5.20 -24.92
N TRP G 177 40.74 5.94 -24.48
CA TRP G 177 41.91 6.17 -25.30
C TRP G 177 43.15 6.35 -24.44
N GLY G 178 44.32 6.42 -25.07
CA GLY G 178 45.57 6.55 -24.34
C GLY G 178 46.50 7.59 -24.92
N ILE G 179 47.32 8.18 -24.07
CA ILE G 179 48.34 9.12 -24.49
C ILE G 179 49.69 8.58 -24.07
N HIS G 180 50.57 8.34 -25.03
CA HIS G 180 51.87 7.74 -24.74
C HIS G 180 52.96 8.78 -24.52
N HIS G 181 53.72 8.61 -23.45
CA HIS G 181 54.84 9.50 -23.16
C HIS G 181 56.15 8.71 -23.24
N PRO G 182 56.90 8.91 -24.33
CA PRO G 182 58.19 8.23 -24.53
C PRO G 182 59.21 8.63 -23.46
N SER G 183 60.20 7.79 -23.25
CA SER G 183 61.21 8.04 -22.22
C SER G 183 62.26 9.03 -22.70
N THR G 184 62.63 8.93 -23.96
CA THR G 184 63.66 9.78 -24.55
C THR G 184 63.21 10.43 -25.86
N SER G 185 63.73 11.63 -26.13
CA SER G 185 63.42 12.34 -27.35
C SER G 185 63.81 11.52 -28.57
N ALA G 186 64.69 10.56 -28.37
CA ALA G 186 65.08 9.63 -29.42
C ALA G 186 63.92 8.69 -29.75
N ASP G 187 63.29 8.16 -28.71
CA ASP G 187 62.14 7.28 -28.89
C ASP G 187 60.98 8.06 -29.48
N GLN G 188 60.86 9.32 -29.11
CA GLN G 188 59.78 10.16 -29.62
C GLN G 188 59.78 10.19 -31.14
N GLN G 189 60.90 10.56 -31.73
CA GLN G 189 61.01 10.65 -33.19
C GLN G 189 61.02 9.27 -33.84
N SER G 190 61.59 8.29 -33.15
CA SER G 190 61.60 6.93 -33.66
C SER G 190 60.18 6.38 -33.76
N LEU G 191 59.27 6.93 -32.95
CA LEU G 191 57.88 6.46 -32.89
C LEU G 191 56.93 7.31 -33.73
N TYR G 192 57.12 8.62 -33.72
CA TYR G 192 56.19 9.53 -34.37
C TYR G 192 56.87 10.44 -35.41
N GLN G 193 58.19 10.60 -35.29
CA GLN G 193 58.96 11.39 -36.24
C GLN G 193 58.79 12.91 -36.24
N ASN G 194 58.15 13.44 -35.20
CA ASN G 194 57.85 14.87 -35.13
C ASN G 194 58.34 14.88 -33.69
N ALA G 195 59.08 15.93 -33.32
CA ALA G 195 59.60 16.05 -31.97
C ALA G 195 58.62 16.73 -31.03
N ASP G 196 57.88 17.71 -31.55
CA ASP G 196 56.89 18.41 -30.75
C ASP G 196 55.48 18.09 -31.25
N THR G 197 54.79 17.25 -30.49
CA THR G 197 53.47 16.77 -30.91
C THR G 197 52.40 17.15 -29.91
N TYR G 198 51.14 16.97 -30.31
CA TYR G 198 50.00 17.23 -29.44
C TYR G 198 48.86 16.28 -29.79
N VAL G 199 47.98 16.05 -28.83
CA VAL G 199 46.79 15.25 -29.06
C VAL G 199 45.57 15.99 -28.52
N PHE G 200 44.51 16.04 -29.30
CA PHE G 200 43.28 16.69 -28.85
C PHE G 200 42.07 15.78 -28.99
N VAL G 201 41.32 15.63 -27.89
CA VAL G 201 40.07 14.88 -27.88
C VAL G 201 38.93 15.82 -27.51
N GLY G 202 37.83 15.73 -28.25
CA GLY G 202 36.73 16.65 -28.02
C GLY G 202 35.36 16.13 -28.41
N SER G 203 34.37 16.42 -27.57
CA SER G 203 32.98 16.16 -27.89
C SER G 203 32.20 17.44 -27.63
N SER G 204 30.90 17.30 -27.36
CA SER G 204 30.08 18.47 -27.05
C SER G 204 30.32 18.93 -25.62
N ARG G 205 30.92 18.06 -24.82
CA ARG G 205 31.17 18.35 -23.42
C ARG G 205 32.64 18.23 -23.04
N TYR G 206 33.33 17.24 -23.61
CA TYR G 206 34.74 17.00 -23.31
C TYR G 206 35.64 17.80 -24.23
N SER G 207 36.79 18.22 -23.73
CA SER G 207 37.76 18.97 -24.52
C SER G 207 39.03 18.96 -23.67
N LYS G 208 40.16 18.64 -24.29
CA LYS G 208 41.45 18.69 -23.61
C LYS G 208 42.54 18.48 -24.64
N LYS G 209 43.63 19.24 -24.50
CA LYS G 209 44.76 19.11 -25.39
C LYS G 209 45.97 18.55 -24.63
N PHE G 210 46.40 17.36 -25.02
CA PHE G 210 47.47 16.67 -24.31
C PHE G 210 48.83 16.97 -24.94
N LYS G 211 49.82 17.19 -24.08
CA LYS G 211 51.19 17.40 -24.50
C LYS G 211 52.10 16.32 -23.90
N PRO G 212 52.70 15.50 -24.77
CA PRO G 212 53.60 14.42 -24.32
C PRO G 212 54.70 14.93 -23.42
N GLU G 213 54.86 14.29 -22.26
CA GLU G 213 55.90 14.66 -21.31
C GLU G 213 57.05 13.68 -21.39
N ILE G 214 58.08 14.04 -22.14
CA ILE G 214 59.21 13.15 -22.40
C ILE G 214 60.30 13.20 -21.33
N ALA G 215 60.49 12.08 -20.65
CA ALA G 215 61.48 11.99 -19.58
C ALA G 215 61.68 10.54 -19.16
N ILE G 216 62.76 10.27 -18.43
CA ILE G 216 63.04 8.92 -17.95
C ILE G 216 62.36 8.66 -16.61
N ARG G 217 61.37 7.77 -16.62
CA ARG G 217 60.76 7.31 -15.38
C ARG G 217 61.46 6.04 -14.91
N PRO G 218 61.40 5.77 -13.60
CA PRO G 218 61.92 4.50 -13.07
C PRO G 218 61.25 3.34 -13.81
N LYS G 219 61.97 2.23 -13.98
CA LYS G 219 61.44 1.11 -14.74
C LYS G 219 60.28 0.39 -14.05
N VAL G 220 59.18 0.26 -14.77
CA VAL G 220 58.07 -0.58 -14.35
C VAL G 220 57.73 -1.50 -15.52
N ARG G 221 57.87 -2.81 -15.30
CA ARG G 221 57.60 -3.77 -16.37
C ARG G 221 58.45 -3.47 -17.61
N GLU G 222 59.73 -3.21 -17.39
CA GLU G 222 60.70 -2.92 -18.45
C GLU G 222 60.50 -1.56 -19.13
N GLN G 223 59.52 -0.79 -18.67
CA GLN G 223 59.18 0.47 -19.33
C GLN G 223 59.69 1.70 -18.57
N GLU G 224 60.49 2.52 -19.26
CA GLU G 224 60.91 3.79 -18.71
C GLU G 224 59.97 4.89 -19.21
N GLY G 225 59.08 4.51 -20.11
CA GLY G 225 58.04 5.41 -20.59
C GLY G 225 56.75 5.20 -19.85
N ARG G 226 55.79 6.09 -20.07
CA ARG G 226 54.50 5.98 -19.41
C ARG G 226 53.35 6.13 -20.42
N MET G 227 52.20 5.58 -20.09
CA MET G 227 51.04 5.68 -20.97
C MET G 227 49.78 5.95 -20.15
N ASN G 228 49.28 7.18 -20.22
CA ASN G 228 48.10 7.56 -19.46
C ASN G 228 46.80 7.19 -20.17
N TYR G 229 45.78 6.83 -19.40
CA TYR G 229 44.52 6.37 -19.95
C TYR G 229 43.38 7.33 -19.63
N TYR G 230 42.59 7.66 -20.63
CA TYR G 230 41.49 8.61 -20.47
C TYR G 230 40.19 8.01 -20.99
N TRP G 231 39.06 8.45 -20.42
CA TRP G 231 37.76 7.97 -20.86
C TRP G 231 36.70 9.07 -20.78
N THR G 232 35.62 8.91 -21.53
CA THR G 232 34.51 9.85 -21.52
C THR G 232 33.23 9.18 -22.00
N LEU G 233 32.10 9.73 -21.57
CA LEU G 233 30.81 9.21 -22.01
C LEU G 233 30.21 10.13 -23.07
N VAL G 234 30.01 9.59 -24.27
CA VAL G 234 29.43 10.41 -25.32
C VAL G 234 27.91 10.25 -25.46
N GLU G 235 27.22 11.37 -25.31
CA GLU G 235 25.77 11.41 -25.36
C GLU G 235 25.24 10.95 -26.71
N PRO G 236 24.04 10.39 -26.74
CA PRO G 236 23.40 9.94 -27.98
C PRO G 236 23.19 11.11 -28.94
N GLY G 237 23.69 10.98 -30.16
CA GLY G 237 23.58 12.03 -31.15
C GLY G 237 24.80 12.92 -31.22
N ASP G 238 25.53 12.98 -30.10
CA ASP G 238 26.77 13.75 -30.03
C ASP G 238 27.90 13.01 -30.74
N LYS G 239 28.96 13.73 -31.10
CA LYS G 239 30.11 13.10 -31.73
C LYS G 239 31.40 13.46 -30.99
N ILE G 240 32.36 12.53 -30.99
CA ILE G 240 33.65 12.76 -30.38
C ILE G 240 34.73 12.81 -31.45
N THR G 241 35.63 13.78 -31.36
CA THR G 241 36.66 14.00 -32.38
C THR G 241 38.06 13.79 -31.85
N PHE G 242 38.83 12.98 -32.57
CA PHE G 242 40.23 12.76 -32.24
C PHE G 242 41.14 13.46 -33.25
N GLU G 243 42.18 14.11 -32.75
CA GLU G 243 43.13 14.80 -33.60
C GLU G 243 44.51 14.71 -32.95
N ALA G 244 45.50 14.27 -33.70
CA ALA G 244 46.83 14.10 -33.13
C ALA G 244 47.94 14.15 -34.18
N THR G 245 49.12 14.57 -33.74
CA THR G 245 50.33 14.52 -34.56
C THR G 245 51.30 13.51 -33.98
N GLY G 246 50.77 12.60 -33.16
CA GLY G 246 51.56 11.56 -32.54
C GLY G 246 51.15 11.27 -31.11
N ASN G 247 51.69 10.20 -30.54
CA ASN G 247 51.51 9.87 -29.14
C ASN G 247 50.09 9.48 -28.75
N LEU G 248 49.22 9.33 -29.74
CA LEU G 248 47.82 8.96 -29.46
C LEU G 248 47.57 7.46 -29.59
N VAL G 249 47.13 6.84 -28.50
CA VAL G 249 46.68 5.45 -28.53
C VAL G 249 45.18 5.45 -28.78
N VAL G 250 44.80 5.28 -30.04
CA VAL G 250 43.41 5.44 -30.47
C VAL G 250 42.50 4.31 -30.00
N PRO G 251 41.19 4.61 -29.90
CA PRO G 251 40.17 3.61 -29.57
C PRO G 251 39.91 2.68 -30.75
N ARG G 252 39.82 1.38 -30.48
CA ARG G 252 39.45 0.41 -31.50
C ARG G 252 38.05 -0.08 -31.20
N TYR G 253 37.79 -0.38 -29.93
CA TYR G 253 36.47 -0.78 -29.48
C TYR G 253 35.91 0.20 -28.46
N ALA G 254 34.60 0.43 -28.53
CA ALA G 254 33.92 1.26 -27.56
C ALA G 254 32.83 0.42 -26.87
N PHE G 255 31.93 1.07 -26.15
CA PHE G 255 30.88 0.35 -25.44
C PHE G 255 29.56 1.13 -25.41
N ALA G 256 28.54 0.60 -26.07
CA ALA G 256 27.19 1.13 -25.94
C ALA G 256 26.66 0.69 -24.58
N MET G 257 26.16 1.65 -23.80
CA MET G 257 25.94 1.39 -22.39
C MET G 257 24.76 2.16 -21.81
N GLU G 258 23.98 1.48 -20.98
CA GLU G 258 22.92 2.12 -20.21
C GLU G 258 23.07 1.78 -18.74
N ARG G 259 23.45 2.77 -17.94
CA ARG G 259 23.75 2.56 -16.53
C ARG G 259 22.59 2.85 -15.60
N ASN G 260 22.41 2.01 -14.60
CA ASN G 260 21.44 2.26 -13.54
C ASN G 260 22.14 2.44 -12.20
N ALA G 261 22.25 3.70 -11.77
CA ALA G 261 23.02 4.05 -10.58
C ALA G 261 22.56 3.30 -9.34
N GLY G 262 23.44 3.22 -8.35
CA GLY G 262 23.10 2.67 -7.05
C GLY G 262 23.63 1.28 -6.77
N SER G 263 24.84 0.99 -7.24
CA SER G 263 25.47 -0.30 -6.95
C SER G 263 26.93 -0.15 -6.56
N GLY G 264 27.62 -1.26 -6.37
CA GLY G 264 28.99 -1.23 -5.91
C GLY G 264 29.85 -2.34 -6.50
N ILE G 265 31.02 -2.54 -5.90
CA ILE G 265 31.98 -3.51 -6.41
C ILE G 265 32.54 -4.35 -5.27
N ILE G 266 32.38 -5.66 -5.37
CA ILE G 266 32.83 -6.56 -4.30
C ILE G 266 34.18 -7.20 -4.62
N ILE G 267 35.12 -7.10 -3.68
CA ILE G 267 36.41 -7.75 -3.81
C ILE G 267 36.46 -8.97 -2.87
N SER G 268 36.30 -10.16 -3.43
CA SER G 268 36.22 -11.37 -2.62
C SER G 268 36.57 -12.66 -3.38
N ASP G 269 37.05 -13.64 -2.64
CA ASP G 269 37.34 -14.96 -3.20
C ASP G 269 36.10 -15.85 -3.21
N THR G 270 35.02 -15.36 -2.62
CA THR G 270 33.79 -16.12 -2.51
C THR G 270 33.25 -16.51 -3.89
N PRO G 271 32.94 -17.80 -4.07
CA PRO G 271 32.45 -18.36 -5.34
C PRO G 271 31.15 -17.70 -5.79
N VAL G 272 30.98 -17.55 -7.10
CA VAL G 272 29.75 -17.02 -7.66
C VAL G 272 28.81 -18.18 -7.98
N HIS G 273 27.53 -18.00 -7.69
CA HIS G 273 26.55 -19.07 -7.86
C HIS G 273 25.26 -18.63 -8.54
N ASP G 274 24.45 -19.61 -8.93
CA ASP G 274 23.16 -19.35 -9.55
C ASP G 274 22.05 -19.36 -8.50
N CYS G 275 22.08 -18.35 -7.64
CA CYS G 275 21.08 -18.24 -6.59
C CYS G 275 20.52 -16.82 -6.48
N ASN G 276 19.34 -16.70 -5.89
CA ASN G 276 18.70 -15.40 -5.73
C ASN G 276 18.94 -14.83 -4.34
N THR G 277 19.14 -13.52 -4.27
CA THR G 277 19.30 -12.86 -2.98
C THR G 277 18.88 -11.40 -3.06
N THR G 278 18.46 -10.83 -1.93
CA THR G 278 18.04 -9.45 -1.88
C THR G 278 19.12 -8.60 -1.21
N CYS G 279 20.11 -9.27 -0.63
CA CYS G 279 21.19 -8.61 0.07
C CYS G 279 22.48 -9.39 -0.08
N GLN G 280 23.56 -8.69 -0.45
CA GLN G 280 24.83 -9.36 -0.73
C GLN G 280 25.98 -8.75 0.06
N THR G 281 26.83 -9.61 0.62
CA THR G 281 28.03 -9.19 1.30
C THR G 281 29.21 -9.94 0.72
N PRO G 282 30.44 -9.42 0.91
CA PRO G 282 31.65 -10.05 0.38
C PRO G 282 31.82 -11.49 0.85
N LYS G 283 31.30 -11.81 2.03
CA LYS G 283 31.44 -13.15 2.60
C LYS G 283 30.34 -14.10 2.14
N GLY G 284 29.22 -13.55 1.68
CA GLY G 284 28.11 -14.35 1.21
C GLY G 284 26.79 -13.61 1.27
N ALA G 285 25.76 -14.20 0.69
CA ALA G 285 24.44 -13.57 0.63
C ALA G 285 23.67 -13.73 1.94
N ILE G 286 22.65 -12.89 2.13
CA ILE G 286 21.84 -12.94 3.33
C ILE G 286 20.35 -13.05 2.98
N ASN G 287 19.72 -14.18 3.21
CA ASN G 287 18.31 -14.22 2.97
C ASN G 287 17.64 -14.17 4.29
N THR G 288 17.33 -12.99 4.79
CA THR G 288 16.62 -12.91 6.04
C THR G 288 15.59 -11.82 6.08
N SER G 289 14.64 -11.95 6.98
CA SER G 289 13.64 -10.90 7.17
C SER G 289 13.93 -10.11 8.44
N LEU G 290 14.93 -10.58 9.20
CA LEU G 290 15.31 -9.93 10.45
C LEU G 290 15.84 -8.53 10.20
N PRO G 291 15.68 -7.64 11.20
CA PRO G 291 16.04 -6.22 11.07
C PRO G 291 17.54 -5.96 11.18
N PHE G 292 18.29 -6.89 11.75
CA PHE G 292 19.70 -6.66 12.01
C PHE G 292 20.58 -7.83 11.59
N GLN G 293 21.84 -7.52 11.30
CA GLN G 293 22.82 -8.53 10.92
C GLN G 293 24.22 -8.12 11.38
N ASN G 294 25.03 -9.11 11.73
CA ASN G 294 26.41 -8.85 12.15
C ASN G 294 27.41 -9.60 11.28
N ILE G 295 27.01 -9.87 10.04
CA ILE G 295 27.85 -10.62 9.11
C ILE G 295 28.92 -9.75 8.47
N HIS G 296 28.53 -8.58 7.99
CA HIS G 296 29.47 -7.70 7.32
C HIS G 296 28.92 -6.28 7.18
N PRO G 297 29.76 -5.27 7.48
CA PRO G 297 29.41 -3.85 7.37
C PRO G 297 29.15 -3.46 5.92
N ILE G 298 29.99 -3.93 5.02
CA ILE G 298 29.84 -3.63 3.60
C ILE G 298 28.79 -4.54 2.97
N THR G 299 27.74 -3.94 2.43
CA THR G 299 26.61 -4.70 1.92
C THR G 299 26.07 -4.06 0.64
N ILE G 300 25.42 -4.86 -0.20
CA ILE G 300 24.79 -4.33 -1.41
C ILE G 300 23.36 -4.85 -1.55
N GLY G 301 22.41 -3.94 -1.70
CA GLY G 301 21.01 -4.30 -1.84
C GLY G 301 20.16 -3.81 -0.69
N LYS G 302 18.93 -4.30 -0.59
CA LYS G 302 18.06 -3.99 0.54
C LYS G 302 18.39 -4.90 1.71
N CYS G 303 19.29 -4.45 2.58
CA CYS G 303 19.85 -5.30 3.63
C CYS G 303 19.46 -4.85 5.03
N PRO G 304 19.60 -5.75 6.01
CA PRO G 304 19.42 -5.42 7.42
C PRO G 304 20.53 -4.51 7.89
N LYS G 305 20.27 -3.70 8.90
CA LYS G 305 21.27 -2.80 9.45
C LYS G 305 22.40 -3.57 10.12
N TYR G 306 23.64 -3.19 9.82
CA TYR G 306 24.79 -3.84 10.43
C TYR G 306 24.93 -3.44 11.89
N VAL G 307 24.97 -4.43 12.78
CA VAL G 307 25.07 -4.19 14.21
C VAL G 307 26.30 -4.92 14.77
N LYS G 308 26.87 -4.37 15.83
CA LYS G 308 28.06 -4.95 16.43
C LYS G 308 27.72 -6.10 17.38
N SER G 309 26.43 -6.24 17.69
CA SER G 309 25.97 -7.23 18.66
C SER G 309 26.33 -8.67 18.30
N THR G 310 26.47 -9.49 19.34
CA THR G 310 26.74 -10.92 19.17
C THR G 310 25.46 -11.73 19.24
N LYS G 311 24.46 -11.19 19.96
CA LYS G 311 23.16 -11.84 20.08
C LYS G 311 22.06 -10.83 20.42
N LEU G 312 20.95 -10.90 19.69
CA LEU G 312 19.79 -10.07 19.97
C LEU G 312 18.56 -10.97 20.14
N ARG G 313 18.50 -11.66 21.27
CA ARG G 313 17.43 -12.62 21.52
C ARG G 313 16.23 -11.96 22.20
N LEU G 314 15.09 -11.96 21.51
CA LEU G 314 13.88 -11.30 21.99
C LEU G 314 12.92 -12.31 22.62
N ALA G 315 12.67 -12.15 23.92
CA ALA G 315 11.78 -13.07 24.64
C ALA G 315 10.35 -12.97 24.12
N THR G 316 9.70 -14.12 24.00
CA THR G 316 8.31 -14.18 23.55
C THR G 316 7.41 -14.88 24.57
N GLY G 317 7.98 -15.87 25.27
CA GLY G 317 7.26 -16.58 26.31
C GLY G 317 7.46 -15.90 27.66
N LEU G 318 7.44 -16.69 28.72
CA LEU G 318 7.63 -16.15 30.07
C LEU G 318 8.74 -16.88 30.81
N ARG G 319 9.02 -16.44 32.04
CA ARG G 319 10.05 -17.08 32.85
C ARG G 319 9.86 -18.60 32.87
N ASN G 320 10.96 -19.33 32.97
CA ASN G 320 10.90 -20.78 33.04
C ASN G 320 11.30 -21.26 34.42
N ILE G 321 10.54 -22.21 34.96
CA ILE G 321 10.76 -22.73 36.30
C ILE G 321 10.39 -24.22 36.36
N PRO G 322 10.67 -24.90 37.48
CA PRO G 322 10.06 -26.21 37.70
C PRO G 322 8.57 -26.22 37.38
N GLY H 1 6.76 -10.41 38.95
CA GLY H 1 7.68 -9.33 38.65
C GLY H 1 7.11 -7.95 38.88
N LEU H 2 6.25 -7.50 37.97
CA LEU H 2 5.71 -6.14 38.01
C LEU H 2 4.26 -6.12 38.44
N PHE H 3 3.56 -7.22 38.21
CA PHE H 3 2.16 -7.35 38.60
C PHE H 3 1.98 -8.31 39.77
N GLY H 4 3.08 -8.92 40.19
CA GLY H 4 3.07 -9.77 41.38
C GLY H 4 2.66 -11.20 41.15
N ALA H 5 2.08 -11.49 39.99
CA ALA H 5 1.59 -12.84 39.70
C ALA H 5 2.59 -13.94 39.33
N ILE H 6 3.42 -13.68 38.33
CA ILE H 6 4.38 -14.67 37.85
C ILE H 6 5.62 -14.49 38.72
N ALA H 7 6.14 -15.59 39.24
CA ALA H 7 7.30 -15.55 40.13
C ALA H 7 7.01 -14.72 41.37
N GLY H 8 5.73 -14.49 41.64
CA GLY H 8 5.32 -13.73 42.81
C GLY H 8 4.56 -14.59 43.80
N PHE H 9 3.25 -14.40 43.86
CA PHE H 9 2.42 -15.21 44.75
C PHE H 9 2.11 -16.56 44.13
N ILE H 10 2.29 -16.66 42.82
CA ILE H 10 2.26 -17.94 42.13
C ILE H 10 3.70 -18.33 41.78
N GLU H 11 4.34 -19.07 42.68
CA GLU H 11 5.79 -19.28 42.64
C GLU H 11 6.34 -19.86 41.34
N GLY H 12 5.69 -20.91 40.82
CA GLY H 12 6.21 -21.59 39.66
C GLY H 12 5.22 -21.85 38.54
N GLY H 13 5.68 -22.51 37.50
CA GLY H 13 4.83 -22.84 36.37
C GLY H 13 4.56 -24.33 36.30
N TRP H 14 3.65 -24.73 35.42
CA TRP H 14 3.24 -26.13 35.31
C TRP H 14 3.72 -26.76 34.02
N THR H 15 4.69 -27.66 34.12
CA THR H 15 5.16 -28.40 32.96
C THR H 15 4.04 -29.29 32.45
N GLY H 16 3.01 -29.49 33.28
CA GLY H 16 1.90 -30.35 32.93
C GLY H 16 0.97 -29.72 31.91
N MET H 17 0.80 -28.40 32.01
CA MET H 17 -0.06 -27.68 31.08
C MET H 17 0.70 -27.35 29.79
N VAL H 18 0.24 -27.91 28.68
CA VAL H 18 0.92 -27.74 27.40
C VAL H 18 -0.02 -27.26 26.30
N ASP H 19 -1.21 -26.81 26.70
CA ASP H 19 -2.22 -26.37 25.74
C ASP H 19 -2.05 -24.90 25.40
N GLY H 20 -1.55 -24.13 26.36
CA GLY H 20 -1.38 -22.70 26.18
C GLY H 20 -0.48 -22.09 27.23
N TRP H 21 -0.44 -20.75 27.26
CA TRP H 21 0.43 -20.04 28.18
C TRP H 21 -0.17 -19.91 29.58
N TYR H 22 -1.47 -19.64 29.64
CA TYR H 22 -2.17 -19.52 30.91
C TYR H 22 -3.34 -20.49 30.98
N GLY H 23 -3.55 -21.10 32.15
CA GLY H 23 -4.64 -22.05 32.30
C GLY H 23 -4.99 -22.37 33.75
N TYR H 24 -5.68 -23.51 33.93
CA TYR H 24 -6.17 -23.90 35.24
C TYR H 24 -5.75 -25.32 35.60
N HIS H 25 -5.88 -25.67 36.87
CA HIS H 25 -5.68 -27.04 37.33
C HIS H 25 -6.76 -27.41 38.34
N HIS H 26 -7.84 -28.03 37.85
CA HIS H 26 -8.97 -28.38 38.69
C HIS H 26 -8.68 -29.62 39.53
N GLN H 27 -9.41 -29.77 40.63
CA GLN H 27 -9.25 -30.91 41.52
C GLN H 27 -10.58 -31.22 42.22
N ASN H 28 -11.49 -31.87 41.51
CA ASN H 28 -12.77 -32.23 42.07
C ASN H 28 -12.95 -33.74 42.22
N GLU H 29 -14.20 -34.17 42.38
CA GLU H 29 -14.51 -35.58 42.58
C GLU H 29 -14.31 -36.41 41.31
N GLN H 30 -14.52 -35.77 40.16
CA GLN H 30 -14.42 -36.46 38.87
C GLN H 30 -12.99 -36.63 38.39
N GLY H 31 -12.04 -36.03 39.12
CA GLY H 31 -10.63 -36.19 38.79
C GLY H 31 -9.84 -34.91 38.82
N SER H 32 -8.66 -34.93 38.18
CA SER H 32 -7.79 -33.77 38.12
C SER H 32 -7.41 -33.44 36.68
N GLY H 33 -6.27 -32.77 36.52
CA GLY H 33 -5.77 -32.45 35.20
C GLY H 33 -5.56 -30.97 34.97
N TYR H 34 -4.77 -30.64 33.95
CA TYR H 34 -4.52 -29.25 33.58
C TYR H 34 -5.31 -28.89 32.32
N ALA H 35 -5.72 -27.63 32.23
CA ALA H 35 -6.44 -27.15 31.07
C ALA H 35 -6.15 -25.67 30.83
N ALA H 36 -5.50 -25.37 29.72
CA ALA H 36 -5.15 -23.98 29.40
C ALA H 36 -6.37 -23.18 28.98
N ASP H 37 -6.33 -21.88 29.24
CA ASP H 37 -7.42 -20.99 28.87
C ASP H 37 -7.44 -20.74 27.37
N LEU H 38 -8.61 -20.94 26.76
CA LEU H 38 -8.76 -20.76 25.31
C LEU H 38 -8.54 -19.32 24.90
N LYS H 39 -9.43 -18.44 25.36
CA LYS H 39 -9.43 -17.05 24.92
C LYS H 39 -8.17 -16.31 25.32
N SER H 40 -7.76 -16.45 26.57
CA SER H 40 -6.62 -15.71 27.11
C SER H 40 -5.32 -15.99 26.35
N THR H 41 -5.02 -17.26 26.12
CA THR H 41 -3.79 -17.65 25.42
C THR H 41 -3.80 -17.18 23.97
N GLN H 42 -4.97 -17.20 23.34
CA GLN H 42 -5.08 -16.78 21.95
C GLN H 42 -4.70 -15.32 21.76
N ASN H 43 -5.27 -14.44 22.60
CA ASN H 43 -4.96 -13.02 22.53
C ASN H 43 -3.47 -12.75 22.71
N ALA H 44 -2.86 -13.43 23.68
CA ALA H 44 -1.44 -13.26 23.92
C ALA H 44 -0.63 -13.62 22.69
N ILE H 45 -0.90 -14.79 22.12
CA ILE H 45 -0.23 -15.22 20.89
C ILE H 45 -0.44 -14.23 19.76
N ASP H 46 -1.68 -13.78 19.56
CA ASP H 46 -1.99 -12.82 18.52
C ASP H 46 -1.28 -11.49 18.72
N GLU H 47 -1.20 -11.05 19.97
CA GLU H 47 -0.60 -9.76 20.29
C GLU H 47 0.93 -9.79 20.34
N ILE H 48 1.49 -10.89 20.87
CA ILE H 48 2.94 -11.06 20.88
C ILE H 48 3.47 -11.24 19.47
N THR H 49 2.71 -11.93 18.63
CA THR H 49 3.08 -12.14 17.23
C THR H 49 3.11 -10.82 16.48
N ASN H 50 2.10 -9.98 16.71
CA ASN H 50 2.03 -8.67 16.10
C ASN H 50 3.20 -7.80 16.58
N LYS H 51 3.66 -8.05 17.79
CA LYS H 51 4.78 -7.31 18.36
C LYS H 51 6.07 -7.63 17.63
N VAL H 52 6.36 -8.92 17.49
CA VAL H 52 7.54 -9.36 16.77
C VAL H 52 7.49 -8.88 15.32
N ASN H 53 6.32 -8.93 14.72
CA ASN H 53 6.14 -8.47 13.34
C ASN H 53 6.32 -6.97 13.18
N SER H 54 6.03 -6.22 14.25
CA SER H 54 6.19 -4.77 14.22
C SER H 54 7.66 -4.38 14.27
N VAL H 55 8.43 -5.04 15.13
CA VAL H 55 9.85 -4.77 15.27
C VAL H 55 10.59 -5.12 13.98
N ILE H 56 10.03 -6.06 13.22
CA ILE H 56 10.63 -6.51 11.97
C ILE H 56 10.14 -5.71 10.75
N GLU H 57 8.82 -5.69 10.57
CA GLU H 57 8.20 -5.10 9.39
C GLU H 57 8.51 -3.61 9.23
N LYS H 58 8.68 -2.91 10.35
CA LYS H 58 8.92 -1.47 10.31
C LYS H 58 10.33 -1.11 9.80
N MET H 59 11.16 -2.14 9.62
CA MET H 59 12.50 -1.95 9.09
C MET H 59 12.56 -2.32 7.61
N ASN H 60 12.16 -1.37 6.76
CA ASN H 60 12.35 -1.51 5.32
C ASN H 60 13.43 -0.53 4.86
N THR H 61 14.53 -1.07 4.34
CA THR H 61 15.69 -0.24 4.04
C THR H 61 15.78 0.16 2.57
N GLN H 62 16.71 1.07 2.28
CA GLN H 62 16.94 1.55 0.94
C GLN H 62 17.97 0.67 0.25
N PHE H 63 17.83 0.51 -1.07
CA PHE H 63 18.84 -0.20 -1.85
C PHE H 63 20.08 0.66 -1.98
N THR H 64 21.09 0.38 -1.18
CA THR H 64 22.33 1.15 -1.22
C THR H 64 23.53 0.22 -1.21
N ALA H 65 24.62 0.70 -1.81
CA ALA H 65 25.86 -0.06 -1.81
C ALA H 65 26.88 0.62 -0.89
N VAL H 66 26.86 0.24 0.39
CA VAL H 66 27.91 0.66 1.30
C VAL H 66 29.24 0.31 0.65
N GLY H 67 30.29 1.00 1.03
CA GLY H 67 31.61 0.65 0.53
C GLY H 67 31.97 1.51 -0.66
N LYS H 68 33.09 2.21 -0.54
CA LYS H 68 33.55 3.11 -1.57
C LYS H 68 35.04 2.89 -1.76
N GLU H 69 35.56 3.36 -2.89
CA GLU H 69 36.99 3.24 -3.17
C GLU H 69 37.64 4.61 -3.24
N PHE H 70 38.80 4.75 -2.63
CA PHE H 70 39.55 6.00 -2.65
C PHE H 70 41.04 5.74 -2.81
N ASN H 71 41.72 6.57 -3.60
CA ASN H 71 43.16 6.43 -3.79
C ASN H 71 43.97 7.06 -2.66
N HIS H 72 45.30 6.90 -2.73
CA HIS H 72 46.18 7.33 -1.65
C HIS H 72 46.11 8.83 -1.37
N LEU H 73 45.55 9.59 -2.30
CA LEU H 73 45.42 11.04 -2.11
C LEU H 73 44.00 11.43 -1.74
N GLU H 74 43.22 10.48 -1.25
CA GLU H 74 41.86 10.74 -0.83
C GLU H 74 41.60 10.14 0.55
N LYS H 75 42.63 10.15 1.38
CA LYS H 75 42.54 9.56 2.71
C LYS H 75 41.50 10.26 3.57
N ARG H 76 41.33 11.56 3.37
CA ARG H 76 40.37 12.33 4.13
C ARG H 76 38.93 11.86 3.89
N ILE H 77 38.47 11.93 2.64
CA ILE H 77 37.11 11.50 2.33
C ILE H 77 36.91 10.02 2.61
N GLU H 78 38.01 9.25 2.59
CA GLU H 78 37.95 7.86 2.98
C GLU H 78 37.65 7.74 4.47
N ASN H 79 38.27 8.61 5.26
CA ASN H 79 38.03 8.66 6.69
C ASN H 79 36.68 9.28 7.03
N LEU H 80 36.19 10.15 6.15
CA LEU H 80 34.85 10.69 6.27
C LEU H 80 33.88 9.53 6.08
N ASN H 81 34.07 8.80 4.99
CA ASN H 81 33.27 7.62 4.69
C ASN H 81 33.30 6.63 5.84
N LYS H 82 34.48 6.43 6.42
CA LYS H 82 34.62 5.54 7.55
C LYS H 82 33.80 6.05 8.73
N LYS H 83 33.78 7.37 8.91
CA LYS H 83 33.05 7.97 10.02
C LYS H 83 31.55 7.77 9.86
N VAL H 84 31.05 7.88 8.63
CA VAL H 84 29.63 7.73 8.37
C VAL H 84 29.20 6.28 8.56
N ASP H 85 30.13 5.35 8.34
CA ASP H 85 29.87 3.93 8.54
C ASP H 85 29.88 3.57 10.03
N ASP H 86 30.92 4.00 10.73
CA ASP H 86 31.04 3.77 12.15
C ASP H 86 29.92 4.46 12.92
N GLY H 87 29.50 5.61 12.44
CA GLY H 87 28.41 6.33 13.06
C GLY H 87 27.12 5.53 13.04
N PHE H 88 26.77 5.05 11.85
CA PHE H 88 25.58 4.21 11.70
C PHE H 88 25.74 2.92 12.49
N LEU H 89 26.97 2.45 12.61
CA LEU H 89 27.25 1.22 13.33
C LEU H 89 26.95 1.36 14.82
N ASP H 90 27.26 2.52 15.38
CA ASP H 90 27.03 2.77 16.80
C ASP H 90 25.57 3.08 17.11
N ILE H 91 24.90 3.81 16.22
CA ILE H 91 23.51 4.15 16.40
C ILE H 91 22.60 2.91 16.38
N TRP H 92 22.85 2.01 15.43
CA TRP H 92 22.03 0.81 15.31
C TRP H 92 22.34 -0.23 16.38
N THR H 93 23.62 -0.42 16.68
CA THR H 93 24.02 -1.36 17.71
C THR H 93 23.40 -1.00 19.06
N TYR H 94 23.45 0.28 19.41
CA TYR H 94 22.93 0.73 20.69
C TYR H 94 21.41 0.68 20.74
N ASN H 95 20.77 1.15 19.68
CA ASN H 95 19.31 1.12 19.61
C ASN H 95 18.74 -0.30 19.63
N ALA H 96 19.33 -1.18 18.85
CA ALA H 96 18.89 -2.58 18.81
C ALA H 96 19.07 -3.25 20.17
N GLU H 97 20.24 -3.07 20.77
CA GLU H 97 20.53 -3.65 22.08
C GLU H 97 19.53 -3.20 23.13
N LEU H 98 19.21 -1.91 23.14
CA LEU H 98 18.28 -1.37 24.11
C LEU H 98 16.82 -1.70 23.78
N LEU H 99 16.51 -1.80 22.49
CA LEU H 99 15.16 -2.14 22.08
C LEU H 99 14.79 -3.52 22.61
N VAL H 100 15.75 -4.45 22.55
CA VAL H 100 15.52 -5.80 23.02
C VAL H 100 15.41 -5.85 24.54
N LEU H 101 16.26 -5.09 25.22
CA LEU H 101 16.19 -5.02 26.68
C LEU H 101 14.87 -4.46 27.15
N LEU H 102 14.44 -3.36 26.53
CA LEU H 102 13.17 -2.72 26.91
C LEU H 102 11.97 -3.61 26.63
N GLU H 103 11.92 -4.17 25.42
CA GLU H 103 10.76 -4.97 25.02
C GLU H 103 10.70 -6.32 25.69
N ASN H 104 11.85 -6.84 26.12
CA ASN H 104 11.86 -8.08 26.89
C ASN H 104 11.30 -7.87 28.29
N GLU H 105 11.57 -6.69 28.85
CA GLU H 105 11.02 -6.34 30.14
C GLU H 105 9.50 -6.18 30.04
N ARG H 106 9.05 -5.56 28.97
CA ARG H 106 7.62 -5.35 28.76
C ARG H 106 6.88 -6.64 28.45
N THR H 107 7.50 -7.51 27.67
CA THR H 107 6.88 -8.79 27.31
C THR H 107 6.67 -9.67 28.53
N LEU H 108 7.67 -9.71 29.42
CA LEU H 108 7.55 -10.49 30.64
C LEU H 108 6.48 -9.91 31.58
N ASP H 109 6.39 -8.59 31.62
CA ASP H 109 5.35 -7.92 32.41
C ASP H 109 3.98 -8.13 31.77
N TYR H 110 3.96 -8.31 30.46
CA TYR H 110 2.72 -8.53 29.73
C TYR H 110 2.12 -9.88 30.09
N HIS H 111 2.98 -10.89 30.23
CA HIS H 111 2.53 -12.22 30.62
C HIS H 111 2.14 -12.23 32.10
N ASP H 112 2.89 -11.51 32.90
CA ASP H 112 2.60 -11.38 34.32
C ASP H 112 1.23 -10.76 34.50
N SER H 113 0.95 -9.71 33.73
CA SER H 113 -0.34 -9.05 33.75
C SER H 113 -1.48 -10.00 33.39
N ASN H 114 -1.32 -10.75 32.30
CA ASN H 114 -2.35 -11.67 31.84
C ASN H 114 -2.74 -12.69 32.89
N VAL H 115 -1.76 -13.14 33.68
CA VAL H 115 -2.02 -14.09 34.75
C VAL H 115 -2.76 -13.42 35.90
N LYS H 116 -2.23 -12.29 36.36
CA LYS H 116 -2.90 -11.49 37.38
C LYS H 116 -4.36 -11.26 37.02
N ASN H 117 -4.60 -10.79 35.81
CA ASN H 117 -5.95 -10.52 35.34
C ASN H 117 -6.82 -11.76 35.31
N LEU H 118 -6.22 -12.89 34.96
CA LEU H 118 -6.94 -14.15 34.93
C LEU H 118 -7.34 -14.55 36.35
N TYR H 119 -6.41 -14.36 37.29
CA TYR H 119 -6.67 -14.63 38.69
C TYR H 119 -7.78 -13.73 39.24
N GLU H 120 -7.76 -12.47 38.82
CA GLU H 120 -8.74 -11.49 39.31
C GLU H 120 -10.14 -11.74 38.76
N LYS H 121 -10.23 -12.26 37.54
CA LYS H 121 -11.52 -12.49 36.91
C LYS H 121 -12.27 -13.63 37.59
N VAL H 122 -11.52 -14.53 38.21
CA VAL H 122 -12.07 -15.67 38.92
C VAL H 122 -12.36 -15.31 40.37
N ARG H 123 -11.53 -14.45 40.95
CA ARG H 123 -11.65 -14.07 42.34
C ARG H 123 -12.88 -13.21 42.58
N SER H 124 -13.10 -12.25 41.69
CA SER H 124 -14.25 -11.35 41.80
C SER H 124 -15.51 -12.08 41.35
N GLN H 125 -15.42 -13.39 41.20
CA GLN H 125 -16.55 -14.19 40.76
C GLN H 125 -16.96 -15.20 41.83
N LEU H 126 -16.05 -15.48 42.77
CA LEU H 126 -16.31 -16.44 43.83
C LEU H 126 -16.05 -15.81 45.19
N LYS H 127 -16.69 -14.68 45.47
CA LYS H 127 -16.44 -13.96 46.72
C LYS H 127 -16.55 -14.86 47.94
N ASN H 128 -17.78 -15.28 48.24
CA ASN H 128 -18.05 -16.10 49.42
C ASN H 128 -18.00 -17.59 49.13
N ASN H 129 -18.28 -17.96 47.90
CA ASN H 129 -18.36 -19.38 47.52
C ASN H 129 -17.01 -20.09 47.52
N ALA H 130 -15.96 -19.39 47.93
CA ALA H 130 -14.63 -19.95 47.98
C ALA H 130 -13.67 -19.04 48.74
N LYS H 131 -12.50 -19.55 49.11
CA LYS H 131 -11.52 -18.76 49.86
C LYS H 131 -10.15 -18.68 49.19
N GLU H 132 -9.44 -17.59 49.45
CA GLU H 132 -8.09 -17.41 48.93
C GLU H 132 -7.08 -18.19 49.75
N ILE H 133 -6.33 -19.07 49.07
CA ILE H 133 -5.22 -19.77 49.72
C ILE H 133 -4.04 -18.82 49.85
N GLY H 134 -3.68 -18.18 48.73
CA GLY H 134 -2.56 -17.28 48.69
C GLY H 134 -1.53 -17.74 47.67
N ASN H 135 -1.70 -18.98 47.22
CA ASN H 135 -0.80 -19.56 46.24
C ASN H 135 -1.41 -19.47 44.84
N GLY H 136 -2.30 -18.51 44.66
CA GLY H 136 -3.01 -18.35 43.40
C GLY H 136 -4.05 -19.44 43.23
N CYS H 137 -4.35 -20.12 44.33
CA CYS H 137 -5.30 -21.23 44.32
C CYS H 137 -6.53 -20.91 45.16
N PHE H 138 -7.70 -21.27 44.68
CA PHE H 138 -8.95 -21.04 45.40
C PHE H 138 -9.55 -22.34 45.93
N GLU H 139 -10.03 -22.33 47.17
CA GLU H 139 -10.68 -23.50 47.76
C GLU H 139 -12.19 -23.28 47.91
N PHE H 140 -12.97 -24.05 47.16
CA PHE H 140 -14.42 -23.93 47.20
C PHE H 140 -15.00 -24.31 48.56
N TYR H 141 -16.16 -23.75 48.89
CA TYR H 141 -16.93 -24.17 50.05
C TYR H 141 -18.11 -25.06 49.66
N HIS H 142 -18.86 -24.72 48.62
CA HIS H 142 -19.77 -25.71 48.05
C HIS H 142 -19.00 -26.64 47.11
N LYS H 143 -19.55 -27.84 46.94
CA LYS H 143 -18.99 -28.84 46.03
C LYS H 143 -19.05 -28.36 44.58
N CYS H 144 -17.93 -28.51 43.87
CA CYS H 144 -17.86 -28.07 42.48
C CYS H 144 -17.47 -29.20 41.52
N ASP H 145 -18.41 -29.57 40.64
CA ASP H 145 -18.18 -30.64 39.68
C ASP H 145 -17.65 -30.11 38.35
N ASN H 146 -17.57 -30.99 37.35
CA ASN H 146 -17.05 -30.61 36.04
C ASN H 146 -17.84 -29.51 35.36
N THR H 147 -19.16 -29.63 35.36
CA THR H 147 -20.02 -28.62 34.77
C THR H 147 -19.95 -27.32 35.57
N CYS H 148 -19.48 -27.43 36.82
CA CYS H 148 -19.32 -26.27 37.68
C CYS H 148 -18.08 -25.47 37.30
N MET H 149 -16.97 -26.18 37.11
CA MET H 149 -15.72 -25.55 36.69
C MET H 149 -15.91 -24.79 35.38
N GLU H 150 -16.77 -25.33 34.53
CA GLU H 150 -17.07 -24.71 33.24
C GLU H 150 -17.53 -23.27 33.40
N SER H 151 -18.47 -23.05 34.32
CA SER H 151 -19.05 -21.73 34.52
C SER H 151 -18.02 -20.71 35.01
N VAL H 152 -16.87 -21.19 35.45
CA VAL H 152 -15.78 -20.31 35.88
C VAL H 152 -14.87 -19.98 34.69
N LYS H 153 -14.47 -21.01 33.96
CA LYS H 153 -13.65 -20.83 32.77
C LYS H 153 -14.38 -19.98 31.72
N ASN H 154 -15.67 -20.23 31.57
CA ASN H 154 -16.48 -19.53 30.58
C ASN H 154 -16.94 -18.16 31.06
N GLY H 155 -16.73 -17.88 32.34
CA GLY H 155 -17.10 -16.60 32.92
C GLY H 155 -18.60 -16.49 33.18
N THR H 156 -19.32 -17.55 32.85
CA THR H 156 -20.77 -17.60 33.06
C THR H 156 -21.08 -18.34 34.37
N TYR H 157 -20.71 -17.72 35.48
CA TYR H 157 -20.83 -18.35 36.80
C TYR H 157 -21.99 -17.85 37.65
N ASP H 158 -23.02 -18.69 37.74
CA ASP H 158 -24.15 -18.52 38.67
C ASP H 158 -23.69 -18.31 40.11
N TYR H 159 -24.59 -17.78 40.94
CA TYR H 159 -24.27 -17.54 42.33
C TYR H 159 -25.47 -17.70 43.25
N PRO H 160 -26.10 -18.89 43.22
CA PRO H 160 -27.22 -19.17 44.13
C PRO H 160 -26.81 -20.15 45.21
N LYS H 161 -25.59 -20.05 45.70
CA LYS H 161 -25.05 -21.10 46.58
C LYS H 161 -24.41 -20.61 47.89
N TYR H 162 -24.01 -21.57 48.71
CA TYR H 162 -23.24 -21.33 49.91
C TYR H 162 -22.37 -22.54 50.25
N ASP I 1 -2.30 -1.92 68.27
CA ASP I 1 -1.21 -2.62 67.58
C ASP I 1 -1.39 -2.53 66.07
N THR I 2 -0.39 -1.96 65.38
CA THR I 2 -0.47 -1.77 63.95
C THR I 2 0.84 -2.12 63.21
N LEU I 3 0.70 -2.38 61.92
CA LEU I 3 1.86 -2.64 61.06
C LEU I 3 1.66 -1.93 59.72
N CYS I 4 2.37 -0.83 59.51
CA CYS I 4 2.20 -0.02 58.30
C CYS I 4 3.23 -0.36 57.22
N ILE I 5 2.99 0.10 56.01
CA ILE I 5 3.91 -0.12 54.90
C ILE I 5 4.14 1.17 54.11
N GLY I 6 5.41 1.48 53.83
CA GLY I 6 5.76 2.72 53.16
C GLY I 6 7.09 2.65 52.45
N TYR I 7 7.65 3.82 52.13
CA TYR I 7 8.87 3.89 51.34
C TYR I 7 9.87 4.94 51.83
N HIS I 8 11.09 4.89 51.30
CA HIS I 8 12.18 5.74 51.76
C HIS I 8 11.99 7.21 51.41
N ALA I 9 12.72 8.07 52.12
CA ALA I 9 12.73 9.51 51.83
C ALA I 9 13.96 10.11 52.49
N ASN I 10 14.34 11.32 52.08
CA ASN I 10 15.54 11.96 52.61
C ASN I 10 15.68 13.45 52.27
N ASN I 11 16.86 14.00 52.52
CA ASN I 11 17.14 15.41 52.28
C ASN I 11 17.50 15.71 50.84
N SER I 12 17.38 14.71 49.98
CA SER I 12 17.77 14.85 48.57
C SER I 12 16.93 15.89 47.82
N THR I 13 17.59 16.67 46.98
CA THR I 13 16.90 17.67 46.16
C THR I 13 17.08 17.37 44.68
N ASP I 14 17.73 16.24 44.39
CA ASP I 14 17.95 15.82 43.01
C ASP I 14 16.64 15.73 42.24
N THR I 15 16.54 16.49 41.16
CA THR I 15 15.35 16.47 40.31
C THR I 15 15.63 15.79 38.97
N VAL I 16 14.63 15.08 38.47
CA VAL I 16 14.72 14.43 37.17
C VAL I 16 13.46 14.72 36.37
N ASP I 17 13.48 14.37 35.09
CA ASP I 17 12.31 14.56 34.25
C ASP I 17 11.73 13.24 33.78
N THR I 18 10.41 13.21 33.61
CA THR I 18 9.75 12.04 33.04
C THR I 18 8.89 12.47 31.86
N VAL I 19 8.44 11.51 31.07
CA VAL I 19 7.59 11.80 29.92
C VAL I 19 6.31 12.49 30.37
N LEU I 20 5.85 12.14 31.57
CA LEU I 20 4.57 12.60 32.09
C LEU I 20 4.68 13.86 32.97
N GLU I 21 5.79 13.99 33.68
CA GLU I 21 5.92 15.05 34.68
C GLU I 21 7.33 15.64 34.71
N LYS I 22 7.41 16.95 34.92
CA LYS I 22 8.69 17.66 34.96
C LYS I 22 9.18 18.15 36.32
N ASN I 23 10.49 18.05 36.54
CA ASN I 23 11.11 18.50 37.77
C ASN I 23 10.70 17.70 39.01
N VAL I 24 10.67 16.38 38.86
CA VAL I 24 10.31 15.49 39.94
C VAL I 24 11.46 15.13 40.89
N THR I 25 11.32 15.49 42.17
CA THR I 25 12.36 15.23 43.15
C THR I 25 12.47 13.74 43.44
N VAL I 26 13.69 13.23 43.50
CA VAL I 26 13.91 11.81 43.79
C VAL I 26 14.94 11.59 44.88
N THR I 27 14.92 10.40 45.47
CA THR I 27 15.82 10.05 46.56
C THR I 27 17.25 9.86 46.08
N HIS I 28 17.41 9.19 44.94
CA HIS I 28 18.73 8.93 44.38
C HIS I 28 18.70 9.01 42.86
N SER I 29 19.83 9.43 42.28
CA SER I 29 19.93 9.58 40.83
C SER I 29 21.38 9.69 40.37
N VAL I 30 21.64 9.17 39.17
CA VAL I 30 22.97 9.27 38.57
C VAL I 30 22.93 10.18 37.34
N ASN I 31 24.10 10.59 36.88
CA ASN I 31 24.19 11.43 35.69
C ASN I 31 24.77 10.67 34.50
N LEU I 32 24.01 10.61 33.41
CA LEU I 32 24.47 9.92 32.21
C LEU I 32 25.34 10.83 31.34
N LEU I 33 25.21 12.14 31.54
CA LEU I 33 25.93 13.11 30.72
C LEU I 33 27.25 13.54 31.35
N GLU I 34 28.33 13.40 30.58
CA GLU I 34 29.63 13.88 31.01
C GLU I 34 29.83 15.32 30.55
N ASP I 35 30.12 16.21 31.48
CA ASP I 35 30.32 17.62 31.15
C ASP I 35 31.58 18.17 31.82
N LYS I 36 32.57 17.30 32.01
CA LYS I 36 33.78 17.68 32.72
C LYS I 36 35.02 17.11 32.05
N HIS I 37 35.99 17.98 31.77
CA HIS I 37 37.25 17.58 31.16
C HIS I 37 38.42 18.08 32.00
N ASN I 38 39.59 17.49 31.80
CA ASN I 38 40.76 17.84 32.61
C ASN I 38 41.53 19.06 32.11
N GLY I 39 41.07 19.64 31.00
CA GLY I 39 41.70 20.83 30.44
C GLY I 39 43.15 20.60 30.04
N LYS I 40 43.45 19.41 29.54
CA LYS I 40 44.80 19.08 29.10
C LYS I 40 44.76 18.28 27.81
N LEU I 41 45.81 18.40 27.00
CA LEU I 41 45.98 17.52 25.85
C LEU I 41 46.89 16.38 26.28
N CYS I 42 46.32 15.18 26.37
CA CYS I 42 47.03 14.05 26.94
C CYS I 42 47.50 13.06 25.88
N LYS I 43 47.97 11.91 26.33
CA LYS I 43 48.38 10.84 25.42
C LYS I 43 47.13 10.10 24.97
N LEU I 44 47.08 9.71 23.70
CA LEU I 44 45.87 9.09 23.17
C LEU I 44 45.85 7.59 23.39
N ARG I 45 47.00 6.95 23.27
CA ARG I 45 47.11 5.56 23.66
C ARG I 45 48.12 5.30 24.77
N GLY I 46 49.36 5.09 24.35
CA GLY I 46 50.49 5.10 25.24
C GLY I 46 51.41 6.18 24.75
N VAL I 47 51.14 6.64 23.52
CA VAL I 47 51.99 7.61 22.87
C VAL I 47 51.47 9.05 22.97
N ALA I 48 52.40 9.99 23.11
CA ALA I 48 52.05 11.39 23.27
C ALA I 48 51.88 12.05 21.91
N PRO I 49 51.16 13.19 21.87
CA PRO I 49 50.93 13.89 20.60
C PRO I 49 52.17 14.66 20.18
N LEU I 50 52.22 15.03 18.90
CA LEU I 50 53.29 15.85 18.37
C LEU I 50 52.87 17.32 18.39
N HIS I 51 53.47 18.10 19.28
CA HIS I 51 53.15 19.52 19.39
C HIS I 51 54.11 20.34 18.53
N LEU I 52 53.56 21.13 17.62
CA LEU I 52 54.38 21.90 16.68
C LEU I 52 54.73 23.29 17.19
N GLY I 53 54.11 23.69 18.30
CA GLY I 53 54.38 24.98 18.90
C GLY I 53 54.01 26.16 18.02
N LYS I 54 55.02 26.95 17.66
CA LYS I 54 54.82 28.17 16.88
C LYS I 54 54.72 27.89 15.38
N CYS I 55 54.89 26.62 15.00
CA CYS I 55 54.85 26.24 13.60
C CYS I 55 53.63 25.39 13.25
N ASN I 56 53.29 25.36 11.97
CA ASN I 56 52.26 24.45 11.48
C ASN I 56 52.92 23.30 10.72
N ILE I 57 52.12 22.35 10.25
CA ILE I 57 52.65 21.16 9.57
C ILE I 57 53.63 21.53 8.46
N ALA I 58 53.20 22.39 7.54
CA ALA I 58 54.03 22.77 6.40
C ALA I 58 55.44 23.21 6.82
N GLY I 59 55.52 24.19 7.71
CA GLY I 59 56.79 24.69 8.19
C GLY I 59 57.62 23.63 8.89
N TRP I 60 56.94 22.61 9.38
CA TRP I 60 57.60 21.54 10.13
C TRP I 60 58.35 20.56 9.23
N ILE I 61 57.68 20.04 8.21
CA ILE I 61 58.30 19.05 7.32
C ILE I 61 59.25 19.68 6.30
N LEU I 62 58.94 20.89 5.87
CA LEU I 62 59.81 21.58 4.92
C LEU I 62 61.12 21.99 5.58
N GLY I 63 61.06 22.30 6.88
CA GLY I 63 62.25 22.65 7.62
C GLY I 63 62.43 24.14 7.79
N ASN I 64 61.32 24.86 7.94
CA ASN I 64 61.38 26.29 8.22
C ASN I 64 62.38 26.58 9.34
N PRO I 65 63.23 27.59 9.14
CA PRO I 65 64.28 27.93 10.10
C PRO I 65 63.77 28.15 11.52
N GLU I 66 62.50 28.52 11.66
CA GLU I 66 61.93 28.78 12.99
C GLU I 66 61.45 27.50 13.66
N CYS I 67 61.33 26.42 12.89
CA CYS I 67 60.87 25.15 13.43
C CYS I 67 62.04 24.20 13.69
N GLU I 68 63.04 24.69 14.39
CA GLU I 68 64.22 23.89 14.71
C GLU I 68 64.25 23.54 16.19
N SER I 69 63.09 23.69 16.85
CA SER I 69 62.99 23.37 18.27
C SER I 69 63.28 21.89 18.29
N LEU I 70 63.40 21.35 19.50
CA LEU I 70 63.60 19.92 19.69
C LEU I 70 62.27 19.24 19.40
N SER I 71 62.02 18.97 18.13
CA SER I 71 60.69 18.57 17.67
C SER I 71 60.58 17.08 17.36
N THR I 72 61.70 16.45 17.04
CA THR I 72 61.72 15.05 16.71
C THR I 72 60.99 14.12 17.67
N ALA I 73 60.39 13.08 17.12
CA ALA I 73 59.73 12.04 17.87
C ALA I 73 59.55 10.82 16.98
N SER I 74 59.77 9.63 17.54
CA SER I 74 59.70 8.40 16.77
C SER I 74 58.26 8.09 16.35
N SER I 75 57.30 8.67 17.06
CA SER I 75 55.90 8.41 16.80
C SER I 75 54.97 9.35 17.56
N TRP I 76 53.74 9.45 17.12
CA TRP I 76 52.73 10.26 17.80
C TRP I 76 51.32 9.76 17.50
N SER I 77 50.42 9.96 18.45
CA SER I 77 49.04 9.52 18.31
C SER I 77 48.20 10.54 17.56
N TYR I 78 48.57 11.81 17.68
CA TYR I 78 47.91 12.88 16.95
C TYR I 78 48.78 14.14 16.96
N ILE I 79 48.39 15.15 16.20
CA ILE I 79 49.22 16.36 16.08
C ILE I 79 48.50 17.59 16.63
N VAL I 80 49.18 18.32 17.51
CA VAL I 80 48.63 19.54 18.08
C VAL I 80 49.26 20.77 17.43
N GLU I 81 48.45 21.78 17.16
CA GLU I 81 48.88 22.94 16.40
C GLU I 81 48.15 24.18 16.91
N THR I 82 48.90 25.11 17.49
CA THR I 82 48.31 26.30 18.09
C THR I 82 47.70 27.22 17.04
N PRO I 83 46.56 27.85 17.38
CA PRO I 83 45.87 28.79 16.49
C PRO I 83 46.75 29.99 16.15
N SER I 84 47.84 30.14 16.90
CA SER I 84 48.72 31.30 16.75
C SER I 84 50.01 30.94 16.00
N SER I 85 50.02 29.78 15.34
CA SER I 85 51.20 29.31 14.63
C SER I 85 51.12 29.63 13.15
N ASP I 86 51.96 30.56 12.70
CA ASP I 86 51.92 31.02 11.31
C ASP I 86 53.14 30.60 10.49
N ASN I 87 54.17 30.12 11.18
CA ASN I 87 55.41 29.73 10.51
C ASN I 87 55.29 28.45 9.69
N GLY I 88 54.95 28.60 8.41
CA GLY I 88 54.86 27.49 7.48
C GLY I 88 55.71 27.73 6.26
N THR I 89 55.07 27.76 5.10
CA THR I 89 55.77 28.05 3.85
C THR I 89 56.13 29.52 3.77
N CYS I 90 57.34 29.85 4.24
CA CYS I 90 57.78 31.24 4.28
C CYS I 90 57.98 31.85 2.90
N TYR I 91 58.37 31.03 1.93
CA TYR I 91 58.45 31.51 0.55
C TYR I 91 57.13 31.27 -0.15
N PRO I 92 56.42 32.37 -0.48
CA PRO I 92 55.07 32.34 -1.05
C PRO I 92 54.93 31.30 -2.14
N GLY I 93 53.92 30.44 -2.02
CA GLY I 93 53.69 29.40 -3.00
C GLY I 93 52.49 28.53 -2.65
N ASP I 94 52.30 27.47 -3.43
CA ASP I 94 51.18 26.58 -3.24
C ASP I 94 51.66 25.19 -2.79
N PHE I 95 51.12 24.71 -1.67
CA PHE I 95 51.45 23.38 -1.18
C PHE I 95 50.43 22.37 -1.72
N ILE I 96 50.84 21.62 -2.75
CA ILE I 96 49.94 20.71 -3.44
C ILE I 96 49.50 19.55 -2.55
N ASP I 97 48.20 19.30 -2.51
CA ASP I 97 47.63 18.25 -1.66
C ASP I 97 48.08 18.40 -0.21
N TYR I 98 48.11 19.63 0.27
CA TYR I 98 48.58 19.93 1.61
C TYR I 98 47.70 19.28 2.67
N GLU I 99 46.39 19.52 2.59
CA GLU I 99 45.45 18.93 3.54
C GLU I 99 45.58 17.41 3.58
N GLU I 100 45.77 16.80 2.41
CA GLU I 100 45.94 15.36 2.32
C GLU I 100 47.20 14.89 3.03
N LEU I 101 48.26 15.67 2.92
CA LEU I 101 49.53 15.31 3.56
C LEU I 101 49.36 15.36 5.06
N ARG I 102 48.67 16.38 5.56
CA ARG I 102 48.42 16.52 6.98
C ARG I 102 47.70 15.29 7.52
N GLU I 103 46.66 14.86 6.81
CA GLU I 103 45.85 13.73 7.26
C GLU I 103 46.68 12.47 7.36
N GLN I 104 47.66 12.32 6.47
CA GLN I 104 48.49 11.12 6.43
C GLN I 104 49.65 11.20 7.42
N LEU I 105 49.90 12.39 7.93
CA LEU I 105 50.94 12.60 8.93
C LEU I 105 50.34 12.66 10.34
N SER I 106 49.02 12.80 10.40
CA SER I 106 48.32 13.00 11.67
C SER I 106 48.74 11.99 12.72
N SER I 107 48.98 10.75 12.29
CA SER I 107 49.43 9.72 13.21
C SER I 107 50.41 8.76 12.54
N VAL I 108 51.53 8.52 13.22
CA VAL I 108 52.64 7.77 12.66
C VAL I 108 53.16 6.80 13.72
N SER I 109 53.57 5.61 13.28
CA SER I 109 54.06 4.59 14.19
C SER I 109 55.57 4.64 14.33
N SER I 110 56.24 4.98 13.22
CA SER I 110 57.69 5.22 13.25
C SER I 110 58.03 6.34 12.28
N PHE I 111 58.97 7.19 12.65
CA PHE I 111 59.25 8.40 11.87
C PHE I 111 60.67 8.88 12.06
N GLU I 112 61.57 8.45 11.18
CA GLU I 112 62.95 8.91 11.24
C GLU I 112 63.31 9.77 10.03
N ARG I 113 63.96 10.90 10.30
CA ARG I 113 64.36 11.82 9.25
C ARG I 113 65.83 11.59 8.87
N PHE I 114 66.05 11.22 7.61
CA PHE I 114 67.40 10.96 7.13
C PHE I 114 67.76 11.86 5.96
N GLU I 115 69.05 12.04 5.72
CA GLU I 115 69.51 12.87 4.60
C GLU I 115 69.49 12.05 3.32
N ILE I 116 68.50 12.31 2.47
CA ILE I 116 68.32 11.54 1.24
C ILE I 116 69.35 11.90 0.18
N PHE I 117 69.61 13.19 0.01
CA PHE I 117 70.65 13.67 -0.91
C PHE I 117 71.62 14.59 -0.18
N PRO I 118 72.70 14.03 0.37
CA PRO I 118 73.71 14.81 1.09
C PRO I 118 74.16 16.02 0.28
N LYS I 119 74.23 17.19 0.92
CA LYS I 119 74.46 18.44 0.19
C LYS I 119 75.85 18.54 -0.43
N THR I 120 76.83 17.87 0.17
CA THR I 120 78.22 18.01 -0.26
C THR I 120 78.57 17.14 -1.47
N SER I 121 77.99 15.95 -1.53
CA SER I 121 78.37 14.97 -2.54
C SER I 121 77.37 14.83 -3.69
N SER I 122 76.17 15.35 -3.51
CA SER I 122 75.10 15.11 -4.47
C SER I 122 75.07 16.10 -5.64
N TRP I 123 75.48 17.34 -5.38
CA TRP I 123 75.36 18.39 -6.39
C TRP I 123 76.69 19.07 -6.70
N PRO I 124 77.55 18.38 -7.47
CA PRO I 124 78.89 18.87 -7.82
C PRO I 124 78.85 19.88 -8.96
N ASN I 125 77.80 19.82 -9.77
CA ASN I 125 77.70 20.67 -10.95
C ASN I 125 76.81 21.88 -10.75
N HIS I 126 76.31 22.05 -9.54
CA HIS I 126 75.43 23.17 -9.22
C HIS I 126 75.80 23.79 -7.88
N ASP I 127 75.33 25.01 -7.65
CA ASP I 127 75.63 25.71 -6.41
C ASP I 127 74.55 25.45 -5.36
N SER I 128 74.94 24.89 -4.22
CA SER I 128 73.99 24.58 -3.16
C SER I 128 74.24 25.44 -1.92
N ASN I 129 74.71 26.67 -2.13
CA ASN I 129 75.01 27.56 -1.02
C ASN I 129 74.40 28.95 -1.16
N LYS I 130 73.94 29.28 -2.36
CA LYS I 130 73.37 30.61 -2.60
C LYS I 130 71.86 30.61 -2.51
N GLY I 131 71.27 29.42 -2.34
CA GLY I 131 69.83 29.29 -2.28
C GLY I 131 69.21 29.75 -0.99
N VAL I 132 69.21 31.06 -0.76
CA VAL I 132 68.59 31.63 0.44
C VAL I 132 67.70 32.80 0.05
N THR I 133 66.85 33.24 0.98
CA THR I 133 65.90 34.31 0.70
C THR I 133 65.57 35.13 1.95
N ALA I 134 65.13 36.36 1.73
CA ALA I 134 64.74 37.23 2.83
C ALA I 134 63.39 36.79 3.40
N ALA I 135 62.66 36.00 2.62
CA ALA I 135 61.36 35.50 3.05
C ALA I 135 61.50 34.47 4.16
N CYS I 136 62.67 33.85 4.26
CA CYS I 136 62.92 32.84 5.27
C CYS I 136 64.08 33.23 6.18
N PRO I 137 63.87 34.22 7.04
CA PRO I 137 64.92 34.79 7.90
C PRO I 137 65.30 33.87 9.05
N HIS I 138 66.60 33.69 9.26
CA HIS I 138 67.09 33.06 10.48
C HIS I 138 68.09 34.00 11.14
N ALA I 139 67.59 34.77 12.11
CA ALA I 139 68.40 35.77 12.80
C ALA I 139 68.75 36.94 11.89
N GLY I 140 67.74 37.52 11.26
CA GLY I 140 67.91 38.71 10.44
C GLY I 140 68.61 38.43 9.14
N ALA I 141 69.33 37.32 9.09
CA ALA I 141 70.07 36.95 7.91
C ALA I 141 69.22 36.07 7.00
N LYS I 142 69.51 36.11 5.70
CA LYS I 142 68.75 35.34 4.71
C LYS I 142 69.03 33.84 4.82
N SER I 143 67.97 33.05 4.97
CA SER I 143 68.10 31.61 5.10
C SER I 143 67.11 30.88 4.19
N PHE I 144 66.85 29.61 4.49
CA PHE I 144 65.96 28.79 3.68
C PHE I 144 65.56 27.54 4.46
N TYR I 145 64.73 26.72 3.83
CA TYR I 145 64.28 25.48 4.46
C TYR I 145 65.46 24.55 4.73
N LYS I 146 65.40 23.83 5.83
CA LYS I 146 66.48 22.93 6.22
C LYS I 146 66.41 21.60 5.45
N ASN I 147 65.21 21.19 5.09
CA ASN I 147 65.02 19.89 4.44
C ASN I 147 65.00 19.99 2.92
N LEU I 148 65.16 21.21 2.42
CA LEU I 148 65.25 21.44 0.98
C LEU I 148 66.49 22.25 0.63
N ILE I 149 66.98 22.08 -0.59
CA ILE I 149 68.11 22.86 -1.07
C ILE I 149 67.75 23.55 -2.38
N TRP I 150 67.95 24.87 -2.42
CA TRP I 150 67.63 25.66 -3.59
C TRP I 150 68.83 25.75 -4.52
N LEU I 151 68.93 24.80 -5.46
CA LEU I 151 70.03 24.75 -6.41
C LEU I 151 69.96 25.87 -7.45
N VAL I 152 71.06 26.61 -7.58
CA VAL I 152 71.18 27.63 -8.62
C VAL I 152 72.37 27.31 -9.53
N LYS I 153 72.50 28.06 -10.61
CA LYS I 153 73.58 27.81 -11.57
C LYS I 153 74.96 28.01 -10.94
N LYS I 154 75.90 27.17 -11.35
CA LYS I 154 77.28 27.25 -10.86
C LYS I 154 78.11 28.09 -11.83
N GLY I 155 78.10 29.40 -11.62
CA GLY I 155 78.81 30.32 -12.49
C GLY I 155 78.51 30.29 -13.99
N ASN I 156 77.30 30.69 -14.34
CA ASN I 156 76.91 30.78 -15.75
C ASN I 156 76.71 29.40 -16.37
N SER I 157 76.45 28.40 -15.53
CA SER I 157 76.26 27.05 -16.04
C SER I 157 75.25 26.24 -15.20
N TYR I 158 74.22 25.75 -15.85
CA TYR I 158 73.26 24.85 -15.22
C TYR I 158 73.04 23.61 -16.08
N PRO I 159 73.86 22.58 -15.88
CA PRO I 159 73.78 21.33 -16.63
C PRO I 159 72.55 20.52 -16.23
N LYS I 160 72.00 19.73 -17.14
CA LYS I 160 70.90 18.85 -16.79
C LYS I 160 71.32 17.97 -15.61
N LEU I 161 70.68 18.17 -14.46
CA LEU I 161 70.96 17.33 -13.31
C LEU I 161 70.06 16.10 -13.33
N SER I 162 70.54 14.99 -12.78
CA SER I 162 69.77 13.75 -12.78
C SER I 162 70.18 12.85 -11.62
N LYS I 163 69.61 13.10 -10.45
CA LYS I 163 69.85 12.29 -9.27
C LYS I 163 68.65 11.38 -9.03
N SER I 164 68.86 10.30 -8.28
CA SER I 164 67.77 9.40 -7.95
C SER I 164 68.05 8.67 -6.65
N TYR I 165 67.00 8.40 -5.89
CA TYR I 165 67.11 7.68 -4.63
C TYR I 165 66.30 6.41 -4.66
N ILE I 166 66.87 5.34 -4.11
CA ILE I 166 66.15 4.08 -4.04
C ILE I 166 65.85 3.72 -2.58
N ASN I 167 64.58 3.45 -2.30
CA ASN I 167 64.11 3.23 -0.94
C ASN I 167 64.60 1.90 -0.35
N ASP I 168 65.70 1.97 0.41
CA ASP I 168 66.25 0.78 1.07
C ASP I 168 65.73 0.65 2.50
N LYS I 169 64.92 1.61 2.94
CA LYS I 169 64.28 1.54 4.24
C LYS I 169 63.23 0.44 4.21
N GLY I 170 62.70 0.08 5.37
CA GLY I 170 61.69 -0.96 5.44
C GLY I 170 60.30 -0.37 5.61
N LYS I 171 60.07 0.76 4.94
CA LYS I 171 58.84 1.50 5.12
C LYS I 171 58.72 2.59 4.06
N GLU I 172 57.56 3.22 3.98
CA GLU I 172 57.36 4.31 3.03
C GLU I 172 58.31 5.45 3.33
N VAL I 173 58.75 6.14 2.28
CA VAL I 173 59.60 7.31 2.44
C VAL I 173 58.92 8.56 1.88
N LEU I 174 58.63 9.51 2.76
CA LEU I 174 58.06 10.78 2.35
C LEU I 174 59.14 11.69 1.76
N VAL I 175 59.00 12.02 0.49
CA VAL I 175 59.96 12.89 -0.19
C VAL I 175 59.29 14.19 -0.59
N LEU I 176 59.84 15.31 -0.14
CA LEU I 176 59.30 16.61 -0.50
C LEU I 176 60.29 17.38 -1.39
N TRP I 177 59.76 18.15 -2.33
CA TRP I 177 60.58 18.98 -3.18
C TRP I 177 59.84 20.24 -3.60
N GLY I 178 60.53 21.16 -4.27
CA GLY I 178 59.93 22.40 -4.67
C GLY I 178 60.24 22.79 -6.10
N ILE I 179 59.32 23.53 -6.72
CA ILE I 179 59.53 24.07 -8.05
C ILE I 179 59.45 25.60 -7.99
N HIS I 180 60.52 26.26 -8.35
CA HIS I 180 60.58 27.72 -8.25
C HIS I 180 60.17 28.41 -9.54
N HIS I 181 59.30 29.41 -9.40
CA HIS I 181 58.84 30.20 -10.53
C HIS I 181 59.31 31.65 -10.36
N PRO I 182 60.35 32.04 -11.09
CA PRO I 182 60.89 33.40 -11.03
C PRO I 182 59.88 34.43 -11.50
N SER I 183 60.05 35.67 -11.08
CA SER I 183 59.11 36.73 -11.42
C SER I 183 59.36 37.26 -12.84
N THR I 184 60.62 37.35 -13.22
CA THR I 184 60.99 37.91 -14.51
C THR I 184 61.97 37.00 -15.26
N SER I 185 61.90 37.02 -16.59
CA SER I 185 62.79 36.22 -17.42
C SER I 185 64.25 36.59 -17.16
N ALA I 186 64.46 37.76 -16.59
CA ALA I 186 65.79 38.19 -16.19
C ALA I 186 66.28 37.39 -15.00
N ASP I 187 65.40 37.21 -14.01
CA ASP I 187 65.72 36.40 -12.84
C ASP I 187 65.89 34.93 -13.22
N GLN I 188 65.14 34.49 -14.22
CA GLN I 188 65.23 33.11 -14.68
C GLN I 188 66.66 32.77 -15.10
N GLN I 189 67.22 33.56 -16.02
CA GLN I 189 68.56 33.31 -16.51
C GLN I 189 69.62 33.64 -15.47
N SER I 190 69.35 34.64 -14.63
CA SER I 190 70.26 34.99 -13.56
C SER I 190 70.39 33.85 -12.55
N LEU I 191 69.35 33.01 -12.49
CA LEU I 191 69.31 31.90 -11.53
C LEU I 191 69.71 30.56 -12.13
N TYR I 192 69.31 30.32 -13.37
CA TYR I 192 69.53 29.01 -13.99
C TYR I 192 70.32 29.12 -15.29
N GLN I 193 70.24 30.27 -15.95
CA GLN I 193 71.02 30.52 -17.17
C GLN I 193 70.46 29.92 -18.47
N ASN I 194 69.34 29.21 -18.38
CA ASN I 194 68.71 28.59 -19.53
C ASN I 194 67.36 29.28 -19.36
N ALA I 195 66.80 29.75 -20.48
CA ALA I 195 65.54 30.49 -20.45
C ALA I 195 64.32 29.56 -20.43
N ASP I 196 64.42 28.45 -21.16
CA ASP I 196 63.34 27.47 -21.20
C ASP I 196 63.76 26.19 -20.49
N THR I 197 63.26 25.99 -19.29
CA THR I 197 63.67 24.85 -18.46
C THR I 197 62.49 23.95 -18.14
N TYR I 198 62.79 22.77 -17.60
CA TYR I 198 61.76 21.83 -17.17
C TYR I 198 62.28 21.01 -15.99
N VAL I 199 61.36 20.48 -15.19
CA VAL I 199 61.71 19.62 -14.08
C VAL I 199 60.82 18.38 -14.13
N PHE I 200 61.44 17.20 -13.98
CA PHE I 200 60.67 15.96 -13.97
C PHE I 200 60.96 15.13 -12.72
N VAL I 201 59.90 14.75 -12.02
CA VAL I 201 60.01 13.84 -10.88
C VAL I 201 59.25 12.55 -11.20
N GLY I 202 59.86 11.41 -10.91
CA GLY I 202 59.22 10.14 -11.23
C GLY I 202 59.61 8.98 -10.35
N SER I 203 58.61 8.16 -10.00
CA SER I 203 58.85 6.90 -9.32
C SER I 203 58.13 5.79 -10.09
N SER I 204 57.79 4.71 -9.42
CA SER I 204 57.02 3.64 -10.04
C SER I 204 55.55 4.02 -10.16
N ARG I 205 55.14 5.04 -9.41
CA ARG I 205 53.74 5.46 -9.40
C ARG I 205 53.59 6.93 -9.76
N TYR I 206 54.51 7.77 -9.28
CA TYR I 206 54.45 9.21 -9.54
C TYR I 206 55.17 9.58 -10.83
N SER I 207 54.68 10.60 -11.51
CA SER I 207 55.28 11.07 -12.76
C SER I 207 54.62 12.42 -13.01
N LYS I 208 55.44 13.43 -13.31
CA LYS I 208 54.91 14.74 -13.68
C LYS I 208 56.06 15.61 -14.17
N LYS I 209 55.81 16.37 -15.22
CA LYS I 209 56.80 17.27 -15.78
C LYS I 209 56.39 18.72 -15.55
N PHE I 210 57.17 19.43 -14.74
CA PHE I 210 56.84 20.80 -14.36
C PHE I 210 57.47 21.82 -15.31
N LYS I 211 56.70 22.84 -15.67
CA LYS I 211 57.18 23.93 -16.50
C LYS I 211 57.07 25.25 -15.73
N PRO I 212 58.21 25.89 -15.46
CA PRO I 212 58.23 27.16 -14.72
C PRO I 212 57.33 28.21 -15.35
N GLU I 213 56.47 28.82 -14.55
CA GLU I 213 55.57 29.86 -15.04
C GLU I 213 56.07 31.23 -14.62
N ILE I 214 56.76 31.89 -15.54
CA ILE I 214 57.43 33.15 -15.23
C ILE I 214 56.50 34.36 -15.42
N ALA I 215 56.22 35.05 -14.32
CA ALA I 215 55.38 36.23 -14.34
C ALA I 215 55.46 36.99 -13.02
N ILE I 216 54.97 38.22 -13.01
CA ILE I 216 55.00 39.04 -11.80
C ILE I 216 53.76 38.81 -10.96
N ARG I 217 53.94 38.20 -9.79
CA ARG I 217 52.85 38.05 -8.83
C ARG I 217 52.88 39.20 -7.85
N PRO I 218 51.73 39.52 -7.24
CA PRO I 218 51.71 40.54 -6.18
C PRO I 218 52.70 40.16 -5.09
N LYS I 219 53.27 41.15 -4.42
CA LYS I 219 54.30 40.88 -3.42
C LYS I 219 53.77 40.19 -2.18
N VAL I 220 54.37 39.07 -1.82
CA VAL I 220 54.13 38.42 -0.54
C VAL I 220 55.49 38.16 0.11
N ARG I 221 55.73 38.77 1.26
CA ARG I 221 57.00 38.61 1.95
C ARG I 221 58.16 39.03 1.02
N GLU I 222 58.01 40.17 0.36
CA GLU I 222 59.02 40.72 -0.54
C GLU I 222 59.20 39.94 -1.83
N GLN I 223 58.42 38.88 -2.02
CA GLN I 223 58.59 38.02 -3.19
C GLN I 223 57.54 38.22 -4.27
N GLU I 224 58.00 38.53 -5.48
CA GLU I 224 57.12 38.61 -6.62
C GLU I 224 57.14 37.29 -7.36
N GLY I 225 58.03 36.40 -6.92
CA GLY I 225 58.09 35.05 -7.46
C GLY I 225 57.30 34.10 -6.58
N ARG I 226 57.14 32.88 -7.05
CA ARG I 226 56.41 31.86 -6.30
C ARG I 226 57.19 30.56 -6.27
N MET I 227 56.93 29.74 -5.25
CA MET I 227 57.61 28.45 -5.11
C MET I 227 56.62 27.39 -4.66
N ASN I 228 56.24 26.50 -5.58
CA ASN I 228 55.27 25.46 -5.27
C ASN I 228 55.92 24.24 -4.63
N TYR I 229 55.20 23.60 -3.71
CA TYR I 229 55.76 22.46 -2.98
C TYR I 229 55.01 21.17 -3.30
N TYR I 230 55.77 20.12 -3.56
CA TYR I 230 55.19 18.83 -3.92
C TYR I 230 55.74 17.71 -3.04
N TRP I 231 54.95 16.66 -2.86
CA TRP I 231 55.37 15.52 -2.06
C TRP I 231 54.84 14.20 -2.61
N THR I 232 55.48 13.10 -2.23
CA THR I 232 55.05 11.78 -2.65
C THR I 232 55.58 10.71 -1.69
N LEU I 233 54.89 9.58 -1.63
CA LEU I 233 55.33 8.46 -0.80
C LEU I 233 55.95 7.38 -1.66
N VAL I 234 57.23 7.10 -1.41
CA VAL I 234 57.98 6.13 -2.19
C VAL I 234 57.94 4.75 -1.52
N GLU I 235 57.36 3.77 -2.21
CA GLU I 235 57.25 2.41 -1.69
C GLU I 235 58.62 1.78 -1.43
N PRO I 236 58.68 0.86 -0.47
CA PRO I 236 59.92 0.15 -0.15
C PRO I 236 60.43 -0.63 -1.37
N GLY I 237 61.68 -0.40 -1.75
CA GLY I 237 62.27 -1.08 -2.89
C GLY I 237 62.17 -0.26 -4.17
N ASP I 238 61.19 0.64 -4.22
CA ASP I 238 60.99 1.53 -5.35
C ASP I 238 62.02 2.65 -5.31
N LYS I 239 62.23 3.32 -6.44
CA LYS I 239 63.15 4.45 -6.50
C LYS I 239 62.49 5.67 -7.12
N ILE I 240 62.88 6.86 -6.65
CA ILE I 240 62.37 8.11 -7.19
C ILE I 240 63.47 8.85 -7.93
N THR I 241 63.15 9.37 -9.11
CA THR I 241 64.15 10.01 -9.96
C THR I 241 63.87 11.50 -10.17
N PHE I 242 64.89 12.32 -9.93
CA PHE I 242 64.80 13.74 -10.19
C PHE I 242 65.63 14.13 -11.41
N GLU I 243 65.05 14.97 -12.27
CA GLU I 243 65.73 15.44 -13.47
C GLU I 243 65.29 16.87 -13.75
N ALA I 244 66.25 17.76 -13.95
CA ALA I 244 65.90 19.17 -14.15
C ALA I 244 66.99 19.96 -14.88
N THR I 245 66.57 20.99 -15.59
CA THR I 245 67.49 21.92 -16.22
C THR I 245 67.36 23.28 -15.55
N GLY I 246 66.84 23.27 -14.32
CA GLY I 246 66.67 24.49 -13.55
C GLY I 246 65.38 24.51 -12.77
N ASN I 247 65.25 25.48 -11.87
CA ASN I 247 64.01 25.73 -11.14
C ASN I 247 63.61 24.64 -10.15
N LEU I 248 64.50 23.67 -9.93
CA LEU I 248 64.20 22.58 -9.00
C LEU I 248 64.79 22.82 -7.62
N VAL I 249 63.91 22.86 -6.61
CA VAL I 249 64.33 22.89 -5.22
C VAL I 249 64.41 21.46 -4.71
N VAL I 250 65.62 20.90 -4.74
CA VAL I 250 65.83 19.47 -4.47
C VAL I 250 65.65 19.11 -3.00
N PRO I 251 65.33 17.83 -2.72
CA PRO I 251 65.22 17.30 -1.36
C PRO I 251 66.61 17.11 -0.74
N ARG I 252 66.76 17.50 0.52
CA ARG I 252 67.99 17.28 1.26
C ARG I 252 67.73 16.22 2.31
N TYR I 253 66.60 16.36 3.00
CA TYR I 253 66.17 15.38 3.97
C TYR I 253 64.83 14.76 3.58
N ALA I 254 64.69 13.47 3.85
CA ALA I 254 63.43 12.78 3.64
C ALA I 254 62.94 12.21 4.97
N PHE I 255 61.96 11.32 4.92
CA PHE I 255 61.41 10.74 6.14
C PHE I 255 60.99 9.29 5.96
N ALA I 256 61.67 8.38 6.65
CA ALA I 256 61.24 6.99 6.74
C ALA I 256 60.04 6.95 7.68
N MET I 257 58.96 6.33 7.24
CA MET I 257 57.68 6.54 7.91
C MET I 257 56.77 5.32 7.83
N GLU I 258 56.12 5.01 8.95
CA GLU I 258 55.08 3.98 8.98
C GLU I 258 53.82 4.56 9.61
N ARG I 259 52.79 4.74 8.79
CA ARG I 259 51.57 5.41 9.24
C ARG I 259 50.48 4.42 9.66
N ASN I 260 49.78 4.76 10.74
CA ASN I 260 48.59 4.02 11.16
C ASN I 260 47.35 4.90 11.08
N ALA I 261 46.56 4.68 10.03
CA ALA I 261 45.40 5.53 9.74
C ALA I 261 44.43 5.62 10.91
N GLY I 262 43.62 6.68 10.88
CA GLY I 262 42.53 6.81 11.85
C GLY I 262 42.77 7.83 12.96
N SER I 263 43.44 8.92 12.63
CA SER I 263 43.64 9.99 13.61
C SER I 263 43.37 11.37 13.00
N GLY I 264 43.61 12.41 13.79
CA GLY I 264 43.32 13.77 13.37
C GLY I 264 44.33 14.80 13.85
N ILE I 265 43.96 16.07 13.75
CA ILE I 265 44.85 17.17 14.10
C ILE I 265 44.09 18.20 14.93
N ILE I 266 44.60 18.48 16.12
CA ILE I 266 43.94 19.41 17.02
C ILE I 266 44.58 20.80 17.00
N ILE I 267 43.76 21.83 16.80
CA ILE I 267 44.23 23.20 16.85
C ILE I 267 43.74 23.85 18.14
N SER I 268 44.65 23.99 19.12
CA SER I 268 44.26 24.47 20.44
C SER I 268 45.42 25.07 21.24
N ASP I 269 45.10 26.00 22.12
CA ASP I 269 46.09 26.59 23.03
C ASP I 269 46.24 25.73 24.28
N THR I 270 45.41 24.71 24.41
CA THR I 270 45.42 23.86 25.60
C THR I 270 46.79 23.20 25.79
N PRO I 271 47.35 23.30 27.01
CA PRO I 271 48.66 22.77 27.37
C PRO I 271 48.73 21.26 27.16
N VAL I 272 49.90 20.77 26.74
CA VAL I 272 50.12 19.33 26.60
C VAL I 272 50.70 18.79 27.91
N HIS I 273 50.23 17.61 28.32
CA HIS I 273 50.63 17.04 29.60
C HIS I 273 50.99 15.56 29.52
N ASP I 274 51.59 15.07 30.61
CA ASP I 274 51.97 13.66 30.70
C ASP I 274 50.86 12.88 31.40
N CYS I 275 49.72 12.73 30.72
CA CYS I 275 48.59 12.01 31.28
C CYS I 275 47.98 11.05 30.26
N ASN I 276 47.26 10.06 30.76
CA ASN I 276 46.61 9.06 29.90
C ASN I 276 45.15 9.39 29.67
N THR I 277 44.68 9.16 28.45
CA THR I 277 43.28 9.37 28.13
C THR I 277 42.86 8.48 26.97
N THR I 278 41.57 8.16 26.92
CA THR I 278 41.03 7.32 25.85
C THR I 278 40.25 8.18 24.86
N CYS I 279 40.02 9.42 25.24
CA CYS I 279 39.24 10.36 24.42
C CYS I 279 39.78 11.77 24.58
N GLN I 280 40.02 12.45 23.46
CA GLN I 280 40.62 13.77 23.49
C GLN I 280 39.82 14.81 22.71
N THR I 281 39.66 15.99 23.31
CA THR I 281 39.00 17.10 22.65
C THR I 281 39.91 18.32 22.72
N PRO I 282 39.70 19.29 21.82
CA PRO I 282 40.53 20.50 21.79
C PRO I 282 40.57 21.23 23.13
N LYS I 283 39.49 21.12 23.91
CA LYS I 283 39.41 21.84 25.19
C LYS I 283 40.06 21.05 26.32
N GLY I 284 40.20 19.74 26.14
CA GLY I 284 40.77 18.87 27.15
C GLY I 284 40.32 17.42 27.03
N ALA I 285 40.95 16.54 27.80
CA ALA I 285 40.65 15.11 27.73
C ALA I 285 39.40 14.74 28.51
N ILE I 286 38.84 13.58 28.21
CA ILE I 286 37.64 13.09 28.86
C ILE I 286 37.84 11.70 29.43
N ASN I 287 37.95 11.62 30.76
CA ASN I 287 38.07 10.33 31.46
C ASN I 287 36.72 9.90 32.03
N THR I 288 35.89 9.28 31.19
CA THR I 288 34.55 8.90 31.62
C THR I 288 34.05 7.60 30.99
N SER I 289 33.12 6.95 31.67
CA SER I 289 32.50 5.73 31.18
C SER I 289 31.08 6.02 30.71
N LEU I 290 30.61 7.23 30.96
CA LEU I 290 29.28 7.64 30.55
C LEU I 290 29.12 7.59 29.03
N PRO I 291 27.88 7.39 28.56
CA PRO I 291 27.58 7.21 27.14
C PRO I 291 27.56 8.53 26.36
N PHE I 292 27.39 9.64 27.05
CA PHE I 292 27.23 10.92 26.37
C PHE I 292 28.10 12.03 26.95
N GLN I 293 28.41 13.03 26.12
CA GLN I 293 29.18 14.18 26.55
C GLN I 293 28.77 15.43 25.78
N ASN I 294 28.83 16.58 26.44
CA ASN I 294 28.50 17.84 25.79
C ASN I 294 29.67 18.83 25.85
N ILE I 295 30.89 18.29 25.90
CA ILE I 295 32.08 19.10 26.01
C ILE I 295 32.53 19.66 24.66
N HIS I 296 32.57 18.80 23.65
CA HIS I 296 33.02 19.22 22.32
C HIS I 296 32.63 18.22 21.25
N PRO I 297 32.13 18.72 20.11
CA PRO I 297 31.74 17.89 18.97
C PRO I 297 32.93 17.21 18.34
N ILE I 298 34.02 17.95 18.18
CA ILE I 298 35.25 17.40 17.61
C ILE I 298 36.01 16.60 18.66
N THR I 299 36.21 15.32 18.39
CA THR I 299 36.82 14.43 19.36
C THR I 299 37.76 13.45 18.65
N ILE I 300 38.73 12.93 19.40
CA ILE I 300 39.64 11.90 18.86
C ILE I 300 39.81 10.75 19.84
N GLY I 301 39.56 9.54 19.35
CA GLY I 301 39.65 8.33 20.17
C GLY I 301 38.31 7.64 20.36
N LYS I 302 38.25 6.71 21.31
CA LYS I 302 36.99 6.05 21.63
C LYS I 302 36.22 6.91 22.63
N CYS I 303 35.35 7.77 22.11
CA CYS I 303 34.70 8.79 22.92
C CYS I 303 33.19 8.58 23.04
N PRO I 304 32.57 9.22 24.05
CA PRO I 304 31.12 9.26 24.20
C PRO I 304 30.49 10.08 23.07
N LYS I 305 29.24 9.78 22.73
CA LYS I 305 28.55 10.53 21.69
C LYS I 305 28.30 11.97 22.11
N TYR I 306 28.58 12.91 21.22
CA TYR I 306 28.34 14.32 21.51
C TYR I 306 26.85 14.63 21.48
N VAL I 307 26.35 15.19 22.57
CA VAL I 307 24.94 15.51 22.69
C VAL I 307 24.78 16.99 23.01
N LYS I 308 23.66 17.58 22.59
CA LYS I 308 23.41 19.00 22.81
C LYS I 308 22.85 19.27 24.20
N SER I 309 22.46 18.20 24.89
CA SER I 309 21.81 18.31 26.20
C SER I 309 22.64 19.04 27.24
N THR I 310 21.96 19.67 28.19
CA THR I 310 22.60 20.36 29.31
C THR I 310 22.65 19.45 30.54
N LYS I 311 21.71 18.53 30.62
CA LYS I 311 21.66 17.57 31.73
C LYS I 311 20.90 16.30 31.35
N LEU I 312 21.49 15.15 31.64
CA LEU I 312 20.83 13.87 31.42
C LEU I 312 20.83 13.07 32.73
N ARG I 313 19.99 13.49 33.66
CA ARG I 313 19.95 12.88 34.99
C ARG I 313 18.97 11.71 35.04
N LEU I 314 19.50 10.52 35.30
CA LEU I 314 18.71 9.29 35.30
C LEU I 314 18.33 8.88 36.73
N ALA I 315 17.04 8.88 37.02
CA ALA I 315 16.55 8.53 38.35
C ALA I 315 16.85 7.07 38.68
N THR I 316 17.27 6.83 39.92
CA THR I 316 17.57 5.47 40.39
C THR I 316 16.74 5.11 41.62
N GLY I 317 16.47 6.11 42.45
CA GLY I 317 15.63 5.91 43.62
C GLY I 317 14.17 6.15 43.30
N LEU I 318 13.42 6.64 44.27
CA LEU I 318 12.00 6.91 44.07
C LEU I 318 11.65 8.34 44.50
N ARG I 319 10.39 8.72 44.30
CA ARG I 319 9.95 10.05 44.71
C ARG I 319 10.38 10.37 46.13
N ASN I 320 10.64 11.65 46.38
CA ASN I 320 11.04 12.10 47.71
C ASN I 320 9.94 12.94 48.34
N ILE I 321 9.65 12.66 49.62
CA ILE I 321 8.57 13.33 50.33
C ILE I 321 8.89 13.46 51.81
N GLY J 1 2.25 7.42 39.80
CA GLY J 1 0.81 7.47 39.94
C GLY J 1 0.11 6.54 38.96
N LEU J 2 0.79 5.46 38.57
CA LEU J 2 0.27 4.52 37.59
C LEU J 2 -0.34 3.29 38.27
N PHE J 3 0.12 2.99 39.47
CA PHE J 3 -0.42 1.86 40.22
C PHE J 3 -1.23 2.32 41.42
N GLY J 4 -1.30 3.63 41.62
CA GLY J 4 -2.15 4.22 42.63
C GLY J 4 -1.55 4.29 44.03
N ALA J 5 -0.45 3.58 44.24
CA ALA J 5 0.17 3.51 45.57
C ALA J 5 0.98 4.71 46.05
N ILE J 6 1.99 5.09 45.28
CA ILE J 6 2.87 6.20 45.66
C ILE J 6 2.18 7.47 45.19
N ALA J 7 2.10 8.45 46.09
CA ALA J 7 1.41 9.71 45.80
C ALA J 7 -0.06 9.47 45.46
N GLY J 8 -0.57 8.31 45.85
CA GLY J 8 -1.96 7.96 45.59
C GLY J 8 -2.73 7.80 46.89
N PHE J 9 -3.04 6.58 47.26
CA PHE J 9 -3.75 6.33 48.51
C PHE J 9 -2.78 6.35 49.70
N ILE J 10 -1.49 6.23 49.40
CA ILE J 10 -0.45 6.46 50.39
C ILE J 10 0.20 7.81 50.08
N GLU J 11 -0.33 8.86 50.68
CA GLU J 11 -0.02 10.24 50.28
C GLU J 11 1.47 10.62 50.29
N GLY J 12 2.19 10.27 51.35
CA GLY J 12 3.58 10.68 51.46
C GLY J 12 4.54 9.58 51.84
N GLY J 13 5.81 9.96 52.00
CA GLY J 13 6.84 9.02 52.38
C GLY J 13 7.33 9.26 53.81
N TRP J 14 8.15 8.35 54.31
CA TRP J 14 8.62 8.45 55.69
C TRP J 14 10.10 8.77 55.76
N THR J 15 10.41 9.99 56.20
CA THR J 15 11.80 10.38 56.41
C THR J 15 12.41 9.54 57.53
N GLY J 16 11.54 8.90 58.31
CA GLY J 16 11.96 8.08 59.43
C GLY J 16 12.60 6.77 58.99
N MET J 17 12.09 6.19 57.92
CA MET J 17 12.62 4.93 57.41
C MET J 17 13.83 5.19 56.52
N VAL J 18 14.99 4.67 56.94
CA VAL J 18 16.23 4.92 56.22
C VAL J 18 16.98 3.63 55.91
N ASP J 19 16.31 2.49 56.09
CA ASP J 19 16.93 1.19 55.87
C ASP J 19 16.82 0.74 54.42
N GLY J 20 15.75 1.18 53.75
CA GLY J 20 15.49 0.79 52.38
C GLY J 20 14.44 1.65 51.72
N TRP J 21 14.02 1.24 50.53
CA TRP J 21 13.05 2.03 49.75
C TRP J 21 11.62 1.78 50.21
N TYR J 22 11.29 0.54 50.50
CA TYR J 22 9.96 0.20 50.97
C TYR J 22 10.03 -0.52 52.32
N GLY J 23 9.10 -0.22 53.21
CA GLY J 23 9.09 -0.85 54.52
C GLY J 23 7.79 -0.70 55.28
N TYR J 24 7.87 -0.88 56.60
CA TYR J 24 6.70 -0.86 57.46
C TYR J 24 6.84 0.10 58.63
N HIS J 25 5.73 0.42 59.28
CA HIS J 25 5.74 1.18 60.52
C HIS J 25 4.76 0.58 61.52
N HIS J 26 5.26 -0.32 62.38
CA HIS J 26 4.41 -1.01 63.34
C HIS J 26 4.06 -0.11 64.53
N GLN J 27 2.97 -0.45 65.20
CA GLN J 27 2.52 0.31 66.36
C GLN J 27 1.76 -0.59 67.32
N ASN J 28 2.50 -1.39 68.09
CA ASN J 28 1.89 -2.30 69.06
C ASN J 28 2.18 -1.90 70.50
N GLU J 29 1.99 -2.84 71.41
CA GLU J 29 2.19 -2.59 72.83
C GLU J 29 3.68 -2.44 73.19
N GLN J 30 4.53 -3.14 72.45
CA GLN J 30 5.97 -3.14 72.72
C GLN J 30 6.67 -1.90 72.19
N GLY J 31 5.94 -1.06 71.46
CA GLY J 31 6.47 0.19 70.96
C GLY J 31 6.18 0.47 69.50
N SER J 32 6.96 1.38 68.91
CA SER J 32 6.77 1.76 67.52
C SER J 32 8.08 1.64 66.74
N GLY J 33 8.20 2.41 65.66
CA GLY J 33 9.41 2.43 64.87
C GLY J 33 9.21 2.05 63.41
N TYR J 34 10.17 2.40 62.57
CA TYR J 34 10.13 2.05 61.16
C TYR J 34 11.08 0.90 60.86
N ALA J 35 10.72 0.07 59.89
CA ALA J 35 11.56 -1.04 59.48
C ALA J 35 11.36 -1.34 57.99
N ALA J 36 12.40 -1.13 57.20
CA ALA J 36 12.32 -1.36 55.77
C ALA J 36 12.30 -2.84 55.45
N ASP J 37 11.66 -3.19 54.33
CA ASP J 37 11.57 -4.58 53.90
C ASP J 37 12.93 -5.04 53.35
N LEU J 38 13.38 -6.19 53.83
CA LEU J 38 14.66 -6.76 53.40
C LEU J 38 14.65 -7.16 51.93
N LYS J 39 13.83 -8.15 51.61
CA LYS J 39 13.80 -8.74 50.27
C LYS J 39 13.37 -7.76 49.18
N SER J 40 12.28 -7.04 49.43
CA SER J 40 11.72 -6.10 48.45
C SER J 40 12.72 -5.02 48.02
N THR J 41 13.36 -4.37 48.99
CA THR J 41 14.30 -3.30 48.69
C THR J 41 15.53 -3.82 47.93
N GLN J 42 15.96 -5.04 48.27
CA GLN J 42 17.12 -5.64 47.62
C GLN J 42 16.89 -5.82 46.13
N ASN J 43 15.76 -6.43 45.77
CA ASN J 43 15.42 -6.65 44.37
C ASN J 43 15.39 -5.35 43.57
N ALA J 44 14.77 -4.33 44.15
CA ALA J 44 14.70 -3.03 43.50
C ALA J 44 16.09 -2.49 43.20
N ILE J 45 16.95 -2.48 44.23
CA ILE J 45 18.32 -2.03 44.06
C ILE J 45 19.05 -2.85 43.00
N ASP J 46 18.92 -4.16 43.05
CA ASP J 46 19.57 -5.03 42.08
C ASP J 46 19.07 -4.79 40.66
N GLU J 47 17.77 -4.54 40.53
CA GLU J 47 17.15 -4.38 39.21
C GLU J 47 17.36 -2.97 38.65
N ILE J 48 17.26 -1.96 39.52
CA ILE J 48 17.51 -0.59 39.11
C ILE J 48 18.96 -0.39 38.72
N THR J 49 19.86 -1.05 39.45
CA THR J 49 21.28 -0.98 39.15
C THR J 49 21.58 -1.61 37.78
N ASN J 50 20.97 -2.76 37.51
CA ASN J 50 21.15 -3.41 36.22
C ASN J 50 20.59 -2.54 35.11
N LYS J 51 19.59 -1.72 35.44
CA LYS J 51 18.98 -0.82 34.47
C LYS J 51 19.96 0.27 34.06
N VAL J 52 20.52 0.93 35.06
CA VAL J 52 21.50 1.98 34.82
C VAL J 52 22.70 1.42 34.07
N ASN J 53 23.11 0.21 34.44
CA ASN J 53 24.25 -0.43 33.79
C ASN J 53 23.95 -0.84 32.35
N SER J 54 22.68 -1.09 32.04
CA SER J 54 22.29 -1.46 30.69
C SER J 54 22.33 -0.24 29.76
N VAL J 55 21.84 0.89 30.25
CA VAL J 55 21.83 2.13 29.47
C VAL J 55 23.25 2.59 29.19
N ILE J 56 24.17 2.22 30.07
CA ILE J 56 25.57 2.61 29.93
C ILE J 56 26.39 1.59 29.16
N GLU J 57 26.39 0.34 29.62
CA GLU J 57 27.22 -0.71 29.06
C GLU J 57 26.96 -0.99 27.58
N LYS J 58 25.71 -0.80 27.15
CA LYS J 58 25.34 -1.08 25.76
C LYS J 58 25.91 -0.05 24.78
N MET J 59 26.51 1.00 25.31
CA MET J 59 27.14 2.03 24.49
C MET J 59 28.65 1.84 24.43
N ASN J 60 29.11 0.94 23.56
CA ASN J 60 30.52 0.80 23.27
C ASN J 60 30.81 1.32 21.87
N THR J 61 31.61 2.37 21.78
CA THR J 61 31.81 3.07 20.51
C THR J 61 33.08 2.66 19.78
N GLN J 62 33.18 3.10 18.54
CA GLN J 62 34.35 2.82 17.71
C GLN J 62 35.42 3.88 17.92
N PHE J 63 36.68 3.48 17.81
CA PHE J 63 37.77 4.45 17.86
C PHE J 63 37.82 5.23 16.56
N THR J 64 37.28 6.45 16.60
CA THR J 64 37.27 7.31 15.41
C THR J 64 37.71 8.72 15.74
N ALA J 65 38.29 9.39 14.75
CA ALA J 65 38.70 10.77 14.93
C ALA J 65 37.78 11.69 14.15
N VAL J 66 36.71 12.14 14.80
CA VAL J 66 35.85 13.13 14.17
C VAL J 66 36.71 14.34 13.88
N GLY J 67 36.31 15.15 12.91
CA GLY J 67 37.08 16.32 12.56
C GLY J 67 38.00 16.05 11.40
N LYS J 68 37.82 16.85 10.35
CA LYS J 68 38.58 16.71 9.12
C LYS J 68 39.03 18.09 8.67
N GLU J 69 40.02 18.13 7.79
CA GLU J 69 40.52 19.39 7.26
C GLU J 69 40.27 19.49 5.76
N PHE J 70 39.81 20.66 5.32
CA PHE J 70 39.55 20.89 3.91
C PHE J 70 39.98 22.29 3.50
N ASN J 71 40.55 22.42 2.31
CA ASN J 71 40.99 23.73 1.83
C ASN J 71 39.86 24.54 1.20
N HIS J 72 40.16 25.77 0.81
CA HIS J 72 39.13 26.69 0.31
C HIS J 72 38.38 26.19 -0.91
N LEU J 73 38.93 25.17 -1.58
CA LEU J 73 38.29 24.62 -2.78
C LEU J 73 37.62 23.29 -2.49
N GLU J 74 37.36 23.04 -1.21
CA GLU J 74 36.70 21.81 -0.80
C GLU J 74 35.54 22.12 0.15
N LYS J 75 34.90 23.26 -0.08
CA LYS J 75 33.82 23.72 0.80
C LYS J 75 32.65 22.76 0.79
N ARG J 76 32.42 22.10 -0.35
CA ARG J 76 31.32 21.14 -0.46
C ARG J 76 31.50 19.95 0.48
N ILE J 77 32.56 19.19 0.31
CA ILE J 77 32.80 18.03 1.15
C ILE J 77 32.97 18.44 2.62
N GLU J 78 33.37 19.69 2.85
CA GLU J 78 33.44 20.21 4.20
C GLU J 78 32.03 20.34 4.77
N ASN J 79 31.11 20.81 3.93
CA ASN J 79 29.70 20.92 4.33
C ASN J 79 29.02 19.56 4.40
N LEU J 80 29.51 18.61 3.61
CA LEU J 80 29.04 17.24 3.70
C LEU J 80 29.44 16.71 5.06
N ASN J 81 30.72 16.86 5.38
CA ASN J 81 31.25 16.47 6.68
C ASN J 81 30.47 17.13 7.81
N LYS J 82 30.17 18.40 7.65
CA LYS J 82 29.40 19.12 8.66
C LYS J 82 28.01 18.50 8.81
N LYS J 83 27.43 18.08 7.69
CA LYS J 83 26.10 17.48 7.70
C LYS J 83 26.10 16.14 8.44
N VAL J 84 27.16 15.35 8.25
CA VAL J 84 27.25 14.05 8.89
C VAL J 84 27.46 14.22 10.40
N ASP J 85 28.09 15.32 10.79
CA ASP J 85 28.29 15.62 12.20
C ASP J 85 27.01 16.12 12.87
N ASP J 86 26.38 17.09 12.23
CA ASP J 86 25.12 17.64 12.73
C ASP J 86 24.03 16.56 12.75
N GLY J 87 24.06 15.66 11.78
CA GLY J 87 23.09 14.59 11.70
C GLY J 87 23.17 13.68 12.91
N PHE J 88 24.38 13.24 13.23
CA PHE J 88 24.62 12.41 14.40
C PHE J 88 24.30 13.19 15.67
N LEU J 89 24.53 14.51 15.62
CA LEU J 89 24.26 15.37 16.77
C LEU J 89 22.77 15.38 17.11
N ASP J 90 21.93 15.43 16.08
CA ASP J 90 20.49 15.49 16.28
C ASP J 90 19.90 14.14 16.67
N ILE J 91 20.43 13.07 16.08
CA ILE J 91 19.94 11.72 16.37
C ILE J 91 20.21 11.33 17.82
N TRP J 92 21.41 11.63 18.30
CA TRP J 92 21.78 11.26 19.67
C TRP J 92 21.14 12.17 20.72
N THR J 93 21.09 13.47 20.42
CA THR J 93 20.48 14.41 21.35
C THR J 93 19.01 14.06 21.60
N TYR J 94 18.30 13.76 20.52
CA TYR J 94 16.87 13.44 20.62
C TYR J 94 16.64 12.10 21.30
N ASN J 95 17.40 11.09 20.89
CA ASN J 95 17.26 9.77 21.48
C ASN J 95 17.60 9.74 22.96
N ALA J 96 18.70 10.39 23.33
CA ALA J 96 19.09 10.45 24.74
C ALA J 96 18.05 11.19 25.58
N GLU J 97 17.59 12.33 25.09
CA GLU J 97 16.59 13.11 25.79
C GLU J 97 15.32 12.31 26.05
N LEU J 98 14.85 11.59 25.04
CA LEU J 98 13.62 10.81 25.15
C LEU J 98 13.84 9.52 25.95
N LEU J 99 15.04 8.96 25.84
CA LEU J 99 15.36 7.75 26.59
C LEU J 99 15.23 8.02 28.08
N VAL J 100 15.70 9.18 28.51
CA VAL J 100 15.64 9.55 29.92
C VAL J 100 14.23 9.86 30.36
N LEU J 101 13.46 10.54 29.51
CA LEU J 101 12.07 10.82 29.81
C LEU J 101 11.28 9.53 29.96
N LEU J 102 11.46 8.62 29.00
CA LEU J 102 10.74 7.36 29.00
C LEU J 102 11.09 6.49 30.20
N GLU J 103 12.39 6.32 30.46
CA GLU J 103 12.84 5.44 31.53
C GLU J 103 12.61 6.03 32.93
N ASN J 104 12.53 7.35 33.01
CA ASN J 104 12.21 7.98 34.29
C ASN J 104 10.75 7.73 34.64
N GLU J 105 9.89 7.72 33.64
CA GLU J 105 8.48 7.43 33.84
C GLU J 105 8.31 5.98 34.27
N ARG J 106 9.07 5.08 33.65
CA ARG J 106 8.99 3.67 33.98
C ARG J 106 9.58 3.36 35.36
N THR J 107 10.67 4.03 35.71
CA THR J 107 11.31 3.81 37.00
C THR J 107 10.40 4.23 38.15
N LEU J 108 9.72 5.37 38.00
CA LEU J 108 8.80 5.83 39.03
C LEU J 108 7.60 4.90 39.16
N ASP J 109 7.14 4.37 38.02
CA ASP J 109 6.04 3.41 38.02
C ASP J 109 6.49 2.07 38.60
N TYR J 110 7.79 1.79 38.49
CA TYR J 110 8.35 0.56 39.00
C TYR J 110 8.37 0.55 40.52
N HIS J 111 8.66 1.71 41.11
CA HIS J 111 8.64 1.86 42.55
C HIS J 111 7.20 1.89 43.06
N ASP J 112 6.31 2.53 42.31
CA ASP J 112 4.90 2.57 42.63
C ASP J 112 4.35 1.16 42.67
N SER J 113 4.74 0.35 41.68
CA SER J 113 4.33 -1.04 41.60
C SER J 113 4.78 -1.84 42.82
N ASN J 114 6.06 -1.71 43.15
CA ASN J 114 6.62 -2.45 44.29
C ASN J 114 5.90 -2.17 45.60
N VAL J 115 5.44 -0.94 45.79
CA VAL J 115 4.69 -0.57 46.98
C VAL J 115 3.29 -1.19 46.94
N LYS J 116 2.59 -0.99 45.83
CA LYS J 116 1.28 -1.61 45.64
C LYS J 116 1.34 -3.10 45.93
N ASN J 117 2.31 -3.78 45.31
CA ASN J 117 2.46 -5.22 45.51
C ASN J 117 2.76 -5.60 46.96
N LEU J 118 3.52 -4.74 47.64
CA LEU J 118 3.84 -4.97 49.05
C LEU J 118 2.57 -4.85 49.88
N TYR J 119 1.76 -3.85 49.56
CA TYR J 119 0.48 -3.63 50.23
C TYR J 119 -0.47 -4.79 49.99
N GLU J 120 -0.48 -5.31 48.77
CA GLU J 120 -1.36 -6.42 48.40
C GLU J 120 -0.97 -7.73 49.07
N LYS J 121 0.33 -7.94 49.26
CA LYS J 121 0.81 -9.20 49.84
C LYS J 121 0.41 -9.32 51.31
N VAL J 122 0.21 -8.17 51.95
CA VAL J 122 -0.19 -8.10 53.35
C VAL J 122 -1.70 -8.12 53.49
N ARG J 123 -2.38 -7.51 52.53
CA ARG J 123 -3.83 -7.41 52.56
C ARG J 123 -4.50 -8.76 52.34
N SER J 124 -4.01 -9.51 51.36
CA SER J 124 -4.55 -10.84 51.05
C SER J 124 -4.07 -11.84 52.09
N GLN J 125 -3.52 -11.34 53.19
CA GLN J 125 -3.00 -12.20 54.25
C GLN J 125 -3.76 -11.96 55.56
N LEU J 126 -4.42 -10.81 55.65
CA LEU J 126 -5.15 -10.44 56.84
C LEU J 126 -6.59 -10.07 56.49
N LYS J 127 -7.30 -10.97 55.82
CA LYS J 127 -8.65 -10.68 55.36
C LYS J 127 -9.55 -10.18 56.50
N ASN J 128 -9.87 -11.07 57.43
CA ASN J 128 -10.76 -10.75 58.54
C ASN J 128 -10.02 -10.26 59.79
N ASN J 129 -8.79 -10.71 59.96
CA ASN J 129 -8.01 -10.39 61.14
C ASN J 129 -7.61 -8.92 61.25
N ALA J 130 -8.06 -8.11 60.30
CA ALA J 130 -7.75 -6.68 60.28
C ALA J 130 -8.62 -5.95 59.26
N LYS J 131 -8.62 -4.63 59.31
CA LYS J 131 -9.44 -3.83 58.40
C LYS J 131 -8.63 -2.78 57.64
N GLU J 132 -9.11 -2.44 56.43
CA GLU J 132 -8.49 -1.40 55.62
C GLU J 132 -8.87 -0.01 56.11
N ILE J 133 -7.85 0.80 56.42
CA ILE J 133 -8.10 2.19 56.76
C ILE J 133 -8.34 2.98 55.47
N GLY J 134 -7.44 2.80 54.51
CA GLY J 134 -7.52 3.52 53.24
C GLY J 134 -6.27 4.33 53.01
N ASN J 135 -5.48 4.50 54.07
CA ASN J 135 -4.24 5.27 54.01
C ASN J 135 -3.05 4.33 53.84
N GLY J 136 -3.31 3.15 53.30
CA GLY J 136 -2.27 2.14 53.15
C GLY J 136 -1.93 1.52 54.49
N CYS J 137 -2.79 1.77 55.48
CA CYS J 137 -2.56 1.27 56.83
C CYS J 137 -3.64 0.27 57.23
N PHE J 138 -3.23 -0.80 57.91
CA PHE J 138 -4.17 -1.82 58.37
C PHE J 138 -4.35 -1.78 59.89
N GLU J 139 -5.59 -1.91 60.34
CA GLU J 139 -5.88 -1.96 61.79
C GLU J 139 -6.30 -3.36 62.23
N PHE J 140 -5.45 -3.99 63.05
CA PHE J 140 -5.73 -5.33 63.53
C PHE J 140 -6.97 -5.38 64.41
N TYR J 141 -7.57 -6.57 64.48
CA TYR J 141 -8.63 -6.80 65.43
C TYR J 141 -8.39 -7.79 66.58
N HIS J 142 -7.69 -8.91 66.43
CA HIS J 142 -6.67 -9.33 67.39
C HIS J 142 -5.42 -8.53 67.71
N LYS J 143 -4.99 -8.67 68.96
CA LYS J 143 -3.76 -8.07 69.44
C LYS J 143 -2.56 -8.66 68.71
N CYS J 144 -1.68 -7.78 68.23
CA CYS J 144 -0.50 -8.22 67.48
C CYS J 144 0.80 -7.73 68.11
N ASP J 145 1.60 -8.66 68.61
CA ASP J 145 2.87 -8.33 69.24
C ASP J 145 4.03 -8.37 68.24
N ASN J 146 5.26 -8.24 68.76
CA ASN J 146 6.45 -8.22 67.92
C ASN J 146 6.64 -9.49 67.11
N THR J 147 6.47 -10.64 67.75
CA THR J 147 6.59 -11.92 67.05
C THR J 147 5.44 -12.10 66.06
N CYS J 148 4.37 -11.33 66.26
CA CYS J 148 3.23 -11.35 65.35
C CYS J 148 3.52 -10.60 64.06
N MET J 149 4.09 -9.40 64.20
CA MET J 149 4.45 -8.58 63.05
C MET J 149 5.42 -9.34 62.15
N GLU J 150 6.26 -10.17 62.77
CA GLU J 150 7.25 -10.96 62.05
C GLU J 150 6.59 -11.84 60.99
N SER J 151 5.52 -12.52 61.38
CA SER J 151 4.83 -13.45 60.49
C SER J 151 4.21 -12.75 59.29
N VAL J 152 4.11 -11.43 59.36
CA VAL J 152 3.59 -10.64 58.24
C VAL J 152 4.73 -10.23 57.31
N LYS J 153 5.79 -9.69 57.89
CA LYS J 153 6.97 -9.30 57.13
C LYS J 153 7.60 -10.51 56.44
N ASN J 154 7.64 -11.64 57.14
CA ASN J 154 8.23 -12.86 56.61
C ASN J 154 7.29 -13.64 55.69
N GLY J 155 6.03 -13.22 55.66
CA GLY J 155 5.04 -13.84 54.80
C GLY J 155 4.55 -15.16 55.35
N THR J 156 5.09 -15.55 56.50
CA THR J 156 4.71 -16.78 57.17
C THR J 156 3.66 -16.49 58.25
N TYR J 157 2.48 -16.07 57.81
CA TYR J 157 1.41 -15.66 58.71
C TYR J 157 0.32 -16.70 58.89
N ASP J 158 0.51 -17.53 59.91
CA ASP J 158 -0.52 -18.40 60.45
C ASP J 158 -1.82 -17.60 60.62
N TYR J 159 -2.94 -18.16 60.18
CA TYR J 159 -4.22 -17.45 60.22
C TYR J 159 -5.17 -17.84 61.37
N PRO J 160 -5.07 -19.09 61.87
CA PRO J 160 -5.93 -19.51 62.99
C PRO J 160 -5.77 -18.66 64.24
N LYS J 161 -6.19 -17.41 64.17
CA LYS J 161 -6.07 -16.46 65.28
C LYS J 161 -7.12 -15.37 65.15
N TYR J 162 -8.31 -15.75 64.69
CA TYR J 162 -9.39 -14.78 64.51
C TYR J 162 -10.05 -14.43 65.84
N SER J 163 -10.45 -13.17 65.98
CA SER J 163 -11.03 -12.69 67.23
C SER J 163 -12.44 -12.10 67.13
N GLU J 164 -12.51 -10.82 66.78
CA GLU J 164 -13.79 -10.13 66.69
C GLU J 164 -13.82 -9.26 65.43
N ASP K 1 -29.62 1.23 45.37
CA ASP K 1 -28.64 2.31 45.38
C ASP K 1 -27.26 1.81 44.99
N THR K 2 -26.71 2.38 43.92
CA THR K 2 -25.41 1.93 43.41
C THR K 2 -24.48 3.09 43.01
N LEU K 3 -23.18 2.78 42.94
CA LEU K 3 -22.17 3.74 42.50
C LEU K 3 -21.16 3.01 41.63
N CYS K 4 -21.26 3.23 40.31
CA CYS K 4 -20.38 2.55 39.37
C CYS K 4 -19.16 3.39 38.98
N ILE K 5 -18.18 2.74 38.36
CA ILE K 5 -16.97 3.42 37.91
C ILE K 5 -16.63 3.00 36.49
N GLY K 6 -16.35 3.99 35.64
CA GLY K 6 -16.07 3.73 34.24
C GLY K 6 -15.24 4.82 33.59
N TYR K 7 -15.24 4.83 32.26
CA TYR K 7 -14.39 5.76 31.52
C TYR K 7 -15.10 6.39 30.31
N HIS K 8 -14.46 7.40 29.72
CA HIS K 8 -15.06 8.19 28.65
C HIS K 8 -15.19 7.42 27.34
N ALA K 9 -16.08 7.91 26.48
CA ALA K 9 -16.26 7.38 25.14
C ALA K 9 -16.95 8.43 24.27
N ASN K 10 -16.91 8.26 22.96
CA ASN K 10 -17.50 9.24 22.05
C ASN K 10 -17.63 8.76 20.60
N ASN K 11 -17.90 9.71 19.70
CA ASN K 11 -18.12 9.41 18.30
C ASN K 11 -16.81 9.33 17.51
N SER K 12 -15.69 9.39 18.22
CA SER K 12 -14.38 9.39 17.58
C SER K 12 -14.08 8.11 16.82
N THR K 13 -13.47 8.24 15.64
CA THR K 13 -13.08 7.09 14.84
C THR K 13 -11.58 7.04 14.65
N ASP K 14 -10.88 7.98 15.30
CA ASP K 14 -9.42 8.03 15.24
C ASP K 14 -8.81 6.69 15.64
N THR K 15 -8.04 6.10 14.73
CA THR K 15 -7.34 4.85 15.02
C THR K 15 -5.84 5.06 15.17
N VAL K 16 -5.23 4.29 16.07
CA VAL K 16 -3.79 4.33 16.28
C VAL K 16 -3.26 2.92 16.32
N ASP K 17 -1.94 2.78 16.31
CA ASP K 17 -1.32 1.46 16.37
C ASP K 17 -0.51 1.30 17.66
N THR K 18 -0.47 0.07 18.16
CA THR K 18 0.37 -0.25 19.31
C THR K 18 1.27 -1.43 18.97
N VAL K 19 2.28 -1.67 19.80
CA VAL K 19 3.17 -2.79 19.58
C VAL K 19 2.39 -4.10 19.61
N LEU K 20 1.34 -4.15 20.42
CA LEU K 20 0.58 -5.39 20.63
C LEU K 20 -0.63 -5.52 19.71
N GLU K 21 -1.24 -4.40 19.35
CA GLU K 21 -2.50 -4.44 18.61
C GLU K 21 -2.58 -3.35 17.53
N LYS K 22 -3.19 -3.69 16.40
CA LYS K 22 -3.31 -2.77 15.28
C LYS K 22 -4.71 -2.20 15.05
N ASN K 23 -4.75 -0.95 14.58
CA ASN K 23 -6.01 -0.26 14.27
C ASN K 23 -6.97 -0.05 15.46
N VAL K 24 -6.40 0.30 16.61
CA VAL K 24 -7.18 0.54 17.82
C VAL K 24 -7.86 1.90 17.90
N THR K 25 -9.18 1.91 17.96
CA THR K 25 -9.94 3.16 18.03
C THR K 25 -9.75 3.84 19.38
N VAL K 26 -9.66 5.15 19.37
CA VAL K 26 -9.26 5.90 20.54
C VAL K 26 -10.09 7.19 20.64
N THR K 27 -10.30 7.69 21.85
CA THR K 27 -11.14 8.86 22.06
C THR K 27 -10.50 10.14 21.54
N HIS K 28 -9.20 10.28 21.78
CA HIS K 28 -8.46 11.46 21.34
C HIS K 28 -7.05 11.08 20.88
N SER K 29 -6.53 11.84 19.93
CA SER K 29 -5.20 11.56 19.39
C SER K 29 -4.66 12.75 18.59
N VAL K 30 -3.34 12.92 18.63
CA VAL K 30 -2.67 13.97 17.87
C VAL K 30 -1.80 13.34 16.79
N ASN K 31 -1.37 14.16 15.83
CA ASN K 31 -0.51 13.68 14.75
C ASN K 31 0.91 14.23 14.90
N LEU K 32 1.88 13.33 14.96
CA LEU K 32 3.28 13.73 15.07
C LEU K 32 3.89 14.03 13.71
N LEU K 33 3.28 13.49 12.67
CA LEU K 33 3.81 13.62 11.31
C LEU K 33 3.22 14.81 10.58
N GLU K 34 4.09 15.68 10.06
CA GLU K 34 3.67 16.79 9.22
C GLU K 34 3.67 16.37 7.76
N ASP K 35 2.54 16.52 7.10
CA ASP K 35 2.42 16.14 5.70
C ASP K 35 1.74 17.24 4.87
N LYS K 36 1.92 18.48 5.31
CA LYS K 36 1.25 19.60 4.66
C LYS K 36 2.19 20.79 4.49
N HIS K 37 2.28 21.31 3.27
CA HIS K 37 3.10 22.47 2.97
C HIS K 37 2.27 23.54 2.27
N ASN K 38 2.76 24.77 2.26
CA ASN K 38 2.00 25.89 1.70
C ASN K 38 2.16 26.05 0.19
N GLY K 39 2.97 25.19 -0.42
CA GLY K 39 3.18 25.22 -1.86
C GLY K 39 3.77 26.53 -2.34
N LYS K 40 4.65 27.12 -1.54
CA LYS K 40 5.31 28.37 -1.90
C LYS K 40 6.77 28.36 -1.49
N LEU K 41 7.59 29.09 -2.23
CA LEU K 41 8.98 29.31 -1.85
C LEU K 41 9.05 30.62 -1.08
N CYS K 42 9.28 30.54 0.23
CA CYS K 42 9.16 31.71 1.08
C CYS K 42 10.52 32.26 1.49
N LYS K 43 10.50 33.21 2.43
CA LYS K 43 11.73 33.76 2.98
C LYS K 43 12.28 32.80 4.01
N LEU K 44 13.59 32.62 4.06
CA LEU K 44 14.17 31.60 4.94
C LEU K 44 14.62 32.14 6.30
N ARG K 45 14.72 33.46 6.43
CA ARG K 45 14.94 34.08 7.73
C ARG K 45 14.18 35.38 7.94
N GLY K 46 14.66 36.43 7.27
CA GLY K 46 13.93 37.67 7.14
C GLY K 46 14.15 38.03 5.69
N VAL K 47 15.13 37.35 5.10
CA VAL K 47 15.60 37.60 3.74
C VAL K 47 14.92 36.69 2.72
N ALA K 48 14.59 37.23 1.55
CA ALA K 48 13.97 36.44 0.49
C ALA K 48 15.02 35.75 -0.36
N PRO K 49 14.63 34.70 -1.08
CA PRO K 49 15.57 33.98 -1.94
C PRO K 49 15.85 34.74 -3.23
N LEU K 50 16.95 34.37 -3.89
CA LEU K 50 17.28 34.95 -5.18
C LEU K 50 16.76 34.05 -6.30
N HIS K 51 15.74 34.53 -7.00
CA HIS K 51 15.16 33.76 -8.09
C HIS K 51 15.79 34.17 -9.41
N LEU K 52 16.35 33.19 -10.13
CA LEU K 52 17.07 33.45 -11.37
C LEU K 52 16.18 33.39 -12.60
N GLY K 53 14.96 32.92 -12.43
CA GLY K 53 14.01 32.85 -13.52
C GLY K 53 14.43 31.91 -14.64
N LYS K 54 14.62 32.48 -15.83
CA LYS K 54 14.93 31.70 -17.01
C LYS K 54 16.43 31.38 -17.10
N CYS K 55 17.21 31.89 -16.16
CA CYS K 55 18.65 31.69 -16.17
C CYS K 55 19.13 30.82 -15.03
N ASN K 56 20.31 30.24 -15.19
CA ASN K 56 20.96 29.53 -14.09
C ASN K 56 22.11 30.36 -13.55
N ILE K 57 22.77 29.86 -12.50
CA ILE K 57 23.84 30.62 -11.85
C ILE K 57 24.87 31.16 -12.84
N ALA K 58 25.42 30.28 -13.67
CA ALA K 58 26.46 30.66 -14.62
C ALA K 58 26.06 31.87 -15.46
N GLY K 59 24.92 31.78 -16.13
CA GLY K 59 24.43 32.87 -16.96
C GLY K 59 24.18 34.14 -16.17
N TRP K 60 23.97 33.99 -14.87
CA TRP K 60 23.67 35.12 -14.01
C TRP K 60 24.90 35.96 -13.68
N ILE K 61 25.97 35.31 -13.21
CA ILE K 61 27.19 36.04 -12.82
C ILE K 61 28.04 36.46 -13.99
N LEU K 62 28.06 35.65 -15.05
CA LEU K 62 28.80 36.01 -16.25
C LEU K 62 28.16 37.21 -16.95
N GLY K 63 26.84 37.31 -16.86
CA GLY K 63 26.12 38.43 -17.46
C GLY K 63 25.50 38.10 -18.80
N ASN K 64 25.04 36.88 -18.97
CA ASN K 64 24.34 36.48 -20.18
C ASN K 64 23.29 37.53 -20.56
N PRO K 65 23.25 37.91 -21.84
CA PRO K 65 22.33 38.96 -22.32
C PRO K 65 20.88 38.71 -21.93
N GLU K 66 20.49 37.46 -21.73
CA GLU K 66 19.11 37.13 -21.39
C GLU K 66 18.82 37.29 -19.89
N CYS K 67 19.89 37.40 -19.10
CA CYS K 67 19.74 37.54 -17.65
C CYS K 67 19.90 38.99 -17.21
N GLU K 68 19.17 39.89 -17.87
CA GLU K 68 19.26 41.31 -17.58
C GLU K 68 18.24 41.76 -16.53
N SER K 69 17.17 41.01 -16.39
CA SER K 69 15.95 41.50 -15.74
C SER K 69 15.85 41.04 -14.30
N LEU K 70 17.02 40.92 -13.65
CA LEU K 70 17.22 39.99 -12.53
C LEU K 70 18.00 40.51 -11.30
N SER K 71 19.26 40.92 -11.52
CA SER K 71 20.22 41.02 -10.42
C SER K 71 20.65 42.41 -9.90
N THR K 72 20.07 42.80 -8.76
CA THR K 72 20.75 43.65 -7.79
C THR K 72 20.08 43.52 -6.42
N ALA K 73 20.08 42.31 -5.89
CA ALA K 73 19.61 42.07 -4.53
C ALA K 73 20.82 42.14 -3.60
N SER K 74 20.69 42.88 -2.51
CA SER K 74 21.79 43.08 -1.59
C SER K 74 22.16 41.80 -0.85
N SER K 75 21.20 40.87 -0.80
CA SER K 75 21.38 39.62 -0.06
C SER K 75 20.27 38.61 -0.33
N TRP K 76 20.55 37.35 -0.04
CA TRP K 76 19.55 36.30 -0.17
C TRP K 76 19.86 35.12 0.75
N SER K 77 18.81 34.42 1.18
CA SER K 77 18.93 33.30 2.09
C SER K 77 19.23 32.00 1.34
N TYR K 78 18.77 31.93 0.09
CA TYR K 78 19.06 30.79 -0.78
C TYR K 78 18.73 31.16 -2.22
N ILE K 79 19.09 30.27 -3.15
CA ILE K 79 18.90 30.55 -4.58
C ILE K 79 17.91 29.59 -5.23
N VAL K 80 16.92 30.15 -5.93
CA VAL K 80 15.94 29.34 -6.63
C VAL K 80 16.24 29.35 -8.14
N GLU K 81 16.08 28.20 -8.77
CA GLU K 81 16.46 28.01 -10.15
C GLU K 81 15.50 27.03 -10.82
N THR K 82 14.74 27.52 -11.79
CA THR K 82 13.73 26.68 -12.46
C THR K 82 14.37 25.58 -13.28
N PRO K 83 13.74 24.40 -13.31
CA PRO K 83 14.22 23.25 -14.08
C PRO K 83 14.24 23.56 -15.58
N SER K 84 13.59 24.66 -15.96
CA SER K 84 13.47 25.02 -17.36
C SER K 84 14.41 26.17 -17.75
N SER K 85 15.40 26.44 -16.90
CA SER K 85 16.33 27.53 -17.15
C SER K 85 17.63 27.02 -17.78
N ASP K 86 17.84 27.38 -19.05
CA ASP K 86 19.00 26.87 -19.78
C ASP K 86 20.01 27.95 -20.12
N ASN K 87 19.62 29.22 -19.92
CA ASN K 87 20.50 30.34 -20.23
C ASN K 87 21.67 30.48 -19.27
N GLY K 88 22.79 29.84 -19.61
CA GLY K 88 24.00 29.96 -18.82
C GLY K 88 25.17 30.39 -19.69
N THR K 89 26.19 29.54 -19.76
CA THR K 89 27.35 29.83 -20.60
C THR K 89 26.99 29.62 -22.07
N CYS K 90 26.57 30.69 -22.72
CA CYS K 90 26.13 30.63 -24.11
C CYS K 90 27.27 30.30 -25.07
N TYR K 91 28.48 30.74 -24.76
CA TYR K 91 29.64 30.36 -25.55
C TYR K 91 30.23 29.07 -25.00
N PRO K 92 30.13 27.98 -25.76
CA PRO K 92 30.54 26.64 -25.35
C PRO K 92 31.90 26.64 -24.65
N GLY K 93 31.95 26.06 -23.46
CA GLY K 93 33.19 25.99 -22.70
C GLY K 93 33.01 25.28 -21.38
N ASP K 94 34.06 25.33 -20.56
CA ASP K 94 34.05 24.65 -19.27
C ASP K 94 34.12 25.67 -18.14
N PHE K 95 33.17 25.60 -17.22
CA PHE K 95 33.16 26.48 -16.05
C PHE K 95 33.90 25.78 -14.91
N ILE K 96 35.13 26.19 -14.65
CA ILE K 96 35.98 25.53 -13.67
C ILE K 96 35.47 25.74 -12.25
N ASP K 97 35.39 24.65 -11.50
CA ASP K 97 34.86 24.67 -10.13
C ASP K 97 33.50 25.33 -10.07
N TYR K 98 32.66 25.03 -11.06
CA TYR K 98 31.34 25.64 -11.16
C TYR K 98 30.46 25.30 -9.96
N GLU K 99 30.35 24.01 -9.65
CA GLU K 99 29.54 23.56 -8.53
C GLU K 99 29.99 24.23 -7.23
N GLU K 100 31.30 24.37 -7.07
CA GLU K 100 31.86 25.01 -5.89
C GLU K 100 31.46 26.47 -5.80
N LEU K 101 31.43 27.14 -6.94
CA LEU K 101 31.06 28.56 -6.97
C LEU K 101 29.60 28.72 -6.56
N ARG K 102 28.75 27.83 -7.06
CA ARG K 102 27.34 27.85 -6.72
C ARG K 102 27.15 27.73 -5.21
N GLU K 103 27.85 26.79 -4.60
CA GLU K 103 27.72 26.55 -3.16
C GLU K 103 28.11 27.78 -2.35
N GLN K 104 29.09 28.53 -2.84
CA GLN K 104 29.57 29.70 -2.12
C GLN K 104 28.74 30.94 -2.40
N LEU K 105 27.90 30.87 -3.43
CA LEU K 105 26.99 31.96 -3.77
C LEU K 105 25.59 31.68 -3.23
N SER K 106 25.36 30.44 -2.80
CA SER K 106 24.02 30.01 -2.37
C SER K 106 23.39 30.96 -1.38
N SER K 107 24.21 31.53 -0.50
CA SER K 107 23.72 32.51 0.45
C SER K 107 24.74 33.59 0.72
N VAL K 108 24.32 34.85 0.54
CA VAL K 108 25.19 35.98 0.83
C VAL K 108 24.53 37.03 1.70
N SER K 109 25.36 37.74 2.45
CA SER K 109 24.88 38.75 3.39
C SER K 109 24.89 40.13 2.76
N SER K 110 25.88 40.39 1.91
CA SER K 110 25.93 41.61 1.12
C SER K 110 26.52 41.31 -0.25
N PHE K 111 26.01 41.96 -1.28
CA PHE K 111 26.39 41.63 -2.65
C PHE K 111 26.18 42.80 -3.59
N GLU K 112 27.23 43.59 -3.79
CA GLU K 112 27.17 44.69 -4.74
C GLU K 112 28.06 44.44 -5.95
N ARG K 113 27.52 44.70 -7.13
CA ARG K 113 28.26 44.52 -8.37
C ARG K 113 28.84 45.85 -8.85
N PHE K 114 30.16 45.93 -8.94
CA PHE K 114 30.83 47.15 -9.38
C PHE K 114 31.68 46.90 -10.60
N GLU K 115 31.97 47.97 -11.35
CA GLU K 115 32.81 47.87 -12.53
C GLU K 115 34.28 47.85 -12.13
N ILE K 116 34.91 46.69 -12.19
CA ILE K 116 36.28 46.52 -11.75
C ILE K 116 37.27 47.12 -12.76
N PHE K 117 37.04 46.87 -14.03
CA PHE K 117 37.86 47.44 -15.09
C PHE K 117 36.98 48.14 -16.11
N PRO K 118 36.73 49.46 -15.91
CA PRO K 118 35.91 50.25 -16.82
C PRO K 118 36.34 50.06 -18.27
N LYS K 119 35.39 49.84 -19.17
CA LYS K 119 35.68 49.47 -20.55
C LYS K 119 36.39 50.57 -21.36
N THR K 120 36.13 51.83 -21.00
CA THR K 120 36.61 52.95 -21.79
C THR K 120 38.07 53.32 -21.47
N SER K 121 38.45 53.18 -20.20
CA SER K 121 39.73 53.66 -19.74
C SER K 121 40.77 52.56 -19.51
N SER K 122 40.32 51.32 -19.44
CA SER K 122 41.21 50.22 -19.05
C SER K 122 41.98 49.59 -20.22
N TRP K 123 41.39 49.59 -21.40
CA TRP K 123 42.00 48.90 -22.54
C TRP K 123 42.20 49.81 -23.74
N PRO K 124 43.23 50.68 -23.69
CA PRO K 124 43.54 51.64 -24.73
C PRO K 124 44.29 51.01 -25.90
N ASN K 125 44.98 49.90 -25.64
CA ASN K 125 45.82 49.26 -26.65
C ASN K 125 45.16 48.06 -27.31
N HIS K 126 43.91 47.79 -26.93
CA HIS K 126 43.16 46.67 -27.49
C HIS K 126 41.74 47.07 -27.85
N ASP K 127 41.09 46.28 -28.68
CA ASP K 127 39.72 46.57 -29.09
C ASP K 127 38.70 45.90 -28.17
N SER K 128 37.86 46.69 -27.55
CA SER K 128 36.85 46.18 -26.62
C SER K 128 35.44 46.35 -27.16
N ASN K 129 35.30 46.30 -28.48
CA ASN K 129 33.99 46.49 -29.11
C ASN K 129 33.62 45.41 -30.12
N LYS K 130 34.60 44.62 -30.54
CA LYS K 130 34.36 43.60 -31.54
C LYS K 130 34.09 42.23 -30.91
N GLY K 131 34.27 42.16 -29.60
CA GLY K 131 34.13 40.90 -28.89
C GLY K 131 32.70 40.46 -28.71
N VAL K 132 32.07 40.05 -29.81
CA VAL K 132 30.70 39.52 -29.76
C VAL K 132 30.60 38.22 -30.55
N THR K 133 29.50 37.49 -30.34
CA THR K 133 29.32 36.19 -30.97
C THR K 133 27.86 35.85 -31.23
N ALA K 134 27.63 34.98 -32.21
CA ALA K 134 26.27 34.56 -32.53
C ALA K 134 25.76 33.59 -31.47
N ALA K 135 26.66 33.05 -30.67
CA ALA K 135 26.29 32.13 -29.61
C ALA K 135 25.59 32.85 -28.48
N CYS K 136 25.79 34.15 -28.38
CA CYS K 136 25.18 34.95 -27.32
C CYS K 136 24.33 36.07 -27.88
N PRO K 137 23.17 35.70 -28.46
CA PRO K 137 22.29 36.66 -29.16
C PRO K 137 21.52 37.57 -28.22
N HIS K 138 21.51 38.86 -28.52
CA HIS K 138 20.61 39.79 -27.85
C HIS K 138 19.79 40.52 -28.91
N ALA K 139 18.59 40.02 -29.15
CA ALA K 139 17.70 40.55 -30.18
C ALA K 139 18.22 40.26 -31.58
N GLY K 140 18.51 38.98 -31.86
CA GLY K 140 18.93 38.55 -33.17
C GLY K 140 20.33 39.02 -33.54
N ALA K 141 20.79 40.06 -32.86
CA ALA K 141 22.11 40.61 -33.11
C ALA K 141 23.16 39.95 -32.23
N LYS K 142 24.40 39.92 -32.71
CA LYS K 142 25.49 39.28 -31.99
C LYS K 142 25.88 40.09 -30.76
N SER K 143 25.89 39.42 -29.60
CA SER K 143 26.25 40.07 -28.35
C SER K 143 27.23 39.21 -27.54
N PHE K 144 27.32 39.49 -26.24
CA PHE K 144 28.26 38.80 -25.38
C PHE K 144 27.89 39.04 -23.92
N TYR K 145 28.66 38.44 -23.02
CA TYR K 145 28.42 38.62 -21.59
C TYR K 145 28.59 40.08 -21.17
N LYS K 146 27.77 40.51 -20.22
CA LYS K 146 27.79 41.90 -19.76
C LYS K 146 28.92 42.15 -18.77
N ASN K 147 29.29 41.11 -18.01
CA ASN K 147 30.29 41.26 -16.96
C ASN K 147 31.70 40.88 -17.43
N LEU K 148 31.82 40.49 -18.69
CA LEU K 148 33.11 40.19 -19.29
C LEU K 148 33.30 40.97 -20.59
N ILE K 149 34.55 41.21 -20.95
CA ILE K 149 34.86 41.85 -22.23
C ILE K 149 35.83 41.00 -23.03
N TRP K 150 35.47 40.70 -24.27
CA TRP K 150 36.29 39.88 -25.14
C TRP K 150 37.28 40.75 -25.93
N LEU K 151 38.46 41.00 -25.37
CA LEU K 151 39.48 41.82 -26.03
C LEU K 151 40.08 41.12 -27.25
N VAL K 152 40.08 41.82 -28.37
CA VAL K 152 40.77 41.37 -29.57
C VAL K 152 41.83 42.37 -29.99
N LYS K 153 42.63 42.00 -30.99
CA LYS K 153 43.72 42.86 -31.44
C LYS K 153 43.20 44.18 -32.02
N LYS K 154 43.94 45.26 -31.75
CA LYS K 154 43.59 46.58 -32.25
C LYS K 154 44.32 46.83 -33.56
N GLY K 155 43.71 46.40 -34.66
CA GLY K 155 44.32 46.54 -35.98
C GLY K 155 45.70 45.96 -36.24
N ASN K 156 45.80 44.64 -36.16
CA ASN K 156 47.05 43.94 -36.46
C ASN K 156 48.05 44.11 -35.32
N SER K 157 47.56 44.41 -34.11
CA SER K 157 48.44 44.60 -32.98
C SER K 157 47.81 44.16 -31.65
N TYR K 158 48.48 43.24 -30.97
CA TYR K 158 48.07 42.83 -29.64
C TYR K 158 49.26 42.88 -28.69
N PRO K 159 49.47 44.03 -28.04
CA PRO K 159 50.57 44.24 -27.09
C PRO K 159 50.33 43.49 -25.79
N LYS K 160 51.39 43.08 -25.12
CA LYS K 160 51.24 42.46 -23.80
C LYS K 160 50.45 43.41 -22.91
N LEU K 161 49.26 42.97 -22.51
CA LEU K 161 48.44 43.76 -21.62
C LEU K 161 48.73 43.38 -20.17
N SER K 162 48.61 44.33 -19.25
CA SER K 162 48.94 44.07 -17.86
C SER K 162 48.18 45.01 -16.92
N LYS K 163 46.94 44.64 -16.62
CA LYS K 163 46.11 45.40 -15.70
C LYS K 163 46.06 44.69 -14.36
N SER K 164 45.70 45.41 -13.31
CA SER K 164 45.58 44.82 -11.99
C SER K 164 44.60 45.62 -11.13
N TYR K 165 43.88 44.91 -10.28
CA TYR K 165 42.92 45.54 -9.37
C TYR K 165 43.29 45.24 -7.93
N ILE K 166 43.16 46.24 -7.07
CA ILE K 166 43.42 46.06 -5.65
C ILE K 166 42.13 46.21 -4.85
N ASN K 167 41.82 45.20 -4.04
CA ASN K 167 40.56 45.16 -3.30
C ASN K 167 40.47 46.19 -2.19
N ASP K 168 39.85 47.33 -2.48
CA ASP K 168 39.67 48.38 -1.50
C ASP K 168 38.31 48.28 -0.81
N LYS K 169 37.51 47.29 -1.22
CA LYS K 169 36.24 47.01 -0.56
C LYS K 169 36.51 46.43 0.81
N GLY K 170 35.48 46.32 1.65
CA GLY K 170 35.64 45.77 2.98
C GLY K 170 35.16 44.33 3.05
N LYS K 171 35.41 43.58 1.98
CA LYS K 171 34.89 42.24 1.87
C LYS K 171 35.53 41.52 0.68
N GLU K 172 35.30 40.23 0.57
CA GLU K 172 35.83 39.46 -0.54
C GLU K 172 35.27 39.99 -1.86
N VAL K 173 36.08 39.91 -2.91
CA VAL K 173 35.64 40.32 -4.24
C VAL K 173 35.70 39.14 -5.21
N LEU K 174 34.54 38.73 -5.71
CA LEU K 174 34.48 37.67 -6.70
C LEU K 174 34.85 38.20 -8.08
N VAL K 175 35.94 37.69 -8.64
CA VAL K 175 36.38 38.12 -9.95
C VAL K 175 36.29 36.96 -10.94
N LEU K 176 35.57 37.17 -12.04
CA LEU K 176 35.44 36.15 -13.06
C LEU K 176 36.13 36.58 -14.35
N TRP K 177 36.72 35.62 -15.05
CA TRP K 177 37.35 35.90 -16.33
C TRP K 177 37.26 34.69 -17.25
N GLY K 178 37.68 34.85 -18.49
CA GLY K 178 37.58 33.78 -19.47
C GLY K 178 38.84 33.63 -20.30
N ILE K 179 39.10 32.40 -20.74
CA ILE K 179 40.21 32.11 -21.64
C ILE K 179 39.65 31.52 -22.92
N HIS K 180 39.90 32.19 -24.04
CA HIS K 180 39.33 31.75 -25.31
C HIS K 180 40.28 30.85 -26.09
N HIS K 181 39.76 29.74 -26.60
CA HIS K 181 40.53 28.81 -27.39
C HIS K 181 39.96 28.76 -28.80
N PRO K 182 40.63 29.43 -29.75
CA PRO K 182 40.18 29.45 -31.15
C PRO K 182 40.20 28.05 -31.76
N SER K 183 39.41 27.85 -32.82
CA SER K 183 39.33 26.55 -33.47
C SER K 183 40.52 26.29 -34.40
N THR K 184 40.97 27.33 -35.10
CA THR K 184 42.06 27.20 -36.05
C THR K 184 43.15 28.24 -35.83
N SER K 185 44.38 27.89 -36.16
CA SER K 185 45.51 28.80 -36.02
C SER K 185 45.29 30.06 -36.85
N ALA K 186 44.40 29.96 -37.84
CA ALA K 186 44.01 31.10 -38.65
C ALA K 186 43.19 32.09 -37.82
N ASP K 187 42.24 31.57 -37.06
CA ASP K 187 41.42 32.40 -36.18
C ASP K 187 42.25 32.98 -35.06
N GLN K 188 43.26 32.24 -34.61
CA GLN K 188 44.15 32.72 -33.57
C GLN K 188 44.79 34.05 -33.94
N GLN K 189 45.46 34.08 -35.09
CA GLN K 189 46.15 35.30 -35.53
C GLN K 189 45.15 36.37 -35.97
N SER K 190 44.04 35.94 -36.54
CA SER K 190 42.99 36.88 -36.94
C SER K 190 42.41 37.60 -35.72
N LEU K 191 42.51 36.97 -34.56
CA LEU K 191 41.96 37.53 -33.33
C LEU K 191 42.99 38.24 -32.46
N TYR K 192 44.21 37.71 -32.39
CA TYR K 192 45.22 38.24 -31.49
C TYR K 192 46.52 38.59 -32.22
N GLN K 193 46.71 38.05 -33.41
CA GLN K 193 47.90 38.33 -34.21
C GLN K 193 49.27 37.86 -33.74
N ASN K 194 49.28 36.97 -32.75
CA ASN K 194 50.52 36.44 -32.20
C ASN K 194 49.98 35.01 -32.30
N ALA K 195 50.85 34.09 -32.70
CA ALA K 195 50.45 32.68 -32.84
C ALA K 195 50.62 31.91 -31.54
N ASP K 196 51.65 32.24 -30.78
CA ASP K 196 51.90 31.59 -29.50
C ASP K 196 51.68 32.58 -28.36
N THR K 197 50.55 32.44 -27.67
CA THR K 197 50.20 33.38 -26.63
C THR K 197 50.05 32.70 -25.28
N TYR K 198 49.95 33.50 -24.23
CA TYR K 198 49.74 32.99 -22.89
C TYR K 198 48.93 34.00 -22.08
N VAL K 199 48.23 33.51 -21.06
CA VAL K 199 47.60 34.41 -20.11
C VAL K 199 47.87 34.01 -18.68
N PHE K 200 48.15 35.00 -17.85
CA PHE K 200 48.47 34.75 -16.46
C PHE K 200 47.60 35.57 -15.53
N VAL K 201 46.96 34.89 -14.58
CA VAL K 201 46.19 35.56 -13.54
C VAL K 201 46.81 35.26 -12.19
N GLY K 202 46.95 36.27 -11.35
CA GLY K 202 47.60 36.07 -10.06
C GLY K 202 47.18 37.02 -8.97
N SER K 203 47.03 36.49 -7.75
CA SER K 203 46.79 37.30 -6.56
C SER K 203 47.80 36.86 -5.50
N SER K 204 47.46 37.07 -4.23
CA SER K 204 48.32 36.60 -3.15
C SER K 204 48.17 35.10 -2.93
N ARG K 205 47.10 34.54 -3.47
CA ARG K 205 46.81 33.12 -3.28
C ARG K 205 46.66 32.37 -4.61
N TYR K 206 46.05 33.02 -5.60
CA TYR K 206 45.83 32.41 -6.91
C TYR K 206 47.01 32.66 -7.84
N SER K 207 47.27 31.70 -8.72
CA SER K 207 48.36 31.83 -9.69
C SER K 207 48.12 30.69 -10.68
N LYS K 208 48.15 31.02 -11.97
CA LYS K 208 48.02 29.99 -13.01
C LYS K 208 48.32 30.63 -14.35
N LYS K 209 49.04 29.91 -15.21
CA LYS K 209 49.39 30.37 -16.54
C LYS K 209 48.68 29.54 -17.59
N PHE K 210 47.76 30.18 -18.32
CA PHE K 210 46.94 29.48 -19.30
C PHE K 210 47.57 29.49 -20.69
N LYS K 211 47.51 28.36 -21.36
CA LYS K 211 47.99 28.24 -22.72
C LYS K 211 46.85 27.82 -23.64
N PRO K 212 46.49 28.69 -24.59
CA PRO K 212 45.40 28.42 -25.54
C PRO K 212 45.58 27.09 -26.26
N GLU K 213 44.53 26.28 -26.25
CA GLU K 213 44.57 24.99 -26.91
C GLU K 213 43.79 25.05 -28.23
N ILE K 214 44.51 25.28 -29.32
CA ILE K 214 43.88 25.48 -30.62
C ILE K 214 43.59 24.17 -31.35
N ALA K 215 42.31 23.90 -31.56
CA ALA K 215 41.88 22.71 -32.28
C ALA K 215 40.40 22.80 -32.64
N ILE K 216 39.95 21.93 -33.54
CA ILE K 216 38.55 21.92 -33.96
C ILE K 216 37.70 21.05 -33.04
N ARG K 217 36.82 21.68 -32.27
CA ARG K 217 35.85 20.96 -31.46
C ARG K 217 34.56 20.77 -32.24
N PRO K 218 33.77 19.75 -31.90
CA PRO K 218 32.45 19.59 -32.52
C PRO K 218 31.63 20.86 -32.30
N LYS K 219 30.75 21.18 -33.24
CA LYS K 219 29.99 22.42 -33.17
C LYS K 219 28.98 22.43 -32.02
N VAL K 220 29.07 23.46 -31.19
CA VAL K 220 28.04 23.75 -30.20
C VAL K 220 27.64 25.22 -30.35
N ARG K 221 26.38 25.47 -30.69
CA ARG K 221 25.91 26.83 -30.90
C ARG K 221 26.76 27.54 -31.94
N GLU K 222 27.01 26.85 -33.07
CA GLU K 222 27.79 27.39 -34.18
C GLU K 222 29.28 27.56 -33.90
N GLN K 223 29.71 27.17 -32.71
CA GLN K 223 31.10 27.39 -32.31
C GLN K 223 31.95 26.12 -32.35
N GLU K 224 33.04 26.18 -33.11
CA GLU K 224 34.01 25.09 -33.12
C GLU K 224 35.12 25.43 -32.14
N GLY K 225 35.07 26.63 -31.59
CA GLY K 225 36.02 27.05 -30.58
C GLY K 225 35.42 26.86 -29.20
N ARG K 226 36.24 27.04 -28.18
CA ARG K 226 35.78 26.91 -26.80
C ARG K 226 36.24 28.08 -25.95
N MET K 227 35.51 28.35 -24.88
CA MET K 227 35.86 29.44 -23.98
C MET K 227 35.66 29.00 -22.52
N ASN K 228 36.77 28.76 -21.83
CA ASN K 228 36.72 28.34 -20.43
C ASN K 228 36.58 29.49 -19.46
N TYR K 229 35.86 29.27 -18.37
CA TYR K 229 35.56 30.32 -17.41
C TYR K 229 36.20 30.03 -16.05
N TYR K 230 36.86 31.03 -15.49
CA TYR K 230 37.56 30.88 -14.23
C TYR K 230 37.14 31.97 -13.25
N TRP K 231 37.24 31.67 -11.95
CA TRP K 231 36.87 32.62 -10.92
C TRP K 231 37.76 32.49 -9.69
N THR K 232 37.82 33.54 -8.89
CA THR K 232 38.57 33.51 -7.64
C THR K 232 38.07 34.58 -6.67
N LEU K 233 38.30 34.35 -5.39
CA LEU K 233 37.92 35.32 -4.37
C LEU K 233 39.15 36.10 -3.89
N VAL K 234 39.11 37.41 -4.09
CA VAL K 234 40.23 38.28 -3.72
C VAL K 234 40.03 38.87 -2.33
N GLU K 235 40.94 38.54 -1.42
CA GLU K 235 40.87 39.02 -0.04
C GLU K 235 40.96 40.54 0.04
N PRO K 236 40.33 41.14 1.07
CA PRO K 236 40.40 42.58 1.28
C PRO K 236 41.83 43.07 1.46
N GLY K 237 42.25 44.04 0.65
CA GLY K 237 43.59 44.57 0.73
C GLY K 237 44.52 43.92 -0.29
N ASP K 238 44.18 42.71 -0.69
CA ASP K 238 44.95 41.97 -1.68
C ASP K 238 44.67 42.53 -3.08
N LYS K 239 45.55 42.24 -4.03
CA LYS K 239 45.33 42.66 -5.41
C LYS K 239 45.46 41.49 -6.39
N ILE K 240 44.69 41.54 -7.46
CA ILE K 240 44.75 40.51 -8.50
C ILE K 240 45.31 41.10 -9.78
N THR K 241 46.23 40.39 -10.42
CA THR K 241 46.92 40.89 -11.59
C THR K 241 46.61 40.07 -12.84
N PHE K 242 46.23 40.76 -13.91
CA PHE K 242 46.01 40.12 -15.21
C PHE K 242 47.13 40.48 -16.18
N GLU K 243 47.61 39.47 -16.91
CA GLU K 243 48.66 39.66 -17.90
C GLU K 243 48.44 38.69 -19.04
N ALA K 244 48.43 39.20 -20.27
CA ALA K 244 48.15 38.36 -21.42
C ALA K 244 48.68 38.92 -22.73
N THR K 245 48.98 38.02 -23.66
CA THR K 245 49.38 38.39 -25.00
C THR K 245 48.30 37.95 -25.97
N GLY K 246 47.10 37.74 -25.45
CA GLY K 246 45.96 37.31 -26.25
C GLY K 246 45.08 36.29 -25.55
N ASN K 247 43.92 36.02 -26.14
CA ASN K 247 43.03 34.96 -25.68
C ASN K 247 42.41 35.20 -24.30
N LEU K 248 42.60 36.39 -23.75
CA LEU K 248 42.04 36.71 -22.44
C LEU K 248 40.71 37.45 -22.52
N VAL K 249 39.67 36.84 -21.95
CA VAL K 249 38.38 37.52 -21.80
C VAL K 249 38.37 38.21 -20.44
N VAL K 250 38.70 39.50 -20.43
CA VAL K 250 38.90 40.25 -19.19
C VAL K 250 37.61 40.53 -18.43
N PRO K 251 37.73 40.74 -17.11
CA PRO K 251 36.62 41.12 -16.25
C PRO K 251 36.22 42.58 -16.48
N ARG K 252 34.92 42.83 -16.59
CA ARG K 252 34.42 44.20 -16.68
C ARG K 252 33.73 44.55 -15.38
N TYR K 253 32.93 43.62 -14.86
CA TYR K 253 32.27 43.79 -13.57
C TYR K 253 32.71 42.70 -12.60
N ALA K 254 32.84 43.08 -11.34
CA ALA K 254 33.14 42.14 -10.27
C ALA K 254 32.02 42.18 -9.24
N PHE K 255 32.26 41.58 -8.07
CA PHE K 255 31.23 41.55 -7.04
C PHE K 255 31.82 41.65 -5.63
N ALA K 256 31.53 42.74 -4.94
CA ALA K 256 31.86 42.85 -3.52
C ALA K 256 30.86 41.98 -2.76
N MET K 257 31.38 41.10 -1.91
CA MET K 257 30.55 40.02 -1.40
C MET K 257 30.91 39.58 0.01
N GLU K 258 29.89 39.35 0.84
CA GLU K 258 30.09 38.77 2.16
C GLU K 258 29.19 37.55 2.32
N ARG K 259 29.81 36.37 2.37
CA ARG K 259 29.06 35.12 2.39
C ARG K 259 28.86 34.55 3.79
N ASN K 260 27.66 34.03 4.05
CA ASN K 260 27.38 33.31 5.27
C ASN K 260 27.06 31.84 4.99
N ALA K 261 28.04 30.98 5.24
CA ALA K 261 27.93 29.57 4.87
C ALA K 261 26.70 28.89 5.47
N GLY K 262 26.31 27.78 4.87
CA GLY K 262 25.25 26.95 5.42
C GLY K 262 23.91 27.04 4.71
N SER K 263 23.93 27.19 3.39
CA SER K 263 22.69 27.21 2.62
C SER K 263 22.80 26.36 1.36
N GLY K 264 21.76 26.39 0.54
CA GLY K 264 21.71 25.55 -0.65
C GLY K 264 21.01 26.21 -1.82
N ILE K 265 20.68 25.40 -2.83
CA ILE K 265 20.08 25.88 -4.05
C ILE K 265 18.89 25.02 -4.45
N ILE K 266 17.72 25.63 -4.59
CA ILE K 266 16.50 24.89 -4.93
C ILE K 266 16.15 24.99 -6.41
N ILE K 267 15.94 23.84 -7.04
CA ILE K 267 15.50 23.79 -8.42
C ILE K 267 14.03 23.40 -8.47
N SER K 268 13.15 24.37 -8.70
CA SER K 268 11.72 24.14 -8.64
C SER K 268 10.88 25.16 -9.41
N ASP K 269 9.72 24.73 -9.88
CA ASP K 269 8.77 25.60 -10.57
C ASP K 269 7.88 26.32 -9.56
N THR K 270 8.01 25.96 -8.28
CA THR K 270 7.17 26.53 -7.24
C THR K 270 7.31 28.04 -7.15
N PRO K 271 6.18 28.75 -7.15
CA PRO K 271 6.16 30.22 -7.11
C PRO K 271 6.84 30.78 -5.87
N VAL K 272 7.50 31.92 -6.01
CA VAL K 272 8.11 32.60 -4.88
C VAL K 272 7.10 33.60 -4.30
N HIS K 273 7.05 33.69 -2.98
CA HIS K 273 6.05 34.53 -2.31
C HIS K 273 6.64 35.36 -1.17
N ASP K 274 5.84 36.31 -0.70
CA ASP K 274 6.23 37.16 0.41
C ASP K 274 5.72 36.58 1.73
N CYS K 275 6.29 35.45 2.13
CA CYS K 275 5.87 34.79 3.36
C CYS K 275 7.07 34.35 4.20
N ASN K 276 6.85 34.15 5.49
CA ASN K 276 7.91 33.74 6.39
C ASN K 276 7.88 32.23 6.63
N THR K 277 9.06 31.62 6.71
CA THR K 277 9.15 30.20 7.01
C THR K 277 10.48 29.88 7.68
N THR K 278 10.51 28.81 8.45
CA THR K 278 11.73 28.39 9.13
C THR K 278 12.31 27.17 8.45
N CYS K 279 11.54 26.60 7.52
CA CYS K 279 11.94 25.39 6.81
C CYS K 279 11.39 25.42 5.39
N GLN K 280 12.27 25.16 4.42
CA GLN K 280 11.87 25.25 3.02
C GLN K 280 12.20 23.98 2.23
N THR K 281 11.26 23.55 1.40
CA THR K 281 11.46 22.42 0.52
C THR K 281 11.10 22.84 -0.90
N PRO K 282 11.61 22.12 -1.90
CA PRO K 282 11.33 22.43 -3.31
C PRO K 282 9.84 22.49 -3.62
N LYS K 283 9.03 21.73 -2.89
CA LYS K 283 7.60 21.66 -3.15
C LYS K 283 6.84 22.77 -2.42
N GLY K 284 7.44 23.31 -1.39
CA GLY K 284 6.81 24.36 -0.59
C GLY K 284 7.36 24.43 0.82
N ALA K 285 6.98 25.48 1.54
CA ALA K 285 7.45 25.71 2.90
C ALA K 285 6.72 24.86 3.93
N ILE K 286 7.32 24.70 5.10
CA ILE K 286 6.73 23.91 6.18
C ILE K 286 6.65 24.72 7.48
N ASN K 287 5.43 25.11 7.84
CA ASN K 287 5.20 25.82 9.10
C ASN K 287 4.66 24.87 10.16
N THR K 288 5.55 24.16 10.83
CA THR K 288 5.14 23.16 11.81
C THR K 288 6.09 23.04 13.00
N SER K 289 5.56 22.56 14.12
CA SER K 289 6.36 22.31 15.31
C SER K 289 6.58 20.81 15.51
N LEU K 290 5.92 20.02 14.68
CA LEU K 290 6.04 18.57 14.74
C LEU K 290 7.47 18.11 14.46
N PRO K 291 7.86 16.97 15.02
CA PRO K 291 9.23 16.45 14.94
C PRO K 291 9.55 15.80 13.60
N PHE K 292 8.53 15.41 12.84
CA PHE K 292 8.75 14.66 11.61
C PHE K 292 7.94 15.19 10.44
N GLN K 293 8.43 14.93 9.23
CA GLN K 293 7.74 15.33 8.01
C GLN K 293 8.03 14.34 6.89
N ASN K 294 7.04 14.14 6.01
CA ASN K 294 7.21 13.26 4.87
C ASN K 294 6.98 13.99 3.54
N ILE K 295 7.22 15.30 3.54
CA ILE K 295 6.97 16.13 2.38
C ILE K 295 8.10 16.05 1.37
N HIS K 296 9.34 16.16 1.85
CA HIS K 296 10.49 16.14 0.96
C HIS K 296 11.79 15.90 1.73
N PRO K 297 12.66 15.03 1.20
CA PRO K 297 13.96 14.71 1.80
C PRO K 297 14.89 15.91 1.77
N ILE K 298 14.91 16.62 0.64
CA ILE K 298 15.75 17.81 0.49
C ILE K 298 15.08 19.03 1.14
N THR K 299 15.76 19.60 2.12
CA THR K 299 15.18 20.67 2.92
C THR K 299 16.25 21.72 3.24
N ILE K 300 15.81 22.95 3.50
CA ILE K 300 16.73 24.01 3.88
C ILE K 300 16.19 24.77 5.08
N GLY K 301 17.01 24.87 6.13
CA GLY K 301 16.62 25.56 7.35
C GLY K 301 16.52 24.63 8.54
N LYS K 302 15.93 25.11 9.63
CA LYS K 302 15.71 24.26 10.80
C LYS K 302 14.42 23.46 10.61
N CYS K 303 14.56 22.25 10.06
CA CYS K 303 13.41 21.47 9.64
C CYS K 303 13.21 20.19 10.45
N PRO K 304 11.99 19.63 10.37
CA PRO K 304 11.70 18.32 10.98
C PRO K 304 12.44 17.23 10.21
N LYS K 305 12.74 16.13 10.88
CA LYS K 305 13.42 15.01 10.24
C LYS K 305 12.54 14.34 9.19
N TYR K 306 13.10 14.08 8.02
CA TYR K 306 12.35 13.44 6.95
C TYR K 306 12.14 11.97 7.26
N VAL K 307 10.88 11.55 7.24
CA VAL K 307 10.53 10.17 7.55
C VAL K 307 9.74 9.56 6.39
N LYS K 308 9.85 8.26 6.21
CA LYS K 308 9.17 7.58 5.12
C LYS K 308 7.71 7.27 5.46
N SER K 309 7.36 7.44 6.73
CA SER K 309 6.02 7.09 7.23
C SER K 309 4.88 7.81 6.52
N THR K 310 3.73 7.17 6.47
CA THR K 310 2.53 7.75 5.90
C THR K 310 1.66 8.38 6.98
N LYS K 311 1.77 7.86 8.20
CA LYS K 311 1.03 8.38 9.34
C LYS K 311 1.73 8.06 10.67
N LEU K 312 1.87 9.07 11.52
CA LEU K 312 2.40 8.88 12.86
C LEU K 312 1.43 9.44 13.88
N ARG K 313 0.33 8.72 14.10
CA ARG K 313 -0.73 9.18 14.99
C ARG K 313 -0.50 8.70 16.43
N LEU K 314 -0.32 9.67 17.33
CA LEU K 314 0.00 9.38 18.72
C LEU K 314 -1.26 9.48 19.58
N ALA K 315 -1.66 8.36 20.18
CA ALA K 315 -2.85 8.34 21.03
C ALA K 315 -2.68 9.20 22.27
N THR K 316 -3.73 9.92 22.64
CA THR K 316 -3.71 10.77 23.83
C THR K 316 -4.84 10.40 24.80
N GLY K 317 -5.96 9.98 24.23
CA GLY K 317 -7.10 9.55 25.04
C GLY K 317 -7.01 8.05 25.33
N LEU K 318 -8.16 7.42 25.47
CA LEU K 318 -8.20 5.98 25.75
C LEU K 318 -9.07 5.25 24.73
N ARG K 319 -9.15 3.92 24.85
CA ARG K 319 -9.98 3.13 23.95
C ARG K 319 -11.38 3.70 23.85
N ASN K 320 -12.00 3.56 22.69
CA ASN K 320 -13.36 4.03 22.48
C ASN K 320 -14.32 2.88 22.34
N ILE K 321 -15.46 2.99 23.03
CA ILE K 321 -16.46 1.92 23.06
C ILE K 321 -17.87 2.49 23.18
N LEU L 2 -4.08 -3.85 30.32
CA LEU L 2 -2.91 -4.18 31.15
C LEU L 2 -3.26 -4.13 32.62
N PHE L 3 -4.24 -3.30 32.96
CA PHE L 3 -4.67 -3.16 34.35
C PHE L 3 -6.04 -3.80 34.59
N GLY L 4 -6.63 -4.30 33.52
CA GLY L 4 -7.88 -5.04 33.61
C GLY L 4 -9.14 -4.20 33.63
N ALA L 5 -9.00 -2.89 33.84
CA ALA L 5 -10.16 -2.00 33.93
C ALA L 5 -10.89 -1.61 32.64
N ILE L 6 -10.17 -1.02 31.70
CA ILE L 6 -10.76 -0.58 30.44
C ILE L 6 -10.81 -1.80 29.52
N ALA L 7 -11.95 -2.03 28.91
CA ALA L 7 -12.16 -3.18 28.04
C ALA L 7 -11.95 -4.49 28.79
N GLY L 8 -11.98 -4.42 30.11
CA GLY L 8 -11.81 -5.59 30.96
C GLY L 8 -13.07 -5.92 31.72
N PHE L 9 -13.08 -5.63 33.02
CA PHE L 9 -14.27 -5.87 33.83
C PHE L 9 -15.28 -4.75 33.68
N ILE L 10 -14.82 -3.61 33.17
CA ILE L 10 -15.71 -2.54 32.75
C ILE L 10 -15.76 -2.54 31.22
N GLU L 11 -16.71 -3.28 30.66
CA GLU L 11 -16.73 -3.60 29.24
C GLU L 11 -16.67 -2.42 28.27
N GLY L 12 -17.48 -1.40 28.52
CA GLY L 12 -17.56 -0.29 27.59
C GLY L 12 -17.46 1.09 28.21
N GLY L 13 -17.58 2.13 27.37
CA GLY L 13 -17.52 3.50 27.83
C GLY L 13 -18.87 4.16 27.74
N TRP L 14 -18.98 5.37 28.30
CA TRP L 14 -20.25 6.07 28.34
C TRP L 14 -20.25 7.29 27.44
N THR L 15 -20.99 7.22 26.34
CA THR L 15 -21.16 8.36 25.46
C THR L 15 -21.89 9.48 26.19
N GLY L 16 -22.52 9.13 27.30
CA GLY L 16 -23.28 10.09 28.10
C GLY L 16 -22.40 11.05 28.87
N MET L 17 -21.25 10.55 29.34
CA MET L 17 -20.31 11.39 30.09
C MET L 17 -19.42 12.17 29.13
N VAL L 18 -19.52 13.49 29.18
CA VAL L 18 -18.77 14.34 28.26
C VAL L 18 -17.99 15.43 29.00
N ASP L 19 -17.88 15.30 30.31
CA ASP L 19 -17.21 16.29 31.13
C ASP L 19 -15.71 16.03 31.22
N GLY L 20 -15.34 14.75 31.14
CA GLY L 20 -13.95 14.35 31.27
C GLY L 20 -13.72 12.92 30.80
N TRP L 21 -12.52 12.41 31.07
CA TRP L 21 -12.15 11.06 30.63
C TRP L 21 -12.67 9.98 31.56
N TYR L 22 -12.60 10.24 32.87
CA TYR L 22 -13.09 9.28 33.86
C TYR L 22 -14.13 9.93 34.77
N GLY L 23 -15.18 9.18 35.10
CA GLY L 23 -16.22 9.72 35.96
C GLY L 23 -17.13 8.68 36.59
N TYR L 24 -18.31 9.12 37.02
CA TYR L 24 -19.26 8.26 37.71
C TYR L 24 -20.64 8.32 37.07
N HIS L 25 -21.49 7.35 37.43
CA HIS L 25 -22.89 7.38 37.04
C HIS L 25 -23.76 6.97 38.22
N HIS L 26 -24.24 7.95 38.98
CA HIS L 26 -25.03 7.69 40.18
C HIS L 26 -26.48 7.30 39.83
N GLN L 27 -27.12 6.60 40.75
CA GLN L 27 -28.50 6.17 40.56
C GLN L 27 -29.22 6.07 41.91
N ASN L 28 -29.62 7.22 42.45
CA ASN L 28 -30.32 7.25 43.73
C ASN L 28 -31.77 7.70 43.58
N GLU L 29 -32.36 8.11 44.70
CA GLU L 29 -33.76 8.53 44.73
C GLU L 29 -33.97 9.88 44.05
N GLN L 30 -32.95 10.73 44.13
CA GLN L 30 -33.05 12.08 43.56
C GLN L 30 -32.84 12.12 42.05
N GLY L 31 -32.50 10.98 41.46
CA GLY L 31 -32.36 10.88 40.03
C GLY L 31 -31.10 10.15 39.57
N SER L 32 -30.73 10.37 38.31
CA SER L 32 -29.55 9.73 37.73
C SER L 32 -28.64 10.77 37.09
N GLY L 33 -27.83 10.32 36.13
CA GLY L 33 -26.94 11.21 35.39
C GLY L 33 -25.48 10.83 35.48
N TYR L 34 -24.69 11.37 34.55
CA TYR L 34 -23.25 11.13 34.53
C TYR L 34 -22.50 12.35 35.06
N ALA L 35 -21.37 12.11 35.71
CA ALA L 35 -20.55 13.19 36.22
C ALA L 35 -19.08 12.78 36.24
N ALA L 36 -18.27 13.44 35.41
CA ALA L 36 -16.86 13.12 35.32
C ALA L 36 -16.08 13.59 36.54
N ASP L 37 -15.01 12.88 36.87
CA ASP L 37 -14.17 13.22 38.00
C ASP L 37 -13.34 14.47 37.71
N LEU L 38 -13.40 15.44 38.61
CA LEU L 38 -12.69 16.70 38.44
C LEU L 38 -11.18 16.50 38.48
N LYS L 39 -10.66 16.06 39.64
CA LYS L 39 -9.23 15.94 39.84
C LYS L 39 -8.57 14.94 38.91
N SER L 40 -9.16 13.76 38.78
CA SER L 40 -8.59 12.66 37.99
C SER L 40 -8.38 13.03 36.53
N THR L 41 -9.41 13.59 35.90
CA THR L 41 -9.34 13.97 34.49
C THR L 41 -8.32 15.08 34.25
N GLN L 42 -8.21 15.99 35.21
CA GLN L 42 -7.29 17.12 35.07
C GLN L 42 -5.85 16.64 34.99
N ASN L 43 -5.46 15.77 35.93
CA ASN L 43 -4.11 15.23 35.93
C ASN L 43 -3.76 14.53 34.63
N ALA L 44 -4.69 13.73 34.13
CA ALA L 44 -4.49 13.00 32.88
C ALA L 44 -4.21 13.97 31.75
N ILE L 45 -5.09 14.96 31.60
CA ILE L 45 -4.90 15.99 30.58
C ILE L 45 -3.56 16.70 30.72
N ASP L 46 -3.22 17.09 31.95
CA ASP L 46 -1.95 17.79 32.21
C ASP L 46 -0.75 16.90 31.87
N GLU L 47 -0.86 15.62 32.19
CA GLU L 47 0.26 14.70 32.00
C GLU L 47 0.36 14.19 30.56
N ILE L 48 -0.78 13.95 29.92
CA ILE L 48 -0.77 13.54 28.52
C ILE L 48 -0.30 14.69 27.64
N THR L 49 -0.68 15.92 28.00
CA THR L 49 -0.26 17.09 27.26
C THR L 49 1.25 17.27 27.36
N ASN L 50 1.80 17.09 28.56
CA ASN L 50 3.23 17.19 28.75
C ASN L 50 3.96 16.10 27.98
N LYS L 51 3.29 14.98 27.78
CA LYS L 51 3.85 13.87 27.01
C LYS L 51 4.01 14.23 25.55
N VAL L 52 2.92 14.72 24.94
CA VAL L 52 2.95 15.14 23.55
C VAL L 52 3.97 16.26 23.35
N ASN L 53 4.03 17.18 24.31
CA ASN L 53 4.98 18.29 24.25
C ASN L 53 6.43 17.82 24.39
N SER L 54 6.65 16.71 25.08
CA SER L 54 8.00 16.19 25.24
C SER L 54 8.50 15.54 23.96
N VAL L 55 7.63 14.79 23.29
CA VAL L 55 7.99 14.13 22.05
C VAL L 55 8.27 15.16 20.95
N ILE L 56 7.66 16.33 21.10
CA ILE L 56 7.84 17.41 20.12
C ILE L 56 8.97 18.34 20.48
N GLU L 57 8.92 18.91 21.68
CA GLU L 57 9.88 19.93 22.11
C GLU L 57 11.33 19.44 22.12
N LYS L 58 11.53 18.16 22.38
CA LYS L 58 12.88 17.62 22.47
C LYS L 58 13.56 17.51 21.10
N MET L 59 12.80 17.76 20.04
CA MET L 59 13.34 17.75 18.68
C MET L 59 13.63 19.16 18.19
N ASN L 60 14.79 19.69 18.57
CA ASN L 60 15.25 20.95 18.01
C ASN L 60 16.44 20.69 17.10
N THR L 61 16.29 21.00 15.82
CA THR L 61 17.29 20.60 14.83
C THR L 61 18.27 21.72 14.49
N GLN L 62 19.32 21.37 13.75
CA GLN L 62 20.32 22.33 13.31
C GLN L 62 19.92 22.94 11.97
N PHE L 63 20.29 24.20 11.75
CA PHE L 63 20.07 24.82 10.45
C PHE L 63 21.05 24.24 9.45
N THR L 64 20.58 23.31 8.62
CA THR L 64 21.43 22.70 7.61
C THR L 64 20.74 22.65 6.27
N ALA L 65 21.52 22.67 5.21
CA ALA L 65 20.98 22.55 3.86
C ALA L 65 21.34 21.20 3.29
N VAL L 66 20.47 20.22 3.52
CA VAL L 66 20.64 18.93 2.86
C VAL L 66 20.63 19.18 1.35
N GLY L 67 21.24 18.28 0.59
CA GLY L 67 21.29 18.45 -0.85
C GLY L 67 22.60 19.08 -1.27
N LYS L 68 23.31 18.38 -2.14
CA LYS L 68 24.60 18.83 -2.63
C LYS L 68 24.64 18.63 -4.14
N GLU L 69 25.58 19.29 -4.80
CA GLU L 69 25.75 19.14 -6.23
C GLU L 69 27.11 18.52 -6.57
N PHE L 70 27.10 17.56 -7.49
CA PHE L 70 28.34 16.92 -7.91
C PHE L 70 28.33 16.68 -9.43
N ASN L 71 29.47 16.87 -10.07
CA ASN L 71 29.57 16.64 -11.51
C ASN L 71 29.80 15.17 -11.86
N HIS L 72 29.81 14.87 -13.16
CA HIS L 72 29.87 13.50 -13.64
C HIS L 72 31.11 12.74 -13.16
N LEU L 73 32.11 13.47 -12.68
CA LEU L 73 33.32 12.83 -12.20
C LEU L 73 33.40 12.80 -10.68
N GLU L 74 32.24 12.94 -10.05
CA GLU L 74 32.16 12.90 -8.60
C GLU L 74 31.02 11.98 -8.15
N LYS L 75 30.80 10.92 -8.92
CA LYS L 75 29.71 9.99 -8.65
C LYS L 75 29.89 9.30 -7.30
N ARG L 76 31.13 9.09 -6.89
CA ARG L 76 31.41 8.43 -5.61
C ARG L 76 30.92 9.26 -4.43
N ILE L 77 31.43 10.47 -4.28
CA ILE L 77 31.03 11.31 -3.17
C ILE L 77 29.55 11.66 -3.25
N GLU L 78 28.99 11.61 -4.46
CA GLU L 78 27.56 11.77 -4.63
C GLU L 78 26.81 10.58 -4.00
N ASN L 79 27.34 9.38 -4.21
CA ASN L 79 26.77 8.18 -3.61
C ASN L 79 27.05 8.09 -2.12
N LEU L 80 28.13 8.72 -1.68
CA LEU L 80 28.43 8.83 -0.26
C LEU L 80 27.37 9.72 0.35
N ASN L 81 27.17 10.87 -0.27
CA ASN L 81 26.13 11.79 0.16
C ASN L 81 24.77 11.12 0.18
N LYS L 82 24.48 10.33 -0.84
CA LYS L 82 23.22 9.60 -0.90
C LYS L 82 23.11 8.62 0.27
N LYS L 83 24.24 8.01 0.64
CA LYS L 83 24.26 7.05 1.73
C LYS L 83 23.98 7.73 3.06
N VAL L 84 24.54 8.92 3.26
CA VAL L 84 24.33 9.64 4.50
C VAL L 84 22.89 10.12 4.62
N ASP L 85 22.23 10.37 3.48
CA ASP L 85 20.84 10.77 3.48
C ASP L 85 19.91 9.58 3.74
N ASP L 86 20.13 8.50 3.01
CA ASP L 86 19.35 7.28 3.19
C ASP L 86 19.53 6.71 4.60
N GLY L 87 20.73 6.85 5.14
CA GLY L 87 21.02 6.38 6.48
C GLY L 87 20.17 7.09 7.51
N PHE L 88 20.16 8.42 7.45
CA PHE L 88 19.34 9.21 8.35
C PHE L 88 17.86 8.92 8.10
N LEU L 89 17.51 8.62 6.86
CA LEU L 89 16.14 8.32 6.48
C LEU L 89 15.64 7.06 7.19
N ASP L 90 16.51 6.06 7.27
CA ASP L 90 16.14 4.79 7.88
C ASP L 90 16.12 4.86 9.40
N ILE L 91 17.07 5.59 9.97
CA ILE L 91 17.14 5.74 11.42
C ILE L 91 15.93 6.47 11.98
N TRP L 92 15.52 7.55 11.32
CA TRP L 92 14.39 8.33 11.81
C TRP L 92 13.05 7.66 11.53
N THR L 93 12.92 7.06 10.35
CA THR L 93 11.67 6.37 10.01
C THR L 93 11.39 5.26 11.00
N TYR L 94 12.41 4.48 11.33
CA TYR L 94 12.25 3.34 12.23
C TYR L 94 12.00 3.79 13.66
N ASN L 95 12.77 4.76 14.13
CA ASN L 95 12.62 5.27 15.49
C ASN L 95 11.26 5.94 15.71
N ALA L 96 10.84 6.76 14.76
CA ALA L 96 9.55 7.43 14.85
C ALA L 96 8.40 6.41 14.86
N GLU L 97 8.45 5.45 13.94
CA GLU L 97 7.43 4.43 13.86
C GLU L 97 7.29 3.63 15.15
N LEU L 98 8.43 3.25 15.74
CA LEU L 98 8.41 2.49 16.98
C LEU L 98 8.09 3.36 18.19
N LEU L 99 8.50 4.62 18.15
CA LEU L 99 8.21 5.53 19.25
C LEU L 99 6.70 5.67 19.42
N VAL L 100 5.99 5.75 18.31
CA VAL L 100 4.54 5.89 18.33
C VAL L 100 3.86 4.61 18.78
N LEU L 101 4.38 3.46 18.32
CA LEU L 101 3.83 2.18 18.73
C LEU L 101 4.00 1.97 20.24
N LEU L 102 5.20 2.26 20.74
CA LEU L 102 5.51 2.11 22.15
C LEU L 102 4.69 3.04 23.03
N GLU L 103 4.64 4.32 22.67
CA GLU L 103 3.96 5.32 23.49
C GLU L 103 2.43 5.22 23.41
N ASN L 104 1.93 4.68 22.31
CA ASN L 104 0.50 4.43 22.21
C ASN L 104 0.07 3.30 23.12
N GLU L 105 0.93 2.29 23.26
CA GLU L 105 0.67 1.20 24.18
C GLU L 105 0.68 1.69 25.61
N ARG L 106 1.63 2.57 25.92
CA ARG L 106 1.75 3.10 27.27
C ARG L 106 0.61 4.07 27.61
N THR L 107 0.19 4.87 26.63
CA THR L 107 -0.87 5.84 26.85
C THR L 107 -2.19 5.14 27.15
N LEU L 108 -2.49 4.07 26.42
CA LEU L 108 -3.71 3.32 26.65
C LEU L 108 -3.67 2.62 28.01
N ASP L 109 -2.50 2.13 28.40
CA ASP L 109 -2.32 1.52 29.71
C ASP L 109 -2.41 2.57 30.81
N TYR L 110 -2.05 3.81 30.47
CA TYR L 110 -2.08 4.92 31.41
C TYR L 110 -3.52 5.26 31.78
N HIS L 111 -4.39 5.23 30.77
CA HIS L 111 -5.82 5.49 31.00
C HIS L 111 -6.47 4.31 31.72
N ASP L 112 -6.06 3.11 31.35
CA ASP L 112 -6.55 1.90 32.01
C ASP L 112 -6.21 1.96 33.49
N SER L 113 -4.98 2.37 33.79
CA SER L 113 -4.53 2.50 35.17
C SER L 113 -5.37 3.50 35.94
N ASN L 114 -5.58 4.68 35.36
CA ASN L 114 -6.35 5.73 36.02
C ASN L 114 -7.76 5.28 36.41
N VAL L 115 -8.36 4.45 35.57
CA VAL L 115 -9.69 3.91 35.85
C VAL L 115 -9.63 2.89 36.99
N LYS L 116 -8.73 1.93 36.85
CA LYS L 116 -8.50 0.95 37.91
C LYS L 116 -8.31 1.64 39.25
N ASN L 117 -7.40 2.62 39.30
CA ASN L 117 -7.12 3.35 40.52
C ASN L 117 -8.34 4.10 41.06
N LEU L 118 -9.15 4.62 40.16
CA LEU L 118 -10.38 5.32 40.55
C LEU L 118 -11.35 4.33 41.18
N TYR L 119 -11.44 3.14 40.58
CA TYR L 119 -12.29 2.08 41.09
C TYR L 119 -11.82 1.62 42.47
N GLU L 120 -10.50 1.53 42.64
CA GLU L 120 -9.92 1.06 43.89
C GLU L 120 -10.08 2.07 45.02
N LYS L 121 -10.07 3.35 44.68
CA LYS L 121 -10.18 4.40 45.69
C LYS L 121 -11.57 4.43 46.31
N VAL L 122 -12.57 4.01 45.54
CA VAL L 122 -13.92 3.93 46.11
C VAL L 122 -14.24 2.59 46.73
N ARG L 123 -13.59 1.53 46.26
CA ARG L 123 -13.82 0.20 46.79
C ARG L 123 -13.27 0.07 48.20
N SER L 124 -12.06 0.57 48.41
CA SER L 124 -11.43 0.52 49.72
C SER L 124 -12.03 1.57 50.64
N GLN L 125 -13.16 2.14 50.22
CA GLN L 125 -13.84 3.16 51.01
C GLN L 125 -15.24 2.71 51.43
N LEU L 126 -15.77 1.70 50.73
CA LEU L 126 -17.10 1.17 51.02
C LEU L 126 -17.05 -0.34 51.24
N LYS L 127 -16.21 -0.78 52.17
CA LYS L 127 -16.03 -2.21 52.39
C LYS L 127 -17.36 -2.93 52.60
N ASN L 128 -17.99 -2.67 53.74
CA ASN L 128 -19.24 -3.33 54.10
C ASN L 128 -20.47 -2.57 53.63
N ASN L 129 -20.34 -1.25 53.53
CA ASN L 129 -21.48 -0.38 53.19
C ASN L 129 -21.98 -0.56 51.75
N ALA L 130 -21.38 -1.49 51.02
CA ALA L 130 -21.77 -1.77 49.64
C ALA L 130 -21.13 -3.05 49.13
N LYS L 131 -21.61 -3.55 48.00
CA LYS L 131 -21.09 -4.80 47.45
C LYS L 131 -20.60 -4.66 46.01
N GLU L 132 -19.63 -5.50 45.64
CA GLU L 132 -19.12 -5.52 44.28
C GLU L 132 -20.06 -6.28 43.34
N ILE L 133 -20.49 -5.61 42.27
CA ILE L 133 -21.26 -6.27 41.24
C ILE L 133 -20.33 -7.09 40.36
N GLY L 134 -19.25 -6.44 39.90
CA GLY L 134 -18.29 -7.08 39.03
C GLY L 134 -18.19 -6.33 37.71
N ASN L 135 -19.14 -5.43 37.48
CA ASN L 135 -19.17 -4.64 36.26
C ASN L 135 -18.59 -3.25 36.51
N GLY L 136 -17.74 -3.16 37.53
CA GLY L 136 -17.17 -1.90 37.94
C GLY L 136 -18.20 -1.05 38.64
N CYS L 137 -19.31 -1.67 39.04
CA CYS L 137 -20.42 -0.96 39.68
C CYS L 137 -20.60 -1.44 41.10
N PHE L 138 -20.86 -0.52 42.03
CA PHE L 138 -21.08 -0.86 43.43
C PHE L 138 -22.54 -0.69 43.83
N GLU L 139 -23.08 -1.64 44.59
CA GLU L 139 -24.45 -1.53 45.08
C GLU L 139 -24.49 -1.27 46.58
N PHE L 140 -24.96 -0.09 46.97
CA PHE L 140 -25.04 0.28 48.38
C PHE L 140 -26.01 -0.60 49.17
N TYR L 141 -25.75 -0.73 50.46
CA TYR L 141 -26.69 -1.38 51.37
C TYR L 141 -27.48 -0.35 52.20
N HIS L 142 -26.83 0.68 52.74
CA HIS L 142 -27.61 1.83 53.24
C HIS L 142 -27.99 2.74 52.07
N LYS L 143 -29.06 3.50 52.28
CA LYS L 143 -29.54 4.47 51.31
C LYS L 143 -28.53 5.60 51.12
N CYS L 144 -28.26 5.94 49.87
CA CYS L 144 -27.28 6.99 49.56
C CYS L 144 -27.88 8.11 48.71
N ASP L 145 -27.95 9.30 49.30
CA ASP L 145 -28.51 10.47 48.60
C ASP L 145 -27.43 11.29 47.91
N ASN L 146 -27.81 12.45 47.39
CA ASN L 146 -26.89 13.31 46.66
C ASN L 146 -25.69 13.77 47.50
N THR L 147 -25.96 14.21 48.72
CA THR L 147 -24.89 14.65 49.62
C THR L 147 -24.03 13.45 50.04
N CYS L 148 -24.57 12.25 49.88
CA CYS L 148 -23.85 11.02 50.19
C CYS L 148 -22.84 10.71 49.09
N MET L 149 -23.28 10.78 47.84
CA MET L 149 -22.41 10.53 46.70
C MET L 149 -21.21 11.47 46.74
N GLU L 150 -21.44 12.67 47.23
CA GLU L 150 -20.40 13.69 47.35
C GLU L 150 -19.21 13.18 48.14
N SER L 151 -19.48 12.58 49.29
CA SER L 151 -18.43 12.11 50.18
C SER L 151 -17.58 11.01 49.56
N VAL L 152 -18.08 10.43 48.47
CA VAL L 152 -17.33 9.40 47.75
C VAL L 152 -16.45 10.05 46.68
N LYS L 153 -17.04 10.94 45.88
CA LYS L 153 -16.30 11.67 44.86
C LYS L 153 -15.19 12.52 45.49
N ASN L 154 -15.51 13.14 46.61
CA ASN L 154 -14.55 14.01 47.30
C ASN L 154 -13.56 13.24 48.16
N GLY L 155 -13.81 11.95 48.34
CA GLY L 155 -12.92 11.10 49.12
C GLY L 155 -13.09 11.30 50.61
N THR L 156 -14.00 12.19 50.97
CA THR L 156 -14.30 12.46 52.37
C THR L 156 -15.54 11.68 52.81
N TYR L 157 -15.41 10.36 52.81
CA TYR L 157 -16.49 9.46 53.19
C TYR L 157 -16.07 9.01 54.58
N ASP L 158 -15.69 10.01 55.36
CA ASP L 158 -14.77 9.85 56.49
C ASP L 158 -15.42 9.41 57.79
N TYR L 159 -16.49 10.10 58.17
CA TYR L 159 -17.25 9.72 59.34
C TYR L 159 -18.54 9.06 58.87
N PRO L 160 -18.43 7.80 58.42
CA PRO L 160 -19.54 7.09 57.75
C PRO L 160 -20.74 6.87 58.65
N LYS L 161 -21.90 7.23 58.13
CA LYS L 161 -23.16 6.94 58.81
C LYS L 161 -23.98 6.02 57.92
N TYR L 162 -23.92 4.72 58.18
CA TYR L 162 -24.64 3.75 57.38
C TYR L 162 -26.03 3.42 57.94
C1 GAL M . 26.08 -11.92 -40.62
C2 GAL M . 25.73 -12.70 -39.36
C3 GAL M . 25.59 -11.73 -38.18
C4 GAL M . 26.81 -10.82 -38.08
C5 GAL M . 27.15 -10.21 -39.42
C6 GAL M . 28.44 -9.40 -39.33
O2 GAL M . 24.54 -13.41 -39.56
O3 GAL M . 25.43 -12.42 -36.96
O4 GAL M . 27.92 -11.57 -37.62
O5 GAL M . 27.29 -11.22 -40.40
O6 GAL M . 28.88 -9.01 -40.61
C1 NAG M . 24.41 -11.74 -36.20
C2 NAG M . 23.51 -12.77 -35.51
C3 NAG M . 22.75 -12.24 -34.29
C4 NAG M . 23.53 -11.18 -33.52
C5 NAG M . 24.06 -10.14 -34.50
C6 NAG M . 24.73 -8.98 -33.80
C7 NAG M . 22.53 -14.57 -36.84
C8 NAG M . 21.55 -14.92 -37.93
N2 NAG M . 22.60 -13.28 -36.52
O3 NAG M . 22.44 -13.30 -33.41
O4 NAG M . 22.69 -10.57 -32.57
O5 NAG M . 24.99 -10.79 -35.32
O6 NAG M . 25.93 -9.43 -33.19
O7 NAG M . 23.18 -15.45 -36.29
C1 GAL M . 23.02 -11.06 -31.25
C2 GAL M . 23.04 -9.86 -30.30
C3 GAL M . 23.15 -10.28 -28.83
C4 GAL M . 22.20 -11.42 -28.52
C5 GAL M . 22.44 -12.52 -29.53
C6 GAL M . 21.66 -13.79 -29.20
O2 GAL M . 24.13 -9.03 -30.63
O3 GAL M . 22.85 -9.16 -28.02
O4 GAL M . 20.87 -10.98 -28.64
O5 GAL M . 22.09 -12.03 -30.81
O6 GAL M . 21.87 -14.73 -30.23
C1 SIA M . 19.86 -16.19 -29.95
C2 SIA M . 20.59 -15.14 -30.75
C3 SIA M . 21.38 -16.20 -31.51
C4 SIA M . 20.58 -17.17 -32.37
C5 SIA M . 19.76 -16.43 -33.39
C6 SIA M . 19.06 -15.30 -32.65
C7 SIA M . 18.28 -14.39 -33.60
C8 SIA M . 17.56 -13.29 -32.85
C9 SIA M . 16.72 -12.44 -33.81
C10 SIA M . 18.60 -17.30 -35.35
C11 SIA M . 19.36 -16.29 -36.13
N5 SIA M . 18.82 -17.33 -34.04
O1A SIA M . 18.61 -16.22 -30.00
O1B SIA M . 20.52 -16.97 -29.24
O4 SIA M . 21.46 -18.06 -33.07
O6 SIA M . 20.07 -14.56 -31.95
O7 SIA M . 19.21 -13.79 -34.51
O8 SIA M . 16.73 -13.86 -31.83
O9 SIA M . 16.19 -11.31 -33.12
O10 SIA M . 17.81 -18.07 -35.89
C1 GAL N . 7.85 27.46 -41.83
C2 GAL N . 6.61 28.18 -41.31
C3 GAL N . 5.41 27.85 -42.20
C4 GAL N . 5.75 28.11 -43.65
C5 GAL N . 7.07 27.47 -44.05
C6 GAL N . 7.47 27.87 -45.46
O2 GAL N . 6.37 27.82 -39.97
O3 GAL N . 4.27 28.60 -41.82
O4 GAL N . 5.80 29.50 -43.90
O5 GAL N . 8.10 27.86 -43.15
O6 GAL N . 8.82 27.52 -45.70
C1 NAG N . 3.24 27.74 -41.29
C2 NAG N . 2.77 28.18 -39.91
C3 NAG N . 1.57 27.38 -39.40
C4 NAG N . 0.52 27.12 -40.47
C5 NAG N . 1.14 26.76 -41.82
C6 NAG N . 0.08 26.72 -42.90
C7 NAG N . 3.87 28.83 -37.83
C8 NAG N . 5.04 28.64 -36.93
N2 NAG N . 3.85 28.09 -38.94
O3 NAG N . 0.98 28.06 -38.32
O4 NAG N . -0.32 26.07 -40.05
O5 NAG N . 2.14 27.70 -42.18
O6 NAG N . -0.68 27.91 -42.86
O7 NAG N . 2.99 29.64 -37.53
C1 GAL N . -1.50 26.58 -39.42
C2 GAL N . -2.74 25.85 -39.95
C3 GAL N . -4.01 26.40 -39.31
C4 GAL N . -3.86 26.45 -37.80
C5 GAL N . -2.56 27.15 -37.42
C6 GAL N . -2.42 27.26 -35.91
O2 GAL N . -2.84 25.98 -41.35
O3 GAL N . -5.10 25.60 -39.67
O4 GAL N . -3.82 25.14 -37.28
O5 GAL N . -1.47 26.47 -38.01
O6 GAL N . -1.09 27.59 -35.58
C1 SIA N . -0.74 26.24 -33.49
C2 SIA N . -0.49 26.44 -34.96
C3 SIA N . 0.72 27.34 -34.63
C4 SIA N . 1.82 26.68 -33.80
C5 SIA N . 2.36 25.46 -34.52
C6 SIA N . 1.16 24.66 -34.98
C7 SIA N . 1.54 23.46 -35.84
C8 SIA N . 0.27 22.69 -36.21
C9 SIA N . 0.60 21.36 -36.91
C10 SIA N . 4.45 24.34 -34.03
C11 SIA N . 4.91 24.85 -35.36
N5 SIA N . 3.21 24.66 -33.67
O1A SIA N . -0.79 25.08 -33.05
O1B SIA N . -0.95 27.25 -32.78
O4 SIA N . 2.87 27.61 -33.56
O6 SIA N . 0.32 25.53 -35.73
O7 SIA N . 2.20 23.91 -37.03
O8 SIA N . -0.48 22.43 -35.02
O9 SIA N . -0.62 20.72 -37.28
O10 SIA N . 5.17 23.66 -33.32
C1 NAG O . -29.67 -14.76 -48.16
C2 NAG O . -28.45 -14.64 -49.07
C3 NAG O . -28.24 -15.91 -49.89
C4 NAG O . -28.35 -17.17 -49.05
C5 NAG O . -29.60 -17.11 -48.17
C6 NAG O . -29.73 -18.32 -47.25
C7 NAG O . -27.63 -12.56 -50.04
C8 NAG O . -27.90 -11.42 -50.98
N2 NAG O . -28.58 -13.49 -49.94
O3 NAG O . -26.98 -15.87 -50.53
O4 NAG O . -28.40 -18.30 -49.90
O5 NAG O . -29.55 -15.94 -47.39
O6 NAG O . -28.62 -18.40 -46.38
O7 NAG O . -26.58 -12.59 -49.41
C1 NAG O . -27.55 -19.36 -49.43
C2 NAG O . -28.05 -20.66 -50.06
C3 NAG O . -27.17 -21.85 -49.70
C4 NAG O . -25.71 -21.52 -49.95
C5 NAG O . -25.35 -20.22 -49.23
C6 NAG O . -23.87 -19.88 -49.42
C7 NAG O . -30.43 -20.69 -50.53
C8 NAG O . -31.81 -20.96 -50.03
N2 NAG O . -29.43 -20.90 -49.67
O3 NAG O . -27.53 -22.97 -50.48
O4 NAG O . -24.88 -22.57 -49.51
O5 NAG O . -26.18 -19.17 -49.71
O6 NAG O . -23.52 -20.04 -50.78
O7 NAG O . -30.25 -20.29 -51.68
C1 GAL P . -9.83 -7.19 -67.44
C2 GAL P . -11.00 -7.81 -66.70
C3 GAL P . -10.54 -9.05 -65.93
C4 GAL P . -9.73 -9.98 -66.82
C5 GAL P . -8.68 -9.23 -67.63
C6 GAL P . -8.01 -10.16 -68.63
O2 GAL P . -11.57 -6.87 -65.81
O3 GAL P . -11.64 -9.74 -65.42
O4 GAL P . -10.59 -10.70 -67.67
O5 GAL P . -9.28 -8.15 -68.32
O6 GAL P . -7.27 -9.40 -69.55
C1 NAG P . -11.29 -10.20 -64.09
C2 NAG P . -12.45 -9.91 -63.14
C3 NAG P . -12.26 -10.60 -61.79
C4 NAG P . -11.77 -12.03 -61.97
C5 NAG P . -10.56 -12.07 -62.87
C6 NAG P . -10.07 -13.50 -63.03
C7 NAG P . -13.66 -7.81 -63.34
C8 NAG P . -13.63 -6.32 -63.09
N2 NAG P . -12.57 -8.48 -62.95
O3 NAG P . -13.50 -10.62 -61.11
O4 NAG P . -11.47 -12.59 -60.72
O5 NAG P . -10.93 -11.56 -64.12
O6 NAG P . -11.16 -14.33 -63.36
O7 NAG P . -14.63 -8.34 -63.87
C1 GAL P . -12.45 -13.60 -60.46
C2 GAL P . -11.78 -14.78 -59.76
C3 GAL P . -12.80 -15.84 -59.35
C4 GAL P . -14.01 -15.19 -58.70
C5 GAL P . -14.54 -14.10 -59.62
C6 GAL P . -15.85 -13.48 -59.13
O2 GAL P . -10.83 -15.36 -60.62
O3 GAL P . -12.17 -16.73 -58.46
O4 GAL P . -13.64 -14.64 -57.46
O5 GAL P . -13.55 -13.12 -59.71
O6 GAL P . -16.16 -12.38 -59.98
C1 SIA P . -17.74 -10.96 -58.65
C2 SIA P . -16.35 -11.18 -59.19
C3 SIA P . -16.73 -10.50 -60.50
C4 SIA P . -17.31 -9.10 -60.34
C5 SIA P . -16.27 -8.18 -59.72
C6 SIA P . -15.65 -8.93 -58.55
C7 SIA P . -14.46 -8.16 -57.99
C8 SIA P . -13.86 -8.86 -56.77
C9 SIA P . -12.75 -8.01 -56.17
C10 SIA P . -16.36 -5.74 -59.42
C11 SIA P . -15.04 -5.66 -60.13
N5 SIA P . -16.89 -6.96 -59.26
O1A SIA P . -17.89 -10.35 -57.57
O1B SIA P . -18.71 -11.42 -59.30
O4 SIA P . -17.75 -8.58 -61.59
O6 SIA P . -15.29 -10.24 -58.98
O7 SIA P . -13.45 -8.02 -59.01
O8 SIA P . -14.88 -9.08 -55.80
O9 SIA P . -12.32 -8.60 -54.94
O10 SIA P . -16.93 -4.73 -59.01
C1 GAL Q . 65.78 2.40 -35.13
C2 GAL Q . 65.14 1.73 -33.91
C3 GAL Q . 65.81 2.18 -32.61
C4 GAL Q . 67.33 2.31 -32.72
C5 GAL Q . 67.85 2.69 -34.12
C6 GAL Q . 69.32 2.32 -34.24
O2 GAL Q . 63.76 2.04 -33.87
O3 GAL Q . 65.56 1.21 -31.61
O4 GAL Q . 67.95 1.12 -32.30
O5 GAL Q . 67.13 2.02 -35.14
O6 GAL Q . 69.52 1.60 -35.44
C1 NAG Q . 64.99 1.83 -30.45
C2 NAG Q . 63.91 0.89 -29.89
C3 NAG Q . 63.60 1.06 -28.40
C4 NAG Q . 64.83 1.44 -27.58
C5 NAG Q . 65.56 2.58 -28.26
C6 NAG Q . 66.73 3.07 -27.43
C7 NAG Q . 62.18 0.04 -31.38
C8 NAG Q . 60.94 0.36 -32.16
N2 NAG Q . 62.71 1.05 -30.68
O3 NAG Q . 63.05 -0.13 -27.89
O4 NAG Q . 64.45 1.84 -26.29
O5 NAG Q . 66.01 2.15 -29.52
O6 NAG Q . 67.52 1.98 -27.02
O7 NAG Q . 62.65 -1.09 -31.40
C1 GAL Q . 64.47 0.71 -25.39
C2 GAL Q . 65.08 1.18 -24.07
C3 GAL Q . 64.93 0.16 -22.93
C4 GAL Q . 63.57 -0.53 -22.94
C5 GAL Q . 63.21 -0.95 -24.36
C6 GAL Q . 61.86 -1.65 -24.39
O2 GAL Q . 66.44 1.45 -24.28
O3 GAL Q . 65.08 0.84 -21.70
O4 GAL Q . 62.58 0.32 -22.43
O5 GAL Q . 63.17 0.18 -25.19
O6 GAL Q . 61.50 -1.87 -25.74
C1 SIA Q . 59.01 -2.23 -25.45
C2 SIA Q . 60.15 -1.40 -25.96
C3 SIA Q . 60.18 -2.22 -27.25
C4 SIA Q . 58.89 -2.21 -28.06
C5 SIA Q . 58.54 -0.78 -28.46
C6 SIA Q . 58.65 0.05 -27.19
C7 SIA Q . 58.46 1.54 -27.44
C8 SIA Q . 58.36 2.27 -26.11
C9 SIA Q . 58.43 3.77 -26.29
C10 SIA Q . 56.94 -0.01 -30.11
C11 SIA Q . 58.07 0.78 -30.71
N5 SIA Q . 57.22 -0.74 -29.03
O1A SIA Q . 57.94 -1.67 -25.12
O1B SIA Q . 59.16 -3.48 -25.35
O4 SIA Q . 59.00 -3.02 -29.24
O6 SIA Q . 59.94 -0.17 -26.65
O7 SIA Q . 59.61 2.01 -28.15
O8 SIA Q . 57.13 1.92 -25.47
O9 SIA Q . 59.09 4.37 -25.17
O10 SIA Q . 55.82 0.02 -30.60
C1 GAL R . 70.40 41.10 -13.21
C2 GAL R . 69.80 40.56 -11.92
C3 GAL R . 68.87 41.55 -11.24
C4 GAL R . 69.21 43.03 -11.44
C5 GAL R . 69.97 43.33 -12.73
C6 GAL R . 70.61 44.72 -12.67
O2 GAL R . 69.06 39.38 -12.19
O3 GAL R . 68.93 41.32 -9.85
O4 GAL R . 69.91 43.53 -10.32
O5 GAL R . 70.97 42.36 -12.96
O6 GAL R . 71.21 45.02 -13.92
C1 NAG R . 67.59 41.28 -9.33
C2 NAG R . 67.48 40.26 -8.20
C3 NAG R . 66.13 40.34 -7.49
C4 NAG R . 65.70 41.79 -7.24
C5 NAG R . 65.86 42.64 -8.49
C6 NAG R . 65.53 44.10 -8.20
C7 NAG R . 68.65 38.11 -8.25
C8 NAG R . 68.75 36.76 -8.87
N2 NAG R . 67.69 38.92 -8.72
O3 NAG R . 66.20 39.64 -6.27
O4 NAG R . 64.36 41.82 -6.79
O5 NAG R . 67.20 42.58 -8.93
O6 NAG R . 66.51 44.66 -7.35
O7 NAG R . 69.42 38.43 -7.34
C1 GAL R . 64.34 42.07 -5.38
C2 GAL R . 63.07 42.80 -4.96
C3 GAL R . 63.11 43.10 -3.47
C4 GAL R . 63.34 41.80 -2.75
C5 GAL R . 64.67 41.25 -3.23
C6 GAL R . 65.10 40.06 -2.37
O2 GAL R . 62.94 43.99 -5.70
O3 GAL R . 61.90 43.65 -3.01
O4 GAL R . 62.34 40.90 -3.15
O5 GAL R . 64.52 40.89 -4.59
O6 GAL R . 66.19 39.43 -3.00
C1 SIA R . 65.64 37.34 -1.70
C2 SIA R . 65.89 38.02 -3.03
C3 SIA R . 67.39 37.81 -2.81
C4 SIA R . 67.86 36.36 -2.75
C5 SIA R . 67.53 35.68 -4.07
C6 SIA R . 66.06 35.93 -4.29
C7 SIA R . 65.60 35.34 -5.62
C8 SIA R . 64.11 35.61 -5.81
C9 SIA R . 63.60 35.04 -7.12
C10 SIA R . 68.54 33.66 -4.94
C11 SIA R . 69.11 34.54 -6.01
N5 SIA R . 67.80 34.26 -4.02
O1A SIA R . 65.00 36.26 -1.67
O1B SIA R . 66.07 37.89 -0.67
O4 SIA R . 69.26 36.30 -2.50
O6 SIA R . 65.85 37.34 -4.28
O7 SIA R . 66.32 35.94 -6.70
O8 SIA R . 63.40 35.02 -4.71
O9 SIA R . 62.41 35.74 -7.51
O10 SIA R . 68.77 32.45 -4.90
C1 NAG S . -50.23 4.33 5.01
C2 NAG S . -50.87 5.07 3.80
C3 NAG S . -49.86 5.57 2.77
C4 NAG S . -48.50 5.96 3.32
C5 NAG S . -48.04 4.92 4.33
C6 NAG S . -46.66 5.29 4.90
C7 NAG S . -52.71 4.76 2.19
C8 NAG S . -53.65 3.80 1.51
N2 NAG S . -51.84 4.25 3.08
O3 NAG S . -50.40 6.71 2.12
O4 NAG S . -47.59 6.04 2.26
O5 NAG S . -48.98 4.92 5.36
O6 NAG S . -46.15 6.43 4.25
O7 NAG S . -52.79 5.95 1.92
C1 NAG T . -10.37 25.35 -20.30
C2 NAG T . -9.89 25.64 -21.72
C3 NAG T . -10.76 26.66 -22.46
C4 NAG T . -12.24 26.36 -22.27
C5 NAG T . -12.53 26.25 -20.78
C6 NAG T . -14.00 26.03 -20.50
C7 NAG T . -7.47 25.33 -21.90
C8 NAG T . -6.11 25.98 -21.88
N2 NAG T . -8.52 26.14 -21.71
O3 NAG T . -10.43 26.70 -23.83
O4 NAG T . -13.04 27.36 -22.87
O5 NAG T . -11.78 25.19 -20.24
O6 NAG T . -14.49 24.98 -21.30
O7 NAG T . -7.57 24.12 -22.08
C1 NAG U . 14.97 -17.69 1.24
C2 NAG U . 15.85 -18.91 0.94
C3 NAG U . 15.10 -20.22 0.96
C4 NAG U . 14.24 -20.33 2.22
C5 NAG U . 13.35 -19.10 2.32
C6 NAG U . 12.48 -19.20 3.56
C7 NAG U . 17.82 -19.07 -0.45
C8 NAG U . 18.42 -18.93 -1.82
N2 NAG U . 16.53 -18.78 -0.33
O3 NAG U . 16.01 -21.31 0.92
O4 NAG U . 13.47 -21.50 2.20
O5 NAG U . 14.12 -17.91 2.34
O6 NAG U . 13.14 -19.99 4.53
O7 NAG U . 18.51 -19.45 0.50
C1 NAG V . 21.02 16.03 54.54
C2 NAG V . 22.47 15.53 54.60
C3 NAG V . 23.27 16.12 55.76
C4 NAG V . 23.00 17.61 55.91
C5 NAG V . 21.51 17.83 56.02
C6 NAG V . 21.16 19.29 56.29
C7 NAG V . 23.56 13.35 54.28
C8 NAG V . 23.43 11.86 54.42
N2 NAG V . 22.50 14.07 54.67
O3 NAG V . 24.66 15.90 55.58
O4 NAG V . 23.66 18.12 57.05
O5 NAG V . 20.88 17.40 54.84
O6 NAG V . 21.62 20.09 55.23
O7 NAG V . 24.59 13.84 53.84
C1 NAG W . -5.04 -1.26 9.85
C2 NAG W . -5.29 -2.74 9.59
C3 NAG W . -4.76 -3.19 8.24
C4 NAG W . -5.44 -2.34 7.18
C5 NAG W . -5.21 -0.86 7.44
C6 NAG W . -6.18 -0.14 6.54
C7 NAG W . -5.25 -4.78 10.87
C8 NAG W . -4.61 -5.60 11.94
N2 NAG W . -4.72 -3.58 10.62
O3 NAG W . -5.07 -4.53 8.00
O4 NAG W . -4.95 -2.70 5.91
O5 NAG W . -5.47 -0.45 8.77
O6 NAG W . -7.44 -0.77 6.65
O7 NAG W . -6.22 -5.23 10.25
C1 NAG X . 18.57 31.36 -23.82
C2 NAG X . 17.06 31.22 -24.06
C3 NAG X . 16.67 31.26 -25.54
C4 NAG X . 17.49 32.26 -26.34
C5 NAG X . 18.96 32.14 -25.97
C6 NAG X . 19.83 33.10 -26.77
C7 NAG X . 15.68 29.96 -22.49
C8 NAG X . 15.27 28.61 -21.99
N2 NAG X . 16.58 29.98 -23.47
O3 NAG X . 15.30 31.60 -25.66
O4 NAG X . 17.32 32.02 -27.72
O5 NAG X . 19.10 32.41 -24.60
O6 NAG X . 20.65 33.81 -25.87
O7 NAG X . 15.20 30.98 -21.99
C1 SIA Y . 30.58 33.76 -34.54
C2 SIA Y . 31.69 34.25 -35.43
C3 SIA Y . 31.52 35.74 -35.59
C4 SIA Y . 31.87 36.46 -34.31
C5 SIA Y . 33.31 36.14 -33.96
C6 SIA Y . 33.45 34.63 -33.74
C7 SIA Y . 34.88 34.22 -33.43
C8 SIA Y . 34.89 32.79 -32.91
C9 SIA Y . 36.23 32.46 -32.25
C10 SIA Y . 34.81 37.50 -32.60
C11 SIA Y . 35.74 37.49 -33.78
N5 SIA Y . 33.66 36.84 -32.74
O1A SIA Y . 30.88 33.11 -33.51
O1B SIA Y . 29.41 34.06 -34.84
O4 SIA Y . 31.69 37.87 -34.47
O6 SIA Y . 32.95 33.85 -34.84
O7 SIA Y . 35.71 34.28 -34.59
O8 SIA Y . 33.82 32.65 -31.96
O9 SIA Y . 36.16 31.15 -31.68
O10 SIA Y . 35.10 38.09 -31.57
#